data_3NL3
#
_entry.id   3NL3
#
_cell.length_a   104.543
_cell.length_b   154.292
_cell.length_c   148.627
_cell.angle_alpha   90.00
_cell.angle_beta   102.55
_cell.angle_gamma   90.00
#
_symmetry.space_group_name_H-M   'P 1 21 1'
#
loop_
_entity.id
_entity.type
_entity.pdbx_description
1 polymer 'Thiamine biosynthetic bifunctional enzyme'
2 non-polymer 'THIAMIN PHOSPHATE'
3 non-polymer 'MAGNESIUM ION'
#
_entity_poly.entity_id   1
_entity_poly.type   'polypeptide(L)'
_entity_poly.pdbx_seq_one_letter_code
;MKFSKEQFDYSLYLVTDSGMIPEGKTLYGQVEAGLQNGVTLVQIREKDADTKFFIEEALQIKELCHAHNVPLIINDRIDV
AMAIGADGIHVGQDDMPIPMIRKLVGPDMVIGWSVGFPEEVDELSKMGPDMVDYIGVGTLFPTLTKKNPKKAPMGTAGAI
RVLDALERNNAHWCRTVGIGGLHPDNIERVLYQCVSSNGKRSLDGICVVSDIIASLDAAKSTKILRGLIDKTDYKFVNIG
LSTKNSLTTTDEIQSIISNTLKARPLVQHITNKVHQNFGANVTLALGSSPIMSEIQSEVNDLAAIPHATLLLNTGSVAPP
EMLKAAIRAYNDVKRPIVFDPVGYSATETRLLLNNKLLTFGQFSCIKGNSSEILGLAELNKERMKGVDASSGISNELLIQ
ATKIVAFKYKTVAVCTGEFDFIADGTIEGKYSLSKGTNGTSVEDIPCVAVEAGPIEIMGDITASGCSLGSTIACMIGGQP
SEGNLFHAVVAGVMLYKAAGKIASEKCNGSGSFQVELIDALYRLTRENTPVTWAPKLTHT
;
_entity_poly.pdbx_strand_id   A,B,C,D,E,F
#
# COMPACT_ATOMS: atom_id res chain seq x y z
N LYS A 2 -50.73 -22.80 10.74
CA LYS A 2 -51.10 -22.12 9.50
C LYS A 2 -51.90 -20.85 9.78
N PHE A 3 -51.32 -19.71 9.43
CA PHE A 3 -51.97 -18.41 9.60
C PHE A 3 -52.62 -17.97 8.31
N SER A 4 -53.53 -17.00 8.40
CA SER A 4 -54.14 -16.38 7.22
C SER A 4 -53.89 -14.87 7.22
N LYS A 5 -53.96 -14.24 6.04
CA LYS A 5 -53.83 -12.79 5.90
C LYS A 5 -54.13 -11.99 7.17
N GLU A 6 -55.33 -12.19 7.72
CA GLU A 6 -55.86 -11.33 8.77
C GLU A 6 -55.36 -11.66 10.16
N GLN A 7 -54.64 -12.76 10.31
CA GLN A 7 -54.09 -13.13 11.61
C GLN A 7 -52.69 -12.54 11.79
N PHE A 8 -52.17 -11.95 10.71
CA PHE A 8 -50.82 -11.40 10.69
C PHE A 8 -50.76 -10.11 11.49
N ASP A 9 -49.89 -10.10 12.50
CA ASP A 9 -49.66 -8.90 13.32
C ASP A 9 -48.32 -8.23 12.96
N TYR A 10 -48.38 -7.12 12.22
CA TYR A 10 -47.17 -6.46 11.74
C TYR A 10 -46.51 -5.52 12.74
N SER A 11 -47.03 -5.47 13.97
CA SER A 11 -46.54 -4.56 15.01
C SER A 11 -45.04 -4.33 14.97
N LEU A 12 -44.28 -5.29 15.49
CA LEU A 12 -42.83 -5.21 15.51
C LEU A 12 -42.29 -6.35 14.68
N TYR A 13 -41.78 -6.03 13.50
CA TYR A 13 -41.48 -7.02 12.47
C TYR A 13 -39.96 -7.16 12.36
N LEU A 14 -39.43 -8.31 12.78
CA LEU A 14 -37.98 -8.53 12.82
C LEU A 14 -37.44 -9.17 11.55
N VAL A 15 -36.56 -8.49 10.87
CA VAL A 15 -35.94 -9.00 9.65
C VAL A 15 -34.50 -9.35 9.96
N THR A 16 -34.12 -10.63 9.80
CA THR A 16 -32.79 -11.09 10.18
C THR A 16 -31.73 -10.75 9.15
N ASP A 17 -30.47 -10.86 9.57
CA ASP A 17 -29.32 -10.70 8.68
C ASP A 17 -28.17 -11.48 9.29
N SER A 18 -27.78 -12.56 8.63
CA SER A 18 -26.92 -13.58 9.25
C SER A 18 -25.52 -13.09 9.60
N GLY A 19 -24.89 -12.33 8.69
CA GLY A 19 -23.54 -11.83 8.94
C GLY A 19 -23.51 -10.46 9.61
N MET A 20 -24.05 -10.39 10.81
CA MET A 20 -24.15 -9.13 11.53
C MET A 20 -24.34 -9.42 13.01
N ILE A 21 -24.39 -10.70 13.33
CA ILE A 21 -24.54 -11.17 14.69
C ILE A 21 -23.23 -11.04 15.46
N PRO A 22 -23.28 -10.48 16.68
CA PRO A 22 -22.10 -10.30 17.52
C PRO A 22 -21.52 -11.63 17.96
N GLU A 23 -20.23 -11.67 18.28
CA GLU A 23 -19.58 -12.90 18.67
C GLU A 23 -20.22 -13.51 19.91
N GLY A 24 -20.30 -14.84 19.93
CA GLY A 24 -20.82 -15.56 21.08
C GLY A 24 -22.33 -15.58 21.09
N LYS A 25 -22.93 -15.14 19.99
CA LYS A 25 -24.38 -15.10 19.86
C LYS A 25 -24.81 -15.75 18.54
N THR A 26 -25.95 -16.42 18.57
CA THR A 26 -26.44 -17.11 17.38
C THR A 26 -27.69 -16.45 16.86
N LEU A 27 -28.04 -16.72 15.60
CA LEU A 27 -29.27 -16.20 15.03
C LEU A 27 -30.47 -16.74 15.79
N TYR A 28 -30.43 -18.02 16.15
CA TYR A 28 -31.47 -18.60 16.99
C TYR A 28 -31.59 -17.79 18.28
N GLY A 29 -30.44 -17.51 18.90
CA GLY A 29 -30.40 -16.78 20.16
C GLY A 29 -31.05 -15.42 20.13
N GLN A 30 -30.71 -14.64 19.11
CA GLN A 30 -31.29 -13.31 18.92
C GLN A 30 -32.78 -13.39 18.64
N VAL A 31 -33.17 -14.18 17.64
CA VAL A 31 -34.58 -14.29 17.29
C VAL A 31 -35.40 -14.78 18.47
N GLU A 32 -34.79 -15.59 19.32
CA GLU A 32 -35.50 -16.07 20.50
C GLU A 32 -35.80 -14.92 21.44
N ALA A 33 -34.76 -14.15 21.76
CA ALA A 33 -34.87 -13.02 22.67
C ALA A 33 -35.93 -12.01 22.20
N GLY A 34 -36.05 -11.84 20.89
CA GLY A 34 -36.97 -10.86 20.33
C GLY A 34 -38.41 -11.34 20.28
N LEU A 35 -38.58 -12.66 20.34
CA LEU A 35 -39.91 -13.28 20.38
C LEU A 35 -40.50 -13.21 21.79
N GLN A 36 -39.62 -13.35 22.78
CA GLN A 36 -40.02 -13.30 24.18
C GLN A 36 -40.38 -11.89 24.63
N ASN A 37 -40.15 -10.90 23.77
CA ASN A 37 -40.37 -9.50 24.16
C ASN A 37 -41.10 -8.62 23.14
N GLY A 38 -41.64 -9.20 22.07
CA GLY A 38 -42.34 -8.44 21.05
C GLY A 38 -42.34 -9.21 19.74
N VAL A 39 -41.55 -8.76 18.78
CA VAL A 39 -41.49 -9.41 17.47
C VAL A 39 -42.75 -10.27 17.13
N THR A 40 -43.63 -9.69 16.31
CA THR A 40 -44.84 -10.38 15.89
C THR A 40 -44.59 -11.15 14.59
N LEU A 41 -44.08 -10.44 13.59
CA LEU A 41 -43.77 -11.06 12.30
C LEU A 41 -42.27 -11.11 12.07
N VAL A 42 -41.77 -12.28 11.71
CA VAL A 42 -40.34 -12.47 11.48
C VAL A 42 -40.03 -12.83 10.03
N GLN A 43 -38.89 -12.37 9.55
CA GLN A 43 -38.45 -12.65 8.18
C GLN A 43 -37.00 -13.12 8.17
N ILE A 44 -36.74 -14.17 7.40
CA ILE A 44 -35.41 -14.75 7.26
C ILE A 44 -34.85 -14.48 5.86
N ARG A 45 -33.58 -14.07 5.80
CA ARG A 45 -32.91 -13.84 4.52
C ARG A 45 -31.70 -14.75 4.45
N GLU A 46 -31.20 -14.96 3.24
CA GLU A 46 -29.89 -15.56 3.06
C GLU A 46 -29.46 -15.42 1.63
N ASP A 48 -26.29 -15.09 0.60
CA ASP A 48 -24.88 -15.45 0.47
C ASP A 48 -24.57 -16.88 0.92
N ALA A 49 -25.50 -17.52 1.61
CA ALA A 49 -25.28 -18.89 2.08
C ALA A 49 -25.56 -19.93 1.00
N ASP A 50 -25.28 -21.20 1.32
CA ASP A 50 -25.60 -22.37 0.48
C ASP A 50 -27.05 -22.77 0.68
N THR A 51 -27.78 -22.97 -0.41
CA THR A 51 -29.23 -23.19 -0.34
C THR A 51 -29.68 -24.31 0.59
N LYS A 52 -28.76 -25.14 1.06
CA LYS A 52 -29.13 -26.26 1.92
C LYS A 52 -29.00 -25.90 3.38
N PHE A 53 -27.97 -25.15 3.74
CA PHE A 53 -27.84 -24.62 5.09
C PHE A 53 -28.99 -23.65 5.37
N PHE A 54 -29.40 -22.91 4.33
CA PHE A 54 -30.56 -22.01 4.39
C PHE A 54 -31.79 -22.76 4.90
N ILE A 55 -32.14 -23.83 4.21
CA ILE A 55 -33.33 -24.62 4.54
C ILE A 55 -33.28 -25.21 5.95
N GLU A 56 -32.11 -25.61 6.42
CA GLU A 56 -31.98 -26.17 7.76
C GLU A 56 -32.19 -25.11 8.82
N GLU A 57 -31.70 -23.90 8.54
CA GLU A 57 -31.86 -22.77 9.45
C GLU A 57 -33.30 -22.29 9.46
N ALA A 58 -33.95 -22.35 8.29
CA ALA A 58 -35.33 -21.92 8.18
C ALA A 58 -36.29 -22.79 8.98
N LEU A 59 -36.11 -24.11 8.88
CA LEU A 59 -36.92 -25.04 9.66
C LEU A 59 -36.66 -24.86 11.14
N GLN A 60 -35.39 -24.78 11.50
CA GLN A 60 -34.99 -24.61 12.89
C GLN A 60 -35.69 -23.40 13.50
N ILE A 61 -35.83 -22.35 12.70
CA ILE A 61 -36.39 -21.08 13.16
C ILE A 61 -37.92 -21.02 13.03
N LYS A 62 -38.47 -21.78 12.09
CA LYS A 62 -39.92 -21.90 12.00
C LYS A 62 -40.52 -22.57 13.25
N GLU A 63 -39.83 -23.57 13.78
CA GLU A 63 -40.26 -24.19 15.04
C GLU A 63 -40.32 -23.15 16.15
N LEU A 64 -39.30 -22.31 16.23
CA LEU A 64 -39.23 -21.28 17.27
C LEU A 64 -40.40 -20.32 17.12
N CYS A 65 -40.61 -19.81 15.92
CA CYS A 65 -41.70 -18.85 15.67
C CYS A 65 -43.06 -19.46 15.97
N HIS A 66 -43.37 -20.59 15.33
CA HIS A 66 -44.62 -21.31 15.58
C HIS A 66 -44.82 -21.59 17.07
N ALA A 67 -43.74 -21.92 17.77
CA ALA A 67 -43.78 -22.09 19.22
C ALA A 67 -44.35 -20.85 19.90
N HIS A 68 -43.98 -19.67 19.43
CA HIS A 68 -44.48 -18.42 19.99
C HIS A 68 -45.68 -17.89 19.19
N ASN A 69 -46.27 -18.75 18.36
CA ASN A 69 -47.45 -18.38 17.57
C ASN A 69 -47.24 -17.15 16.71
N VAL A 70 -46.09 -17.09 16.03
CA VAL A 70 -45.81 -16.02 15.08
C VAL A 70 -45.31 -16.57 13.75
N PRO A 71 -45.83 -16.04 12.64
CA PRO A 71 -45.54 -16.54 11.30
C PRO A 71 -44.08 -16.34 10.90
N LEU A 72 -43.59 -17.13 9.96
CA LEU A 72 -42.24 -16.96 9.44
C LEU A 72 -42.31 -16.60 7.96
N ILE A 73 -41.62 -15.53 7.57
CA ILE A 73 -41.61 -15.08 6.18
C ILE A 73 -40.23 -15.25 5.60
N ILE A 74 -40.16 -15.61 4.33
CA ILE A 74 -38.89 -15.87 3.65
C ILE A 74 -38.70 -14.97 2.46
N ASN A 75 -37.45 -14.58 2.21
CA ASN A 75 -37.13 -13.72 1.08
C ASN A 75 -35.76 -14.05 0.53
N ASP A 76 -35.61 -14.16 -0.78
CA ASP A 76 -36.68 -14.02 -1.76
C ASP A 76 -36.85 -15.35 -2.46
N ARG A 77 -36.41 -16.41 -1.80
CA ARG A 77 -36.46 -17.73 -2.41
C ARG A 77 -37.82 -18.37 -2.22
N ILE A 78 -38.65 -18.18 -3.24
CA ILE A 78 -40.01 -18.67 -3.24
C ILE A 78 -40.03 -20.17 -3.12
N ASP A 79 -39.10 -20.82 -3.81
CA ASP A 79 -38.93 -22.28 -3.73
C ASP A 79 -38.67 -22.78 -2.30
N VAL A 80 -37.70 -22.19 -1.60
CA VAL A 80 -37.46 -22.57 -0.22
C VAL A 80 -38.71 -22.32 0.60
N ALA A 81 -39.47 -21.30 0.20
CA ALA A 81 -40.68 -20.94 0.92
C ALA A 81 -41.70 -22.07 0.84
N MET A 82 -42.00 -22.52 -0.37
CA MET A 82 -42.94 -23.62 -0.55
C MET A 82 -42.40 -24.89 0.11
N ALA A 83 -41.12 -25.16 -0.09
CA ALA A 83 -40.49 -26.40 0.38
C ALA A 83 -40.61 -26.61 1.88
N ILE A 84 -40.49 -25.54 2.66
CA ILE A 84 -40.51 -25.70 4.11
C ILE A 84 -41.85 -25.33 4.73
N GLY A 85 -42.83 -25.02 3.88
CA GLY A 85 -44.15 -24.64 4.37
C GLY A 85 -44.08 -23.36 5.18
N ALA A 86 -43.53 -22.33 4.56
CA ALA A 86 -43.43 -21.04 5.21
C ALA A 86 -44.79 -20.34 5.18
N ASP A 87 -44.92 -19.25 5.94
CA ASP A 87 -46.20 -18.58 6.09
C ASP A 87 -46.35 -17.41 5.11
N GLY A 88 -45.24 -17.03 4.48
CA GLY A 88 -45.26 -15.94 3.55
C GLY A 88 -43.90 -15.65 2.96
N ILE A 89 -43.87 -14.86 1.90
CA ILE A 89 -42.61 -14.50 1.27
C ILE A 89 -42.54 -13.00 0.99
N HIS A 90 -41.33 -12.44 1.10
CA HIS A 90 -41.10 -11.04 0.75
C HIS A 90 -40.22 -10.96 -0.48
N VAL A 91 -40.59 -10.12 -1.43
CA VAL A 91 -39.75 -9.91 -2.59
C VAL A 91 -39.53 -8.43 -2.84
N GLY A 92 -38.44 -8.11 -3.54
CA GLY A 92 -38.10 -6.75 -3.79
C GLY A 92 -38.60 -6.33 -5.16
N GLN A 93 -38.29 -5.09 -5.52
CA GLN A 93 -38.78 -4.52 -6.75
C GLN A 93 -38.06 -5.18 -7.92
N ASP A 94 -36.86 -5.70 -7.67
CA ASP A 94 -36.06 -6.28 -8.73
C ASP A 94 -36.04 -7.81 -8.67
N ASP A 95 -36.98 -8.37 -7.93
CA ASP A 95 -37.08 -9.82 -7.83
C ASP A 95 -38.22 -10.35 -8.70
N MET A 96 -38.61 -11.60 -8.52
CA MET A 96 -39.63 -12.23 -9.36
C MET A 96 -40.96 -11.45 -9.35
N PRO A 97 -41.49 -11.11 -10.55
CA PRO A 97 -42.76 -10.39 -10.73
C PRO A 97 -43.88 -11.01 -9.91
N ILE A 98 -44.75 -10.18 -9.33
CA ILE A 98 -45.71 -10.67 -8.34
C ILE A 98 -46.71 -11.71 -8.85
N PRO A 99 -47.37 -11.44 -9.98
CA PRO A 99 -48.24 -12.46 -10.59
C PRO A 99 -47.60 -13.85 -10.68
N MET A 100 -46.39 -13.95 -11.24
CA MET A 100 -45.66 -15.21 -11.30
C MET A 100 -45.58 -15.90 -9.93
N ILE A 101 -45.36 -15.11 -8.89
CA ILE A 101 -45.21 -15.65 -7.55
C ILE A 101 -46.52 -16.24 -7.07
N ARG A 102 -47.59 -15.47 -7.27
CA ARG A 102 -48.92 -15.88 -6.84
C ARG A 102 -49.32 -17.20 -7.47
N LYS A 103 -48.99 -17.36 -8.75
CA LYS A 103 -49.27 -18.59 -9.47
C LYS A 103 -48.57 -19.82 -8.86
N LEU A 104 -47.37 -19.66 -8.30
CA LEU A 104 -46.65 -20.82 -7.76
C LEU A 104 -47.06 -21.14 -6.34
N VAL A 105 -47.23 -20.12 -5.52
CA VAL A 105 -47.47 -20.35 -4.10
C VAL A 105 -48.95 -20.53 -3.82
N GLY A 106 -49.77 -20.11 -4.77
CA GLY A 106 -51.22 -20.15 -4.62
C GLY A 106 -51.72 -19.31 -3.47
N PRO A 107 -53.01 -18.93 -3.49
CA PRO A 107 -53.63 -18.11 -2.45
C PRO A 107 -53.29 -18.59 -1.03
N ASP A 108 -53.66 -17.82 -0.01
CA ASP A 108 -53.42 -18.20 1.39
C ASP A 108 -52.08 -17.71 1.94
N MET A 109 -51.10 -17.55 1.06
CA MET A 109 -49.77 -17.17 1.50
C MET A 109 -49.58 -15.66 1.38
N VAL A 110 -48.99 -15.07 2.43
CA VAL A 110 -48.74 -13.63 2.45
C VAL A 110 -47.61 -13.23 1.50
N ILE A 111 -47.85 -12.22 0.68
CA ILE A 111 -46.82 -11.73 -0.23
C ILE A 111 -46.44 -10.29 0.06
N GLY A 112 -45.21 -10.09 0.53
CA GLY A 112 -44.71 -8.76 0.86
C GLY A 112 -43.90 -8.17 -0.27
N TRP A 113 -44.04 -6.87 -0.49
CA TRP A 113 -43.36 -6.21 -1.59
C TRP A 113 -42.65 -4.95 -1.08
N SER A 114 -41.38 -4.78 -1.46
CA SER A 114 -40.64 -3.57 -1.14
C SER A 114 -41.11 -2.43 -2.05
N VAL A 115 -41.58 -1.34 -1.45
CA VAL A 115 -42.14 -0.23 -2.21
C VAL A 115 -41.57 1.08 -1.71
N GLY A 116 -41.03 1.89 -2.61
CA GLY A 116 -40.48 3.17 -2.22
C GLY A 116 -41.13 4.39 -2.86
N PHE A 117 -42.01 4.17 -3.84
CA PHE A 117 -42.61 5.25 -4.61
C PHE A 117 -44.08 5.00 -4.87
N PRO A 118 -44.86 6.06 -4.99
CA PRO A 118 -46.29 5.97 -5.28
C PRO A 118 -46.54 5.23 -6.58
N GLU A 119 -45.73 5.53 -7.60
CA GLU A 119 -45.81 4.86 -8.90
C GLU A 119 -45.97 3.35 -8.76
N GLU A 120 -45.26 2.78 -7.77
CA GLU A 120 -45.29 1.34 -7.52
C GLU A 120 -46.54 0.95 -6.74
N VAL A 121 -47.20 1.93 -6.14
CA VAL A 121 -48.44 1.64 -5.43
C VAL A 121 -49.55 1.50 -6.46
N ASP A 122 -49.43 2.27 -7.53
CA ASP A 122 -50.37 2.18 -8.65
C ASP A 122 -50.36 0.77 -9.25
N GLU A 123 -49.17 0.26 -9.55
CA GLU A 123 -49.01 -1.11 -10.09
C GLU A 123 -49.59 -2.15 -9.13
N LEU A 124 -49.26 -2.01 -7.85
CA LEU A 124 -49.75 -2.89 -6.80
C LEU A 124 -51.26 -2.96 -6.83
N SER A 125 -51.89 -1.86 -7.26
CA SER A 125 -53.35 -1.68 -7.23
C SER A 125 -54.11 -2.24 -8.43
N LYS A 126 -53.59 -1.96 -9.63
CA LYS A 126 -54.13 -2.57 -10.85
C LYS A 126 -53.95 -4.10 -10.89
N MET A 127 -53.50 -4.69 -9.77
CA MET A 127 -53.38 -6.14 -9.64
C MET A 127 -54.45 -6.70 -8.69
N GLY A 128 -55.09 -5.83 -7.92
CA GLY A 128 -56.17 -6.25 -7.03
C GLY A 128 -55.68 -7.11 -5.88
N PRO A 129 -56.61 -7.56 -5.03
CA PRO A 129 -56.35 -8.36 -3.81
C PRO A 129 -55.76 -9.74 -4.06
N ASP A 130 -55.48 -10.46 -2.97
CA ASP A 130 -54.67 -11.69 -2.98
C ASP A 130 -53.59 -11.71 -4.11
N MET A 131 -52.98 -10.55 -4.33
CA MET A 131 -51.69 -10.44 -5.03
C MET A 131 -50.63 -9.91 -4.06
N VAL A 132 -50.64 -8.60 -3.80
CA VAL A 132 -49.76 -8.06 -2.77
C VAL A 132 -50.50 -7.85 -1.45
N ASP A 133 -50.02 -8.46 -0.39
CA ASP A 133 -50.71 -8.42 0.91
C ASP A 133 -50.19 -7.31 1.82
N TYR A 134 -48.89 -7.05 1.77
CA TYR A 134 -48.29 -5.97 2.55
C TYR A 134 -47.09 -5.39 1.84
N ILE A 135 -46.67 -4.19 2.26
CA ILE A 135 -45.47 -3.58 1.68
C ILE A 135 -44.55 -2.97 2.73
N GLY A 136 -43.24 -3.07 2.46
CA GLY A 136 -42.24 -2.45 3.29
C GLY A 136 -41.89 -1.14 2.63
N VAL A 137 -42.21 -0.02 3.29
CA VAL A 137 -42.07 1.27 2.66
C VAL A 137 -40.62 1.75 2.61
N GLY A 138 -40.11 1.86 1.38
CA GLY A 138 -38.83 2.42 0.99
C GLY A 138 -37.72 2.27 1.99
N THR A 139 -36.65 3.05 1.85
CA THR A 139 -35.70 3.13 2.95
C THR A 139 -35.86 4.47 3.66
N LEU A 140 -36.46 4.45 4.84
CA LEU A 140 -36.85 5.68 5.52
C LEU A 140 -35.67 6.60 5.81
N PHE A 141 -34.62 6.01 6.39
CA PHE A 141 -33.40 6.74 6.75
C PHE A 141 -32.17 5.95 6.28
N PRO A 142 -31.01 6.62 6.21
CA PRO A 142 -29.81 5.95 5.67
C PRO A 142 -29.35 4.84 6.59
N THR A 143 -28.71 3.82 6.01
CA THR A 143 -28.33 2.64 6.78
C THR A 143 -27.19 1.86 6.09
N LEU A 144 -26.37 1.16 6.88
CA LEU A 144 -25.27 0.36 6.34
C LEU A 144 -25.66 -1.11 6.10
N THR A 145 -26.92 -1.44 6.38
CA THR A 145 -27.34 -2.85 6.35
C THR A 145 -27.60 -3.37 4.93
N LYS A 146 -28.18 -2.55 4.08
CA LYS A 146 -28.46 -2.94 2.69
C LYS A 146 -27.32 -2.61 1.73
N LYS A 147 -27.21 -3.48 0.72
CA LYS A 147 -26.29 -3.40 -0.43
C LYS A 147 -25.97 -2.00 -0.98
N ASN A 148 -26.55 -1.69 -2.13
CA ASN A 148 -26.32 -0.45 -2.85
C ASN A 148 -27.61 0.10 -3.47
N LYS A 150 -30.41 0.99 -4.49
CA LYS A 150 -30.44 2.14 -5.37
C LYS A 150 -30.88 3.40 -4.63
N LYS A 151 -32.17 3.71 -4.77
CA LYS A 151 -32.78 4.94 -4.25
C LYS A 151 -32.32 5.38 -2.85
N ALA A 152 -32.32 6.69 -2.62
CA ALA A 152 -31.92 7.25 -1.34
C ALA A 152 -33.06 7.22 -0.34
N PRO A 153 -32.80 7.73 0.86
CA PRO A 153 -33.82 7.76 1.92
C PRO A 153 -34.94 8.73 1.60
N MET A 154 -36.19 8.28 1.72
CA MET A 154 -37.35 9.11 1.45
C MET A 154 -37.98 9.63 2.73
N GLY A 155 -37.23 9.53 3.83
CA GLY A 155 -37.70 9.99 5.12
C GLY A 155 -39.20 9.76 5.30
N THR A 156 -39.79 10.49 6.24
CA THR A 156 -41.22 10.37 6.51
C THR A 156 -42.05 10.97 5.38
N ALA A 157 -41.60 12.11 4.86
CA ALA A 157 -42.29 12.78 3.77
C ALA A 157 -42.57 11.80 2.65
N GLY A 158 -41.59 10.93 2.39
CA GLY A 158 -41.67 9.98 1.29
C GLY A 158 -42.63 8.85 1.59
N ALA A 159 -42.68 8.43 2.84
CA ALA A 159 -43.60 7.39 3.26
C ALA A 159 -45.04 7.89 3.15
N ILE A 160 -45.27 9.16 3.48
CA ILE A 160 -46.60 9.75 3.38
C ILE A 160 -47.12 9.69 1.95
N ARG A 161 -46.29 10.08 0.99
CA ARG A 161 -46.70 10.02 -0.41
C ARG A 161 -47.19 8.61 -0.81
N VAL A 162 -46.62 7.60 -0.16
CA VAL A 162 -46.98 6.21 -0.44
C VAL A 162 -48.31 5.84 0.23
N LEU A 163 -48.44 6.15 1.50
CA LEU A 163 -49.71 5.92 2.19
C LEU A 163 -50.85 6.69 1.50
N ASP A 164 -50.54 7.85 0.94
CA ASP A 164 -51.55 8.62 0.23
C ASP A 164 -52.01 7.91 -1.04
N ALA A 165 -51.08 7.25 -1.73
CA ALA A 165 -51.43 6.52 -2.95
C ALA A 165 -52.24 5.26 -2.60
N LEU A 166 -51.97 4.69 -1.44
CA LEU A 166 -52.71 3.52 -0.99
C LEU A 166 -54.16 3.90 -0.71
N GLU A 167 -54.42 5.20 -0.63
CA GLU A 167 -55.74 5.65 -0.24
C GLU A 167 -56.49 6.15 -1.45
N ARG A 168 -55.81 6.94 -2.27
CA ARG A 168 -56.33 7.35 -3.55
C ARG A 168 -56.72 6.13 -4.41
N ASN A 169 -56.01 5.03 -4.27
CA ASN A 169 -56.29 3.81 -5.03
C ASN A 169 -57.20 2.84 -4.29
N ASN A 170 -57.59 3.22 -3.08
CA ASN A 170 -58.33 2.34 -2.19
C ASN A 170 -57.84 0.90 -2.20
N ALA A 171 -56.57 0.72 -1.84
CA ALA A 171 -56.01 -0.62 -1.70
C ALA A 171 -56.22 -1.13 -0.26
N HIS A 172 -57.49 -1.24 0.13
CA HIS A 172 -57.85 -1.57 1.49
C HIS A 172 -57.19 -2.86 1.99
N TRP A 173 -56.69 -3.66 1.04
CA TRP A 173 -56.27 -5.03 1.35
C TRP A 173 -54.79 -5.17 1.67
N CYS A 174 -54.08 -4.05 1.57
CA CYS A 174 -52.63 -4.02 1.66
C CYS A 174 -52.12 -3.34 2.93
N ARG A 175 -51.49 -4.10 3.83
CA ARG A 175 -50.89 -3.53 5.03
C ARG A 175 -49.56 -2.85 4.71
N THR A 176 -49.00 -2.14 5.69
CA THR A 176 -47.73 -1.46 5.50
C THR A 176 -46.87 -1.54 6.76
N VAL A 177 -45.58 -1.78 6.56
CA VAL A 177 -44.61 -1.57 7.62
C VAL A 177 -43.55 -0.60 7.11
N GLY A 178 -42.97 0.18 8.01
CA GLY A 178 -41.90 1.10 7.67
C GLY A 178 -40.57 0.43 7.97
N ILE A 179 -39.56 0.70 7.15
CA ILE A 179 -38.29 0.02 7.33
C ILE A 179 -37.08 0.87 6.96
N GLY A 180 -35.99 0.67 7.67
CA GLY A 180 -34.72 1.22 7.24
C GLY A 180 -34.18 2.33 8.12
N GLY A 181 -33.33 1.97 9.06
CA GLY A 181 -32.66 2.97 9.88
C GLY A 181 -33.52 3.31 11.06
N LEU A 182 -34.46 2.43 11.37
CA LEU A 182 -35.35 2.65 12.49
C LEU A 182 -34.70 2.25 13.81
N HIS A 183 -34.63 3.19 14.74
CA HIS A 183 -34.06 2.96 16.06
C HIS A 183 -34.85 3.74 17.10
N PRO A 184 -34.53 3.55 18.39
CA PRO A 184 -35.29 4.27 19.43
C PRO A 184 -35.27 5.79 19.29
N ASP A 185 -34.27 6.33 18.60
CA ASP A 185 -34.10 7.78 18.47
C ASP A 185 -34.99 8.40 17.40
N ASN A 186 -35.81 7.59 16.74
CA ASN A 186 -36.65 8.10 15.65
C ASN A 186 -37.90 7.28 15.38
N ILE A 187 -38.16 6.29 16.23
CA ILE A 187 -39.32 5.43 16.03
C ILE A 187 -40.63 6.15 16.33
N GLU A 188 -40.68 6.88 17.44
CA GLU A 188 -41.91 7.61 17.73
C GLU A 188 -42.18 8.68 16.68
N ARG A 189 -41.14 9.39 16.26
CA ARG A 189 -41.35 10.41 15.22
C ARG A 189 -41.86 9.79 13.93
N VAL A 190 -41.38 8.58 13.61
CA VAL A 190 -41.83 7.88 12.40
C VAL A 190 -43.30 7.50 12.51
N LEU A 191 -43.66 6.85 13.61
CA LEU A 191 -45.05 6.46 13.86
C LEU A 191 -45.98 7.68 13.85
N TYR A 192 -45.47 8.79 14.38
CA TYR A 192 -46.25 10.00 14.58
C TYR A 192 -46.61 10.71 13.27
N GLN A 193 -45.64 10.85 12.36
CA GLN A 193 -45.89 11.60 11.13
C GLN A 193 -46.15 10.79 9.88
N CYS A 194 -46.04 9.48 9.98
CA CYS A 194 -46.36 8.62 8.85
C CYS A 194 -47.84 8.30 8.84
N VAL A 195 -48.66 9.25 8.36
CA VAL A 195 -50.11 9.06 8.29
C VAL A 195 -50.63 9.58 6.97
N SER A 196 -51.70 8.94 6.49
CA SER A 196 -52.38 9.36 5.28
C SER A 196 -52.78 10.82 5.45
N SER A 197 -52.87 11.56 4.34
CA SER A 197 -53.26 12.95 4.42
C SER A 197 -54.70 13.09 4.93
N ASN A 198 -55.51 12.09 4.65
CA ASN A 198 -56.89 12.09 5.11
C ASN A 198 -57.03 11.54 6.52
N GLY A 199 -55.91 11.20 7.13
CA GLY A 199 -55.88 10.77 8.53
C GLY A 199 -56.36 9.34 8.76
N LYS A 200 -56.84 8.69 7.70
CA LYS A 200 -57.45 7.38 7.88
C LYS A 200 -56.47 6.19 7.92
N ARG A 201 -55.23 6.39 7.47
CA ARG A 201 -54.28 5.28 7.43
C ARG A 201 -52.90 5.64 7.99
N SER A 202 -52.34 4.75 8.79
CA SER A 202 -50.94 4.86 9.20
C SER A 202 -50.18 3.52 9.09
N LEU A 203 -48.92 3.49 9.51
CA LEU A 203 -48.13 2.26 9.41
C LEU A 203 -48.74 1.20 10.32
N ASP A 204 -48.83 -0.02 9.80
CA ASP A 204 -49.35 -1.14 10.58
C ASP A 204 -48.28 -1.73 11.49
N GLY A 205 -47.04 -1.30 11.28
CA GLY A 205 -45.95 -1.75 12.13
C GLY A 205 -44.58 -1.24 11.71
N ILE A 206 -43.57 -1.68 12.45
CA ILE A 206 -42.20 -1.20 12.30
C ILE A 206 -41.20 -2.34 12.07
N CYS A 207 -40.27 -2.15 11.14
CA CYS A 207 -39.25 -3.18 10.83
C CYS A 207 -37.87 -2.81 11.31
N VAL A 208 -37.23 -3.72 12.01
CA VAL A 208 -35.85 -3.52 12.40
C VAL A 208 -34.97 -4.71 12.03
N VAL A 209 -33.70 -4.42 11.75
CA VAL A 209 -32.71 -5.45 11.55
C VAL A 209 -31.59 -5.22 12.56
N SER A 210 -30.74 -4.25 12.29
CA SER A 210 -29.60 -3.99 13.16
C SER A 210 -29.97 -3.68 14.63
N ASP A 211 -31.13 -3.08 14.88
CA ASP A 211 -31.42 -2.66 16.25
C ASP A 211 -31.58 -3.85 17.20
N ILE A 212 -32.00 -4.98 16.68
CA ILE A 212 -32.18 -6.18 17.50
C ILE A 212 -31.10 -7.22 17.24
N ILE A 213 -30.94 -7.58 15.97
CA ILE A 213 -29.94 -8.56 15.55
C ILE A 213 -28.53 -8.24 16.07
N ALA A 214 -28.04 -7.04 15.77
CA ALA A 214 -26.66 -6.67 16.08
C ALA A 214 -26.46 -6.23 17.54
N SER A 215 -27.47 -6.45 18.37
CA SER A 215 -27.46 -5.97 19.74
C SER A 215 -26.74 -6.93 20.69
N LEU A 216 -25.91 -6.36 21.57
CA LEU A 216 -25.26 -7.17 22.60
C LEU A 216 -26.27 -7.72 23.62
N ASP A 217 -27.41 -7.05 23.75
CA ASP A 217 -28.49 -7.53 24.61
C ASP A 217 -29.82 -7.41 23.87
N ALA A 218 -30.14 -8.41 23.06
CA ALA A 218 -31.31 -8.35 22.20
C ALA A 218 -32.62 -8.33 22.98
N ALA A 219 -32.63 -8.91 24.16
CA ALA A 219 -33.86 -8.91 24.97
C ALA A 219 -34.26 -7.49 25.33
N LYS A 220 -33.29 -6.74 25.86
CA LYS A 220 -33.51 -5.37 26.29
C LYS A 220 -33.89 -4.47 25.12
N SER A 221 -33.11 -4.53 24.04
CA SER A 221 -33.36 -3.73 22.86
C SER A 221 -34.80 -3.88 22.40
N THR A 222 -35.29 -5.11 22.43
CA THR A 222 -36.64 -5.41 21.97
C THR A 222 -37.67 -4.82 22.92
N LYS A 223 -37.44 -5.01 24.21
CA LYS A 223 -38.35 -4.50 25.22
C LYS A 223 -38.55 -2.99 25.03
N ILE A 224 -37.48 -2.31 24.66
CA ILE A 224 -37.52 -0.88 24.37
C ILE A 224 -38.38 -0.55 23.17
N LEU A 225 -38.14 -1.21 22.03
CA LEU A 225 -38.91 -0.97 20.83
C LEU A 225 -40.39 -1.22 21.08
N ARG A 226 -40.68 -2.24 21.88
CA ARG A 226 -42.05 -2.54 22.21
C ARG A 226 -42.69 -1.38 22.97
N GLY A 227 -42.00 -0.89 23.99
CA GLY A 227 -42.46 0.26 24.75
C GLY A 227 -42.92 1.40 23.86
N LEU A 228 -42.09 1.74 22.89
CA LEU A 228 -42.38 2.83 21.97
C LEU A 228 -43.60 2.56 21.08
N ILE A 229 -43.70 1.35 20.57
CA ILE A 229 -44.73 1.05 19.58
C ILE A 229 -46.14 1.06 20.15
N ASP A 230 -46.32 0.54 21.37
CA ASP A 230 -47.66 0.44 21.93
C ASP A 230 -47.97 1.53 22.96
N LYS A 231 -47.17 2.60 22.93
CA LYS A 231 -47.51 3.85 23.57
C LYS A 231 -48.38 4.61 22.57
N THR A 232 -48.92 5.77 22.94
CA THR A 232 -49.74 6.53 22.00
C THR A 232 -49.48 8.03 21.97
N ASP A 233 -48.67 8.52 22.91
CA ASP A 233 -48.36 9.94 22.97
C ASP A 233 -46.90 10.20 22.62
N TYR A 234 -46.68 11.18 21.76
CA TYR A 234 -45.33 11.66 21.49
C TYR A 234 -45.22 13.11 21.94
N LYS A 235 -44.90 13.30 23.22
CA LYS A 235 -44.70 14.64 23.78
C LYS A 235 -43.33 15.15 23.39
N PHE A 236 -43.21 15.69 22.18
CA PHE A 236 -41.88 15.98 21.59
C PHE A 236 -41.28 17.30 22.06
N VAL A 237 -42.05 18.07 22.81
CA VAL A 237 -41.56 19.31 23.37
C VAL A 237 -42.23 19.54 24.71
N ASN A 238 -41.49 20.08 25.66
CA ASN A 238 -42.04 20.33 26.99
C ASN A 238 -42.93 21.59 27.06
N ILE A 239 -43.97 21.59 26.23
CA ILE A 239 -45.02 22.59 26.23
C ILE A 239 -46.32 21.85 25.98
N GLY A 240 -47.45 22.44 26.32
CA GLY A 240 -48.72 21.79 26.09
C GLY A 240 -48.99 21.68 24.61
N LEU A 241 -49.65 20.60 24.20
CA LEU A 241 -50.02 20.43 22.80
C LEU A 241 -51.53 20.35 22.59
N SER A 242 -52.29 20.64 23.65
CA SER A 242 -53.75 20.57 23.60
C SER A 242 -54.31 21.34 22.43
N THR A 243 -55.33 20.79 21.77
CA THR A 243 -55.99 21.49 20.69
C THR A 243 -56.85 22.62 21.25
N LYS A 244 -56.61 23.84 20.78
CA LYS A 244 -57.39 24.99 21.21
C LYS A 244 -58.21 25.51 20.05
N ASN A 245 -59.52 25.57 20.24
CA ASN A 245 -60.42 26.02 19.18
C ASN A 245 -60.94 27.43 19.41
N SER A 246 -60.85 27.89 20.66
CA SER A 246 -61.23 29.23 21.00
C SER A 246 -60.08 30.16 20.67
N LEU A 247 -60.35 31.20 19.89
CA LEU A 247 -59.33 32.20 19.57
C LEU A 247 -58.47 32.57 20.78
N THR A 248 -57.26 33.03 20.52
CA THR A 248 -56.35 33.33 21.60
C THR A 248 -56.78 34.64 22.25
N THR A 249 -57.13 34.58 23.52
CA THR A 249 -57.64 35.76 24.21
C THR A 249 -56.52 36.71 24.57
N THR A 250 -56.88 37.98 24.73
CA THR A 250 -55.95 39.00 25.16
C THR A 250 -55.22 38.62 26.45
N ASP A 251 -55.93 37.97 27.37
CA ASP A 251 -55.35 37.62 28.65
C ASP A 251 -54.29 36.55 28.49
N GLU A 252 -54.46 35.68 27.50
CA GLU A 252 -53.49 34.60 27.20
C GLU A 252 -52.21 35.16 26.60
N ILE A 253 -52.36 36.03 25.59
CA ILE A 253 -51.24 36.74 24.98
C ILE A 253 -50.43 37.48 26.03
N GLN A 254 -51.15 38.08 26.97
CA GLN A 254 -50.49 38.82 28.05
C GLN A 254 -49.66 37.85 28.90
N SER A 255 -50.24 36.70 29.20
CA SER A 255 -49.52 35.73 30.01
C SER A 255 -48.26 35.24 29.29
N ILE A 256 -48.41 34.91 28.00
CA ILE A 256 -47.27 34.47 27.19
C ILE A 256 -46.10 35.45 27.35
N ILE A 257 -46.30 36.69 26.91
CA ILE A 257 -45.27 37.72 26.97
C ILE A 257 -44.62 37.88 28.35
N SER A 258 -45.43 37.87 29.39
CA SER A 258 -44.90 37.91 30.75
C SER A 258 -43.94 36.77 30.99
N ASN A 259 -44.37 35.56 30.63
CA ASN A 259 -43.57 34.36 30.84
C ASN A 259 -42.21 34.41 30.17
N THR A 260 -42.19 34.79 28.89
CA THR A 260 -40.92 34.90 28.17
C THR A 260 -40.02 36.00 28.73
N LEU A 261 -40.60 37.14 29.10
CA LEU A 261 -39.81 38.20 29.75
C LEU A 261 -39.18 37.74 31.05
N LYS A 262 -39.93 36.95 31.82
CA LYS A 262 -39.47 36.46 33.11
C LYS A 262 -38.48 35.30 32.98
N ALA A 263 -38.59 34.56 31.89
CA ALA A 263 -37.80 33.34 31.71
C ALA A 263 -36.49 33.58 30.95
N ARG A 264 -36.38 34.73 30.30
CA ARG A 264 -35.17 35.07 29.54
C ARG A 264 -34.61 33.86 28.74
N PRO A 265 -35.34 33.44 27.70
CA PRO A 265 -35.01 32.22 26.95
C PRO A 265 -33.73 32.39 26.17
N LEU A 266 -32.93 31.34 26.12
CA LEU A 266 -31.75 31.34 25.27
C LEU A 266 -32.10 30.79 23.90
N VAL A 267 -32.03 31.65 22.88
CA VAL A 267 -32.41 31.30 21.51
C VAL A 267 -31.18 31.14 20.61
N GLN A 268 -30.89 29.91 20.22
CA GLN A 268 -29.74 29.63 19.36
C GLN A 268 -30.10 29.81 17.88
N HIS A 269 -29.52 30.83 17.25
CA HIS A 269 -29.68 31.07 15.82
C HIS A 269 -28.65 30.31 14.98
N ILE A 270 -29.14 29.51 14.03
CA ILE A 270 -28.28 28.97 13.00
C ILE A 270 -28.74 29.60 11.70
N THR A 271 -27.99 30.58 11.20
CA THR A 271 -28.48 31.38 10.08
C THR A 271 -27.37 31.98 9.23
N ASN A 272 -27.78 32.74 8.21
CA ASN A 272 -26.89 33.35 7.22
C ASN A 272 -25.86 34.30 7.80
N LYS A 273 -26.03 35.58 7.47
CA LYS A 273 -25.15 36.63 7.95
C LYS A 273 -25.89 37.95 7.85
N VAL A 274 -26.90 37.98 6.99
CA VAL A 274 -27.80 39.11 6.89
C VAL A 274 -28.74 39.09 8.09
N HIS A 275 -29.13 37.88 8.46
CA HIS A 275 -30.11 37.68 9.53
C HIS A 275 -29.46 37.54 10.90
N GLN A 276 -28.18 37.18 10.92
CA GLN A 276 -27.45 37.06 12.18
C GLN A 276 -27.75 38.29 13.02
N ASN A 277 -27.31 39.46 12.54
CA ASN A 277 -27.41 40.68 13.33
C ASN A 277 -28.84 41.14 13.56
N PHE A 278 -29.64 41.21 12.50
CA PHE A 278 -31.02 41.65 12.68
C PHE A 278 -31.84 40.70 13.56
N GLY A 279 -31.51 39.41 13.54
CA GLY A 279 -32.22 38.42 14.34
C GLY A 279 -31.88 38.53 15.81
N ALA A 280 -30.63 38.88 16.12
CA ALA A 280 -30.20 39.00 17.51
C ALA A 280 -30.82 40.22 18.16
N ASN A 281 -31.12 41.23 17.35
CA ASN A 281 -31.74 42.46 17.85
C ASN A 281 -33.18 42.23 18.28
N VAL A 282 -33.94 41.54 17.43
CA VAL A 282 -35.29 41.14 17.79
C VAL A 282 -35.28 40.30 19.06
N THR A 283 -34.33 39.38 19.17
CA THR A 283 -34.24 38.55 20.36
C THR A 283 -33.97 39.40 21.60
N LEU A 284 -33.00 40.33 21.49
CA LEU A 284 -32.67 41.22 22.60
C LEU A 284 -33.87 42.07 23.03
N ALA A 285 -34.58 42.63 22.06
CA ALA A 285 -35.75 43.44 22.35
C ALA A 285 -36.79 42.67 23.15
N LEU A 286 -37.00 41.40 22.82
CA LEU A 286 -37.99 40.58 23.54
C LEU A 286 -37.47 40.08 24.89
N GLY A 287 -36.36 40.64 25.35
CA GLY A 287 -35.82 40.29 26.65
C GLY A 287 -35.27 38.89 26.79
N SER A 288 -34.60 38.39 25.75
CA SER A 288 -33.97 37.07 25.79
C SER A 288 -32.62 37.09 25.08
N SER A 289 -31.74 36.14 25.38
CA SER A 289 -30.37 36.18 24.89
C SER A 289 -30.14 35.29 23.69
N PRO A 290 -29.56 35.86 22.62
CA PRO A 290 -29.24 35.12 21.39
C PRO A 290 -27.88 34.48 21.50
N ILE A 291 -27.70 33.31 20.87
CA ILE A 291 -26.37 32.69 20.70
C ILE A 291 -26.24 32.24 19.26
N MET A 292 -25.10 32.53 18.65
CA MET A 292 -24.93 32.25 17.23
C MET A 292 -23.95 31.12 16.98
N SER A 293 -23.94 30.14 17.87
CA SER A 293 -23.07 28.96 17.75
C SER A 293 -23.44 28.00 16.60
N GLU A 294 -22.46 27.63 15.78
CA GLU A 294 -22.61 26.61 14.76
C GLU A 294 -21.58 25.50 14.97
N ILE A 295 -21.28 25.23 16.23
CA ILE A 295 -20.22 24.30 16.60
C ILE A 295 -20.81 23.00 17.19
N GLN A 296 -20.45 21.87 16.59
CA GLN A 296 -21.03 20.56 16.95
C GLN A 296 -20.93 20.17 18.42
N SER A 297 -19.77 20.40 19.03
CA SER A 297 -19.50 19.97 20.40
C SER A 297 -20.29 20.74 21.46
N GLU A 298 -20.57 22.01 21.18
CA GLU A 298 -21.33 22.88 22.08
C GLU A 298 -22.81 22.50 22.17
N VAL A 299 -23.31 21.92 21.08
CA VAL A 299 -24.73 21.76 20.86
C VAL A 299 -25.51 21.08 21.98
N ASN A 300 -24.93 20.05 22.59
CA ASN A 300 -25.64 19.39 23.69
C ASN A 300 -25.66 20.21 24.98
N ASP A 301 -24.61 21.01 25.20
CA ASP A 301 -24.52 21.86 26.38
C ASP A 301 -25.49 23.04 26.29
N LEU A 302 -25.54 23.70 25.13
CA LEU A 302 -26.51 24.77 24.85
C LEU A 302 -27.94 24.35 25.14
N ALA A 303 -28.36 23.23 24.54
CA ALA A 303 -29.71 22.75 24.71
C ALA A 303 -30.06 22.37 26.17
N ALA A 304 -29.05 22.20 27.01
CA ALA A 304 -29.27 21.77 28.38
C ALA A 304 -29.61 22.94 29.28
N ILE A 305 -29.33 24.14 28.80
CA ILE A 305 -29.63 25.37 29.51
C ILE A 305 -31.14 25.61 29.56
N PRO A 306 -31.66 26.11 30.69
CA PRO A 306 -33.09 26.30 30.88
C PRO A 306 -33.73 27.16 29.79
N HIS A 307 -34.88 26.73 29.30
CA HIS A 307 -35.64 27.47 28.29
C HIS A 307 -34.86 27.77 27.01
N ALA A 308 -34.06 26.80 26.57
CA ALA A 308 -33.30 26.94 25.33
C ALA A 308 -34.21 26.67 24.14
N THR A 309 -33.88 27.25 23.00
CA THR A 309 -34.72 27.18 21.81
C THR A 309 -33.86 27.21 20.55
N LEU A 310 -34.24 26.44 19.53
CA LEU A 310 -33.47 26.41 18.31
C LEU A 310 -34.22 27.09 17.16
N LEU A 311 -33.55 27.98 16.44
CA LEU A 311 -34.14 28.66 15.26
C LEU A 311 -33.30 28.36 14.03
N LEU A 312 -33.88 27.69 13.05
CA LEU A 312 -33.09 27.24 11.89
C LEU A 312 -33.36 28.05 10.65
N ASN A 313 -32.28 28.52 10.02
CA ASN A 313 -32.31 29.05 8.66
C ASN A 313 -31.55 28.17 7.66
N THR A 314 -31.63 28.52 6.38
CA THR A 314 -31.16 27.59 5.36
C THR A 314 -30.26 28.24 4.30
N GLY A 315 -29.61 27.40 3.48
CA GLY A 315 -28.59 27.88 2.56
C GLY A 315 -27.44 28.38 3.42
N SER A 316 -27.26 27.74 4.57
CA SER A 316 -26.26 28.13 5.54
C SER A 316 -24.91 27.42 5.28
N VAL A 317 -23.88 27.95 5.93
CA VAL A 317 -22.51 27.47 5.76
C VAL A 317 -22.25 26.24 6.64
N ALA A 318 -23.23 25.89 7.47
CA ALA A 318 -23.09 24.76 8.37
C ALA A 318 -23.39 23.41 7.69
N PRO A 319 -22.55 22.41 7.96
CA PRO A 319 -22.66 21.06 7.37
C PRO A 319 -23.92 20.32 7.81
N PRO A 320 -24.57 19.60 6.89
CA PRO A 320 -25.70 18.77 7.30
C PRO A 320 -25.39 17.92 8.54
N GLU A 321 -24.16 17.42 8.69
CA GLU A 321 -23.84 16.58 9.84
C GLU A 321 -24.06 17.30 11.18
N MET A 322 -23.92 18.62 11.20
CA MET A 322 -24.09 19.38 12.46
C MET A 322 -25.55 19.83 12.66
N LEU A 323 -26.24 20.17 11.57
CA LEU A 323 -27.66 20.45 11.68
C LEU A 323 -28.36 19.23 12.26
N LYS A 324 -28.09 18.05 11.68
CA LYS A 324 -28.61 16.82 12.22
C LYS A 324 -28.28 16.76 13.71
N ALA A 325 -27.03 17.05 14.06
CA ALA A 325 -26.58 16.98 15.46
C ALA A 325 -27.35 17.91 16.36
N ALA A 326 -27.62 19.12 15.89
CA ALA A 326 -28.30 20.15 16.67
C ALA A 326 -29.77 19.81 16.84
N ILE A 327 -30.44 19.56 15.71
CA ILE A 327 -31.84 19.18 15.76
C ILE A 327 -32.07 18.03 16.75
N ARG A 328 -31.26 16.99 16.65
CA ARG A 328 -31.39 15.88 17.57
C ARG A 328 -31.16 16.34 19.00
N ALA A 329 -30.15 17.18 19.19
CA ALA A 329 -29.79 17.64 20.53
C ALA A 329 -30.96 18.24 21.28
N TYR A 330 -31.74 19.06 20.57
CA TYR A 330 -32.92 19.71 21.15
C TYR A 330 -34.10 18.77 21.36
N ASN A 331 -34.35 17.89 20.41
CA ASN A 331 -35.39 16.87 20.55
C ASN A 331 -35.17 15.88 21.70
N ASP A 332 -33.90 15.64 22.04
CA ASP A 332 -33.54 14.75 23.15
C ASP A 332 -33.92 15.35 24.50
N VAL A 333 -33.86 16.68 24.59
CA VAL A 333 -34.21 17.37 25.83
C VAL A 333 -35.62 17.97 25.77
N LYS A 334 -36.36 17.60 24.72
CA LYS A 334 -37.73 18.04 24.51
C LYS A 334 -37.89 19.57 24.52
N ARG A 335 -36.95 20.25 23.86
CA ARG A 335 -37.02 21.70 23.68
C ARG A 335 -37.44 22.03 22.26
N PRO A 336 -37.96 23.24 22.04
CA PRO A 336 -38.63 23.59 20.78
C PRO A 336 -37.66 23.95 19.66
N ILE A 337 -37.98 23.51 18.45
CA ILE A 337 -37.25 23.97 17.26
C ILE A 337 -38.19 24.76 16.32
N VAL A 338 -37.73 25.92 15.87
CA VAL A 338 -38.46 26.66 14.84
C VAL A 338 -37.72 26.63 13.51
N PHE A 339 -38.42 26.23 12.46
CA PHE A 339 -37.83 26.09 11.14
C PHE A 339 -38.29 27.22 10.22
N ASP A 340 -37.37 28.12 9.91
CA ASP A 340 -37.64 29.28 9.06
C ASP A 340 -36.74 29.27 7.83
N PRO A 341 -37.07 28.42 6.83
CA PRO A 341 -36.24 28.26 5.65
C PRO A 341 -36.02 29.57 4.91
N VAL A 342 -34.74 29.91 4.68
CA VAL A 342 -34.38 31.01 3.81
C VAL A 342 -34.40 30.54 2.37
N GLY A 343 -34.29 29.23 2.18
CA GLY A 343 -34.39 28.70 0.85
C GLY A 343 -35.70 28.99 0.16
N TYR A 344 -36.67 28.25 0.63
CA TYR A 344 -36.89 26.90 0.24
C TYR A 344 -37.60 26.51 -1.02
N SER A 345 -37.23 25.37 -1.60
CA SER A 345 -37.85 24.90 -2.83
C SER A 345 -37.32 25.66 -4.04
N ALA A 346 -36.75 26.83 -3.79
CA ALA A 346 -36.20 27.67 -4.86
C ALA A 346 -35.12 26.91 -5.64
N THR A 347 -33.87 27.23 -5.34
CA THR A 347 -32.74 26.58 -6.01
C THR A 347 -32.74 25.07 -5.76
N GLU A 348 -32.44 24.30 -6.80
CA GLU A 348 -32.42 22.85 -6.68
C GLU A 348 -31.64 22.41 -5.44
N THR A 349 -30.51 23.07 -5.18
CA THR A 349 -29.67 22.73 -4.03
C THR A 349 -30.33 22.98 -2.70
N ARG A 350 -31.13 24.04 -2.61
CA ARG A 350 -31.81 24.38 -1.36
C ARG A 350 -32.93 23.40 -1.06
N LEU A 351 -33.82 23.20 -2.03
CA LEU A 351 -34.85 22.18 -1.90
C LEU A 351 -34.25 20.91 -1.28
N LEU A 352 -33.21 20.39 -1.91
CA LEU A 352 -32.48 19.21 -1.40
C LEU A 352 -32.12 19.27 0.09
N LEU A 353 -31.40 20.32 0.49
CA LEU A 353 -30.93 20.43 1.86
C LEU A 353 -32.10 20.55 2.85
N ASN A 354 -33.12 21.31 2.47
CA ASN A 354 -34.27 21.55 3.36
C ASN A 354 -35.05 20.27 3.62
N ASN A 355 -35.35 19.54 2.56
CA ASN A 355 -36.04 18.27 2.73
C ASN A 355 -35.24 17.32 3.61
N LYS A 356 -33.92 17.37 3.49
CA LYS A 356 -33.05 16.52 4.30
C LYS A 356 -33.12 16.95 5.78
N LEU A 357 -33.24 18.26 6.01
CA LEU A 357 -33.41 18.78 7.37
C LEU A 357 -34.69 18.27 8.02
N LEU A 358 -35.77 18.22 7.24
CA LEU A 358 -37.07 17.82 7.77
C LEU A 358 -37.12 16.33 8.14
N THR A 359 -36.01 15.62 7.95
CA THR A 359 -35.95 14.21 8.30
C THR A 359 -35.12 13.98 9.56
N PHE A 360 -34.50 15.05 10.04
CA PHE A 360 -33.61 14.94 11.19
C PHE A 360 -34.33 14.95 12.55
N GLY A 361 -35.57 15.44 12.59
CA GLY A 361 -36.31 15.51 13.84
C GLY A 361 -37.70 16.15 13.76
N GLN A 362 -38.28 16.43 14.94
CA GLN A 362 -39.62 17.00 15.05
C GLN A 362 -39.53 18.51 15.28
N PHE A 363 -40.14 19.30 14.39
CA PHE A 363 -40.15 20.75 14.60
C PHE A 363 -41.41 21.29 15.32
N SER A 364 -41.21 22.24 16.22
CA SER A 364 -42.34 22.85 16.92
C SER A 364 -43.10 23.81 16.03
N CYS A 365 -42.39 24.46 15.10
CA CYS A 365 -43.03 25.39 14.19
C CYS A 365 -42.29 25.56 12.86
N ILE A 366 -43.04 25.66 11.78
CA ILE A 366 -42.46 25.86 10.45
C ILE A 366 -43.05 27.12 9.87
N LYS A 367 -42.19 28.04 9.42
CA LYS A 367 -42.66 29.36 8.98
C LYS A 367 -42.20 29.69 7.56
N GLY A 368 -43.15 29.98 6.68
CA GLY A 368 -42.84 30.31 5.31
C GLY A 368 -43.75 31.35 4.71
N ASN A 369 -43.37 31.87 3.55
CA ASN A 369 -44.21 32.78 2.81
C ASN A 369 -45.00 32.00 1.77
N SER A 370 -45.90 32.67 1.07
CA SER A 370 -46.75 32.02 0.09
C SER A 370 -46.04 30.95 -0.77
N SER A 371 -44.85 31.25 -1.28
CA SER A 371 -44.13 30.26 -2.09
C SER A 371 -43.52 29.14 -1.25
N GLU A 372 -42.73 29.52 -0.25
CA GLU A 372 -42.18 28.57 0.70
C GLU A 372 -43.29 27.58 1.17
N ILE A 373 -44.48 28.08 1.48
CA ILE A 373 -45.56 27.22 1.97
C ILE A 373 -46.18 26.33 0.90
N LEU A 374 -46.58 26.90 -0.23
CA LEU A 374 -47.15 26.10 -1.31
C LEU A 374 -46.21 24.98 -1.69
N GLY A 375 -44.92 25.30 -1.77
CA GLY A 375 -43.90 24.30 -2.05
C GLY A 375 -43.88 23.15 -1.03
N LEU A 376 -43.84 23.50 0.26
CA LEU A 376 -43.87 22.51 1.31
C LEU A 376 -45.13 21.65 1.28
N ALA A 377 -46.25 22.23 0.86
CA ALA A 377 -47.51 21.52 0.79
C ALA A 377 -47.55 20.61 -0.44
N GLU A 378 -46.56 20.78 -1.30
CA GLU A 378 -46.47 19.97 -2.51
C GLU A 378 -47.67 20.21 -3.44
N LEU A 379 -48.12 21.46 -3.51
CA LEU A 379 -49.27 21.78 -4.33
C LEU A 379 -48.92 21.83 -5.82
N SER A 394 -53.52 32.89 -4.76
CA SER A 394 -54.88 33.00 -4.23
C SER A 394 -54.96 33.20 -2.70
N ASN A 395 -56.09 32.80 -2.07
CA ASN A 395 -56.25 33.00 -0.63
C ASN A 395 -56.91 31.84 0.13
N GLU A 396 -57.95 31.25 -0.44
CA GLU A 396 -58.48 30.00 0.12
C GLU A 396 -57.51 28.86 -0.21
N LEU A 397 -56.60 29.12 -1.14
CA LEU A 397 -55.54 28.18 -1.48
C LEU A 397 -54.46 28.22 -0.41
N LEU A 398 -54.01 29.43 -0.06
CA LEU A 398 -53.00 29.58 0.98
C LEU A 398 -53.44 28.92 2.28
N ILE A 399 -54.74 29.04 2.59
CA ILE A 399 -55.23 28.42 3.81
C ILE A 399 -55.16 26.89 3.74
N GLN A 400 -55.63 26.31 2.64
CA GLN A 400 -55.55 24.86 2.46
C GLN A 400 -54.09 24.43 2.57
N ALA A 401 -53.21 25.10 1.85
CA ALA A 401 -51.79 24.80 1.89
C ALA A 401 -51.23 24.81 3.31
N THR A 402 -51.47 25.89 4.05
CA THR A 402 -50.99 26.02 5.42
C THR A 402 -51.38 24.85 6.31
N LYS A 403 -52.62 24.37 6.20
CA LYS A 403 -53.05 23.21 6.98
C LYS A 403 -52.28 21.96 6.52
N ILE A 404 -52.25 21.75 5.21
CA ILE A 404 -51.50 20.63 4.65
C ILE A 404 -50.12 20.54 5.26
N VAL A 405 -49.41 21.65 5.28
CA VAL A 405 -48.07 21.67 5.84
C VAL A 405 -48.10 21.36 7.33
N ALA A 406 -48.98 22.04 8.05
CA ALA A 406 -49.06 21.86 9.49
C ALA A 406 -49.32 20.41 9.83
N PHE A 407 -50.24 19.80 9.09
CA PHE A 407 -50.56 18.37 9.32
C PHE A 407 -49.41 17.44 8.90
N LYS A 408 -48.87 17.67 7.71
CA LYS A 408 -47.82 16.84 7.16
C LYS A 408 -46.65 16.65 8.12
N TYR A 409 -46.15 17.75 8.68
CA TYR A 409 -44.95 17.70 9.53
C TYR A 409 -45.31 17.72 11.01
N LYS A 410 -46.59 17.44 11.28
CA LYS A 410 -47.16 17.45 12.62
C LYS A 410 -46.66 18.61 13.48
N THR A 411 -46.91 19.83 13.02
CA THR A 411 -46.32 21.01 13.64
C THR A 411 -47.26 22.22 13.54
N VAL A 412 -46.93 23.30 14.24
CA VAL A 412 -47.64 24.55 14.01
C VAL A 412 -47.02 25.29 12.83
N ALA A 413 -47.82 25.56 11.80
CA ALA A 413 -47.31 26.17 10.57
C ALA A 413 -47.78 27.59 10.40
N VAL A 414 -46.86 28.47 10.05
CA VAL A 414 -47.18 29.88 9.83
C VAL A 414 -46.93 30.25 8.37
N CYS A 415 -47.90 30.93 7.75
CA CYS A 415 -47.76 31.39 6.38
C CYS A 415 -47.92 32.90 6.30
N THR A 416 -46.82 33.61 6.06
CA THR A 416 -46.83 35.07 6.11
C THR A 416 -47.26 35.75 4.82
N GLY A 417 -47.99 36.85 4.96
CA GLY A 417 -48.44 37.64 3.84
C GLY A 417 -49.24 38.83 4.29
N GLU A 418 -50.14 39.29 3.43
CA GLU A 418 -51.10 40.33 3.81
C GLU A 418 -51.78 39.86 5.09
N PHE A 419 -52.40 38.69 4.99
CA PHE A 419 -52.91 37.95 6.14
C PHE A 419 -51.86 36.92 6.52
N ASP A 420 -51.61 36.74 7.81
CA ASP A 420 -50.79 35.63 8.28
C ASP A 420 -51.70 34.49 8.73
N PHE A 421 -51.46 33.28 8.26
CA PHE A 421 -52.30 32.15 8.64
C PHE A 421 -51.54 31.21 9.54
N ILE A 422 -52.17 30.77 10.62
CA ILE A 422 -51.56 29.81 11.54
C ILE A 422 -52.42 28.55 11.67
N ALA A 423 -51.82 27.39 11.46
CA ALA A 423 -52.53 26.10 11.59
C ALA A 423 -51.82 25.19 12.57
N ASP A 424 -52.59 24.41 13.34
CA ASP A 424 -52.03 23.53 14.37
C ASP A 424 -52.26 22.07 14.00
N GLY A 425 -51.20 21.44 13.51
CA GLY A 425 -51.27 20.06 13.07
C GLY A 425 -50.70 19.06 14.05
N THR A 426 -50.41 19.47 15.28
CA THR A 426 -49.80 18.53 16.23
C THR A 426 -50.75 17.44 16.71
N ILE A 427 -52.05 17.68 16.65
CA ILE A 427 -53.01 16.68 17.12
C ILE A 427 -52.67 16.12 18.49
N GLU A 428 -52.31 16.99 19.42
CA GLU A 428 -52.02 16.60 20.80
C GLU A 428 -50.94 15.53 20.91
N GLY A 429 -50.11 15.43 19.88
CA GLY A 429 -49.01 14.47 19.87
C GLY A 429 -49.44 13.00 19.87
N LYS A 430 -50.50 12.70 19.14
CA LYS A 430 -51.11 11.37 19.12
C LYS A 430 -50.66 10.52 17.93
N TYR A 431 -50.27 9.29 18.22
CA TYR A 431 -50.03 8.33 17.14
C TYR A 431 -50.61 6.95 17.44
N SER A 432 -50.84 6.19 16.38
CA SER A 432 -51.33 4.83 16.49
C SER A 432 -50.92 3.98 15.27
N LEU A 433 -51.00 2.67 15.42
CA LEU A 433 -50.78 1.79 14.28
C LEU A 433 -52.05 1.67 13.41
N SER A 434 -51.86 1.68 12.09
CA SER A 434 -52.93 1.46 11.08
C SER A 434 -54.09 2.45 11.05
N LYS A 435 -54.47 2.98 12.21
CA LYS A 435 -55.77 3.65 12.40
C LYS A 435 -56.01 4.92 11.58
N GLY A 436 -54.88 5.58 11.38
CA GLY A 436 -54.48 6.87 11.87
C GLY A 436 -54.90 7.33 13.25
N THR A 437 -56.21 7.12 13.51
CA THR A 437 -56.98 7.55 14.71
C THR A 437 -57.18 9.04 14.64
N ASN A 438 -56.24 9.66 13.95
CA ASN A 438 -56.52 10.89 13.29
C ASN A 438 -57.57 10.55 12.25
N GLY A 439 -58.79 10.10 12.61
CA GLY A 439 -59.80 10.34 11.60
C GLY A 439 -59.79 11.87 11.39
N THR A 440 -58.91 12.55 12.11
CA THR A 440 -58.67 13.99 12.01
C THR A 440 -57.83 14.30 10.77
N SER A 441 -58.46 14.77 9.69
CA SER A 441 -57.75 14.95 8.43
C SER A 441 -57.10 16.32 8.27
N VAL A 442 -56.33 16.49 7.20
CA VAL A 442 -55.79 17.78 6.84
C VAL A 442 -56.86 18.88 6.96
N GLU A 443 -58.10 18.54 6.61
CA GLU A 443 -59.15 19.53 6.38
C GLU A 443 -59.64 20.23 7.65
N ASP A 444 -59.56 19.54 8.77
CA ASP A 444 -60.30 19.99 9.95
C ASP A 444 -59.46 20.29 11.20
N ILE A 445 -58.16 20.52 11.03
CA ILE A 445 -57.34 21.03 12.14
C ILE A 445 -57.58 22.52 12.27
N PRO A 446 -57.35 23.08 13.48
CA PRO A 446 -57.52 24.52 13.71
C PRO A 446 -56.61 25.38 12.84
N CYS A 447 -57.19 26.42 12.24
CA CYS A 447 -56.41 27.39 11.48
C CYS A 447 -57.01 28.78 11.63
N VAL A 448 -56.20 29.71 12.13
CA VAL A 448 -56.64 31.08 12.35
C VAL A 448 -55.94 32.06 11.41
N ALA A 449 -56.40 33.30 11.38
CA ALA A 449 -55.81 34.33 10.53
C ALA A 449 -55.53 35.59 11.32
N VAL A 450 -54.58 36.39 10.84
CA VAL A 450 -54.20 37.65 11.50
C VAL A 450 -54.02 38.75 10.45
N GLU A 451 -54.88 39.77 10.51
CA GLU A 451 -54.86 40.86 9.52
C GLU A 451 -54.63 42.20 10.20
N ALA A 452 -54.01 43.14 9.49
CA ALA A 452 -53.90 44.51 9.99
C ALA A 452 -54.12 45.55 8.90
N GLY A 453 -53.94 45.13 7.65
CA GLY A 453 -53.95 46.03 6.51
C GLY A 453 -52.66 45.85 5.73
N PRO A 454 -52.56 46.47 4.55
CA PRO A 454 -51.38 46.36 3.66
C PRO A 454 -50.03 46.70 4.33
N GLY A 465 -39.38 39.74 8.24
CA GLY A 465 -39.63 38.40 7.80
C GLY A 465 -38.91 37.44 8.70
N CYS A 466 -37.60 37.26 8.48
CA CYS A 466 -36.75 36.44 9.34
C CYS A 466 -36.80 37.02 10.75
N SER A 467 -37.47 38.17 10.85
CA SER A 467 -37.72 38.81 12.13
C SER A 467 -38.82 38.06 12.89
N LEU A 468 -39.85 37.62 12.17
CA LEU A 468 -40.95 36.88 12.79
C LEU A 468 -40.47 35.55 13.36
N GLY A 469 -39.50 34.94 12.69
CA GLY A 469 -38.92 33.71 13.14
C GLY A 469 -38.37 33.84 14.56
N SER A 470 -37.65 34.92 14.81
CA SER A 470 -37.04 35.11 16.12
C SER A 470 -38.08 35.47 17.15
N THR A 471 -39.11 36.18 16.71
CA THR A 471 -40.21 36.53 17.61
C THR A 471 -40.92 35.27 18.10
N ILE A 472 -41.38 34.46 17.15
CA ILE A 472 -41.98 33.18 17.47
C ILE A 472 -41.07 32.32 18.36
N ALA A 473 -39.77 32.33 18.09
CA ALA A 473 -38.83 31.54 18.87
C ALA A 473 -38.80 31.95 20.33
N CYS A 474 -38.95 33.25 20.58
CA CYS A 474 -38.91 33.78 21.95
C CYS A 474 -40.20 33.51 22.72
N MET A 475 -41.33 33.57 22.03
CA MET A 475 -42.61 33.31 22.68
C MET A 475 -42.71 31.86 23.14
N ILE A 476 -42.39 30.94 22.24
CA ILE A 476 -42.39 29.52 22.56
C ILE A 476 -41.34 29.21 23.62
N GLY A 477 -40.20 29.87 23.51
CA GLY A 477 -39.09 29.62 24.42
C GLY A 477 -39.45 29.86 25.86
N GLY A 478 -40.32 30.84 26.09
CA GLY A 478 -40.69 31.26 27.43
C GLY A 478 -41.76 30.42 28.12
N GLN A 479 -42.52 29.63 27.36
CA GLN A 479 -43.60 28.82 27.91
C GLN A 479 -43.14 27.72 28.88
N PRO A 480 -43.87 27.58 30.01
CA PRO A 480 -43.65 26.57 31.04
C PRO A 480 -44.36 25.26 30.66
N SER A 481 -44.11 24.17 31.40
CA SER A 481 -44.72 22.89 31.06
C SER A 481 -46.25 22.94 30.82
N GLU A 482 -46.91 23.91 31.46
CA GLU A 482 -48.37 24.03 31.38
C GLU A 482 -48.84 24.99 30.30
N GLY A 483 -47.90 25.53 29.55
CA GLY A 483 -48.21 26.47 28.47
C GLY A 483 -48.99 25.83 27.33
N ASN A 484 -48.96 26.49 26.18
CA ASN A 484 -49.59 25.94 24.98
C ASN A 484 -48.89 26.42 23.70
N LEU A 485 -48.37 25.44 22.96
CA LEU A 485 -47.58 25.73 21.78
C LEU A 485 -48.33 26.63 20.80
N PHE A 486 -49.57 26.26 20.50
CA PHE A 486 -50.35 27.01 19.51
C PHE A 486 -50.57 28.46 19.93
N HIS A 487 -51.03 28.70 21.15
CA HIS A 487 -51.28 30.07 21.59
C HIS A 487 -50.00 30.89 21.51
N ALA A 488 -48.87 30.27 21.85
CA ALA A 488 -47.62 31.02 21.85
C ALA A 488 -47.27 31.51 20.46
N VAL A 489 -47.42 30.64 19.47
CA VAL A 489 -47.11 31.00 18.10
C VAL A 489 -48.03 32.15 17.69
N VAL A 490 -49.31 32.01 17.94
CA VAL A 490 -50.24 33.08 17.58
C VAL A 490 -49.85 34.38 18.26
N ALA A 491 -49.57 34.32 19.56
CA ALA A 491 -49.10 35.51 20.28
C ALA A 491 -47.96 36.17 19.52
N GLY A 492 -46.96 35.38 19.13
CA GLY A 492 -45.83 35.89 18.39
C GLY A 492 -46.21 36.55 17.09
N VAL A 493 -47.07 35.90 16.30
CA VAL A 493 -47.48 36.49 15.04
C VAL A 493 -48.23 37.80 15.26
N MET A 494 -49.08 37.84 16.30
CA MET A 494 -49.80 39.07 16.66
C MET A 494 -48.80 40.15 17.02
N LEU A 495 -47.96 39.86 18.02
CA LEU A 495 -46.94 40.81 18.44
C LEU A 495 -46.19 41.40 17.23
N TYR A 496 -45.64 40.55 16.39
CA TYR A 496 -44.89 41.00 15.23
C TYR A 496 -45.73 41.93 14.32
N LYS A 497 -46.90 41.45 13.92
CA LYS A 497 -47.80 42.23 13.07
C LYS A 497 -48.16 43.60 13.70
N ALA A 498 -48.38 43.61 15.01
CA ALA A 498 -48.62 44.85 15.75
C ALA A 498 -47.45 45.84 15.66
N ALA A 499 -46.25 45.37 16.00
CA ALA A 499 -45.04 46.17 15.89
C ALA A 499 -44.83 46.70 14.47
N GLY A 500 -45.27 45.93 13.48
CA GLY A 500 -45.19 46.34 12.08
C GLY A 500 -45.98 47.60 11.74
N LYS A 501 -47.26 47.64 12.09
CA LYS A 501 -48.06 48.84 11.85
C LYS A 501 -47.42 50.07 12.53
N ILE A 502 -47.11 49.94 13.81
CA ILE A 502 -46.48 51.03 14.54
C ILE A 502 -45.23 51.56 13.83
N ALA A 503 -44.37 50.65 13.40
CA ALA A 503 -43.11 51.03 12.76
C ALA A 503 -43.33 51.70 11.41
N SER A 504 -44.16 51.11 10.56
CA SER A 504 -44.45 51.70 9.26
C SER A 504 -44.96 53.14 9.39
N GLU A 505 -45.59 53.48 10.51
CA GLU A 505 -46.08 54.85 10.71
C GLU A 505 -44.98 55.80 11.19
N LYS A 506 -44.14 55.33 12.11
CA LYS A 506 -43.14 56.19 12.74
C LYS A 506 -41.83 56.34 11.96
N CYS A 507 -41.77 55.80 10.74
CA CYS A 507 -40.49 55.71 10.04
C CYS A 507 -40.43 56.60 8.81
N ASN A 508 -39.22 56.77 8.29
CA ASN A 508 -38.98 57.64 7.14
C ASN A 508 -38.48 56.89 5.92
N GLY A 509 -38.52 55.57 5.97
CA GLY A 509 -38.02 54.71 4.91
C GLY A 509 -37.58 53.36 5.42
N SER A 510 -36.97 52.55 4.54
CA SER A 510 -36.54 51.20 4.88
C SER A 510 -35.63 51.19 6.10
N GLY A 511 -34.70 52.12 6.11
CA GLY A 511 -33.70 52.17 7.16
C GLY A 511 -34.30 52.29 8.54
N SER A 512 -34.99 53.38 8.78
CA SER A 512 -35.59 53.59 10.07
C SER A 512 -36.69 52.57 10.37
N PHE A 513 -37.31 52.02 9.34
CA PHE A 513 -38.36 51.02 9.56
C PHE A 513 -37.83 49.86 10.39
N GLN A 514 -36.62 49.44 10.06
CA GLN A 514 -36.00 48.30 10.71
C GLN A 514 -35.80 48.58 12.19
N VAL A 515 -35.23 49.74 12.50
CA VAL A 515 -34.97 50.08 13.90
C VAL A 515 -36.24 50.45 14.69
N GLU A 516 -37.21 51.10 14.04
CA GLU A 516 -38.50 51.37 14.69
C GLU A 516 -39.28 50.09 15.01
N LEU A 517 -39.07 49.04 14.21
CA LEU A 517 -39.72 47.77 14.45
C LEU A 517 -39.16 47.13 15.72
N ILE A 518 -37.84 47.06 15.82
CA ILE A 518 -37.23 46.57 17.04
C ILE A 518 -37.73 47.36 18.26
N ASP A 519 -37.78 48.69 18.14
CA ASP A 519 -38.27 49.55 19.22
C ASP A 519 -39.71 49.20 19.60
N ALA A 520 -40.58 49.09 18.61
CA ALA A 520 -41.97 48.76 18.87
C ALA A 520 -42.12 47.43 19.58
N LEU A 521 -41.33 46.44 19.17
CA LEU A 521 -41.32 45.15 19.82
C LEU A 521 -40.95 45.33 21.29
N TYR A 522 -39.99 46.22 21.55
CA TYR A 522 -39.50 46.44 22.91
C TYR A 522 -40.55 47.13 23.78
N ARG A 523 -41.09 48.23 23.27
CA ARG A 523 -42.12 48.97 23.99
C ARG A 523 -43.37 48.11 24.21
N LEU A 524 -43.85 47.50 23.12
CA LEU A 524 -45.08 46.70 23.17
C LEU A 524 -45.06 45.66 24.29
N THR A 525 -43.92 45.01 24.51
CA THR A 525 -43.81 43.93 25.49
C THR A 525 -43.51 44.43 26.91
N ARG A 526 -42.91 45.61 27.02
CA ARG A 526 -42.65 46.18 28.34
C ARG A 526 -43.95 46.70 29.00
N GLU A 527 -44.98 46.89 28.19
CA GLU A 527 -46.34 47.14 28.67
C GLU A 527 -47.32 46.11 28.07
N ASN A 528 -47.61 45.04 28.80
CA ASN A 528 -48.54 44.05 28.29
C ASN A 528 -49.95 44.56 28.21
N THR A 529 -50.31 45.16 27.08
CA THR A 529 -51.68 45.64 26.96
C THR A 529 -52.26 45.30 25.59
N PRO A 530 -52.31 44.01 25.30
CA PRO A 530 -52.75 43.52 23.99
C PRO A 530 -54.11 44.08 23.60
N VAL A 531 -54.94 44.46 24.58
CA VAL A 531 -56.22 45.13 24.27
C VAL A 531 -56.00 46.33 23.33
N THR A 532 -54.85 46.98 23.49
CA THR A 532 -54.40 48.08 22.63
C THR A 532 -54.06 47.73 21.17
N TRP A 533 -53.43 46.58 20.92
CA TRP A 533 -52.78 46.30 19.63
C TRP A 533 -53.71 46.23 18.41
N ALA A 534 -53.24 46.80 17.31
CA ALA A 534 -53.97 46.90 16.04
C ALA A 534 -54.53 45.62 15.41
N PRO A 535 -53.72 44.54 15.35
CA PRO A 535 -54.07 43.37 14.52
C PRO A 535 -55.33 42.63 14.99
N LYS A 536 -56.23 42.36 14.04
CA LYS A 536 -57.40 41.53 14.28
C LYS A 536 -57.11 40.01 14.12
N LEU A 537 -57.72 39.21 14.99
CA LEU A 537 -57.55 37.76 14.95
C LEU A 537 -58.87 37.06 14.70
N THR A 538 -59.03 36.48 13.51
CA THR A 538 -60.30 35.81 13.15
C THR A 538 -60.11 34.28 13.02
N HIS A 539 -61.20 33.57 12.74
CA HIS A 539 -61.10 32.16 12.37
C HIS A 539 -60.94 32.06 10.86
N THR A 540 -60.34 30.97 10.38
CA THR A 540 -60.14 30.79 8.95
C THR A 540 -61.20 29.85 8.38
N LYS B 2 13.81 -14.93 53.09
CA LYS B 2 15.16 -14.60 52.64
C LYS B 2 15.97 -15.87 52.33
N PHE B 3 16.35 -16.05 51.07
CA PHE B 3 17.15 -17.20 50.66
C PHE B 3 18.63 -16.83 50.55
N SER B 4 19.49 -17.83 50.51
CA SER B 4 20.92 -17.60 50.28
C SER B 4 21.40 -18.37 49.05
N LYS B 5 22.52 -17.93 48.47
CA LYS B 5 23.13 -18.61 47.32
C LYS B 5 22.79 -20.11 47.19
N GLU B 6 23.03 -20.86 48.28
CA GLU B 6 22.99 -22.32 48.24
C GLU B 6 21.59 -22.92 48.36
N GLN B 7 20.61 -22.08 48.68
CA GLN B 7 19.23 -22.56 48.78
C GLN B 7 18.54 -22.49 47.43
N PHE B 8 19.20 -21.87 46.46
CA PHE B 8 18.59 -21.62 45.16
C PHE B 8 18.56 -22.90 44.36
N ASP B 9 17.36 -23.29 43.93
CA ASP B 9 17.17 -24.47 43.09
C ASP B 9 16.87 -24.07 41.63
N TYR B 10 17.86 -24.23 40.76
CA TYR B 10 17.73 -23.75 39.38
C TYR B 10 17.02 -24.72 38.44
N SER B 11 16.50 -25.82 38.98
CA SER B 11 15.87 -26.89 38.20
C SER B 11 15.09 -26.41 36.98
N LEU B 12 13.90 -25.89 37.24
CA LEU B 12 13.05 -25.37 36.18
C LEU B 12 12.84 -23.89 36.47
N TYR B 13 13.47 -23.05 35.67
CA TYR B 13 13.59 -21.62 35.95
C TYR B 13 12.69 -20.85 34.98
N LEU B 14 11.62 -20.26 35.52
CA LEU B 14 10.61 -19.56 34.70
C LEU B 14 10.91 -18.09 34.56
N VAL B 15 11.14 -17.66 33.31
CA VAL B 15 11.39 -16.25 33.01
C VAL B 15 10.15 -15.67 32.33
N THR B 16 9.52 -14.66 32.93
CA THR B 16 8.28 -14.11 32.40
C THR B 16 8.47 -13.13 31.24
N ASP B 17 7.39 -12.87 30.53
CA ASP B 17 7.38 -11.88 29.46
C ASP B 17 5.94 -11.41 29.33
N SER B 18 5.69 -10.16 29.71
CA SER B 18 4.34 -9.64 29.93
C SER B 18 3.45 -9.62 28.67
N GLY B 19 4.01 -9.19 27.54
CA GLY B 19 3.26 -9.08 26.30
C GLY B 19 3.34 -10.33 25.44
N MET B 20 2.87 -11.45 25.98
CA MET B 20 2.98 -12.72 25.30
C MET B 20 1.95 -13.67 25.90
N ILE B 21 1.22 -13.14 26.89
CA ILE B 21 0.17 -13.88 27.57
C ILE B 21 -1.09 -13.98 26.71
N PRO B 22 -1.63 -15.20 26.58
CA PRO B 22 -2.85 -15.42 25.80
C PRO B 22 -4.05 -14.71 26.41
N GLU B 23 -5.05 -14.39 25.60
CA GLU B 23 -6.24 -13.70 26.10
C GLU B 23 -6.96 -14.46 27.21
N GLY B 24 -7.46 -13.72 28.18
CA GLY B 24 -8.23 -14.33 29.26
C GLY B 24 -7.35 -14.95 30.31
N LYS B 25 -6.05 -14.68 30.20
CA LYS B 25 -5.08 -15.18 31.16
C LYS B 25 -4.19 -14.06 31.67
N THR B 26 -3.80 -14.14 32.94
CA THR B 26 -2.96 -13.10 33.55
C THR B 26 -1.57 -13.62 33.85
N LEU B 27 -0.63 -12.71 34.05
CA LEU B 27 0.71 -13.12 34.44
C LEU B 27 0.69 -13.84 35.78
N TYR B 28 -0.12 -13.34 36.71
CA TYR B 28 -0.30 -14.01 37.99
C TYR B 28 -0.79 -15.45 37.75
N GLY B 29 -1.78 -15.57 36.89
CA GLY B 29 -2.38 -16.86 36.58
C GLY B 29 -1.39 -17.89 36.06
N GLN B 30 -0.57 -17.48 35.09
CA GLN B 30 0.44 -18.35 34.52
C GLN B 30 1.50 -18.72 35.55
N VAL B 31 2.09 -17.70 36.19
CA VAL B 31 3.14 -17.96 37.17
C VAL B 31 2.62 -18.85 38.30
N GLU B 32 1.34 -18.73 38.62
CA GLU B 32 0.76 -19.57 39.65
C GLU B 32 0.76 -21.05 39.20
N ALA B 33 0.26 -21.29 37.99
CA ALA B 33 0.17 -22.64 37.46
C ALA B 33 1.54 -23.32 37.39
N GLY B 34 2.57 -22.54 37.10
CA GLY B 34 3.90 -23.09 36.97
C GLY B 34 4.60 -23.35 38.30
N LEU B 35 4.11 -22.73 39.36
CA LEU B 35 4.66 -22.94 40.69
C LEU B 35 4.05 -24.19 41.30
N GLN B 36 2.80 -24.45 40.96
CA GLN B 36 2.10 -25.61 41.47
C GLN B 36 2.56 -26.90 40.83
N ASN B 37 3.43 -26.79 39.82
CA ASN B 37 3.88 -27.97 39.08
C ASN B 37 5.37 -28.07 38.76
N GLY B 38 6.20 -27.22 39.36
CA GLY B 38 7.63 -27.22 39.10
C GLY B 38 8.20 -25.84 39.37
N VAL B 39 8.50 -25.12 38.30
CA VAL B 39 9.07 -23.79 38.43
C VAL B 39 9.64 -23.63 39.86
N THR B 40 10.95 -23.77 39.98
CA THR B 40 11.60 -23.76 41.28
C THR B 40 12.31 -22.42 41.48
N LEU B 41 12.21 -21.58 40.46
CA LEU B 41 12.77 -20.25 40.49
C LEU B 41 11.97 -19.43 39.49
N VAL B 42 11.98 -18.12 39.65
CA VAL B 42 11.18 -17.24 38.82
C VAL B 42 11.83 -15.86 38.61
N GLN B 43 11.87 -15.41 37.36
CA GLN B 43 12.41 -14.09 37.02
C GLN B 43 11.36 -13.21 36.37
N ILE B 44 11.29 -11.96 36.78
CA ILE B 44 10.35 -11.00 36.24
C ILE B 44 11.07 -9.93 35.40
N ARG B 45 10.53 -9.64 34.23
CA ARG B 45 11.08 -8.58 33.37
C ARG B 45 10.03 -7.51 33.12
N GLU B 46 10.48 -6.36 32.62
CA GLU B 46 9.61 -5.34 32.05
C GLU B 46 10.44 -4.23 31.47
N LYS B 47 10.59 -4.25 30.15
CA LYS B 47 11.41 -3.28 29.43
C LYS B 47 10.57 -2.30 28.61
N ASP B 48 9.25 -2.39 28.77
CA ASP B 48 8.33 -1.54 28.01
C ASP B 48 7.18 -1.01 28.88
N ALA B 49 7.33 -1.11 30.20
CA ALA B 49 6.30 -0.64 31.11
C ALA B 49 6.67 0.65 31.85
N ASP B 50 5.71 1.19 32.60
CA ASP B 50 5.92 2.29 33.53
C ASP B 50 6.50 1.71 34.83
N THR B 51 7.61 2.29 35.32
CA THR B 51 8.35 1.76 36.46
C THR B 51 7.51 1.57 37.74
N LYS B 52 6.31 2.13 37.78
CA LYS B 52 5.49 2.02 38.99
C LYS B 52 4.57 0.82 38.92
N PHE B 53 4.00 0.58 37.73
CA PHE B 53 3.22 -0.64 37.51
C PHE B 53 4.12 -1.86 37.70
N PHE B 54 5.38 -1.73 37.27
CA PHE B 54 6.39 -2.77 37.44
C PHE B 54 6.47 -3.19 38.91
N ILE B 55 6.73 -2.21 39.77
CA ILE B 55 6.89 -2.48 41.19
C ILE B 55 5.65 -3.12 41.83
N GLU B 56 4.46 -2.73 41.40
CA GLU B 56 3.23 -3.29 41.96
C GLU B 56 3.08 -4.75 41.56
N GLU B 57 3.48 -5.07 40.33
CA GLU B 57 3.38 -6.43 39.81
C GLU B 57 4.43 -7.29 40.48
N ALA B 58 5.60 -6.70 40.74
CA ALA B 58 6.71 -7.43 41.37
C ALA B 58 6.37 -7.86 42.79
N LEU B 59 5.79 -6.95 43.57
CA LEU B 59 5.35 -7.29 44.92
C LEU B 59 4.24 -8.33 44.88
N GLN B 60 3.28 -8.12 43.99
CA GLN B 60 2.15 -9.04 43.87
C GLN B 60 2.64 -10.46 43.62
N ILE B 61 3.71 -10.57 42.83
CA ILE B 61 4.26 -11.85 42.43
C ILE B 61 5.30 -12.39 43.42
N LYS B 62 5.95 -11.52 44.16
CA LYS B 62 6.85 -11.96 45.22
C LYS B 62 6.07 -12.72 46.30
N GLU B 63 4.89 -12.23 46.68
CA GLU B 63 4.03 -12.93 47.62
C GLU B 63 3.71 -14.34 47.14
N LEU B 64 3.37 -14.46 45.86
CA LEU B 64 3.07 -15.76 45.28
C LEU B 64 4.28 -16.69 45.39
N CYS B 65 5.44 -16.22 44.96
CA CYS B 65 6.63 -17.05 44.99
C CYS B 65 7.00 -17.46 46.41
N HIS B 66 7.13 -16.48 47.29
CA HIS B 66 7.43 -16.73 48.70
C HIS B 66 6.42 -17.72 49.29
N ALA B 67 5.16 -17.57 48.91
CA ALA B 67 4.13 -18.52 49.34
C ALA B 67 4.52 -19.95 48.99
N HIS B 68 5.12 -20.15 47.82
CA HIS B 68 5.55 -21.48 47.39
C HIS B 68 7.03 -21.71 47.69
N ASN B 69 7.58 -20.88 48.55
CA ASN B 69 8.98 -21.02 48.96
C ASN B 69 9.95 -21.04 47.78
N VAL B 70 9.75 -20.12 46.84
CA VAL B 70 10.67 -19.96 45.71
C VAL B 70 11.05 -18.49 45.52
N PRO B 71 12.36 -18.24 45.31
CA PRO B 71 12.91 -16.88 45.20
C PRO B 71 12.36 -16.14 43.99
N LEU B 72 12.40 -14.81 44.04
CA LEU B 72 12.02 -14.00 42.89
C LEU B 72 13.23 -13.20 42.41
N ILE B 73 13.54 -13.30 41.13
CA ILE B 73 14.65 -12.56 40.55
C ILE B 73 14.13 -11.46 39.61
N ILE B 74 14.84 -10.33 39.57
CA ILE B 74 14.43 -9.20 38.78
C ILE B 74 15.50 -8.77 37.77
N ASN B 75 15.09 -8.31 36.60
CA ASN B 75 16.03 -7.92 35.56
C ASN B 75 15.46 -6.80 34.74
N ASP B 76 16.23 -5.75 34.48
CA ASP B 76 17.59 -5.59 34.94
C ASP B 76 17.62 -4.37 35.87
N ARG B 77 16.46 -4.07 36.43
CA ARG B 77 16.35 -2.88 37.27
C ARG B 77 16.80 -3.20 38.69
N ILE B 78 18.08 -2.96 38.92
CA ILE B 78 18.67 -3.19 40.24
C ILE B 78 17.97 -2.38 41.32
N ASP B 79 17.63 -1.13 41.01
CA ASP B 79 16.90 -0.28 41.94
C ASP B 79 15.56 -0.90 42.37
N VAL B 80 14.74 -1.33 41.42
CA VAL B 80 13.48 -1.99 41.74
C VAL B 80 13.76 -3.23 42.59
N ALA B 81 14.88 -3.87 42.32
CA ALA B 81 15.28 -5.08 43.06
C ALA B 81 15.48 -4.77 44.55
N MET B 82 16.30 -3.76 44.84
CA MET B 82 16.53 -3.35 46.22
C MET B 82 15.24 -2.87 46.86
N ALA B 83 14.50 -2.05 46.12
CA ALA B 83 13.30 -1.40 46.64
C ALA B 83 12.24 -2.37 47.14
N ILE B 84 12.09 -3.52 46.46
CA ILE B 84 11.04 -4.45 46.85
C ILE B 84 11.59 -5.64 47.61
N GLY B 85 12.88 -5.61 47.93
CA GLY B 85 13.49 -6.71 48.65
C GLY B 85 13.40 -8.00 47.88
N ALA B 86 13.93 -7.98 46.66
CA ALA B 86 13.95 -9.14 45.80
C ALA B 86 15.07 -10.06 46.25
N ASP B 87 15.10 -11.28 45.71
CA ASP B 87 16.04 -12.30 46.14
C ASP B 87 17.27 -12.35 45.25
N GLY B 88 17.18 -11.73 44.08
CA GLY B 88 18.29 -11.69 43.16
C GLY B 88 17.99 -10.89 41.92
N ILE B 89 19.03 -10.59 41.15
CA ILE B 89 18.86 -9.84 39.92
C ILE B 89 19.61 -10.47 38.77
N HIS B 90 19.04 -10.40 37.57
CA HIS B 90 19.72 -10.85 36.38
C HIS B 90 20.08 -9.67 35.50
N VAL B 91 21.29 -9.67 34.96
CA VAL B 91 21.66 -8.62 34.02
C VAL B 91 22.33 -9.22 32.80
N GLY B 92 22.27 -8.48 31.70
CA GLY B 92 22.82 -8.96 30.44
C GLY B 92 24.23 -8.43 30.26
N GLN B 93 24.82 -8.80 29.13
CA GLN B 93 26.19 -8.45 28.83
C GLN B 93 26.29 -6.94 28.59
N ASP B 94 25.19 -6.34 28.17
CA ASP B 94 25.19 -4.92 27.83
C ASP B 94 24.51 -4.08 28.91
N ASP B 95 24.32 -4.65 30.08
CA ASP B 95 23.71 -3.92 31.19
C ASP B 95 24.77 -3.47 32.18
N MET B 96 24.36 -3.04 33.37
CA MET B 96 25.29 -2.49 34.35
C MET B 96 26.41 -3.46 34.71
N PRO B 97 27.68 -3.01 34.63
CA PRO B 97 28.86 -3.83 34.97
C PRO B 97 28.72 -4.51 36.34
N ILE B 98 29.21 -5.74 36.46
CA ILE B 98 28.90 -6.56 37.64
C ILE B 98 29.42 -6.03 38.98
N PRO B 99 30.71 -5.65 39.05
CA PRO B 99 31.23 -4.97 40.24
C PRO B 99 30.33 -3.83 40.76
N MET B 100 29.94 -2.88 39.89
CA MET B 100 29.01 -1.80 40.27
C MET B 100 27.75 -2.32 40.93
N ILE B 101 27.23 -3.43 40.40
CA ILE B 101 25.98 -4.00 40.91
C ILE B 101 26.19 -4.50 42.31
N ARG B 102 27.28 -5.24 42.48
CA ARG B 102 27.62 -5.85 43.76
C ARG B 102 27.75 -4.79 44.84
N LYS B 103 28.38 -3.67 44.48
CA LYS B 103 28.55 -2.58 45.43
C LYS B 103 27.19 -2.04 45.94
N LEU B 104 26.16 -2.01 45.09
CA LEU B 104 24.87 -1.41 45.49
C LEU B 104 24.00 -2.39 46.27
N VAL B 105 23.96 -3.63 45.82
CA VAL B 105 23.03 -4.61 46.41
C VAL B 105 23.65 -5.31 47.60
N GLY B 106 24.97 -5.22 47.71
CA GLY B 106 25.72 -5.86 48.79
C GLY B 106 25.57 -7.36 48.75
N PRO B 107 26.53 -8.10 49.35
CA PRO B 107 26.52 -9.56 49.40
C PRO B 107 25.16 -10.14 49.77
N ASP B 108 24.99 -11.45 49.67
CA ASP B 108 23.73 -12.12 50.01
C ASP B 108 22.75 -12.25 48.84
N MET B 109 22.80 -11.33 47.90
CA MET B 109 21.87 -11.34 46.78
C MET B 109 22.46 -12.07 45.57
N VAL B 110 21.64 -12.90 44.94
CA VAL B 110 22.08 -13.65 43.77
C VAL B 110 22.25 -12.75 42.54
N ILE B 111 23.35 -12.89 41.84
CA ILE B 111 23.54 -12.10 40.63
C ILE B 111 23.71 -13.00 39.41
N GLY B 112 22.72 -12.98 38.53
CA GLY B 112 22.78 -13.75 37.29
C GLY B 112 23.33 -12.95 36.12
N TRP B 113 24.06 -13.62 35.25
CA TRP B 113 24.70 -12.95 34.12
C TRP B 113 24.45 -13.75 32.84
N SER B 114 24.00 -13.09 31.77
CA SER B 114 23.85 -13.74 30.47
C SER B 114 25.22 -13.93 29.85
N VAL B 115 25.53 -15.19 29.51
CA VAL B 115 26.84 -15.52 28.98
C VAL B 115 26.71 -16.42 27.77
N GLY B 116 27.37 -16.08 26.68
CA GLY B 116 27.27 -16.87 25.47
C GLY B 116 28.61 -17.36 24.93
N PHE B 117 29.69 -16.86 25.52
CA PHE B 117 31.02 -17.20 25.04
C PHE B 117 31.96 -17.48 26.19
N PRO B 118 32.95 -18.36 25.98
CA PRO B 118 34.00 -18.65 26.96
C PRO B 118 34.74 -17.41 27.41
N GLU B 119 35.10 -16.54 26.45
CA GLU B 119 35.75 -15.27 26.75
C GLU B 119 35.11 -14.55 27.92
N GLU B 120 33.78 -14.63 28.00
CA GLU B 120 33.03 -13.96 29.06
C GLU B 120 33.07 -14.76 30.36
N VAL B 121 33.44 -16.04 30.25
CA VAL B 121 33.59 -16.88 31.45
C VAL B 121 34.91 -16.53 32.13
N ASP B 122 35.93 -16.25 31.31
CA ASP B 122 37.20 -15.75 31.82
C ASP B 122 37.01 -14.49 32.68
N GLU B 123 36.28 -13.49 32.14
CA GLU B 123 36.01 -12.26 32.88
C GLU B 123 35.29 -12.55 34.18
N LEU B 124 34.27 -13.39 34.08
CA LEU B 124 33.48 -13.81 35.25
C LEU B 124 34.38 -14.36 36.37
N SER B 125 35.50 -14.97 35.95
CA SER B 125 36.42 -15.69 36.84
C SER B 125 37.46 -14.80 37.52
N LYS B 126 38.11 -13.93 36.76
CA LYS B 126 39.02 -12.96 37.34
C LYS B 126 38.27 -11.94 38.25
N MET B 127 37.00 -12.22 38.55
CA MET B 127 36.23 -11.40 39.49
C MET B 127 35.99 -12.15 40.81
N GLY B 128 36.21 -13.46 40.79
CA GLY B 128 36.08 -14.27 41.98
C GLY B 128 34.65 -14.37 42.48
N PRO B 129 34.44 -15.09 43.58
CA PRO B 129 33.13 -15.39 44.18
C PRO B 129 32.38 -14.17 44.71
N ASP B 130 31.16 -14.40 45.22
CA ASP B 130 30.19 -13.33 45.52
C ASP B 130 30.34 -12.08 44.61
N MET B 131 30.74 -12.31 43.36
CA MET B 131 30.32 -11.45 42.27
C MET B 131 29.26 -12.26 41.53
N VAL B 132 29.58 -12.90 40.40
CA VAL B 132 28.56 -13.61 39.63
C VAL B 132 28.20 -14.97 40.20
N ASP B 133 26.92 -15.17 40.53
CA ASP B 133 26.46 -16.40 41.19
C ASP B 133 26.00 -17.46 40.20
N TYR B 134 25.36 -17.05 39.12
CA TYR B 134 24.91 -18.00 38.09
C TYR B 134 24.91 -17.34 36.72
N ILE B 135 24.80 -18.15 35.68
CA ILE B 135 24.78 -17.62 34.33
C ILE B 135 23.76 -18.33 33.46
N GLY B 136 23.08 -17.56 32.61
CA GLY B 136 22.21 -18.10 31.59
C GLY B 136 23.02 -18.27 30.33
N VAL B 137 23.22 -19.52 29.90
CA VAL B 137 24.10 -19.78 28.77
C VAL B 137 23.45 -19.46 27.43
N GLY B 138 24.01 -18.41 26.79
CA GLY B 138 23.76 -17.98 25.42
C GLY B 138 22.34 -18.13 24.94
N THR B 139 22.12 -18.07 23.64
CA THR B 139 20.83 -18.51 23.13
C THR B 139 21.02 -19.84 22.44
N LEU B 140 20.53 -20.90 23.08
CA LEU B 140 20.79 -22.26 22.62
C LEU B 140 20.25 -22.53 21.19
N PHE B 141 18.99 -22.17 20.99
CA PHE B 141 18.33 -22.35 19.70
C PHE B 141 17.60 -21.06 19.32
N PRO B 142 17.21 -20.93 18.04
CA PRO B 142 16.59 -19.67 17.59
C PRO B 142 15.21 -19.48 18.20
N THR B 143 14.81 -18.23 18.38
CA THR B 143 13.57 -17.92 19.09
C THR B 143 13.05 -16.53 18.71
N LEU B 144 11.73 -16.34 18.78
CA LEU B 144 11.11 -15.04 18.48
C LEU B 144 10.91 -14.18 19.73
N THR B 145 11.34 -14.68 20.88
CA THR B 145 11.04 -14.01 22.15
C THR B 145 11.93 -12.81 22.46
N LYS B 146 13.23 -12.93 22.13
CA LYS B 146 14.16 -11.82 22.32
C LYS B 146 14.14 -10.94 21.07
N LYS B 147 13.98 -9.63 21.26
CA LYS B 147 13.66 -8.73 20.14
C LYS B 147 14.87 -8.20 19.34
N ASN B 148 16.08 -8.42 19.84
CA ASN B 148 17.28 -7.95 19.14
C ASN B 148 18.27 -9.07 18.79
N PRO B 149 18.90 -9.65 19.82
CA PRO B 149 19.86 -10.74 19.63
C PRO B 149 21.18 -10.23 19.05
N GLY B 155 24.58 -23.24 19.78
CA GLY B 155 23.88 -24.50 20.05
C GLY B 155 24.42 -25.27 21.26
N THR B 156 24.13 -26.57 21.40
CA THR B 156 24.70 -27.31 22.54
C THR B 156 26.22 -27.34 22.46
N ALA B 157 26.75 -27.42 21.24
CA ALA B 157 28.19 -27.38 21.05
C ALA B 157 28.74 -26.13 21.69
N GLY B 158 27.99 -25.03 21.58
CA GLY B 158 28.41 -23.76 22.12
C GLY B 158 28.33 -23.72 23.63
N ALA B 159 27.31 -24.37 24.19
CA ALA B 159 27.13 -24.39 25.64
C ALA B 159 28.27 -25.17 26.25
N ILE B 160 28.71 -26.23 25.58
CA ILE B 160 29.81 -27.06 26.07
C ILE B 160 31.09 -26.25 26.24
N ARG B 161 31.44 -25.50 25.20
CA ARG B 161 32.60 -24.61 25.27
C ARG B 161 32.57 -23.71 26.52
N VAL B 162 31.36 -23.35 26.97
CA VAL B 162 31.21 -22.47 28.12
C VAL B 162 31.38 -23.23 29.42
N LEU B 163 30.75 -24.39 29.52
CA LEU B 163 30.92 -25.25 30.67
C LEU B 163 32.38 -25.68 30.81
N ASP B 164 33.06 -25.85 29.68
CA ASP B 164 34.47 -26.20 29.72
C ASP B 164 35.32 -25.08 30.30
N ALA B 165 34.96 -23.84 30.00
CA ALA B 165 35.71 -22.71 30.52
C ALA B 165 35.46 -22.57 32.02
N LEU B 166 34.25 -22.89 32.44
CA LEU B 166 33.90 -22.84 33.87
C LEU B 166 34.72 -23.85 34.64
N GLU B 167 35.37 -24.76 33.94
CA GLU B 167 36.08 -25.83 34.60
C GLU B 167 37.58 -25.58 34.55
N ARG B 168 38.07 -25.22 33.37
CA ARG B 168 39.44 -24.76 33.22
C ARG B 168 39.73 -23.60 34.18
N ASN B 169 38.73 -22.77 34.48
CA ASN B 169 38.93 -21.63 35.39
C ASN B 169 38.57 -21.95 36.83
N ASN B 170 38.11 -23.18 37.04
CA ASN B 170 37.61 -23.59 38.34
C ASN B 170 36.72 -22.54 39.01
N ALA B 171 35.63 -22.18 38.35
CA ALA B 171 34.65 -21.27 38.92
C ALA B 171 33.59 -22.06 39.69
N HIS B 172 34.04 -22.80 40.68
CA HIS B 172 33.19 -23.69 41.44
C HIS B 172 31.92 -23.02 41.97
N TRP B 173 31.92 -21.68 42.03
CA TRP B 173 30.89 -20.93 42.76
C TRP B 173 29.72 -20.49 41.91
N CYS B 174 29.80 -20.81 40.61
CA CYS B 174 28.90 -20.27 39.60
C CYS B 174 28.01 -21.36 39.00
N ARG B 175 26.71 -21.31 39.26
CA ARG B 175 25.78 -22.26 38.65
C ARG B 175 25.49 -21.89 37.20
N THR B 176 24.78 -22.77 36.50
CA THR B 176 24.41 -22.50 35.11
C THR B 176 23.00 -23.00 34.80
N VAL B 177 22.24 -22.19 34.06
CA VAL B 177 21.02 -22.64 33.42
C VAL B 177 21.12 -22.41 31.93
N GLY B 178 20.49 -23.28 31.14
CA GLY B 178 20.46 -23.12 29.69
C GLY B 178 19.19 -22.40 29.29
N ILE B 179 19.25 -21.60 28.24
CA ILE B 179 18.08 -20.79 27.88
C ILE B 179 17.95 -20.51 26.39
N GLY B 180 16.71 -20.43 25.92
CA GLY B 180 16.47 -19.96 24.56
C GLY B 180 16.03 -21.00 23.55
N GLY B 181 14.72 -21.13 23.40
CA GLY B 181 14.17 -22.03 22.40
C GLY B 181 14.02 -23.42 22.97
N LEU B 182 13.99 -23.50 24.29
CA LEU B 182 13.89 -24.80 24.95
C LEU B 182 12.44 -25.22 25.01
N HIS B 183 12.14 -26.40 24.45
CA HIS B 183 10.79 -26.97 24.46
C HIS B 183 10.87 -28.49 24.64
N PRO B 184 9.72 -29.14 24.79
CA PRO B 184 9.75 -30.60 25.04
C PRO B 184 10.45 -31.38 23.93
N ASP B 185 10.56 -30.80 22.74
CA ASP B 185 11.15 -31.49 21.60
C ASP B 185 12.68 -31.47 21.59
N ASN B 186 13.29 -30.88 22.61
CA ASN B 186 14.74 -30.74 22.61
C ASN B 186 15.32 -30.56 24.01
N ILE B 187 14.49 -30.69 25.03
CA ILE B 187 14.97 -30.51 26.39
C ILE B 187 15.85 -31.66 26.85
N GLU B 188 15.43 -32.90 26.59
CA GLU B 188 16.26 -34.02 26.99
C GLU B 188 17.58 -33.99 26.23
N ARG B 189 17.53 -33.69 24.93
CA ARG B 189 18.79 -33.64 24.19
C ARG B 189 19.72 -32.57 24.71
N VAL B 190 19.17 -31.46 25.18
CA VAL B 190 19.97 -30.39 25.75
C VAL B 190 20.62 -30.83 27.05
N LEU B 191 19.83 -31.39 27.96
CA LEU B 191 20.35 -31.89 29.24
C LEU B 191 21.42 -32.96 28.99
N TYR B 192 21.21 -33.77 27.96
CA TYR B 192 22.03 -34.94 27.68
C TYR B 192 23.42 -34.60 27.19
N GLN B 193 23.52 -33.64 26.27
CA GLN B 193 24.82 -33.32 25.70
C GLN B 193 25.49 -32.04 26.20
N CYS B 194 24.82 -31.30 27.07
CA CYS B 194 25.45 -30.15 27.72
C CYS B 194 26.22 -30.56 28.96
N VAL B 195 27.43 -31.09 28.77
CA VAL B 195 28.26 -31.52 29.88
C VAL B 195 29.69 -31.10 29.66
N SER B 196 30.38 -30.82 30.74
CA SER B 196 31.80 -30.51 30.71
C SER B 196 32.55 -31.65 29.99
N SER B 197 33.67 -31.35 29.36
CA SER B 197 34.41 -32.38 28.65
C SER B 197 34.98 -33.38 29.63
N ASN B 198 35.23 -32.93 30.85
CA ASN B 198 35.76 -33.81 31.86
C ASN B 198 34.64 -34.54 32.60
N GLY B 199 33.40 -34.30 32.18
CA GLY B 199 32.26 -35.02 32.71
C GLY B 199 31.82 -34.59 34.10
N LYS B 200 32.53 -33.65 34.68
CA LYS B 200 32.23 -33.27 36.06
C LYS B 200 31.13 -32.22 36.22
N ARG B 201 30.78 -31.52 35.14
CA ARG B 201 29.81 -30.42 35.23
C ARG B 201 28.74 -30.45 34.14
N SER B 202 27.48 -30.26 34.52
CA SER B 202 26.39 -30.08 33.57
C SER B 202 25.46 -28.92 33.97
N LEU B 203 24.40 -28.70 33.18
CA LEU B 203 23.48 -27.60 33.47
C LEU B 203 22.78 -27.82 34.80
N ASP B 204 22.66 -26.77 35.61
CA ASP B 204 22.02 -26.89 36.91
C ASP B 204 20.52 -26.76 36.77
N GLY B 205 20.09 -26.40 35.56
CA GLY B 205 18.67 -26.24 35.29
C GLY B 205 18.36 -25.70 33.91
N ILE B 206 17.06 -25.55 33.65
CA ILE B 206 16.56 -25.16 32.33
C ILE B 206 15.62 -23.95 32.39
N CYS B 207 15.78 -23.03 31.44
CA CYS B 207 14.96 -21.80 31.41
C CYS B 207 13.96 -21.75 30.28
N VAL B 208 12.70 -21.46 30.61
CA VAL B 208 11.70 -21.31 29.59
C VAL B 208 10.95 -20.01 29.76
N VAL B 209 10.48 -19.48 28.64
CA VAL B 209 9.59 -18.32 28.63
C VAL B 209 8.32 -18.70 27.90
N SER B 210 8.40 -18.75 26.59
CA SER B 210 7.24 -19.06 25.78
C SER B 210 6.58 -20.42 26.08
N ASP B 211 7.35 -21.41 26.51
CA ASP B 211 6.77 -22.74 26.65
C ASP B 211 5.71 -22.81 27.76
N ILE B 212 5.84 -21.94 28.77
CA ILE B 212 4.89 -21.91 29.87
C ILE B 212 4.00 -20.65 29.79
N ILE B 213 4.64 -19.49 29.69
CA ILE B 213 3.92 -18.22 29.62
C ILE B 213 2.86 -18.18 28.54
N ALA B 214 3.25 -18.50 27.31
CA ALA B 214 2.37 -18.40 26.14
C ALA B 214 1.45 -19.61 25.96
N SER B 215 1.42 -20.49 26.95
CA SER B 215 0.64 -21.71 26.86
C SER B 215 -0.83 -21.51 27.22
N LEU B 216 -1.71 -22.12 26.42
CA LEU B 216 -3.14 -22.12 26.73
C LEU B 216 -3.47 -22.93 28.00
N ASP B 217 -2.62 -23.88 28.33
CA ASP B 217 -2.74 -24.63 29.59
C ASP B 217 -1.38 -24.72 30.28
N ALA B 218 -1.06 -23.69 31.04
CA ALA B 218 0.26 -23.58 31.67
C ALA B 218 0.54 -24.68 32.70
N ALA B 219 -0.51 -25.17 33.35
CA ALA B 219 -0.33 -26.24 34.33
C ALA B 219 0.23 -27.49 33.66
N LYS B 220 -0.38 -27.88 32.55
CA LYS B 220 0.00 -29.08 31.81
C LYS B 220 1.40 -28.95 31.22
N SER B 221 1.64 -27.82 30.56
CA SER B 221 2.94 -27.57 29.96
C SER B 221 4.07 -27.72 30.96
N THR B 222 3.85 -27.21 32.17
CA THR B 222 4.85 -27.28 33.22
C THR B 222 5.04 -28.71 33.70
N LYS B 223 3.93 -29.42 33.90
CA LYS B 223 3.99 -30.80 34.36
C LYS B 223 4.86 -31.61 33.40
N ILE B 224 4.77 -31.29 32.12
CA ILE B 224 5.56 -31.96 31.09
C ILE B 224 7.07 -31.66 31.20
N LEU B 225 7.42 -30.39 31.31
CA LEU B 225 8.82 -30.00 31.47
C LEU B 225 9.42 -30.64 32.72
N ARG B 226 8.63 -30.70 33.79
CA ARG B 226 9.09 -31.34 35.01
C ARG B 226 9.42 -32.79 34.78
N GLY B 227 8.52 -33.52 34.13
CA GLY B 227 8.75 -34.91 33.79
C GLY B 227 10.11 -35.13 33.16
N LEU B 228 10.42 -34.32 32.14
CA LEU B 228 11.69 -34.43 31.42
C LEU B 228 12.91 -34.12 32.26
N ILE B 229 12.83 -33.07 33.07
CA ILE B 229 14.00 -32.65 33.83
C ILE B 229 14.45 -33.63 34.91
N ASP B 230 13.50 -34.24 35.63
CA ASP B 230 13.88 -35.13 36.73
C ASP B 230 13.80 -36.61 36.37
N LYS B 231 13.79 -36.88 35.07
CA LYS B 231 14.09 -38.21 34.52
C LYS B 231 15.62 -38.31 34.42
N THR B 232 16.15 -39.46 34.05
CA THR B 232 17.61 -39.56 33.91
C THR B 232 18.08 -40.30 32.67
N ASP B 233 17.15 -40.91 31.93
CA ASP B 233 17.51 -41.66 30.74
C ASP B 233 16.99 -40.97 29.51
N TYR B 234 17.84 -40.84 28.50
CA TYR B 234 17.40 -40.40 27.19
C TYR B 234 17.64 -41.53 26.17
N LYS B 235 16.66 -42.43 26.06
CA LYS B 235 16.71 -43.53 25.10
C LYS B 235 16.36 -43.00 23.71
N PHE B 236 17.34 -42.42 23.03
CA PHE B 236 17.07 -41.64 21.81
C PHE B 236 16.95 -42.48 20.56
N VAL B 237 17.20 -43.77 20.70
CA VAL B 237 17.04 -44.69 19.60
C VAL B 237 16.59 -46.04 20.15
N ASN B 238 15.73 -46.73 19.41
CA ASN B 238 15.25 -48.04 19.86
C ASN B 238 16.24 -49.18 19.61
N ILE B 239 17.43 -49.00 20.17
CA ILE B 239 18.47 -50.01 20.19
C ILE B 239 19.12 -49.92 21.56
N GLY B 240 19.81 -50.97 21.98
CA GLY B 240 20.47 -50.95 23.28
C GLY B 240 21.61 -49.95 23.29
N LEU B 241 21.83 -49.29 24.42
CA LEU B 241 22.95 -48.35 24.52
C LEU B 241 23.97 -48.77 25.58
N SER B 242 23.79 -49.98 26.13
CA SER B 242 24.67 -50.51 27.17
C SER B 242 26.14 -50.36 26.78
N THR B 243 26.97 -49.97 27.75
CA THR B 243 28.41 -49.91 27.53
C THR B 243 29.00 -51.32 27.44
N LYS B 244 29.68 -51.59 26.34
CA LYS B 244 30.32 -52.89 26.16
C LYS B 244 31.83 -52.69 26.17
N ASN B 245 32.51 -53.38 27.06
CA ASN B 245 33.96 -53.27 27.16
C ASN B 245 34.70 -54.47 26.56
N SER B 246 33.97 -55.57 26.40
CA SER B 246 34.52 -56.75 25.76
C SER B 246 34.44 -56.58 24.25
N LEU B 247 35.57 -56.74 23.56
CA LEU B 247 35.58 -56.69 22.11
C LEU B 247 34.40 -57.44 21.49
N THR B 248 34.03 -57.03 20.29
CA THR B 248 32.89 -57.60 19.64
C THR B 248 33.25 -59.00 19.16
N THR B 249 32.56 -60.01 19.67
CA THR B 249 32.88 -61.39 19.31
C THR B 249 32.35 -61.73 17.93
N THR B 250 32.97 -62.72 17.32
CA THR B 250 32.53 -63.23 16.03
C THR B 250 31.05 -63.64 16.03
N ASP B 251 30.58 -64.18 17.15
CA ASP B 251 29.20 -64.65 17.25
C ASP B 251 28.23 -63.48 17.24
N GLU B 252 28.66 -62.35 17.78
CA GLU B 252 27.84 -61.13 17.82
C GLU B 252 27.74 -60.52 16.43
N ILE B 253 28.87 -60.40 15.74
CA ILE B 253 28.92 -59.92 14.36
C ILE B 253 28.01 -60.77 13.48
N GLN B 254 28.01 -62.06 13.73
CA GLN B 254 27.20 -62.97 12.96
C GLN B 254 25.72 -62.70 13.19
N SER B 255 25.37 -62.46 14.45
CA SER B 255 23.98 -62.17 14.79
C SER B 255 23.52 -60.87 14.14
N ILE B 256 24.34 -59.81 14.23
CA ILE B 256 24.06 -58.53 13.60
C ILE B 256 23.65 -58.74 12.15
N ILE B 257 24.59 -59.28 11.35
CA ILE B 257 24.36 -59.49 9.92
C ILE B 257 23.09 -60.26 9.62
N SER B 258 22.84 -61.31 10.39
CA SER B 258 21.62 -62.09 10.22
C SER B 258 20.40 -61.19 10.39
N ASN B 259 20.40 -60.42 11.48
CA ASN B 259 19.29 -59.53 11.79
C ASN B 259 18.97 -58.55 10.68
N THR B 260 19.99 -57.85 10.19
CA THR B 260 19.76 -56.90 9.13
C THR B 260 19.29 -57.59 7.83
N LEU B 261 19.86 -58.75 7.52
CA LEU B 261 19.39 -59.50 6.35
C LEU B 261 17.92 -59.87 6.47
N LYS B 262 17.50 -60.24 7.68
CA LYS B 262 16.14 -60.69 7.93
C LYS B 262 15.14 -59.54 8.05
N ALA B 263 15.65 -58.37 8.44
CA ALA B 263 14.79 -57.21 8.69
C ALA B 263 14.62 -56.31 7.47
N ARG B 264 15.48 -56.48 6.46
CA ARG B 264 15.44 -55.65 5.27
C ARG B 264 15.14 -54.17 5.60
N PRO B 265 16.11 -53.49 6.23
CA PRO B 265 15.95 -52.11 6.69
C PRO B 265 15.78 -51.13 5.52
N LEU B 266 14.89 -50.16 5.68
CA LEU B 266 14.76 -49.09 4.71
C LEU B 266 15.72 -47.94 5.10
N VAL B 267 16.72 -47.70 4.26
CA VAL B 267 17.73 -46.68 4.52
C VAL B 267 17.53 -45.46 3.62
N GLN B 268 17.11 -44.35 4.21
CA GLN B 268 16.91 -43.11 3.45
C GLN B 268 18.23 -42.35 3.30
N HIS B 269 18.71 -42.22 2.06
CA HIS B 269 19.89 -41.42 1.76
C HIS B 269 19.54 -39.96 1.43
N ILE B 270 20.17 -39.04 2.15
CA ILE B 270 20.13 -37.65 1.74
C ILE B 270 21.56 -37.31 1.38
N THR B 271 21.85 -37.23 0.09
CA THR B 271 23.23 -37.08 -0.33
C THR B 271 23.40 -36.39 -1.68
N ASN B 272 24.67 -36.26 -2.11
CA ASN B 272 25.05 -35.56 -3.34
C ASN B 272 24.43 -36.10 -4.61
N LYS B 273 25.28 -36.68 -5.45
CA LYS B 273 24.85 -37.27 -6.71
C LYS B 273 25.91 -38.28 -7.14
N VAL B 274 27.13 -38.09 -6.62
CA VAL B 274 28.19 -39.06 -6.81
C VAL B 274 27.93 -40.27 -5.93
N HIS B 275 27.42 -39.99 -4.73
CA HIS B 275 27.19 -41.01 -3.72
C HIS B 275 25.79 -41.63 -3.81
N GLN B 276 24.86 -40.92 -4.44
CA GLN B 276 23.51 -41.46 -4.63
C GLN B 276 23.61 -42.88 -5.15
N ASN B 277 24.15 -43.05 -6.35
CA ASN B 277 24.19 -44.35 -6.99
C ASN B 277 25.07 -45.36 -6.26
N PHE B 278 26.31 -44.99 -5.97
CA PHE B 278 27.21 -45.93 -5.30
C PHE B 278 26.70 -46.33 -3.92
N GLY B 279 26.00 -45.42 -3.24
CA GLY B 279 25.47 -45.69 -1.91
C GLY B 279 24.28 -46.63 -1.94
N ALA B 280 23.49 -46.56 -2.99
CA ALA B 280 22.32 -47.43 -3.12
C ALA B 280 22.75 -48.85 -3.45
N ASN B 281 23.89 -49.00 -4.10
CA ASN B 281 24.43 -50.32 -4.43
C ASN B 281 24.88 -51.08 -3.18
N VAL B 282 25.64 -50.40 -2.33
CA VAL B 282 26.06 -50.97 -1.06
C VAL B 282 24.84 -51.38 -0.25
N THR B 283 23.81 -50.52 -0.24
CA THR B 283 22.60 -50.82 0.51
C THR B 283 21.95 -52.09 -0.06
N LEU B 284 21.78 -52.14 -1.38
CA LEU B 284 21.20 -53.32 -2.03
C LEU B 284 21.99 -54.60 -1.71
N ALA B 285 23.31 -54.52 -1.80
CA ALA B 285 24.16 -55.67 -1.48
C ALA B 285 23.91 -56.21 -0.08
N LEU B 286 23.75 -55.33 0.89
CA LEU B 286 23.52 -55.77 2.27
C LEU B 286 22.07 -56.20 2.52
N GLY B 287 21.32 -56.41 1.43
CA GLY B 287 19.96 -56.90 1.52
C GLY B 287 18.95 -55.97 2.16
N SER B 288 19.05 -54.67 1.87
CA SER B 288 18.10 -53.68 2.37
C SER B 288 17.77 -52.64 1.28
N SER B 289 16.65 -51.95 1.42
CA SER B 289 16.17 -51.07 0.35
C SER B 289 16.50 -49.61 0.59
N PRO B 290 17.13 -48.96 -0.41
CA PRO B 290 17.47 -47.54 -0.35
C PRO B 290 16.31 -46.68 -0.82
N ILE B 291 16.17 -45.48 -0.24
CA ILE B 291 15.25 -44.48 -0.75
C ILE B 291 15.97 -43.14 -0.79
N MET B 292 15.82 -42.41 -1.88
CA MET B 292 16.56 -41.17 -2.09
C MET B 292 15.68 -39.94 -2.02
N SER B 293 14.66 -39.99 -1.16
CA SER B 293 13.73 -38.87 -0.97
C SER B 293 14.35 -37.66 -0.25
N GLU B 294 14.17 -36.48 -0.82
CA GLU B 294 14.55 -35.21 -0.20
C GLU B 294 13.33 -34.30 -0.08
N ILE B 295 12.16 -34.90 0.12
CA ILE B 295 10.89 -34.19 0.13
C ILE B 295 10.30 -34.07 1.54
N GLN B 296 10.05 -32.85 1.98
CA GLN B 296 9.59 -32.58 3.35
C GLN B 296 8.36 -33.35 3.82
N SER B 297 7.34 -33.45 2.97
CA SER B 297 6.07 -34.06 3.35
C SER B 297 6.15 -35.57 3.57
N GLU B 298 7.02 -36.23 2.82
CA GLU B 298 7.20 -37.68 2.88
C GLU B 298 7.87 -38.11 4.18
N VAL B 299 8.66 -37.20 4.73
CA VAL B 299 9.62 -37.53 5.78
C VAL B 299 9.04 -38.26 7.00
N ASN B 300 7.86 -37.85 7.46
CA ASN B 300 7.25 -38.54 8.60
C ASN B 300 6.71 -39.92 8.28
N ASP B 301 6.28 -40.10 7.04
CA ASP B 301 5.75 -41.40 6.58
C ASP B 301 6.88 -42.42 6.44
N LEU B 302 7.97 -42.00 5.79
CA LEU B 302 9.18 -42.82 5.64
C LEU B 302 9.67 -43.35 6.99
N ALA B 303 9.86 -42.44 7.95
CA ALA B 303 10.36 -42.81 9.26
C ALA B 303 9.43 -43.76 10.03
N ALA B 304 8.17 -43.82 9.63
CA ALA B 304 7.19 -44.66 10.32
C ALA B 304 7.30 -46.13 9.88
N ILE B 305 7.96 -46.38 8.76
CA ILE B 305 8.12 -47.73 8.24
C ILE B 305 9.09 -48.50 9.14
N PRO B 306 8.85 -49.80 9.34
CA PRO B 306 9.66 -50.63 10.24
C PRO B 306 11.14 -50.64 9.87
N HIS B 307 11.99 -50.52 10.87
CA HIS B 307 13.45 -50.54 10.70
C HIS B 307 13.97 -49.48 9.71
N ALA B 308 13.40 -48.28 9.79
CA ALA B 308 13.84 -47.20 8.93
C ALA B 308 15.09 -46.56 9.52
N THR B 309 15.91 -45.95 8.67
CA THR B 309 17.20 -45.40 9.07
C THR B 309 17.57 -44.19 8.23
N LEU B 310 18.19 -43.19 8.84
CA LEU B 310 18.56 -42.00 8.09
C LEU B 310 20.08 -41.90 7.93
N LEU B 311 20.53 -41.67 6.71
CA LEU B 311 21.95 -41.43 6.43
C LEU B 311 22.15 -40.04 5.82
N LEU B 312 22.89 -39.18 6.52
CA LEU B 312 23.05 -37.80 6.09
C LEU B 312 24.41 -37.50 5.48
N ASN B 313 24.38 -36.90 4.28
CA ASN B 313 25.56 -36.26 3.67
C ASN B 313 25.40 -34.73 3.56
N THR B 314 26.47 -34.06 3.15
CA THR B 314 26.49 -32.61 3.30
C THR B 314 26.95 -31.89 2.02
N GLY B 315 26.78 -30.56 2.00
CA GLY B 315 27.01 -29.79 0.81
C GLY B 315 25.95 -30.22 -0.18
N SER B 316 24.78 -30.57 0.35
CA SER B 316 23.67 -31.09 -0.44
C SER B 316 22.77 -29.95 -0.91
N VAL B 317 21.91 -30.29 -1.89
CA VAL B 317 21.02 -29.33 -2.51
C VAL B 317 19.76 -29.13 -1.68
N ALA B 318 19.64 -29.90 -0.59
CA ALA B 318 18.45 -29.82 0.27
C ALA B 318 18.54 -28.69 1.31
N PRO B 319 17.44 -27.96 1.48
CA PRO B 319 17.35 -26.79 2.37
C PRO B 319 17.51 -27.18 3.83
N PRO B 320 18.20 -26.35 4.61
CA PRO B 320 18.27 -26.61 6.06
C PRO B 320 16.89 -26.88 6.66
N GLU B 321 15.85 -26.19 6.19
CA GLU B 321 14.51 -26.39 6.75
C GLU B 321 14.03 -27.86 6.65
N MET B 322 14.47 -28.58 5.64
CA MET B 322 14.03 -29.98 5.47
C MET B 322 14.96 -30.95 6.21
N LEU B 323 16.25 -30.67 6.21
CA LEU B 323 17.15 -31.48 7.02
C LEU B 323 16.65 -31.46 8.48
N LYS B 324 16.41 -30.27 9.02
CA LYS B 324 15.84 -30.13 10.35
C LYS B 324 14.61 -31.02 10.43
N ALA B 325 13.77 -30.96 9.41
CA ALA B 325 12.51 -31.71 9.41
C ALA B 325 12.72 -33.20 9.44
N ALA B 326 13.71 -33.68 8.72
CA ALA B 326 14.00 -35.11 8.63
C ALA B 326 14.62 -35.62 9.92
N ILE B 327 15.68 -34.95 10.36
CA ILE B 327 16.35 -35.34 11.59
C ILE B 327 15.33 -35.46 12.72
N ARG B 328 14.51 -34.43 12.90
CA ARG B 328 13.47 -34.48 13.92
C ARG B 328 12.50 -35.64 13.69
N ALA B 329 12.09 -35.84 12.45
CA ALA B 329 11.16 -36.92 12.12
C ALA B 329 11.65 -38.28 12.65
N TYR B 330 12.94 -38.58 12.45
CA TYR B 330 13.49 -39.84 12.93
C TYR B 330 13.65 -39.90 14.45
N ASN B 331 14.11 -38.82 15.06
CA ASN B 331 14.24 -38.80 16.52
C ASN B 331 12.92 -38.98 17.25
N ASP B 332 11.83 -38.54 16.62
CA ASP B 332 10.50 -38.64 17.21
C ASP B 332 10.05 -40.10 17.30
N VAL B 333 10.50 -40.92 16.35
CA VAL B 333 10.10 -42.31 16.33
C VAL B 333 11.24 -43.17 16.86
N LYS B 334 12.23 -42.51 17.46
CA LYS B 334 13.40 -43.19 18.04
C LYS B 334 14.12 -44.14 17.07
N ARG B 335 14.29 -43.70 15.83
CA ARG B 335 15.04 -44.45 14.84
C ARG B 335 16.41 -43.81 14.63
N PRO B 336 17.37 -44.58 14.09
CA PRO B 336 18.78 -44.17 14.08
C PRO B 336 19.12 -43.21 12.95
N ILE B 337 19.95 -42.22 13.25
CA ILE B 337 20.53 -41.36 12.22
C ILE B 337 22.04 -41.53 12.13
N VAL B 338 22.57 -41.69 10.93
CA VAL B 338 24.02 -41.72 10.73
C VAL B 338 24.50 -40.49 9.98
N PHE B 339 25.49 -39.79 10.54
CA PHE B 339 25.94 -38.51 10.01
C PHE B 339 27.31 -38.67 9.37
N ASP B 340 27.34 -38.62 8.04
CA ASP B 340 28.56 -38.82 7.27
C ASP B 340 28.85 -37.58 6.43
N PRO B 341 29.38 -36.52 7.08
CA PRO B 341 29.65 -35.25 6.39
C PRO B 341 30.56 -35.41 5.17
N VAL B 342 30.08 -34.92 4.02
CA VAL B 342 30.93 -34.78 2.84
C VAL B 342 31.72 -33.47 2.93
N GLY B 343 31.24 -32.54 3.74
CA GLY B 343 32.02 -31.34 4.09
C GLY B 343 33.39 -31.78 4.52
N TYR B 344 33.70 -31.80 5.81
CA TYR B 344 33.08 -30.96 6.83
C TYR B 344 34.22 -30.03 7.17
N SER B 345 33.96 -28.74 7.34
CA SER B 345 35.03 -27.76 7.50
C SER B 345 35.96 -27.68 6.28
N ALA B 346 35.48 -28.18 5.12
CA ALA B 346 36.27 -28.13 3.88
C ALA B 346 36.26 -26.75 3.30
N THR B 347 35.16 -26.05 3.56
CA THR B 347 34.96 -24.68 3.10
C THR B 347 34.17 -23.96 4.18
N GLU B 348 34.28 -22.64 4.23
CA GLU B 348 33.59 -21.86 5.26
C GLU B 348 32.08 -22.16 5.26
N THR B 349 31.51 -22.31 4.06
CA THR B 349 30.07 -22.56 3.92
C THR B 349 29.65 -23.93 4.46
N ARG B 350 30.49 -24.94 4.26
CA ARG B 350 30.19 -26.29 4.74
C ARG B 350 30.27 -26.40 6.27
N LEU B 351 31.37 -25.93 6.84
CA LEU B 351 31.48 -25.82 8.29
C LEU B 351 30.19 -25.29 8.89
N LEU B 352 29.75 -24.13 8.40
CA LEU B 352 28.48 -23.50 8.81
C LEU B 352 27.25 -24.40 8.80
N LEU B 353 27.00 -25.03 7.65
CA LEU B 353 25.83 -25.89 7.51
C LEU B 353 25.90 -27.14 8.39
N ASN B 354 27.09 -27.76 8.47
CA ASN B 354 27.26 -28.95 9.28
C ASN B 354 27.04 -28.70 10.77
N ASN B 355 27.63 -27.63 11.28
CA ASN B 355 27.43 -27.29 12.67
C ASN B 355 25.96 -27.03 12.98
N LYS B 356 25.25 -26.48 12.00
CA LYS B 356 23.83 -26.18 12.15
C LYS B 356 23.04 -27.50 12.19
N LEU B 357 23.49 -28.47 11.39
CA LEU B 357 22.88 -29.80 11.38
C LEU B 357 22.99 -30.48 12.72
N LEU B 358 24.15 -30.34 13.38
CA LEU B 358 24.39 -31.01 14.65
C LEU B 358 23.57 -30.40 15.80
N THR B 359 22.75 -29.40 15.48
CA THR B 359 21.88 -28.80 16.48
C THR B 359 20.43 -29.25 16.32
N PHE B 360 20.15 -29.98 15.24
CA PHE B 360 18.79 -30.36 14.90
C PHE B 360 18.28 -31.61 15.62
N GLY B 361 19.21 -32.44 16.12
CA GLY B 361 18.83 -33.66 16.81
C GLY B 361 19.98 -34.53 17.33
N GLN B 362 19.64 -35.74 17.74
CA GLN B 362 20.60 -36.69 18.33
C GLN B 362 21.01 -37.69 17.26
N PHE B 363 22.30 -37.79 16.98
CA PHE B 363 22.77 -38.79 16.00
C PHE B 363 23.22 -40.11 16.64
N SER B 364 22.87 -41.23 16.00
CA SER B 364 23.36 -42.53 16.47
C SER B 364 24.83 -42.75 16.15
N CYS B 365 25.29 -42.20 15.03
CA CYS B 365 26.69 -42.34 14.66
C CYS B 365 27.21 -41.21 13.79
N ILE B 366 28.43 -40.80 14.05
CA ILE B 366 29.10 -39.77 13.25
C ILE B 366 30.37 -40.35 12.65
N LYS B 367 30.55 -40.21 11.34
CA LYS B 367 31.66 -40.82 10.63
C LYS B 367 32.49 -39.82 9.84
N GLY B 368 33.77 -39.70 10.18
CA GLY B 368 34.67 -38.84 9.42
C GLY B 368 36.05 -39.44 9.21
N ASN B 369 36.82 -38.79 8.36
CA ASN B 369 38.24 -39.12 8.18
C ASN B 369 39.11 -38.25 9.10
N SER B 370 40.41 -38.52 9.10
CA SER B 370 41.34 -37.79 9.97
C SER B 370 41.05 -36.28 10.10
N SER B 371 40.83 -35.59 8.97
CA SER B 371 40.52 -34.15 9.02
C SER B 371 39.11 -33.88 9.53
N GLU B 372 38.13 -34.48 8.88
CA GLU B 372 36.74 -34.38 9.34
C GLU B 372 36.68 -34.56 10.88
N ILE B 373 37.36 -35.58 11.41
CA ILE B 373 37.33 -35.85 12.85
C ILE B 373 38.07 -34.84 13.71
N LEU B 374 39.32 -34.50 13.36
CA LEU B 374 40.07 -33.51 14.13
C LEU B 374 39.29 -32.21 14.21
N GLY B 375 38.69 -31.82 13.08
CA GLY B 375 37.87 -30.62 13.04
C GLY B 375 36.70 -30.65 14.00
N LEU B 376 35.95 -31.74 13.98
CA LEU B 376 34.83 -31.94 14.88
C LEU B 376 35.26 -31.93 16.36
N ALA B 377 36.46 -32.43 16.63
CA ALA B 377 36.98 -32.47 18.00
C ALA B 377 37.45 -31.07 18.43
N GLU B 378 37.55 -30.17 17.46
CA GLU B 378 37.98 -28.80 17.72
C GLU B 378 39.42 -28.78 18.21
N LEU B 379 40.26 -29.65 17.66
CA LEU B 379 41.65 -29.73 18.09
C LEU B 379 42.47 -28.56 17.55
N SER B 394 49.21 -37.59 13.52
CA SER B 394 49.72 -38.65 14.41
C SER B 394 48.93 -39.95 14.32
N ASN B 395 48.55 -40.48 15.49
CA ASN B 395 47.81 -41.73 15.60
C ASN B 395 47.22 -41.95 17.00
N GLU B 396 47.90 -41.43 18.02
CA GLU B 396 47.33 -41.40 19.36
C GLU B 396 46.49 -40.15 19.44
N LEU B 397 46.86 -39.19 18.59
CA LEU B 397 46.09 -37.98 18.44
C LEU B 397 44.72 -38.32 17.86
N LEU B 398 44.70 -39.06 16.77
CA LEU B 398 43.45 -39.50 16.16
C LEU B 398 42.57 -40.20 17.17
N ILE B 399 43.17 -41.00 18.05
CA ILE B 399 42.38 -41.73 19.04
C ILE B 399 41.76 -40.77 20.03
N GLN B 400 42.55 -39.84 20.55
CA GLN B 400 42.02 -38.84 21.48
C GLN B 400 40.88 -38.08 20.82
N ALA B 401 41.11 -37.61 19.60
CA ALA B 401 40.11 -36.89 18.83
C ALA B 401 38.80 -37.67 18.71
N THR B 402 38.90 -38.92 18.27
CA THR B 402 37.73 -39.77 18.09
C THR B 402 36.86 -39.88 19.35
N LYS B 403 37.50 -40.07 20.51
CA LYS B 403 36.76 -40.07 21.76
C LYS B 403 36.09 -38.71 22.03
N ILE B 404 36.87 -37.64 21.88
CA ILE B 404 36.37 -36.28 22.05
C ILE B 404 35.07 -36.08 21.27
N VAL B 405 35.10 -36.49 20.00
CA VAL B 405 33.91 -36.34 19.18
C VAL B 405 32.79 -37.21 19.69
N ALA B 406 33.08 -38.49 19.95
CA ALA B 406 32.07 -39.42 20.43
C ALA B 406 31.40 -38.89 21.68
N PHE B 407 32.21 -38.36 22.60
CA PHE B 407 31.66 -37.87 23.86
C PHE B 407 30.88 -36.57 23.65
N LYS B 408 31.46 -35.67 22.86
CA LYS B 408 30.86 -34.35 22.62
C LYS B 408 29.42 -34.43 22.13
N TYR B 409 29.20 -35.27 21.11
CA TYR B 409 27.88 -35.37 20.49
C TYR B 409 27.11 -36.60 21.01
N LYS B 410 27.56 -37.12 22.14
CA LYS B 410 26.99 -38.31 22.78
C LYS B 410 26.58 -39.36 21.77
N THR B 411 27.55 -39.81 20.98
CA THR B 411 27.25 -40.72 19.88
C THR B 411 28.38 -41.74 19.66
N VAL B 412 28.13 -42.75 18.83
CA VAL B 412 29.23 -43.60 18.39
C VAL B 412 29.97 -42.93 17.23
N ALA B 413 31.26 -42.66 17.42
CA ALA B 413 32.05 -41.97 16.40
C ALA B 413 33.04 -42.90 15.70
N VAL B 414 33.10 -42.79 14.39
CA VAL B 414 34.01 -43.59 13.57
C VAL B 414 35.02 -42.68 12.86
N CYS B 415 36.30 -43.01 12.96
CA CYS B 415 37.36 -42.26 12.28
C CYS B 415 38.11 -43.14 11.32
N THR B 416 37.89 -42.94 10.02
CA THR B 416 38.48 -43.82 9.00
C THR B 416 39.91 -43.49 8.56
N GLY B 417 40.70 -44.54 8.35
CA GLY B 417 42.06 -44.41 7.91
C GLY B 417 42.73 -45.77 7.69
N GLU B 418 44.06 -45.79 7.81
CA GLU B 418 44.79 -47.04 7.84
C GLU B 418 44.11 -47.92 8.89
N PHE B 419 44.09 -47.42 10.11
CA PHE B 419 43.30 -47.99 11.20
C PHE B 419 41.99 -47.23 11.26
N ASP B 420 40.88 -47.93 11.46
CA ASP B 420 39.60 -47.28 11.74
C ASP B 420 39.38 -47.33 13.25
N PHE B 421 39.08 -46.18 13.84
CA PHE B 421 38.84 -46.13 15.28
C PHE B 421 37.37 -45.90 15.59
N ILE B 422 36.83 -46.68 16.52
CA ILE B 422 35.44 -46.51 16.95
C ILE B 422 35.34 -46.22 18.45
N ALA B 423 34.64 -45.15 18.80
CA ALA B 423 34.47 -44.79 20.20
C ALA B 423 32.98 -44.68 20.54
N ASP B 424 32.61 -45.06 21.76
CA ASP B 424 31.20 -45.05 22.18
C ASP B 424 30.98 -44.01 23.29
N GLY B 425 30.44 -42.87 22.91
CA GLY B 425 30.21 -41.79 23.83
C GLY B 425 28.77 -41.66 24.32
N THR B 426 27.93 -42.64 24.06
CA THR B 426 26.54 -42.54 24.49
C THR B 426 26.34 -42.61 26.00
N ILE B 427 27.25 -43.26 26.72
CA ILE B 427 27.10 -43.40 28.16
C ILE B 427 25.71 -43.89 28.56
N GLU B 428 25.21 -44.92 27.87
CA GLU B 428 23.94 -45.53 28.20
C GLU B 428 22.77 -44.54 28.21
N GLY B 429 22.94 -43.40 27.54
CA GLY B 429 21.91 -42.39 27.46
C GLY B 429 21.58 -41.71 28.78
N LYS B 430 22.60 -41.44 29.57
CA LYS B 430 22.42 -40.93 30.92
C LYS B 430 22.60 -39.40 31.00
N TYR B 431 21.67 -38.72 31.66
CA TYR B 431 21.87 -37.31 31.96
C TYR B 431 21.43 -36.95 33.37
N SER B 432 21.96 -35.85 33.88
CA SER B 432 21.59 -35.34 35.19
C SER B 432 21.84 -33.84 35.26
N LEU B 433 21.29 -33.21 36.30
CA LEU B 433 21.56 -31.79 36.52
C LEU B 433 22.86 -31.60 37.30
N SER B 434 23.64 -30.58 36.94
CA SER B 434 24.89 -30.20 37.63
C SER B 434 26.04 -31.24 37.72
N LYS B 435 25.69 -32.53 37.77
CA LYS B 435 26.60 -33.59 38.22
C LYS B 435 27.94 -33.74 37.50
N GLY B 436 28.00 -33.90 36.17
CA GLY B 436 26.96 -34.40 35.30
C GLY B 436 27.15 -35.89 35.04
N THR B 437 28.41 -36.38 35.23
CA THR B 437 28.82 -37.84 35.11
C THR B 437 29.55 -38.59 36.36
N THR B 440 32.28 -39.77 34.15
CA THR B 440 32.86 -40.47 33.01
C THR B 440 33.34 -39.44 31.99
N SER B 441 34.64 -39.20 31.93
CA SER B 441 35.16 -38.15 31.05
C SER B 441 35.43 -38.57 29.61
N VAL B 442 35.86 -37.62 28.79
CA VAL B 442 36.27 -37.90 27.43
C VAL B 442 37.29 -39.03 27.40
N GLU B 443 38.13 -39.08 28.43
CA GLU B 443 39.32 -39.94 28.41
C GLU B 443 39.02 -41.44 28.52
N ASP B 444 37.92 -41.79 29.18
CA ASP B 444 37.70 -43.18 29.58
C ASP B 444 36.45 -43.89 29.03
N ILE B 445 35.91 -43.39 27.93
CA ILE B 445 34.88 -44.14 27.20
C ILE B 445 35.54 -45.21 26.34
N PRO B 446 34.81 -46.29 26.00
CA PRO B 446 35.37 -47.35 25.17
C PRO B 446 35.78 -46.88 23.79
N CYS B 447 36.96 -47.29 23.35
CA CYS B 447 37.40 -47.02 21.99
C CYS B 447 38.24 -48.17 21.45
N VAL B 448 37.81 -48.73 20.32
CA VAL B 448 38.48 -49.86 19.72
C VAL B 448 39.11 -49.48 18.37
N ALA B 449 39.89 -50.39 17.80
CA ALA B 449 40.55 -50.13 16.52
C ALA B 449 40.36 -51.32 15.58
N VAL B 450 40.49 -51.06 14.28
CA VAL B 450 40.30 -52.10 13.27
C VAL B 450 41.33 -51.99 12.15
N GLU B 451 42.08 -53.07 11.90
CA GLU B 451 43.01 -53.10 10.75
C GLU B 451 43.16 -54.47 10.06
N SER B 467 30.92 -45.17 1.22
CA SER B 467 30.45 -46.55 1.22
C SER B 467 30.30 -47.14 2.63
N LEU B 468 31.21 -46.79 3.52
CA LEU B 468 31.14 -47.23 4.90
C LEU B 468 29.93 -46.66 5.63
N GLY B 469 29.54 -45.44 5.27
CA GLY B 469 28.36 -44.82 5.84
C GLY B 469 27.13 -45.67 5.63
N SER B 470 26.92 -46.12 4.39
CA SER B 470 25.75 -46.94 4.08
C SER B 470 25.83 -48.30 4.77
N THR B 471 27.04 -48.85 4.87
CA THR B 471 27.23 -50.14 5.53
C THR B 471 26.80 -50.03 6.98
N ILE B 472 27.39 -49.08 7.71
CA ILE B 472 27.01 -48.82 9.07
C ILE B 472 25.52 -48.58 9.21
N ALA B 473 24.93 -47.86 8.25
CA ALA B 473 23.50 -47.54 8.33
C ALA B 473 22.64 -48.81 8.27
N CYS B 474 23.09 -49.81 7.52
CA CYS B 474 22.34 -51.05 7.37
C CYS B 474 22.49 -51.98 8.59
N MET B 475 23.66 -51.97 9.22
CA MET B 475 23.87 -52.81 10.38
C MET B 475 23.04 -52.32 11.55
N ILE B 476 23.06 -51.00 11.79
CA ILE B 476 22.27 -50.40 12.86
C ILE B 476 20.79 -50.55 12.57
N GLY B 477 20.47 -50.43 11.28
CA GLY B 477 19.09 -50.45 10.84
C GLY B 477 18.39 -51.75 11.20
N GLY B 478 19.15 -52.84 11.12
CA GLY B 478 18.59 -54.17 11.36
C GLY B 478 18.39 -54.58 12.81
N GLN B 479 19.04 -53.88 13.75
CA GLN B 479 19.01 -54.27 15.17
C GLN B 479 17.63 -54.12 15.80
N PRO B 480 17.24 -55.12 16.61
CA PRO B 480 15.99 -55.17 17.36
C PRO B 480 16.15 -54.45 18.69
N SER B 481 15.06 -54.22 19.41
CA SER B 481 15.12 -53.47 20.66
C SER B 481 16.21 -53.95 21.63
N GLU B 482 16.57 -55.23 21.55
CA GLU B 482 17.53 -55.84 22.46
C GLU B 482 18.95 -55.81 21.93
N GLY B 483 19.13 -55.18 20.77
CA GLY B 483 20.44 -55.10 20.14
C GLY B 483 21.44 -54.25 20.89
N ASN B 484 22.49 -53.82 20.20
CA ASN B 484 23.47 -52.92 20.79
C ASN B 484 24.10 -52.03 19.73
N LEU B 485 23.89 -50.73 19.90
CA LEU B 485 24.35 -49.73 18.94
C LEU B 485 25.84 -49.86 18.66
N PHE B 486 26.65 -49.93 19.70
CA PHE B 486 28.09 -50.01 19.54
C PHE B 486 28.54 -51.23 18.75
N HIS B 487 28.09 -52.42 19.13
CA HIS B 487 28.51 -53.64 18.42
C HIS B 487 28.16 -53.53 16.95
N ALA B 488 27.00 -52.95 16.66
CA ALA B 488 26.53 -52.90 15.28
C ALA B 488 27.47 -52.05 14.44
N VAL B 489 27.87 -50.90 14.99
CA VAL B 489 28.78 -50.03 14.27
C VAL B 489 30.10 -50.74 14.02
N VAL B 490 30.64 -51.37 15.05
CA VAL B 490 31.88 -52.14 14.86
C VAL B 490 31.71 -53.23 13.82
N ALA B 491 30.63 -53.99 13.92
CA ALA B 491 30.31 -54.99 12.90
C ALA B 491 30.41 -54.38 11.51
N GLY B 492 29.76 -53.23 11.32
CA GLY B 492 29.80 -52.54 10.04
C GLY B 492 31.20 -52.19 9.59
N VAL B 493 31.99 -51.60 10.47
CA VAL B 493 33.36 -51.24 10.10
C VAL B 493 34.19 -52.47 9.74
N MET B 494 34.03 -53.55 10.50
CA MET B 494 34.69 -54.82 10.20
C MET B 494 34.28 -55.31 8.81
N LEU B 495 32.99 -55.47 8.61
CA LEU B 495 32.47 -55.93 7.34
C LEU B 495 33.09 -55.12 6.19
N TYR B 496 32.97 -53.79 6.25
CA TYR B 496 33.51 -52.94 5.19
C TYR B 496 35.00 -53.17 4.97
N LYS B 497 35.78 -53.06 6.04
CA LYS B 497 37.23 -53.28 5.96
C LYS B 497 37.59 -54.66 5.33
N ALA B 498 36.85 -55.70 5.72
CA ALA B 498 37.00 -57.05 5.16
C ALA B 498 36.76 -57.10 3.66
N ALA B 499 35.62 -56.55 3.22
CA ALA B 499 35.29 -56.48 1.80
C ALA B 499 36.35 -55.70 1.02
N GLY B 500 36.98 -54.73 1.68
CA GLY B 500 38.04 -53.95 1.06
C GLY B 500 39.27 -54.76 0.65
N LYS B 501 39.80 -55.56 1.58
CA LYS B 501 40.96 -56.39 1.27
C LYS B 501 40.62 -57.32 0.10
N ILE B 502 39.49 -58.02 0.21
CA ILE B 502 39.06 -58.93 -0.86
C ILE B 502 39.01 -58.24 -2.23
N ALA B 503 38.42 -57.04 -2.26
CA ALA B 503 38.27 -56.32 -3.51
C ALA B 503 39.61 -55.85 -4.07
N SER B 504 40.43 -55.25 -3.22
CA SER B 504 41.74 -54.79 -3.68
C SER B 504 42.57 -55.92 -4.31
N GLU B 505 42.33 -57.17 -3.90
CA GLU B 505 43.05 -58.29 -4.50
C GLU B 505 42.44 -58.74 -5.84
N LYS B 506 41.11 -58.81 -5.91
CA LYS B 506 40.44 -59.35 -7.10
C LYS B 506 40.26 -58.36 -8.25
N CYS B 507 40.81 -57.17 -8.13
CA CYS B 507 40.48 -56.11 -9.09
C CYS B 507 41.65 -55.75 -10.01
N ASN B 508 41.35 -54.97 -11.05
CA ASN B 508 42.35 -54.57 -12.03
C ASN B 508 42.57 -53.06 -12.08
N GLY B 509 42.03 -52.35 -11.10
CA GLY B 509 42.12 -50.90 -11.03
C GLY B 509 40.94 -50.29 -10.29
N SER B 510 40.84 -48.96 -10.32
CA SER B 510 39.79 -48.23 -9.60
C SER B 510 38.42 -48.69 -9.99
N GLY B 511 38.22 -48.85 -11.29
CA GLY B 511 36.93 -49.24 -11.85
C GLY B 511 36.40 -50.52 -11.24
N SER B 512 37.09 -51.61 -11.50
CA SER B 512 36.63 -52.89 -10.98
C SER B 512 36.66 -52.92 -9.45
N PHE B 513 37.54 -52.16 -8.81
CA PHE B 513 37.60 -52.18 -7.36
C PHE B 513 36.25 -51.86 -6.78
N GLN B 514 35.58 -50.88 -7.36
CA GLN B 514 34.29 -50.43 -6.86
C GLN B 514 33.28 -51.57 -6.93
N VAL B 515 33.17 -52.21 -8.09
CA VAL B 515 32.20 -53.30 -8.25
C VAL B 515 32.59 -54.59 -7.49
N GLU B 516 33.88 -54.90 -7.40
CA GLU B 516 34.33 -56.03 -6.57
C GLU B 516 34.05 -55.81 -5.07
N LEU B 517 34.04 -54.56 -4.64
CA LEU B 517 33.73 -54.22 -3.25
C LEU B 517 32.26 -54.50 -2.94
N ILE B 518 31.37 -54.03 -3.80
CA ILE B 518 29.95 -54.37 -3.65
C ILE B 518 29.77 -55.90 -3.64
N ASP B 519 30.41 -56.61 -4.57
CA ASP B 519 30.34 -58.06 -4.63
C ASP B 519 30.80 -58.72 -3.33
N ALA B 520 31.96 -58.29 -2.82
CA ALA B 520 32.48 -58.84 -1.57
C ALA B 520 31.51 -58.62 -0.42
N LEU B 521 30.92 -57.44 -0.36
CA LEU B 521 29.92 -57.16 0.67
C LEU B 521 28.78 -58.16 0.55
N TYR B 522 28.38 -58.46 -0.68
CA TYR B 522 27.25 -59.34 -0.92
C TYR B 522 27.56 -60.78 -0.53
N ARG B 523 28.69 -61.30 -1.03
CA ARG B 523 29.14 -62.65 -0.70
C ARG B 523 29.43 -62.82 0.80
N LEU B 524 30.17 -61.87 1.37
CA LEU B 524 30.52 -61.94 2.78
C LEU B 524 29.33 -62.12 3.71
N THR B 525 28.22 -61.43 3.41
CA THR B 525 27.05 -61.45 4.28
C THR B 525 26.07 -62.59 4.00
N ARG B 526 26.11 -63.12 2.78
CA ARG B 526 25.30 -64.28 2.45
C ARG B 526 25.84 -65.56 3.10
N GLU B 527 27.11 -65.51 3.54
CA GLU B 527 27.70 -66.56 4.37
C GLU B 527 28.28 -65.92 5.64
N ASN B 528 27.52 -65.93 6.73
CA ASN B 528 28.01 -65.37 7.98
C ASN B 528 29.12 -66.19 8.59
N THR B 529 30.37 -65.91 8.22
CA THR B 529 31.46 -66.68 8.79
C THR B 529 32.60 -65.76 9.18
N PRO B 530 32.30 -64.79 10.06
CA PRO B 530 33.27 -63.77 10.46
C PRO B 530 34.59 -64.36 10.94
N VAL B 531 34.58 -65.61 11.44
CA VAL B 531 35.84 -66.29 11.80
C VAL B 531 36.83 -66.22 10.63
N THR B 532 36.29 -66.24 9.41
CA THR B 532 37.06 -66.12 8.17
C THR B 532 37.73 -64.76 7.89
N TRP B 533 37.04 -63.66 8.22
CA TRP B 533 37.43 -62.32 7.75
C TRP B 533 38.78 -61.80 8.21
N ALA B 534 39.50 -61.18 7.28
CA ALA B 534 40.86 -60.65 7.48
C ALA B 534 41.09 -59.66 8.65
N PRO B 535 40.20 -58.65 8.84
CA PRO B 535 40.47 -57.51 9.74
C PRO B 535 40.60 -57.86 11.23
N LYS B 536 41.57 -57.22 11.89
CA LYS B 536 41.95 -57.52 13.27
C LYS B 536 41.43 -56.47 14.26
N LEU B 537 40.65 -56.92 15.23
CA LEU B 537 39.99 -56.00 16.14
C LEU B 537 40.68 -55.95 17.50
N THR B 538 41.34 -54.85 17.82
CA THR B 538 42.07 -54.70 19.08
C THR B 538 41.42 -53.65 19.99
N HIS B 539 41.98 -53.45 21.18
CA HIS B 539 41.59 -52.33 22.03
C HIS B 539 42.47 -51.13 21.69
N THR B 540 42.00 -49.92 21.99
CA THR B 540 42.77 -48.72 21.71
C THR B 540 43.40 -48.21 22.99
N LYS C 2 -42.29 -29.22 -25.65
CA LYS C 2 -42.19 -30.04 -24.45
C LYS C 2 -41.47 -31.36 -24.74
N PHE C 3 -40.30 -31.54 -24.10
CA PHE C 3 -39.51 -32.78 -24.23
C PHE C 3 -39.76 -33.73 -23.07
N SER C 4 -39.39 -34.99 -23.24
CA SER C 4 -39.47 -35.96 -22.16
C SER C 4 -38.09 -36.57 -21.90
N LYS C 5 -37.89 -37.11 -20.70
CA LYS C 5 -36.66 -37.82 -20.33
C LYS C 5 -35.88 -38.34 -21.54
N GLU C 6 -36.53 -39.16 -22.37
CA GLU C 6 -35.83 -39.96 -23.37
C GLU C 6 -35.53 -39.21 -24.65
N GLN C 7 -36.04 -37.98 -24.76
CA GLN C 7 -35.75 -37.15 -25.92
C GLN C 7 -34.51 -36.27 -25.71
N PHE C 8 -34.02 -36.26 -24.47
CA PHE C 8 -32.85 -35.46 -24.11
C PHE C 8 -31.55 -36.03 -24.67
N ASP C 9 -30.87 -35.22 -25.46
CA ASP C 9 -29.58 -35.59 -26.03
C ASP C 9 -28.44 -34.88 -25.31
N TYR C 10 -27.73 -35.62 -24.45
CA TYR C 10 -26.68 -35.02 -23.61
C TYR C 10 -25.33 -34.85 -24.30
N SER C 11 -25.25 -35.18 -25.59
CA SER C 11 -24.00 -35.12 -26.37
C SER C 11 -23.06 -33.98 -25.96
N LEU C 12 -23.37 -32.78 -26.44
CA LEU C 12 -22.56 -31.63 -26.12
C LEU C 12 -23.44 -30.68 -25.34
N TYR C 13 -23.18 -30.56 -24.05
CA TYR C 13 -24.06 -29.88 -23.10
C TYR C 13 -23.40 -28.55 -22.70
N LEU C 14 -24.02 -27.44 -23.12
CA LEU C 14 -23.49 -26.10 -22.87
C LEU C 14 -24.06 -25.48 -21.61
N VAL C 15 -23.18 -25.19 -20.65
CA VAL C 15 -23.58 -24.54 -19.41
C VAL C 15 -23.07 -23.11 -19.44
N THR C 16 -23.98 -22.14 -19.35
CA THR C 16 -23.59 -20.74 -19.49
C THR C 16 -22.97 -20.18 -18.21
N ASP C 17 -22.34 -19.02 -18.36
CA ASP C 17 -21.84 -18.23 -17.23
C ASP C 17 -21.78 -16.77 -17.68
N SER C 18 -22.65 -15.95 -17.11
CA SER C 18 -22.92 -14.61 -17.63
C SER C 18 -21.70 -13.68 -17.60
N GLY C 19 -20.97 -13.66 -16.48
CA GLY C 19 -19.83 -12.77 -16.33
C GLY C 19 -18.52 -13.38 -16.78
N MET C 20 -18.44 -13.74 -18.05
CA MET C 20 -17.26 -14.42 -18.59
C MET C 20 -17.26 -14.24 -20.11
N ILE C 21 -18.27 -13.55 -20.60
CA ILE C 21 -18.42 -13.28 -22.02
C ILE C 21 -17.46 -12.17 -22.43
N PRO C 22 -16.74 -12.38 -23.54
CA PRO C 22 -15.79 -11.38 -24.08
C PRO C 22 -16.51 -10.13 -24.54
N GLU C 23 -15.81 -9.00 -24.57
CA GLU C 23 -16.41 -7.74 -24.97
C GLU C 23 -16.96 -7.81 -26.39
N GLY C 24 -18.08 -7.13 -26.60
CA GLY C 24 -18.70 -7.03 -27.92
C GLY C 24 -19.45 -8.28 -28.28
N LYS C 25 -19.64 -9.17 -27.30
CA LYS C 25 -20.40 -10.40 -27.50
C LYS C 25 -21.47 -10.55 -26.41
N THR C 26 -22.59 -11.15 -26.79
CA THR C 26 -23.69 -11.33 -25.85
C THR C 26 -23.88 -12.80 -25.51
N LEU C 27 -24.59 -13.08 -24.43
CA LEU C 27 -24.93 -14.45 -24.07
C LEU C 27 -25.79 -15.07 -25.16
N TYR C 28 -26.75 -14.29 -25.67
CA TYR C 28 -27.56 -14.73 -26.79
C TYR C 28 -26.64 -15.13 -27.96
N GLY C 29 -25.68 -14.26 -28.25
CA GLY C 29 -24.76 -14.46 -29.37
C GLY C 29 -23.99 -15.76 -29.29
N GLN C 30 -23.41 -16.02 -28.11
CA GLN C 30 -22.63 -17.24 -27.90
C GLN C 30 -23.51 -18.47 -27.96
N VAL C 31 -24.60 -18.48 -27.20
CA VAL C 31 -25.49 -19.63 -27.19
C VAL C 31 -26.03 -19.92 -28.58
N GLU C 32 -26.21 -18.87 -29.39
CA GLU C 32 -26.69 -19.05 -30.75
C GLU C 32 -25.64 -19.81 -31.57
N ALA C 33 -24.41 -19.33 -31.51
CA ALA C 33 -23.31 -19.94 -32.25
C ALA C 33 -23.12 -21.43 -31.92
N GLY C 34 -23.34 -21.77 -30.66
CA GLY C 34 -23.14 -23.13 -30.20
C GLY C 34 -24.28 -24.07 -30.55
N LEU C 35 -25.45 -23.49 -30.84
CA LEU C 35 -26.62 -24.27 -31.24
C LEU C 35 -26.54 -24.61 -32.72
N GLN C 36 -25.97 -23.70 -33.49
CA GLN C 36 -25.82 -23.89 -34.92
C GLN C 36 -24.73 -24.91 -35.25
N ASN C 37 -23.99 -25.34 -34.24
CA ASN C 37 -22.92 -26.32 -34.43
C ASN C 37 -22.94 -27.41 -33.37
N GLY C 38 -24.13 -27.69 -32.86
CA GLY C 38 -24.28 -28.72 -31.84
C GLY C 38 -25.01 -28.21 -30.61
N VAL C 39 -24.34 -28.29 -29.46
CA VAL C 39 -24.92 -27.84 -28.20
C VAL C 39 -26.18 -28.63 -27.86
N THR C 40 -26.05 -29.95 -27.85
CA THR C 40 -27.17 -30.83 -27.54
C THR C 40 -28.13 -30.16 -26.56
N LEU C 41 -27.70 -30.07 -25.30
CA LEU C 41 -28.52 -29.46 -24.26
C LEU C 41 -27.90 -28.16 -23.75
N VAL C 42 -28.75 -27.27 -23.25
CA VAL C 42 -28.28 -25.97 -22.71
C VAL C 42 -28.77 -25.65 -21.29
N GLN C 43 -27.86 -25.20 -20.43
CA GLN C 43 -28.20 -24.83 -19.05
C GLN C 43 -27.86 -23.38 -18.76
N ILE C 44 -28.79 -22.68 -18.12
CA ILE C 44 -28.62 -21.26 -17.78
C ILE C 44 -28.45 -21.11 -16.28
N ARG C 45 -27.47 -20.28 -15.87
CA ARG C 45 -27.25 -19.99 -14.45
C ARG C 45 -27.33 -18.51 -14.20
N GLU C 46 -27.23 -18.16 -12.93
CA GLU C 46 -27.05 -16.78 -12.49
C GLU C 46 -27.07 -16.76 -10.99
N LYS C 47 -25.88 -16.57 -10.41
CA LYS C 47 -25.72 -16.67 -8.97
C LYS C 47 -25.48 -15.31 -8.32
N ASP C 48 -25.57 -14.25 -9.12
CA ASP C 48 -25.26 -12.90 -8.64
C ASP C 48 -26.26 -11.81 -9.06
N ALA C 49 -27.03 -12.05 -10.11
CA ALA C 49 -27.92 -11.02 -10.64
C ALA C 49 -29.22 -10.84 -9.85
N ASP C 50 -30.15 -10.09 -10.46
CA ASP C 50 -31.49 -9.88 -9.92
C ASP C 50 -32.41 -10.94 -10.51
N THR C 51 -33.39 -11.38 -9.74
CA THR C 51 -34.26 -12.46 -10.19
C THR C 51 -35.19 -12.11 -11.37
N LYS C 52 -35.33 -10.82 -11.68
CA LYS C 52 -36.24 -10.42 -12.75
C LYS C 52 -35.54 -10.37 -14.09
N PHE C 53 -34.32 -9.87 -14.09
CA PHE C 53 -33.49 -9.89 -15.29
C PHE C 53 -33.22 -11.34 -15.69
N PHE C 54 -33.04 -12.20 -14.68
CA PHE C 54 -32.88 -13.62 -14.89
C PHE C 54 -34.01 -14.17 -15.77
N ILE C 55 -35.24 -13.97 -15.30
CA ILE C 55 -36.41 -14.49 -15.99
C ILE C 55 -36.54 -13.98 -17.44
N GLU C 56 -36.16 -12.72 -17.67
CA GLU C 56 -36.25 -12.16 -19.02
C GLU C 56 -35.23 -12.80 -19.95
N GLU C 57 -34.05 -13.08 -19.41
CA GLU C 57 -32.98 -13.71 -20.18
C GLU C 57 -33.32 -15.17 -20.45
N ALA C 58 -33.94 -15.81 -19.47
CA ALA C 58 -34.32 -17.21 -19.60
C ALA C 58 -35.35 -17.42 -20.73
N LEU C 59 -36.39 -16.58 -20.75
CA LEU C 59 -37.37 -16.66 -21.80
C LEU C 59 -36.73 -16.36 -23.14
N GLN C 60 -35.92 -15.32 -23.19
CA GLN C 60 -35.26 -14.91 -24.42
C GLN C 60 -34.46 -16.06 -25.02
N ILE C 61 -33.87 -16.85 -24.14
CA ILE C 61 -33.01 -17.96 -24.54
C ILE C 61 -33.77 -19.26 -24.74
N LYS C 62 -34.91 -19.41 -24.05
CA LYS C 62 -35.75 -20.57 -24.30
C LYS C 62 -36.29 -20.56 -25.74
N GLU C 63 -36.67 -19.39 -26.25
CA GLU C 63 -37.10 -19.26 -27.64
C GLU C 63 -36.01 -19.73 -28.61
N LEU C 64 -34.78 -19.30 -28.35
CA LEU C 64 -33.65 -19.70 -29.16
C LEU C 64 -33.49 -21.23 -29.17
N CYS C 65 -33.47 -21.82 -27.97
CA CYS C 65 -33.28 -23.26 -27.84
C CYS C 65 -34.40 -24.05 -28.52
N HIS C 66 -35.64 -23.75 -28.15
CA HIS C 66 -36.80 -24.38 -28.75
C HIS C 66 -36.80 -24.22 -30.28
N ALA C 67 -36.36 -23.06 -30.74
CA ALA C 67 -36.18 -22.83 -32.17
C ALA C 67 -35.27 -23.89 -32.81
N HIS C 68 -34.22 -24.28 -32.09
CA HIS C 68 -33.30 -25.32 -32.56
C HIS C 68 -33.65 -26.70 -32.00
N ASN C 69 -34.87 -26.81 -31.46
CA ASN C 69 -35.37 -28.07 -30.92
C ASN C 69 -34.44 -28.66 -29.85
N VAL C 70 -33.99 -27.80 -28.95
CA VAL C 70 -33.15 -28.24 -27.84
C VAL C 70 -33.66 -27.71 -26.49
N PRO C 71 -33.75 -28.59 -25.49
CA PRO C 71 -34.32 -28.24 -24.18
C PRO C 71 -33.49 -27.19 -23.47
N LEU C 72 -34.11 -26.47 -22.54
CA LEU C 72 -33.40 -25.50 -21.72
C LEU C 72 -33.50 -25.90 -20.25
N ILE C 73 -32.34 -26.01 -19.59
CA ILE C 73 -32.28 -26.39 -18.18
C ILE C 73 -31.87 -25.20 -17.31
N ILE C 74 -32.40 -25.12 -16.11
CA ILE C 74 -32.15 -24.00 -15.24
C ILE C 74 -31.59 -24.46 -13.90
N ASN C 75 -30.69 -23.67 -13.33
CA ASN C 75 -30.08 -24.00 -12.05
C ASN C 75 -29.81 -22.74 -11.25
N ASP C 76 -30.15 -22.71 -9.97
CA ASP C 76 -30.81 -23.78 -9.26
C ASP C 76 -32.16 -23.25 -8.77
N ARG C 77 -32.64 -22.24 -9.46
CA ARG C 77 -33.89 -21.66 -9.05
C ARG C 77 -35.06 -22.44 -9.63
N ILE C 78 -35.56 -23.37 -8.81
CA ILE C 78 -36.69 -24.20 -9.18
C ILE C 78 -37.91 -23.37 -9.52
N ASP C 79 -38.15 -22.32 -8.74
CA ASP C 79 -39.27 -21.41 -8.98
C ASP C 79 -39.20 -20.73 -10.36
N VAL C 80 -38.05 -20.18 -10.72
CA VAL C 80 -37.88 -19.64 -12.07
C VAL C 80 -38.15 -20.71 -13.12
N ALA C 81 -37.73 -21.93 -12.81
CA ALA C 81 -37.91 -23.07 -13.71
C ALA C 81 -39.40 -23.29 -14.01
N MET C 82 -40.19 -23.42 -12.95
CA MET C 82 -41.64 -23.61 -13.09
C MET C 82 -42.28 -22.41 -13.76
N ALA C 83 -41.88 -21.23 -13.33
CA ALA C 83 -42.46 -19.99 -13.82
C ALA C 83 -42.33 -19.78 -15.33
N ILE C 84 -41.20 -20.18 -15.92
CA ILE C 84 -41.01 -19.96 -17.34
C ILE C 84 -41.24 -21.21 -18.19
N GLY C 85 -41.69 -22.28 -17.56
CA GLY C 85 -41.94 -23.52 -18.29
C GLY C 85 -40.67 -24.06 -18.88
N ALA C 86 -39.68 -24.26 -18.01
CA ALA C 86 -38.40 -24.78 -18.42
C ALA C 86 -38.50 -26.29 -18.58
N ASP C 87 -37.50 -26.89 -19.22
CA ASP C 87 -37.57 -28.30 -19.57
C ASP C 87 -36.88 -29.16 -18.52
N GLY C 88 -36.17 -28.52 -17.60
CA GLY C 88 -35.51 -29.25 -16.55
C GLY C 88 -34.70 -28.34 -15.65
N ILE C 89 -34.26 -28.87 -14.51
CA ILE C 89 -33.48 -28.09 -13.57
C ILE C 89 -32.27 -28.85 -13.07
N HIS C 90 -31.17 -28.14 -12.85
CA HIS C 90 -29.99 -28.76 -12.27
C HIS C 90 -29.73 -28.22 -10.87
N VAL C 91 -29.41 -29.09 -9.93
CA VAL C 91 -29.10 -28.64 -8.57
C VAL C 91 -27.84 -29.31 -8.10
N GLY C 92 -27.17 -28.68 -7.16
CA GLY C 92 -25.92 -29.18 -6.65
C GLY C 92 -26.17 -29.97 -5.39
N GLN C 93 -25.08 -30.40 -4.77
CA GLN C 93 -25.14 -31.25 -3.61
C GLN C 93 -25.59 -30.45 -2.39
N ASP C 94 -25.35 -29.15 -2.44
CA ASP C 94 -25.70 -28.29 -1.31
C ASP C 94 -26.93 -27.45 -1.59
N ASP C 95 -27.71 -27.84 -2.59
CA ASP C 95 -28.93 -27.14 -2.93
C ASP C 95 -30.15 -27.91 -2.41
N MET C 96 -31.35 -27.52 -2.85
CA MET C 96 -32.58 -28.13 -2.34
C MET C 96 -32.59 -29.65 -2.54
N PRO C 97 -32.84 -30.41 -1.45
CA PRO C 97 -32.93 -31.88 -1.47
C PRO C 97 -33.84 -32.39 -2.59
N ILE C 98 -33.47 -33.52 -3.20
CA ILE C 98 -34.11 -33.91 -4.45
C ILE C 98 -35.61 -34.24 -4.36
N PRO C 99 -36.01 -35.06 -3.36
CA PRO C 99 -37.44 -35.30 -3.11
C PRO C 99 -38.29 -34.01 -3.06
N MET C 100 -37.87 -33.03 -2.29
CA MET C 100 -38.55 -31.74 -2.24
C MET C 100 -38.76 -31.14 -3.63
N ILE C 101 -37.74 -31.25 -4.47
CA ILE C 101 -37.81 -30.67 -5.80
C ILE C 101 -38.86 -31.39 -6.63
N ARG C 102 -38.83 -32.71 -6.58
CA ARG C 102 -39.73 -33.55 -7.36
C ARG C 102 -41.18 -33.24 -7.00
N LYS C 103 -41.42 -33.04 -5.71
CA LYS C 103 -42.76 -32.68 -5.25
C LYS C 103 -43.28 -31.36 -5.86
N LEU C 104 -42.40 -30.40 -6.12
CA LEU C 104 -42.85 -29.10 -6.63
C LEU C 104 -43.01 -29.07 -8.14
N VAL C 105 -42.05 -29.67 -8.84
CA VAL C 105 -42.04 -29.61 -10.29
C VAL C 105 -42.89 -30.72 -10.92
N GLY C 106 -43.21 -31.74 -10.13
CA GLY C 106 -43.95 -32.89 -10.62
C GLY C 106 -43.21 -33.64 -11.73
N PRO C 107 -43.56 -34.91 -11.94
CA PRO C 107 -42.96 -35.75 -12.98
C PRO C 107 -42.84 -35.03 -14.31
N ASP C 108 -42.15 -35.63 -15.27
CA ASP C 108 -42.01 -35.06 -16.62
C ASP C 108 -40.80 -34.14 -16.79
N MET C 109 -40.38 -33.50 -15.71
CA MET C 109 -39.26 -32.56 -15.77
C MET C 109 -37.95 -33.23 -15.42
N VAL C 110 -36.91 -32.92 -16.20
CA VAL C 110 -35.60 -33.50 -15.98
C VAL C 110 -34.93 -32.91 -14.75
N ILE C 111 -34.39 -33.75 -13.88
CA ILE C 111 -33.69 -33.26 -12.70
C ILE C 111 -32.21 -33.69 -12.73
N GLY C 112 -31.31 -32.72 -12.88
CA GLY C 112 -29.88 -32.98 -12.89
C GLY C 112 -29.26 -32.76 -11.52
N TRP C 113 -28.30 -33.60 -11.17
CA TRP C 113 -27.64 -33.54 -9.86
C TRP C 113 -26.13 -33.59 -10.00
N SER C 114 -25.43 -32.67 -9.35
CA SER C 114 -23.96 -32.68 -9.33
C SER C 114 -23.47 -33.80 -8.43
N VAL C 115 -22.65 -34.69 -8.98
CA VAL C 115 -22.21 -35.85 -8.21
C VAL C 115 -20.73 -36.10 -8.39
N GLY C 116 -20.01 -36.23 -7.28
CA GLY C 116 -18.56 -36.38 -7.35
C GLY C 116 -18.03 -37.62 -6.69
N PHE C 117 -18.90 -38.34 -5.98
CA PHE C 117 -18.46 -39.51 -5.24
C PHE C 117 -19.49 -40.62 -5.38
N PRO C 118 -19.04 -41.86 -5.28
CA PRO C 118 -19.91 -43.05 -5.30
C PRO C 118 -20.95 -43.03 -4.19
N GLU C 119 -20.54 -42.64 -2.98
CA GLU C 119 -21.46 -42.49 -1.85
C GLU C 119 -22.73 -41.76 -2.26
N GLU C 120 -22.60 -40.76 -3.12
CA GLU C 120 -23.73 -39.96 -3.58
C GLU C 120 -24.52 -40.68 -4.66
N VAL C 121 -23.92 -41.69 -5.25
CA VAL C 121 -24.63 -42.50 -6.25
C VAL C 121 -25.54 -43.47 -5.52
N ASP C 122 -25.09 -43.95 -4.37
CA ASP C 122 -25.91 -44.79 -3.51
C ASP C 122 -27.21 -44.09 -3.11
N GLU C 123 -27.09 -42.85 -2.63
CA GLU C 123 -28.26 -42.04 -2.26
C GLU C 123 -29.18 -41.88 -3.45
N LEU C 124 -28.61 -41.52 -4.58
CA LEU C 124 -29.33 -41.33 -5.83
C LEU C 124 -30.19 -42.55 -6.16
N SER C 125 -29.71 -43.70 -5.73
CA SER C 125 -30.30 -45.00 -6.08
C SER C 125 -31.44 -45.45 -5.17
N LYS C 126 -31.29 -45.28 -3.87
CA LYS C 126 -32.37 -45.64 -2.96
C LYS C 126 -33.60 -44.75 -3.21
N MET C 127 -33.46 -43.77 -4.09
CA MET C 127 -34.55 -42.87 -4.39
C MET C 127 -35.33 -43.35 -5.62
N GLY C 128 -34.74 -44.27 -6.37
CA GLY C 128 -35.41 -44.84 -7.53
C GLY C 128 -35.64 -43.83 -8.62
N PRO C 129 -36.27 -44.25 -9.73
CA PRO C 129 -36.53 -43.46 -10.94
C PRO C 129 -37.47 -42.25 -10.75
N ASP C 130 -37.64 -41.49 -11.83
CA ASP C 130 -38.27 -40.15 -11.80
C ASP C 130 -38.02 -39.40 -10.46
N MET C 131 -36.79 -39.52 -9.95
CA MET C 131 -36.21 -38.59 -8.98
C MET C 131 -34.99 -37.89 -9.61
N VAL C 132 -33.84 -38.56 -9.67
CA VAL C 132 -32.69 -38.00 -10.41
C VAL C 132 -32.58 -38.58 -11.81
N ASP C 133 -32.65 -37.71 -12.82
CA ASP C 133 -32.63 -38.14 -14.23
C ASP C 133 -31.24 -38.21 -14.85
N TYR C 134 -30.37 -37.26 -14.49
CA TYR C 134 -28.98 -37.29 -14.94
C TYR C 134 -28.03 -36.69 -13.91
N ILE C 135 -26.75 -36.90 -14.09
CA ILE C 135 -25.79 -36.33 -13.16
C ILE C 135 -24.57 -35.76 -13.87
N GLY C 136 -24.05 -34.66 -13.33
CA GLY C 136 -22.82 -34.09 -13.81
C GLY C 136 -21.74 -34.61 -12.90
N VAL C 137 -20.82 -35.38 -13.47
CA VAL C 137 -19.78 -36.03 -12.67
C VAL C 137 -18.61 -35.13 -12.24
N GLY C 138 -18.58 -34.89 -10.92
CA GLY C 138 -17.54 -34.20 -10.15
C GLY C 138 -16.89 -33.07 -10.88
N THR C 139 -15.75 -32.63 -10.40
CA THR C 139 -14.97 -31.73 -11.24
C THR C 139 -13.78 -32.52 -11.76
N LEU C 140 -13.82 -32.85 -13.05
CA LEU C 140 -12.83 -33.73 -13.65
C LEU C 140 -11.40 -33.20 -13.53
N PHE C 141 -11.21 -31.94 -13.93
CA PHE C 141 -9.90 -31.29 -13.89
C PHE C 141 -10.04 -29.92 -13.25
N PRO C 142 -8.92 -29.29 -12.85
CA PRO C 142 -9.00 -28.01 -12.16
C PRO C 142 -9.47 -26.91 -13.11
N THR C 143 -10.13 -25.88 -12.55
CA THR C 143 -10.75 -24.83 -13.36
C THR C 143 -10.97 -23.55 -12.53
N LEU C 144 -10.95 -22.40 -13.20
CA LEU C 144 -11.19 -21.11 -12.53
C LEU C 144 -12.66 -20.68 -12.58
N THR C 145 -13.51 -21.51 -13.19
CA THR C 145 -14.89 -21.13 -13.45
C THR C 145 -15.80 -21.20 -12.21
N LYS C 146 -15.62 -22.24 -11.40
CA LYS C 146 -16.40 -22.40 -10.17
C LYS C 146 -15.67 -21.67 -9.03
N LYS C 147 -16.40 -20.90 -8.22
CA LYS C 147 -15.75 -19.95 -7.30
C LYS C 147 -15.33 -20.43 -5.90
N ASN C 148 -15.72 -21.65 -5.50
CA ASN C 148 -15.35 -22.17 -4.17
C ASN C 148 -14.71 -23.58 -4.15
N PRO C 149 -15.41 -24.56 -4.75
CA PRO C 149 -14.92 -25.94 -4.80
C PRO C 149 -14.67 -26.52 -3.41
N GLY C 155 -10.34 -36.95 -10.92
CA GLY C 155 -9.89 -37.11 -12.30
C GLY C 155 -10.73 -38.14 -13.04
N THR C 156 -10.27 -38.66 -14.18
CA THR C 156 -11.03 -39.74 -14.85
C THR C 156 -11.14 -40.98 -13.97
N ALA C 157 -10.07 -41.25 -13.21
CA ALA C 157 -10.12 -42.35 -12.24
C ALA C 157 -11.31 -42.18 -11.31
N GLY C 158 -11.57 -40.93 -10.93
CA GLY C 158 -12.67 -40.63 -10.04
C GLY C 158 -14.03 -40.79 -10.71
N ALA C 159 -14.10 -40.43 -12.00
CA ALA C 159 -15.34 -40.57 -12.75
C ALA C 159 -15.69 -42.04 -12.89
N ILE C 160 -14.67 -42.86 -13.09
CA ILE C 160 -14.89 -44.30 -13.21
C ILE C 160 -15.55 -44.86 -11.97
N ARG C 161 -15.01 -44.54 -10.80
CA ARG C 161 -15.61 -44.99 -9.55
C ARG C 161 -17.11 -44.66 -9.47
N VAL C 162 -17.51 -43.57 -10.12
CA VAL C 162 -18.91 -43.16 -10.10
C VAL C 162 -19.74 -43.96 -11.09
N LEU C 163 -19.23 -44.11 -12.30
CA LEU C 163 -19.89 -44.96 -13.30
C LEU C 163 -20.00 -46.41 -12.82
N ASP C 164 -19.03 -46.86 -12.02
CA ASP C 164 -19.08 -48.21 -11.45
C ASP C 164 -20.20 -48.35 -10.43
N ALA C 165 -20.45 -47.29 -9.66
CA ALA C 165 -21.50 -47.34 -8.66
C ALA C 165 -22.86 -47.30 -9.34
N LEU C 166 -22.94 -46.62 -10.48
CA LEU C 166 -24.17 -46.54 -11.26
C LEU C 166 -24.52 -47.90 -11.82
N GLU C 167 -23.58 -48.82 -11.73
CA GLU C 167 -23.76 -50.13 -12.34
C GLU C 167 -23.99 -51.21 -11.28
N ARG C 168 -23.17 -51.20 -10.24
CA ARG C 168 -23.42 -52.01 -9.05
C ARG C 168 -24.84 -51.75 -8.49
N ASN C 169 -25.34 -50.51 -8.60
CA ASN C 169 -26.69 -50.18 -8.10
C ASN C 169 -27.77 -50.33 -9.15
N ASN C 170 -27.38 -50.68 -10.37
CA ASN C 170 -28.30 -50.71 -11.51
C ASN C 170 -29.24 -49.53 -11.59
N ALA C 171 -28.66 -48.34 -11.69
CA ALA C 171 -29.45 -47.12 -11.86
C ALA C 171 -29.65 -46.85 -13.35
N HIS C 172 -30.29 -47.79 -14.02
CA HIS C 172 -30.44 -47.74 -15.47
C HIS C 172 -31.06 -46.43 -15.98
N TRP C 173 -31.70 -45.69 -15.09
CA TRP C 173 -32.55 -44.56 -15.48
C TRP C 173 -31.83 -43.22 -15.46
N CYS C 174 -30.55 -43.23 -15.09
CA CYS C 174 -29.80 -42.03 -14.82
C CYS C 174 -28.68 -41.84 -15.82
N ARG C 175 -28.76 -40.79 -16.63
CA ARG C 175 -27.70 -40.48 -17.60
C ARG C 175 -26.53 -39.78 -16.89
N THR C 176 -25.43 -39.61 -17.61
CA THR C 176 -24.26 -38.94 -17.05
C THR C 176 -23.59 -38.02 -18.06
N VAL C 177 -23.21 -36.82 -17.64
CA VAL C 177 -22.28 -36.01 -18.42
C VAL C 177 -21.06 -35.72 -17.57
N GLY C 178 -19.89 -35.63 -18.21
CA GLY C 178 -18.68 -35.20 -17.52
C GLY C 178 -18.52 -33.68 -17.57
N ILE C 179 -17.97 -33.10 -16.51
CA ILE C 179 -17.86 -31.64 -16.47
C ILE C 179 -16.62 -31.14 -15.71
N GLY C 180 -16.06 -30.02 -16.20
CA GLY C 180 -15.05 -29.32 -15.45
C GLY C 180 -13.64 -29.38 -16.01
N GLY C 181 -13.28 -28.38 -16.78
CA GLY C 181 -11.92 -28.29 -17.27
C GLY C 181 -11.78 -29.08 -18.55
N LEU C 182 -12.91 -29.36 -19.18
CA LEU C 182 -12.92 -30.07 -20.45
C LEU C 182 -12.63 -29.14 -21.62
N HIS C 183 -11.58 -29.48 -22.37
CA HIS C 183 -11.17 -28.70 -23.53
C HIS C 183 -10.69 -29.66 -24.64
N PRO C 184 -10.40 -29.14 -25.84
CA PRO C 184 -9.96 -30.04 -26.91
C PRO C 184 -8.71 -30.84 -26.56
N ASP C 185 -7.91 -30.38 -25.60
CA ASP C 185 -6.65 -31.05 -25.23
C ASP C 185 -6.83 -32.27 -24.33
N ASN C 186 -8.07 -32.61 -24.00
CA ASN C 186 -8.33 -33.69 -23.06
C ASN C 186 -9.71 -34.32 -23.20
N ILE C 187 -10.45 -33.91 -24.22
CA ILE C 187 -11.81 -34.40 -24.37
C ILE C 187 -11.82 -35.85 -24.85
N GLU C 188 -11.01 -36.18 -25.85
CA GLU C 188 -10.95 -37.55 -26.31
C GLU C 188 -10.44 -38.48 -25.22
N ARG C 189 -9.39 -38.07 -24.51
CA ARG C 189 -8.91 -38.88 -23.40
C ARG C 189 -10.00 -39.13 -22.34
N VAL C 190 -10.82 -38.11 -22.06
CA VAL C 190 -11.92 -38.25 -21.10
C VAL C 190 -12.98 -39.24 -21.59
N LEU C 191 -13.45 -39.07 -22.82
CA LEU C 191 -14.39 -40.00 -23.43
C LEU C 191 -13.83 -41.43 -23.46
N TYR C 192 -12.53 -41.53 -23.71
CA TYR C 192 -11.88 -42.81 -23.90
C TYR C 192 -11.76 -43.65 -22.62
N GLN C 193 -11.36 -43.03 -21.52
CA GLN C 193 -11.16 -43.81 -20.31
C GLN C 193 -12.26 -43.74 -19.26
N CYS C 194 -13.26 -42.90 -19.50
CA CYS C 194 -14.43 -42.84 -18.60
C CYS C 194 -15.47 -43.90 -18.97
N VAL C 195 -15.22 -45.14 -18.56
CA VAL C 195 -16.10 -46.28 -18.84
C VAL C 195 -16.23 -47.18 -17.63
N SER C 196 -17.41 -47.76 -17.51
CA SER C 196 -17.69 -48.71 -16.45
C SER C 196 -16.64 -49.80 -16.48
N SER C 197 -16.32 -50.37 -15.33
CA SER C 197 -15.35 -51.47 -15.29
C SER C 197 -15.85 -52.66 -16.09
N ASN C 198 -17.16 -52.82 -16.14
CA ASN C 198 -17.76 -53.93 -16.90
C ASN C 198 -17.95 -53.57 -18.36
N GLY C 199 -17.53 -52.35 -18.72
CA GLY C 199 -17.52 -51.94 -20.11
C GLY C 199 -18.88 -51.62 -20.69
N LYS C 200 -19.92 -51.75 -19.88
CA LYS C 200 -21.27 -51.52 -20.36
C LYS C 200 -21.73 -50.07 -20.36
N ARG C 201 -21.06 -49.20 -19.59
CA ARG C 201 -21.53 -47.81 -19.48
C ARG C 201 -20.41 -46.79 -19.66
N SER C 202 -20.70 -45.74 -20.43
CA SER C 202 -19.80 -44.57 -20.50
C SER C 202 -20.53 -43.24 -20.39
N LEU C 203 -19.80 -42.13 -20.50
CA LEU C 203 -20.44 -40.81 -20.42
C LEU C 203 -21.43 -40.62 -21.58
N ASP C 204 -22.59 -40.06 -21.26
CA ASP C 204 -23.61 -39.84 -22.28
C ASP C 204 -23.37 -38.51 -22.99
N GLY C 205 -22.42 -37.73 -22.47
CA GLY C 205 -22.08 -36.46 -23.09
C GLY C 205 -21.06 -35.66 -22.29
N ILE C 206 -20.75 -34.47 -22.80
CA ILE C 206 -19.68 -33.65 -22.29
C ILE C 206 -20.17 -32.23 -22.01
N CYS C 207 -19.77 -31.67 -20.88
CA CYS C 207 -20.16 -30.32 -20.51
C CYS C 207 -19.03 -29.30 -20.59
N VAL C 208 -19.31 -28.18 -21.26
CA VAL C 208 -18.33 -27.11 -21.30
C VAL C 208 -18.96 -25.80 -20.89
N VAL C 209 -18.14 -24.92 -20.32
CA VAL C 209 -18.54 -23.56 -20.05
C VAL C 209 -17.57 -22.64 -20.75
N SER C 210 -16.37 -22.53 -20.19
CA SER C 210 -15.38 -21.59 -20.70
C SER C 210 -14.97 -21.87 -22.15
N ASP C 211 -15.00 -23.12 -22.57
CA ASP C 211 -14.49 -23.43 -23.90
C ASP C 211 -15.32 -22.82 -25.02
N ILE C 212 -16.61 -22.62 -24.76
CA ILE C 212 -17.50 -22.01 -25.76
C ILE C 212 -17.86 -20.58 -25.38
N ILE C 213 -18.38 -20.41 -24.17
CA ILE C 213 -18.77 -19.10 -23.66
C ILE C 213 -17.69 -18.04 -23.80
N ALA C 214 -16.50 -18.33 -23.28
CA ALA C 214 -15.41 -17.35 -23.22
C ALA C 214 -14.61 -17.25 -24.51
N SER C 215 -15.13 -17.87 -25.57
CA SER C 215 -14.41 -17.93 -26.84
C SER C 215 -14.61 -16.71 -27.72
N LEU C 216 -13.53 -16.23 -28.30
CA LEU C 216 -13.61 -15.13 -29.26
C LEU C 216 -14.32 -15.54 -30.55
N ASP C 217 -14.31 -16.84 -30.85
CA ASP C 217 -15.07 -17.37 -31.97
C ASP C 217 -15.82 -18.64 -31.55
N ALA C 218 -16.99 -18.45 -30.94
CA ALA C 218 -17.75 -19.57 -30.39
C ALA C 218 -18.22 -20.57 -31.43
N ALA C 219 -18.46 -20.13 -32.66
CA ALA C 219 -18.88 -21.05 -33.70
C ALA C 219 -17.80 -22.09 -33.95
N LYS C 220 -16.57 -21.62 -34.14
CA LYS C 220 -15.43 -22.49 -34.41
C LYS C 220 -15.14 -23.44 -33.25
N SER C 221 -15.07 -22.89 -32.04
CA SER C 221 -14.80 -23.68 -30.85
C SER C 221 -15.76 -24.87 -30.76
N THR C 222 -17.03 -24.60 -31.04
CA THR C 222 -18.07 -25.62 -30.96
C THR C 222 -17.87 -26.68 -32.04
N LYS C 223 -17.62 -26.23 -33.26
CA LYS C 223 -17.43 -27.15 -34.37
C LYS C 223 -16.32 -28.14 -34.03
N ILE C 224 -15.30 -27.65 -33.30
CA ILE C 224 -14.19 -28.49 -32.87
C ILE C 224 -14.60 -29.53 -31.83
N LEU C 225 -15.34 -29.10 -30.80
CA LEU C 225 -15.81 -30.04 -29.77
C LEU C 225 -16.71 -31.11 -30.38
N ARG C 226 -17.51 -30.70 -31.35
CA ARG C 226 -18.37 -31.64 -32.04
C ARG C 226 -17.56 -32.71 -32.77
N GLY C 227 -16.57 -32.27 -33.54
CA GLY C 227 -15.67 -33.20 -34.21
C GLY C 227 -15.16 -34.30 -33.29
N LEU C 228 -14.67 -33.92 -32.11
CA LEU C 228 -14.13 -34.85 -31.15
C LEU C 228 -15.16 -35.82 -30.58
N ILE C 229 -16.36 -35.32 -30.28
CA ILE C 229 -17.36 -36.14 -29.61
C ILE C 229 -17.95 -37.24 -30.47
N ASP C 230 -18.23 -36.93 -31.74
CA ASP C 230 -18.82 -37.95 -32.61
C ASP C 230 -17.81 -38.69 -33.54
N LYS C 231 -16.53 -38.61 -33.18
CA LYS C 231 -15.50 -39.49 -33.72
C LYS C 231 -15.57 -40.74 -32.84
N THR C 232 -14.80 -41.79 -33.17
CA THR C 232 -14.79 -42.99 -32.33
C THR C 232 -13.40 -43.58 -32.03
N ASP C 233 -12.38 -43.05 -32.69
CA ASP C 233 -11.01 -43.53 -32.50
C ASP C 233 -10.14 -42.51 -31.79
N TYR C 234 -9.41 -42.97 -30.79
CA TYR C 234 -8.40 -42.14 -30.15
C TYR C 234 -7.05 -42.79 -30.36
N LYS C 235 -6.44 -42.51 -31.51
CA LYS C 235 -5.08 -42.96 -31.81
C LYS C 235 -4.06 -42.12 -31.04
N PHE C 236 -3.81 -42.48 -29.78
CA PHE C 236 -3.05 -41.61 -28.89
C PHE C 236 -1.53 -41.76 -29.02
N VAL C 237 -1.13 -42.72 -29.83
CA VAL C 237 0.28 -42.93 -30.08
C VAL C 237 0.42 -43.45 -31.50
N ASN C 238 1.47 -43.01 -32.18
CA ASN C 238 1.72 -43.46 -33.55
C ASN C 238 2.33 -44.85 -33.64
N ILE C 239 1.61 -45.82 -33.09
CA ILE C 239 1.94 -47.23 -33.18
C ILE C 239 0.61 -47.93 -33.31
N GLY C 240 0.62 -49.17 -33.80
CA GLY C 240 -0.61 -49.91 -33.96
C GLY C 240 -1.19 -50.29 -32.62
N LEU C 241 -2.52 -50.28 -32.53
CA LEU C 241 -3.17 -50.65 -31.27
C LEU C 241 -4.04 -51.89 -31.41
N SER C 242 -3.96 -52.53 -32.58
CA SER C 242 -4.76 -53.73 -32.87
C SER C 242 -4.67 -54.76 -31.74
N THR C 243 -5.80 -55.38 -31.43
CA THR C 243 -5.82 -56.43 -30.43
C THR C 243 -5.20 -57.69 -31.01
N LYS C 244 -4.18 -58.20 -30.35
CA LYS C 244 -3.51 -59.42 -30.78
C LYS C 244 -3.79 -60.53 -29.77
N ASN C 245 -4.35 -61.64 -30.25
CA ASN C 245 -4.68 -62.75 -29.37
C ASN C 245 -3.71 -63.92 -29.52
N SER C 246 -2.99 -63.93 -30.63
CA SER C 246 -1.98 -64.93 -30.86
C SER C 246 -0.70 -64.51 -30.15
N LEU C 247 -0.15 -65.41 -29.35
CA LEU C 247 1.12 -65.14 -28.65
C LEU C 247 2.15 -64.49 -29.56
N THR C 248 3.07 -63.76 -28.97
CA THR C 248 4.04 -63.02 -29.75
C THR C 248 5.07 -64.00 -30.30
N THR C 249 5.13 -64.12 -31.63
CA THR C 249 6.02 -65.10 -32.26
C THR C 249 7.46 -64.63 -32.21
N THR C 250 8.37 -65.59 -32.27
CA THR C 250 9.79 -65.31 -32.34
C THR C 250 10.14 -64.35 -33.48
N ASP C 251 9.47 -64.51 -34.61
CA ASP C 251 9.75 -63.68 -35.77
C ASP C 251 9.37 -62.22 -35.52
N GLU C 252 8.33 -62.02 -34.72
CA GLU C 252 7.85 -60.68 -34.37
C GLU C 252 8.82 -59.98 -33.41
N ILE C 253 9.23 -60.69 -32.35
CA ILE C 253 10.24 -60.21 -31.41
C ILE C 253 11.51 -59.81 -32.15
N GLN C 254 11.89 -60.63 -33.13
CA GLN C 254 13.07 -60.36 -33.93
C GLN C 254 12.92 -59.06 -34.71
N SER C 255 11.74 -58.85 -35.30
CA SER C 255 11.48 -57.63 -36.03
C SER C 255 11.54 -56.41 -35.11
N ILE C 256 10.88 -56.50 -33.96
CA ILE C 256 10.90 -55.40 -32.97
C ILE C 256 12.32 -54.95 -32.73
N ILE C 257 13.15 -55.85 -32.20
CA ILE C 257 14.54 -55.54 -31.87
C ILE C 257 15.32 -54.92 -33.04
N SER C 258 15.17 -55.49 -34.23
CA SER C 258 15.79 -54.89 -35.41
C SER C 258 15.38 -53.43 -35.57
N ASN C 259 14.07 -53.17 -35.48
CA ASN C 259 13.53 -51.83 -35.68
C ASN C 259 14.12 -50.81 -34.71
N THR C 260 14.14 -51.15 -33.43
CA THR C 260 14.68 -50.24 -32.44
C THR C 260 16.20 -50.02 -32.61
N LEU C 261 16.94 -51.07 -32.93
CA LEU C 261 18.37 -50.90 -33.24
C LEU C 261 18.59 -49.95 -34.42
N LYS C 262 17.75 -50.07 -35.44
CA LYS C 262 17.87 -49.28 -36.66
C LYS C 262 17.36 -47.86 -36.48
N ALA C 263 16.45 -47.68 -35.54
CA ALA C 263 15.81 -46.38 -35.34
C ALA C 263 16.49 -45.52 -34.27
N ARG C 264 17.37 -46.12 -33.48
CA ARG C 264 18.08 -45.40 -32.43
C ARG C 264 17.15 -44.38 -31.72
N PRO C 265 16.18 -44.89 -30.94
CA PRO C 265 15.18 -44.04 -30.29
C PRO C 265 15.77 -43.14 -29.21
N LEU C 266 15.29 -41.90 -29.13
CA LEU C 266 15.69 -41.00 -28.06
C LEU C 266 14.72 -41.17 -26.88
N VAL C 267 15.24 -41.68 -25.76
CA VAL C 267 14.42 -41.97 -24.59
C VAL C 267 14.71 -40.98 -23.46
N GLN C 268 13.73 -40.14 -23.16
CA GLN C 268 13.85 -39.14 -22.12
C GLN C 268 13.50 -39.70 -20.75
N HIS C 269 14.49 -39.81 -19.87
CA HIS C 269 14.27 -40.25 -18.50
C HIS C 269 13.94 -39.09 -17.56
N ILE C 270 12.81 -39.17 -16.88
CA ILE C 270 12.58 -38.29 -15.76
C ILE C 270 12.55 -39.16 -14.52
N THR C 271 13.62 -39.12 -13.73
CA THR C 271 13.79 -40.11 -12.65
C THR C 271 14.65 -39.61 -11.50
N ASN C 272 14.83 -40.48 -10.49
CA ASN C 272 15.57 -40.17 -9.26
C ASN C 272 17.02 -39.76 -9.46
N LYS C 273 17.91 -40.63 -9.01
CA LYS C 273 19.35 -40.41 -9.12
C LYS C 273 20.06 -41.76 -9.01
N VAL C 274 19.37 -42.72 -8.39
CA VAL C 274 19.83 -44.10 -8.36
C VAL C 274 19.62 -44.73 -9.73
N HIS C 275 18.51 -44.36 -10.36
CA HIS C 275 18.08 -44.93 -11.63
C HIS C 275 18.60 -44.15 -12.83
N GLN C 276 18.95 -42.88 -12.62
CA GLN C 276 19.52 -42.07 -13.69
C GLN C 276 20.60 -42.90 -14.40
N ASN C 277 21.68 -43.21 -13.67
CA ASN C 277 22.83 -43.86 -14.29
C ASN C 277 22.52 -45.26 -14.78
N PHE C 278 21.93 -46.09 -13.92
CA PHE C 278 21.64 -47.46 -14.34
C PHE C 278 20.65 -47.53 -15.50
N GLY C 279 19.75 -46.55 -15.58
CA GLY C 279 18.77 -46.53 -16.65
C GLY C 279 19.35 -46.10 -17.98
N ALA C 280 20.36 -45.25 -17.93
CA ALA C 280 21.02 -44.78 -19.14
C ALA C 280 21.87 -45.88 -19.75
N ASN C 281 22.38 -46.76 -18.90
CA ASN C 281 23.18 -47.88 -19.35
C ASN C 281 22.35 -48.89 -20.14
N VAL C 282 21.17 -49.20 -19.62
CA VAL C 282 20.26 -50.10 -20.28
C VAL C 282 19.90 -49.49 -21.63
N THR C 283 19.64 -48.20 -21.65
CA THR C 283 19.25 -47.56 -22.89
C THR C 283 20.38 -47.64 -23.91
N LEU C 284 21.59 -47.32 -23.47
CA LEU C 284 22.78 -47.42 -24.34
C LEU C 284 22.97 -48.83 -24.90
N ALA C 285 22.91 -49.83 -24.04
CA ALA C 285 23.02 -51.21 -24.47
C ALA C 285 22.03 -51.55 -25.58
N LEU C 286 20.79 -51.08 -25.48
CA LEU C 286 19.80 -51.39 -26.50
C LEU C 286 19.96 -50.53 -27.75
N GLY C 287 21.10 -49.87 -27.87
CA GLY C 287 21.40 -49.07 -29.05
C GLY C 287 20.52 -47.85 -29.28
N SER C 288 20.19 -47.15 -28.20
CA SER C 288 19.43 -45.90 -28.28
C SER C 288 19.97 -44.87 -27.28
N SER C 289 19.68 -43.60 -27.52
CA SER C 289 20.28 -42.53 -26.73
C SER C 289 19.39 -41.96 -25.61
N PRO C 290 19.91 -41.92 -24.39
CA PRO C 290 19.18 -41.41 -23.22
C PRO C 290 19.35 -39.92 -23.09
N ILE C 291 18.32 -39.22 -22.61
CA ILE C 291 18.43 -37.82 -22.26
C ILE C 291 17.79 -37.62 -20.91
N MET C 292 18.46 -36.90 -20.01
CA MET C 292 17.98 -36.77 -18.63
C MET C 292 17.50 -35.37 -18.32
N SER C 293 16.91 -34.72 -19.31
CA SER C 293 16.33 -33.38 -19.16
C SER C 293 15.07 -33.32 -18.29
N GLU C 294 15.07 -32.40 -17.31
CA GLU C 294 13.89 -32.10 -16.50
C GLU C 294 13.54 -30.61 -16.62
N ILE C 295 13.76 -30.06 -17.81
CA ILE C 295 13.61 -28.64 -18.04
C ILE C 295 12.40 -28.36 -18.91
N GLN C 296 11.48 -27.53 -18.41
CA GLN C 296 10.21 -27.25 -19.07
C GLN C 296 10.27 -26.76 -20.53
N SER C 297 11.17 -25.84 -20.81
CA SER C 297 11.28 -25.23 -22.14
C SER C 297 11.75 -26.20 -23.24
N GLU C 298 12.60 -27.15 -22.86
CA GLU C 298 13.18 -28.13 -23.79
C GLU C 298 12.16 -29.15 -24.26
N VAL C 299 11.15 -29.36 -23.41
CA VAL C 299 10.24 -30.50 -23.52
C VAL C 299 9.53 -30.64 -24.86
N ASN C 300 9.10 -29.54 -25.47
CA ASN C 300 8.49 -29.64 -26.80
C ASN C 300 9.45 -29.95 -27.93
N ASP C 301 10.69 -29.49 -27.80
CA ASP C 301 11.73 -29.74 -28.79
C ASP C 301 12.18 -31.19 -28.76
N LEU C 302 12.43 -31.70 -27.56
CA LEU C 302 12.77 -33.12 -27.36
C LEU C 302 11.77 -34.06 -28.03
N ALA C 303 10.49 -33.87 -27.72
CA ALA C 303 9.43 -34.73 -28.26
C ALA C 303 9.30 -34.67 -29.77
N ALA C 304 9.83 -33.61 -30.36
CA ALA C 304 9.71 -33.39 -31.81
C ALA C 304 10.73 -34.22 -32.59
N ILE C 305 11.75 -34.71 -31.89
CA ILE C 305 12.80 -35.54 -32.49
C ILE C 305 12.24 -36.91 -32.84
N PRO C 306 12.67 -37.48 -33.97
CA PRO C 306 12.13 -38.75 -34.46
C PRO C 306 12.27 -39.88 -33.44
N HIS C 307 11.20 -40.66 -33.28
CA HIS C 307 11.20 -41.82 -32.38
C HIS C 307 11.56 -41.46 -30.93
N ALA C 308 11.03 -40.34 -30.45
CA ALA C 308 11.25 -39.94 -29.07
C ALA C 308 10.28 -40.69 -28.16
N THR C 309 10.65 -40.84 -26.89
CA THR C 309 9.88 -41.64 -25.95
C THR C 309 10.06 -41.09 -24.54
N LEU C 310 8.99 -41.11 -23.75
CA LEU C 310 9.07 -40.60 -22.40
C LEU C 310 8.97 -41.71 -21.36
N LEU C 311 9.89 -41.72 -20.39
CA LEU C 311 9.87 -42.71 -19.31
C LEU C 311 9.75 -41.97 -17.98
N LEU C 312 8.66 -42.19 -17.26
CA LEU C 312 8.42 -41.47 -16.00
C LEU C 312 8.67 -42.27 -14.74
N ASN C 313 9.46 -41.71 -13.83
CA ASN C 313 9.59 -42.22 -12.46
C ASN C 313 9.02 -41.20 -11.46
N THR C 314 8.99 -41.58 -10.19
CA THR C 314 8.20 -40.82 -9.23
C THR C 314 8.94 -40.56 -7.91
N GLY C 315 8.39 -39.66 -7.10
CA GLY C 315 9.07 -39.18 -5.91
C GLY C 315 10.28 -38.41 -6.39
N SER C 316 10.10 -37.77 -7.55
CA SER C 316 11.17 -37.03 -8.21
C SER C 316 11.21 -35.57 -7.76
N VAL C 317 12.31 -34.91 -8.07
CA VAL C 317 12.56 -33.54 -7.68
C VAL C 317 11.89 -32.55 -8.64
N ALA C 318 11.29 -33.08 -9.70
CA ALA C 318 10.63 -32.24 -10.69
C ALA C 318 9.20 -31.85 -10.29
N PRO C 319 8.85 -30.57 -10.49
CA PRO C 319 7.54 -30.00 -10.14
C PRO C 319 6.41 -30.61 -10.95
N PRO C 320 5.26 -30.85 -10.32
CA PRO C 320 4.08 -31.29 -11.06
C PRO C 320 3.80 -30.43 -12.30
N GLU C 321 4.04 -29.12 -12.23
CA GLU C 321 3.80 -28.27 -13.40
C GLU C 321 4.58 -28.71 -14.65
N MET C 322 5.77 -29.31 -14.44
CA MET C 322 6.62 -29.70 -15.58
C MET C 322 6.32 -31.13 -16.05
N LEU C 323 5.97 -32.00 -15.12
CA LEU C 323 5.51 -33.33 -15.51
C LEU C 323 4.28 -33.21 -16.39
N LYS C 324 3.31 -32.40 -15.94
CA LYS C 324 2.14 -32.08 -16.75
C LYS C 324 2.60 -31.59 -18.12
N ALA C 325 3.53 -30.64 -18.13
CA ALA C 325 4.04 -30.09 -19.39
C ALA C 325 4.67 -31.14 -20.33
N ALA C 326 5.43 -32.07 -19.76
CA ALA C 326 6.11 -33.13 -20.51
C ALA C 326 5.14 -34.17 -21.06
N ILE C 327 4.31 -34.71 -20.18
CA ILE C 327 3.29 -35.67 -20.59
C ILE C 327 2.46 -35.13 -21.75
N ARG C 328 1.97 -33.90 -21.60
CA ARG C 328 1.21 -33.27 -22.67
C ARG C 328 2.06 -33.16 -23.94
N ALA C 329 3.30 -32.71 -23.78
CA ALA C 329 4.17 -32.50 -24.92
C ALA C 329 4.25 -33.74 -25.82
N TYR C 330 4.42 -34.92 -25.21
CA TYR C 330 4.48 -36.17 -25.95
C TYR C 330 3.15 -36.63 -26.54
N ASN C 331 2.06 -36.46 -25.78
CA ASN C 331 0.72 -36.79 -26.30
C ASN C 331 0.27 -35.94 -27.50
N ASP C 332 0.76 -34.70 -27.56
CA ASP C 332 0.47 -33.80 -28.68
C ASP C 332 1.10 -34.29 -29.99
N VAL C 333 2.26 -34.93 -29.89
CA VAL C 333 2.97 -35.45 -31.07
C VAL C 333 2.73 -36.96 -31.22
N LYS C 334 1.80 -37.48 -30.44
CA LYS C 334 1.43 -38.89 -30.47
C LYS C 334 2.62 -39.84 -30.30
N ARG C 335 3.50 -39.52 -29.37
CA ARG C 335 4.60 -40.39 -29.04
C ARG C 335 4.34 -41.10 -27.71
N PRO C 336 5.03 -42.22 -27.45
CA PRO C 336 4.72 -43.11 -26.33
C PRO C 336 5.23 -42.65 -24.98
N ILE C 337 4.42 -42.81 -23.94
CA ILE C 337 4.88 -42.57 -22.57
C ILE C 337 4.83 -43.86 -21.76
N VAL C 338 5.89 -44.14 -21.02
CA VAL C 338 5.90 -45.30 -20.14
C VAL C 338 5.94 -44.82 -18.70
N PHE C 339 5.04 -45.33 -17.88
CA PHE C 339 4.92 -44.90 -16.49
C PHE C 339 5.41 -45.98 -15.55
N ASP C 340 6.55 -45.74 -14.91
CA ASP C 340 7.17 -46.70 -14.02
C ASP C 340 7.33 -46.11 -12.63
N PRO C 341 6.24 -46.05 -11.86
CA PRO C 341 6.25 -45.42 -10.54
C PRO C 341 7.28 -46.02 -9.59
N VAL C 342 8.14 -45.18 -9.05
CA VAL C 342 9.01 -45.57 -7.95
C VAL C 342 8.25 -45.47 -6.63
N GLY C 343 7.17 -44.70 -6.61
CA GLY C 343 6.25 -44.69 -5.49
C GLY C 343 5.90 -46.12 -5.16
N TYR C 344 4.72 -46.60 -5.53
CA TYR C 344 3.53 -45.82 -5.75
C TYR C 344 2.66 -46.27 -4.58
N SER C 345 1.96 -45.35 -3.93
CA SER C 345 1.25 -45.67 -2.69
C SER C 345 2.19 -46.16 -1.60
N ALA C 346 3.48 -45.86 -1.71
CA ALA C 346 4.47 -46.25 -0.69
C ALA C 346 4.37 -45.33 0.51
N THR C 347 3.95 -44.10 0.24
CA THR C 347 3.78 -43.07 1.26
C THR C 347 2.61 -42.20 0.83
N GLU C 348 1.95 -41.57 1.79
CA GLU C 348 0.78 -40.75 1.49
C GLU C 348 1.11 -39.73 0.39
N THR C 349 2.28 -39.09 0.50
CA THR C 349 2.69 -38.07 -0.47
C THR C 349 2.87 -38.63 -1.88
N ARG C 350 3.38 -39.85 -2.00
CA ARG C 350 3.63 -40.44 -3.31
C ARG C 350 2.33 -40.82 -4.01
N LEU C 351 1.46 -41.54 -3.30
CA LEU C 351 0.13 -41.84 -3.78
C LEU C 351 -0.49 -40.59 -4.43
N LEU C 352 -0.52 -39.50 -3.66
CA LEU C 352 -1.02 -38.19 -4.14
C LEU C 352 -0.44 -37.75 -5.49
N LEU C 353 0.88 -37.65 -5.56
CA LEU C 353 1.54 -37.17 -6.78
C LEU C 353 1.28 -38.11 -7.97
N ASN C 354 1.33 -39.41 -7.73
CA ASN C 354 1.15 -40.39 -8.81
C ASN C 354 -0.25 -40.33 -9.42
N ASN C 355 -1.26 -40.30 -8.56
CA ASN C 355 -2.64 -40.19 -9.06
C ASN C 355 -2.82 -38.91 -9.85
N LYS C 356 -2.14 -37.85 -9.44
CA LYS C 356 -2.22 -36.57 -10.13
C LYS C 356 -1.55 -36.71 -11.51
N LEU C 357 -0.46 -37.45 -11.57
CA LEU C 357 0.20 -37.71 -12.85
C LEU C 357 -0.74 -38.41 -13.83
N LEU C 358 -1.49 -39.39 -13.34
CA LEU C 358 -2.35 -40.20 -14.21
C LEU C 358 -3.53 -39.41 -14.76
N THR C 359 -3.60 -38.12 -14.44
CA THR C 359 -4.66 -37.27 -14.96
C THR C 359 -4.12 -36.33 -16.03
N PHE C 360 -2.80 -36.35 -16.22
CA PHE C 360 -2.16 -35.39 -17.12
C PHE C 360 -2.19 -35.83 -18.58
N GLY C 361 -2.41 -37.12 -18.83
CA GLY C 361 -2.44 -37.61 -20.20
C GLY C 361 -2.65 -39.11 -20.35
N GLN C 362 -2.42 -39.60 -21.57
CA GLN C 362 -2.62 -41.01 -21.91
C GLN C 362 -1.27 -41.75 -21.92
N PHE C 363 -1.14 -42.80 -21.11
CA PHE C 363 0.11 -43.57 -21.07
C PHE C 363 0.08 -44.79 -22.00
N SER C 364 1.20 -45.06 -22.68
CA SER C 364 1.28 -46.26 -23.53
C SER C 364 1.51 -47.50 -22.70
N CYS C 365 2.18 -47.37 -21.57
CA CYS C 365 2.41 -48.52 -20.71
C CYS C 365 2.62 -48.14 -19.24
N ILE C 366 2.09 -48.96 -18.34
CA ILE C 366 2.24 -48.75 -16.91
C ILE C 366 2.85 -50.00 -16.30
N LYS C 367 3.93 -49.84 -15.53
CA LYS C 367 4.69 -50.96 -15.04
C LYS C 367 4.86 -50.91 -13.53
N GLY C 368 4.39 -51.95 -12.85
CA GLY C 368 4.56 -52.02 -11.41
C GLY C 368 4.80 -53.42 -10.89
N ASN C 369 5.16 -53.53 -9.62
CA ASN C 369 5.30 -54.81 -8.98
C ASN C 369 4.01 -55.18 -8.27
N SER C 370 3.94 -56.39 -7.73
CA SER C 370 2.74 -56.86 -7.04
C SER C 370 2.00 -55.79 -6.21
N SER C 371 2.73 -55.03 -5.40
CA SER C 371 2.10 -53.98 -4.59
C SER C 371 1.69 -52.79 -5.43
N GLU C 372 2.64 -52.21 -6.17
CA GLU C 372 2.34 -51.12 -7.08
C GLU C 372 1.08 -51.45 -7.89
N ILE C 373 0.96 -52.67 -8.39
CA ILE C 373 -0.19 -53.03 -9.24
C ILE C 373 -1.50 -53.21 -8.48
N LEU C 374 -1.49 -53.97 -7.39
CA LEU C 374 -2.71 -54.14 -6.59
C LEU C 374 -3.25 -52.80 -6.17
N GLY C 375 -2.35 -51.90 -5.75
CA GLY C 375 -2.74 -50.55 -5.38
C GLY C 375 -3.45 -49.81 -6.51
N LEU C 376 -2.86 -49.84 -7.71
CA LEU C 376 -3.43 -49.18 -8.87
C LEU C 376 -4.78 -49.76 -9.25
N ALA C 377 -4.95 -51.05 -9.02
CA ALA C 377 -6.22 -51.72 -9.33
C ALA C 377 -7.27 -51.41 -8.27
N GLU C 378 -6.83 -50.79 -7.18
CA GLU C 378 -7.71 -50.41 -6.08
C GLU C 378 -8.34 -51.64 -5.45
N LEU C 379 -7.57 -52.72 -5.32
CA LEU C 379 -8.09 -53.95 -4.74
C LEU C 379 -8.23 -53.85 -3.21
N SER C 394 -1.31 -64.02 -3.70
CA SER C 394 -1.84 -65.01 -4.65
C SER C 394 -1.17 -64.90 -6.03
N ASN C 395 -1.91 -65.30 -7.08
CA ASN C 395 -1.39 -65.31 -8.45
C ASN C 395 -2.50 -65.15 -9.50
N GLU C 396 -3.67 -65.72 -9.21
CA GLU C 396 -4.85 -65.45 -10.03
C GLU C 396 -5.31 -64.04 -9.69
N LEU C 397 -4.97 -63.63 -8.48
CA LEU C 397 -5.27 -62.27 -8.03
C LEU C 397 -4.43 -61.27 -8.82
N LEU C 398 -3.12 -61.51 -8.88
CA LEU C 398 -2.22 -60.63 -9.63
C LEU C 398 -2.70 -60.49 -11.06
N ILE C 399 -3.21 -61.59 -11.63
CA ILE C 399 -3.68 -61.53 -13.01
C ILE C 399 -4.90 -60.65 -13.16
N GLN C 400 -5.88 -60.83 -12.26
CA GLN C 400 -7.08 -60.00 -12.28
C GLN C 400 -6.68 -58.53 -12.14
N ALA C 401 -5.87 -58.25 -11.12
CA ALA C 401 -5.38 -56.90 -10.89
C ALA C 401 -4.75 -56.30 -12.17
N THR C 402 -3.80 -57.01 -12.76
CA THR C 402 -3.14 -56.51 -13.98
C THR C 402 -4.10 -56.10 -15.09
N LYS C 403 -5.14 -56.90 -15.34
CA LYS C 403 -6.13 -56.53 -16.34
C LYS C 403 -6.89 -55.28 -15.88
N ILE C 404 -7.32 -55.27 -14.62
CA ILE C 404 -8.04 -54.13 -14.06
C ILE C 404 -7.27 -52.85 -14.38
N VAL C 405 -5.97 -52.86 -14.10
CA VAL C 405 -5.16 -51.68 -14.31
C VAL C 405 -5.08 -51.37 -15.77
N ALA C 406 -4.78 -52.39 -16.58
CA ALA C 406 -4.65 -52.17 -18.02
C ALA C 406 -5.92 -51.56 -18.59
N PHE C 407 -7.07 -52.06 -18.15
CA PHE C 407 -8.34 -51.55 -18.66
C PHE C 407 -8.65 -50.15 -18.14
N LYS C 408 -8.43 -49.96 -16.83
CA LYS C 408 -8.72 -48.68 -16.18
C LYS C 408 -8.06 -47.52 -16.88
N TYR C 409 -6.75 -47.62 -17.11
CA TYR C 409 -5.99 -46.53 -17.69
C TYR C 409 -5.81 -46.67 -19.21
N LYS C 410 -6.65 -47.52 -19.80
CA LYS C 410 -6.61 -47.85 -21.23
C LYS C 410 -5.20 -47.94 -21.76
N THR C 411 -4.42 -48.85 -21.20
CA THR C 411 -3.01 -48.95 -21.51
C THR C 411 -2.49 -50.40 -21.47
N VAL C 412 -1.27 -50.63 -21.93
CA VAL C 412 -0.64 -51.92 -21.69
C VAL C 412 0.00 -51.93 -20.31
N ALA C 413 -0.45 -52.84 -19.46
CA ALA C 413 0.05 -52.91 -18.08
C ALA C 413 0.95 -54.12 -17.82
N VAL C 414 2.05 -53.87 -17.13
CA VAL C 414 3.01 -54.90 -16.80
C VAL C 414 3.09 -55.05 -15.29
N CYS C 415 2.99 -56.29 -14.82
CA CYS C 415 3.15 -56.61 -13.41
C CYS C 415 4.33 -57.56 -13.20
N THR C 416 5.41 -57.06 -12.60
CA THR C 416 6.64 -57.83 -12.45
C THR C 416 6.69 -58.71 -11.20
N GLY C 417 7.27 -59.92 -11.35
CA GLY C 417 7.46 -60.86 -10.27
C GLY C 417 8.14 -62.11 -10.76
N GLU C 418 7.89 -63.22 -10.07
CA GLU C 418 8.34 -64.55 -10.50
C GLU C 418 7.89 -64.76 -11.94
N PHE C 419 6.58 -64.58 -12.14
CA PHE C 419 5.97 -64.46 -13.44
C PHE C 419 5.74 -62.97 -13.71
N ASP C 420 5.98 -62.52 -14.94
CA ASP C 420 5.61 -61.17 -15.33
C ASP C 420 4.32 -61.30 -16.14
N PHE C 421 3.32 -60.49 -15.79
CA PHE C 421 2.04 -60.53 -16.51
C PHE C 421 1.86 -59.28 -17.34
N ILE C 422 1.43 -59.45 -18.57
CA ILE C 422 1.17 -58.32 -19.45
C ILE C 422 -0.26 -58.34 -19.97
N ALA C 423 -0.98 -57.24 -19.77
CA ALA C 423 -2.37 -57.13 -20.22
C ALA C 423 -2.54 -55.94 -21.17
N ASP C 424 -3.38 -56.08 -22.20
CA ASP C 424 -3.61 -55.01 -23.18
C ASP C 424 -5.03 -54.41 -23.07
N GLY C 425 -5.13 -53.26 -22.41
CA GLY C 425 -6.42 -52.64 -22.21
C GLY C 425 -6.74 -51.49 -23.16
N THR C 426 -5.98 -51.35 -24.24
CA THR C 426 -6.21 -50.22 -25.14
C THR C 426 -7.49 -50.35 -25.97
N ILE C 427 -7.96 -51.58 -26.18
CA ILE C 427 -9.15 -51.81 -26.99
C ILE C 427 -9.13 -51.05 -28.31
N GLU C 428 -8.01 -51.11 -29.01
CA GLU C 428 -7.86 -50.47 -30.32
C GLU C 428 -8.19 -48.98 -30.30
N GLY C 429 -8.07 -48.35 -29.13
CA GLY C 429 -8.33 -46.92 -28.99
C GLY C 429 -9.76 -46.50 -29.32
N LYS C 430 -10.73 -47.30 -28.88
CA LYS C 430 -12.14 -47.08 -29.21
C LYS C 430 -12.88 -46.41 -28.08
N TYR C 431 -13.66 -45.38 -28.42
CA TYR C 431 -14.58 -44.77 -27.45
C TYR C 431 -15.93 -44.48 -28.07
N SER C 432 -16.93 -44.36 -27.20
CA SER C 432 -18.28 -44.00 -27.63
C SER C 432 -19.07 -43.36 -26.49
N LEU C 433 -20.19 -42.72 -26.83
CA LEU C 433 -21.06 -42.18 -25.80
C LEU C 433 -22.02 -43.22 -25.17
N GLY C 439 -18.98 -53.73 -25.11
CA GLY C 439 -19.09 -54.52 -23.90
C GLY C 439 -17.90 -55.41 -23.58
N THR C 440 -16.71 -54.97 -24.01
CA THR C 440 -15.44 -55.59 -23.67
C THR C 440 -15.03 -55.21 -22.24
N SER C 441 -15.22 -56.11 -21.28
CA SER C 441 -15.01 -55.76 -19.88
C SER C 441 -13.58 -55.98 -19.40
N VAL C 442 -13.34 -55.60 -18.14
CA VAL C 442 -12.08 -55.88 -17.49
C VAL C 442 -11.67 -57.33 -17.70
N GLU C 443 -12.66 -58.22 -17.69
CA GLU C 443 -12.42 -59.67 -17.60
C GLU C 443 -11.80 -60.31 -18.85
N ASP C 444 -12.09 -59.74 -20.02
CA ASP C 444 -11.79 -60.44 -21.26
C ASP C 444 -10.85 -59.72 -22.26
N ILE C 445 -10.01 -58.81 -21.76
CA ILE C 445 -8.91 -58.29 -22.57
C ILE C 445 -7.76 -59.28 -22.54
N PRO C 446 -6.90 -59.28 -23.57
CA PRO C 446 -5.74 -60.17 -23.63
C PRO C 446 -4.75 -59.98 -22.47
N CYS C 447 -4.33 -61.08 -21.88
CA CYS C 447 -3.31 -61.05 -20.85
C CYS C 447 -2.41 -62.30 -20.94
N VAL C 448 -1.11 -62.06 -21.10
CA VAL C 448 -0.15 -63.14 -21.22
C VAL C 448 0.81 -63.19 -20.02
N ALA C 449 1.58 -64.26 -19.92
CA ALA C 449 2.54 -64.42 -18.82
C ALA C 449 3.92 -64.76 -19.35
N VAL C 450 4.94 -64.47 -18.55
CA VAL C 450 6.33 -64.74 -18.93
C VAL C 450 7.07 -65.25 -17.70
N GLU C 451 7.50 -66.51 -17.70
CA GLU C 451 8.23 -66.96 -16.52
C GLU C 451 9.57 -67.55 -16.88
N ALA C 452 10.47 -67.60 -15.90
CA ALA C 452 11.80 -68.15 -16.19
C ALA C 452 12.40 -69.02 -15.08
N GLY C 453 11.72 -69.11 -13.94
CA GLY C 453 12.25 -69.79 -12.79
C GLY C 453 13.01 -68.79 -11.93
N PRO C 454 13.03 -69.01 -10.61
CA PRO C 454 13.58 -68.05 -9.64
C PRO C 454 14.95 -67.47 -10.06
N ILE C 455 15.26 -66.27 -9.55
CA ILE C 455 16.52 -65.57 -9.86
C ILE C 455 16.98 -64.66 -8.72
N GLY C 465 14.32 -54.00 -12.00
CA GLY C 465 13.03 -53.35 -11.90
C GLY C 465 12.98 -52.10 -12.75
N CYS C 466 13.67 -51.04 -12.33
CA CYS C 466 13.68 -49.79 -13.09
C CYS C 466 14.51 -49.96 -14.36
N SER C 467 15.09 -51.16 -14.47
CA SER C 467 15.77 -51.56 -15.69
C SER C 467 14.78 -51.98 -16.77
N LEU C 468 13.71 -52.65 -16.36
CA LEU C 468 12.67 -53.12 -17.30
C LEU C 468 11.95 -51.94 -17.94
N GLY C 469 11.78 -50.88 -17.16
CA GLY C 469 11.14 -49.67 -17.63
C GLY C 469 11.84 -49.11 -18.85
N SER C 470 13.18 -49.02 -18.78
CA SER C 470 13.96 -48.49 -19.89
C SER C 470 13.97 -49.46 -21.08
N THR C 471 13.99 -50.77 -20.79
CA THR C 471 13.94 -51.77 -21.85
C THR C 471 12.65 -51.61 -22.64
N ILE C 472 11.52 -51.64 -21.95
CA ILE C 472 10.22 -51.43 -22.58
C ILE C 472 10.17 -50.11 -23.36
N ALA C 473 10.77 -49.07 -22.79
CA ALA C 473 10.76 -47.77 -23.43
C ALA C 473 11.45 -47.81 -24.79
N CYS C 474 12.52 -48.60 -24.90
CA CYS C 474 13.30 -48.70 -26.12
C CYS C 474 12.63 -49.55 -27.20
N MET C 475 11.94 -50.60 -26.78
CA MET C 475 11.24 -51.45 -27.73
C MET C 475 10.08 -50.68 -28.38
N ILE C 476 9.26 -50.03 -27.55
CA ILE C 476 8.15 -49.24 -28.07
C ILE C 476 8.68 -48.07 -28.90
N GLY C 477 9.79 -47.49 -28.44
CA GLY C 477 10.36 -46.34 -29.09
C GLY C 477 10.70 -46.59 -30.55
N GLY C 478 11.15 -47.82 -30.83
CA GLY C 478 11.59 -48.19 -32.16
C GLY C 478 10.51 -48.51 -33.19
N GLN C 479 9.31 -48.79 -32.72
CA GLN C 479 8.22 -49.21 -33.62
C GLN C 479 7.74 -48.13 -34.59
N PRO C 480 7.53 -48.52 -35.86
CA PRO C 480 7.05 -47.66 -36.94
C PRO C 480 5.54 -47.62 -36.92
N SER C 481 4.94 -46.76 -37.73
CA SER C 481 3.48 -46.58 -37.72
C SER C 481 2.72 -47.91 -37.81
N GLU C 482 3.30 -48.90 -38.47
CA GLU C 482 2.62 -50.16 -38.72
C GLU C 482 2.91 -51.18 -37.63
N GLY C 483 3.61 -50.77 -36.58
CA GLY C 483 4.01 -51.67 -35.51
C GLY C 483 2.84 -52.14 -34.66
N ASN C 484 3.14 -52.62 -33.46
CA ASN C 484 2.09 -52.98 -32.53
C ASN C 484 2.54 -52.82 -31.09
N LEU C 485 1.85 -51.93 -30.37
CA LEU C 485 2.21 -51.58 -29.00
C LEU C 485 2.35 -52.80 -28.10
N PHE C 486 1.36 -53.69 -28.18
CA PHE C 486 1.33 -54.84 -27.31
C PHE C 486 2.54 -55.75 -27.54
N HIS C 487 2.78 -56.14 -28.78
CA HIS C 487 3.90 -57.04 -29.06
C HIS C 487 5.20 -56.44 -28.57
N ALA C 488 5.37 -55.14 -28.76
CA ALA C 488 6.62 -54.49 -28.37
C ALA C 488 6.84 -54.62 -26.88
N VAL C 489 5.81 -54.38 -26.09
CA VAL C 489 5.95 -54.47 -24.64
C VAL C 489 6.34 -55.88 -24.27
N VAL C 490 5.67 -56.86 -24.85
CA VAL C 490 5.97 -58.26 -24.55
C VAL C 490 7.42 -58.58 -24.94
N ALA C 491 7.83 -58.15 -26.13
CA ALA C 491 9.20 -58.32 -26.57
C ALA C 491 10.14 -57.82 -25.49
N GLY C 492 9.89 -56.61 -25.01
CA GLY C 492 10.71 -56.02 -23.96
C GLY C 492 10.77 -56.84 -22.68
N VAL C 493 9.63 -57.33 -22.22
CA VAL C 493 9.62 -58.13 -21.00
C VAL C 493 10.38 -59.43 -21.24
N MET C 494 10.21 -60.02 -22.42
CA MET C 494 10.94 -61.21 -22.77
C MET C 494 12.44 -60.94 -22.73
N LEU C 495 12.86 -59.98 -23.53
CA LEU C 495 14.27 -59.58 -23.58
C LEU C 495 14.85 -59.43 -22.17
N TYR C 496 14.23 -58.58 -21.35
CA TYR C 496 14.72 -58.34 -20.00
C TYR C 496 14.85 -59.64 -19.18
N LYS C 497 13.79 -60.42 -19.14
CA LYS C 497 13.76 -61.67 -18.39
C LYS C 497 14.87 -62.62 -18.90
N ALA C 498 15.05 -62.69 -20.21
CA ALA C 498 16.13 -63.45 -20.83
C ALA C 498 17.51 -63.03 -20.34
N ALA C 499 17.82 -61.74 -20.47
CA ALA C 499 19.07 -61.19 -19.97
C ALA C 499 19.28 -61.47 -18.49
N GLY C 500 18.19 -61.54 -17.73
CA GLY C 500 18.27 -61.86 -16.31
C GLY C 500 18.85 -63.23 -16.00
N LYS C 501 18.32 -64.29 -16.64
CA LYS C 501 18.82 -65.63 -16.39
C LYS C 501 20.31 -65.66 -16.72
N ILE C 502 20.66 -65.19 -17.91
CA ILE C 502 22.06 -65.15 -18.34
C ILE C 502 22.98 -64.50 -17.30
N ALA C 503 22.58 -63.34 -16.81
CA ALA C 503 23.40 -62.61 -15.86
C ALA C 503 23.53 -63.34 -14.53
N SER C 504 22.41 -63.82 -13.99
CA SER C 504 22.43 -64.50 -12.71
C SER C 504 23.40 -65.68 -12.73
N GLU C 505 23.62 -66.25 -13.91
CA GLU C 505 24.55 -67.36 -14.06
C GLU C 505 26.01 -66.90 -14.12
N LYS C 506 26.27 -65.84 -14.88
CA LYS C 506 27.64 -65.37 -15.15
C LYS C 506 28.23 -64.43 -14.09
N CYS C 507 27.52 -64.23 -12.98
CA CYS C 507 27.94 -63.23 -12.01
C CYS C 507 28.44 -63.83 -10.71
N ASN C 508 29.06 -62.97 -9.89
CA ASN C 508 29.62 -63.39 -8.60
C ASN C 508 28.97 -62.70 -7.42
N GLY C 509 27.87 -62.01 -7.67
CA GLY C 509 27.19 -61.24 -6.63
C GLY C 509 26.39 -60.09 -7.22
N SER C 510 25.83 -59.23 -6.36
CA SER C 510 24.96 -58.12 -6.76
C SER C 510 25.66 -57.18 -7.72
N GLY C 511 26.90 -56.83 -7.37
CA GLY C 511 27.72 -55.94 -8.17
C GLY C 511 27.84 -56.36 -9.63
N SER C 512 28.50 -57.50 -9.87
CA SER C 512 28.66 -57.99 -11.23
C SER C 512 27.32 -58.34 -11.92
N PHE C 513 26.30 -58.68 -11.13
CA PHE C 513 24.98 -58.99 -11.71
C PHE C 513 24.49 -57.82 -12.54
N GLN C 514 24.69 -56.63 -12.00
CA GLN C 514 24.21 -55.43 -12.65
C GLN C 514 24.89 -55.27 -14.00
N VAL C 515 26.21 -55.30 -14.01
CA VAL C 515 26.95 -55.14 -15.25
C VAL C 515 26.79 -56.31 -16.24
N GLU C 516 26.71 -57.55 -15.75
CA GLU C 516 26.43 -58.69 -16.63
C GLU C 516 25.05 -58.61 -17.30
N LEU C 517 24.11 -57.94 -16.63
CA LEU C 517 22.77 -57.78 -17.16
C LEU C 517 22.80 -56.82 -18.34
N ILE C 518 23.47 -55.70 -18.16
CA ILE C 518 23.66 -54.79 -19.27
C ILE C 518 24.32 -55.49 -20.45
N ASP C 519 25.40 -56.22 -20.17
CA ASP C 519 26.09 -57.00 -21.19
C ASP C 519 25.19 -57.96 -21.94
N ALA C 520 24.44 -58.77 -21.20
CA ALA C 520 23.50 -59.69 -21.81
C ALA C 520 22.48 -58.99 -22.70
N LEU C 521 21.99 -57.84 -22.26
CA LEU C 521 21.05 -57.06 -23.07
C LEU C 521 21.72 -56.67 -24.36
N TYR C 522 22.99 -56.31 -24.27
CA TYR C 522 23.74 -55.87 -25.44
C TYR C 522 24.00 -57.00 -26.43
N ARG C 523 24.52 -58.13 -25.92
CA ARG C 523 24.81 -59.31 -26.74
C ARG C 523 23.52 -59.89 -27.34
N LEU C 524 22.50 -60.06 -26.50
CA LEU C 524 21.22 -60.62 -26.92
C LEU C 524 20.61 -59.92 -28.14
N THR C 525 20.70 -58.59 -28.18
CA THR C 525 20.09 -57.81 -29.25
C THR C 525 20.98 -57.64 -30.47
N ARG C 526 22.28 -57.79 -30.29
CA ARG C 526 23.21 -57.77 -31.42
C ARG C 526 23.14 -59.06 -32.27
N GLU C 527 22.59 -60.13 -31.69
CA GLU C 527 22.21 -61.32 -32.44
C GLU C 527 20.73 -61.64 -32.21
N ASN C 528 19.88 -61.21 -33.13
CA ASN C 528 18.46 -61.50 -32.99
C ASN C 528 18.15 -62.97 -33.16
N THR C 529 18.21 -63.72 -32.07
CA THR C 529 17.90 -65.15 -32.19
C THR C 529 17.02 -65.58 -31.04
N PRO C 530 15.84 -64.95 -30.94
CA PRO C 530 14.90 -65.24 -29.85
C PRO C 530 14.59 -66.72 -29.71
N VAL C 531 14.68 -67.51 -30.78
CA VAL C 531 14.50 -68.96 -30.70
C VAL C 531 15.37 -69.51 -29.57
N THR C 532 16.53 -68.87 -29.37
CA THR C 532 17.49 -69.20 -28.32
C THR C 532 17.06 -68.93 -26.87
N TRP C 533 16.37 -67.81 -26.64
CA TRP C 533 16.16 -67.28 -25.27
C TRP C 533 15.35 -68.15 -24.30
N ALA C 534 15.80 -68.15 -23.05
CA ALA C 534 15.21 -68.98 -21.98
C ALA C 534 13.71 -68.85 -21.67
N PRO C 535 13.19 -67.61 -21.58
CA PRO C 535 11.86 -67.34 -21.01
C PRO C 535 10.67 -67.90 -21.80
N LYS C 536 9.70 -68.41 -21.05
CA LYS C 536 8.53 -69.08 -21.60
C LYS C 536 7.29 -68.17 -21.65
N LEU C 537 6.70 -68.06 -22.84
CA LEU C 537 5.55 -67.19 -23.01
C LEU C 537 4.25 -67.98 -23.17
N THR C 538 3.40 -67.92 -22.15
CA THR C 538 2.12 -68.64 -22.17
C THR C 538 0.92 -67.68 -22.20
N HIS C 539 -0.29 -68.23 -22.29
CA HIS C 539 -1.51 -67.45 -22.09
C HIS C 539 -1.85 -67.43 -20.60
N THR C 540 -2.58 -66.40 -20.18
CA THR C 540 -2.97 -66.26 -18.78
C THR C 540 -4.42 -66.71 -18.61
N LYS D 2 40.96 21.74 -34.24
CA LYS D 2 40.26 20.99 -35.28
C LYS D 2 41.01 19.70 -35.64
N PHE D 3 40.38 18.55 -35.36
CA PHE D 3 40.93 17.24 -35.68
C PHE D 3 40.36 16.70 -37.00
N SER D 4 41.04 15.72 -37.59
CA SER D 4 40.50 15.02 -38.77
C SER D 4 40.37 13.51 -38.49
N LYS D 5 39.52 12.84 -39.26
CA LYS D 5 39.33 11.39 -39.15
C LYS D 5 40.52 10.64 -38.54
N GLU D 6 41.70 10.84 -39.13
CA GLU D 6 42.85 10.00 -38.83
C GLU D 6 43.61 10.42 -37.59
N GLN D 7 43.24 11.56 -37.01
CA GLN D 7 43.88 12.01 -35.77
C GLN D 7 43.15 11.46 -34.54
N PHE D 8 42.00 10.84 -34.77
CA PHE D 8 41.16 10.33 -33.70
C PHE D 8 41.74 9.08 -33.10
N ASP D 9 41.98 9.11 -31.79
CA ASP D 9 42.49 7.96 -31.05
C ASP D 9 41.38 7.34 -30.18
N TYR D 10 40.82 6.23 -30.64
CA TYR D 10 39.70 5.57 -29.96
C TYR D 10 40.07 4.70 -28.76
N SER D 11 41.36 4.68 -28.39
CA SER D 11 41.86 3.83 -27.29
C SER D 11 40.87 3.65 -26.14
N LEU D 12 40.79 4.66 -25.28
CA LEU D 12 39.90 4.64 -24.15
C LEU D 12 38.89 5.78 -24.34
N TYR D 13 37.66 5.42 -24.65
CA TYR D 13 36.64 6.35 -25.12
C TYR D 13 35.59 6.53 -24.02
N LEU D 14 35.59 7.72 -23.41
CA LEU D 14 34.71 8.00 -22.29
C LEU D 14 33.39 8.61 -22.75
N VAL D 15 32.29 7.91 -22.46
CA VAL D 15 30.95 8.41 -22.76
C VAL D 15 30.29 8.82 -21.46
N THR D 16 29.91 10.10 -21.34
CA THR D 16 29.33 10.62 -20.10
C THR D 16 27.86 10.26 -19.91
N ASP D 17 27.39 10.42 -18.68
CA ASP D 17 25.98 10.28 -18.35
C ASP D 17 25.72 11.13 -17.11
N SER D 18 24.96 12.20 -17.30
CA SER D 18 24.86 13.27 -16.29
C SER D 18 24.25 12.84 -14.95
N GLY D 19 23.18 12.06 -15.00
CA GLY D 19 22.50 11.63 -13.78
C GLY D 19 23.02 10.31 -13.24
N MET D 20 24.30 10.26 -12.92
CA MET D 20 24.92 9.03 -12.47
C MET D 20 26.20 9.37 -11.71
N ILE D 21 26.47 10.66 -11.62
CA ILE D 21 27.61 11.17 -10.88
C ILE D 21 27.36 11.14 -9.37
N PRO D 22 28.34 10.64 -8.61
CA PRO D 22 28.25 10.52 -7.15
C PRO D 22 28.19 11.89 -6.50
N GLU D 23 27.62 11.99 -5.30
CA GLU D 23 27.49 13.26 -4.62
C GLU D 23 28.85 13.91 -4.38
N GLY D 24 28.88 15.24 -4.48
CA GLY D 24 30.09 16.00 -4.22
C GLY D 24 31.09 15.94 -5.37
N LYS D 25 30.63 15.44 -6.50
CA LYS D 25 31.46 15.38 -7.69
C LYS D 25 30.70 15.95 -8.88
N THR D 26 31.43 16.59 -9.80
CA THR D 26 30.81 17.20 -10.98
C THR D 26 31.18 16.44 -12.25
N LEU D 27 30.43 16.67 -13.32
CA LEU D 27 30.78 16.06 -14.60
C LEU D 27 32.14 16.57 -15.06
N TYR D 28 32.37 17.87 -14.90
CA TYR D 28 33.68 18.45 -15.20
C TYR D 28 34.76 17.69 -14.42
N GLY D 29 34.51 17.48 -13.13
CA GLY D 29 35.46 16.84 -12.27
C GLY D 29 35.86 15.45 -12.73
N GLN D 30 34.87 14.63 -13.06
CA GLN D 30 35.13 13.26 -13.53
C GLN D 30 35.85 13.28 -14.86
N VAL D 31 35.30 13.99 -15.84
CA VAL D 31 35.93 14.03 -17.17
C VAL D 31 37.36 14.57 -17.08
N GLU D 32 37.63 15.44 -16.12
CA GLU D 32 38.98 15.96 -15.96
C GLU D 32 39.90 14.85 -15.51
N ALA D 33 39.50 14.14 -14.46
CA ALA D 33 40.28 13.05 -13.93
C ALA D 33 40.62 11.99 -14.99
N GLY D 34 39.68 11.74 -15.89
CA GLY D 34 39.86 10.70 -16.89
C GLY D 34 40.73 11.14 -18.06
N LEU D 35 40.89 12.45 -18.23
CA LEU D 35 41.73 12.99 -19.29
C LEU D 35 43.18 13.00 -18.84
N GLN D 36 43.37 13.21 -17.54
CA GLN D 36 44.71 13.22 -16.96
C GLN D 36 45.31 11.81 -16.87
N ASN D 37 44.52 10.78 -17.18
CA ASN D 37 44.99 9.41 -17.04
C ASN D 37 44.68 8.46 -18.19
N GLY D 38 44.19 9.00 -19.31
CA GLY D 38 43.87 8.19 -20.47
C GLY D 38 42.64 8.69 -21.20
N VAL D 39 42.03 7.83 -22.00
CA VAL D 39 40.84 8.18 -22.76
C VAL D 39 41.16 9.19 -23.85
N THR D 40 41.55 8.68 -25.02
CA THR D 40 41.89 9.54 -26.15
C THR D 40 40.64 9.95 -26.92
N LEU D 41 39.54 10.13 -26.20
CA LEU D 41 38.28 10.54 -26.80
C LEU D 41 37.19 10.73 -25.75
N VAL D 42 36.24 11.61 -26.04
CA VAL D 42 35.12 11.89 -25.10
C VAL D 42 33.78 12.23 -25.78
N GLN D 43 32.70 11.63 -25.29
CA GLN D 43 31.36 11.89 -25.83
C GLN D 43 30.41 12.40 -24.75
N ILE D 44 29.65 13.44 -25.09
CA ILE D 44 28.70 14.04 -24.17
C ILE D 44 27.28 13.72 -24.59
N ARG D 45 26.43 13.35 -23.64
CA ARG D 45 25.01 13.11 -23.91
C ARG D 45 24.18 13.85 -22.91
N GLU D 46 23.06 13.23 -22.62
CA GLU D 46 22.34 13.44 -21.38
C GLU D 46 21.72 14.78 -21.46
N LYS D 47 20.84 15.02 -20.49
CA LYS D 47 19.62 15.77 -20.69
C LYS D 47 18.53 14.89 -20.10
N ASP D 48 17.79 15.43 -19.14
CA ASP D 48 18.03 16.80 -18.68
C ASP D 48 18.26 17.74 -19.85
N ALA D 49 17.20 18.06 -20.58
CA ALA D 49 17.28 18.96 -21.73
C ALA D 49 15.94 19.59 -22.03
N ASP D 50 15.85 20.90 -21.84
CA ASP D 50 16.98 21.68 -21.36
C ASP D 50 18.12 21.71 -22.38
N THR D 51 17.82 22.21 -23.58
CA THR D 51 18.81 22.29 -24.64
C THR D 51 19.82 23.43 -24.45
N LYS D 52 19.54 24.34 -23.52
CA LYS D 52 20.42 25.49 -23.32
C LYS D 52 21.50 25.19 -22.31
N PHE D 53 21.12 24.52 -21.23
CA PHE D 53 22.08 24.06 -20.24
C PHE D 53 23.03 23.07 -20.90
N PHE D 54 22.51 22.26 -21.83
CA PHE D 54 23.30 21.33 -22.63
C PHE D 54 24.45 22.08 -23.30
N ILE D 55 24.12 23.10 -24.07
CA ILE D 55 25.12 23.86 -24.82
C ILE D 55 26.19 24.49 -23.93
N GLU D 56 25.80 24.92 -22.74
CA GLU D 56 26.75 25.58 -21.85
C GLU D 56 27.72 24.56 -21.29
N GLU D 57 27.22 23.36 -21.02
CA GLU D 57 28.05 22.28 -20.49
C GLU D 57 28.98 21.74 -21.57
N ALA D 58 28.49 21.70 -22.80
CA ALA D 58 29.28 21.21 -23.93
C ALA D 58 30.48 22.12 -24.20
N LEU D 59 30.26 23.43 -24.23
CA LEU D 59 31.36 24.38 -24.40
C LEU D 59 32.34 24.27 -23.24
N GLN D 60 31.82 24.26 -22.02
CA GLN D 60 32.65 24.16 -20.83
C GLN D 60 33.57 22.95 -20.91
N ILE D 61 33.05 21.86 -21.47
CA ILE D 61 33.79 20.61 -21.55
C ILE D 61 34.64 20.50 -22.81
N LYS D 62 34.28 21.22 -23.87
CA LYS D 62 35.12 21.26 -25.05
C LYS D 62 36.46 21.95 -24.76
N GLU D 63 36.44 23.01 -23.97
CA GLU D 63 37.68 23.66 -23.54
C GLU D 63 38.57 22.67 -22.81
N LEU D 64 37.99 21.88 -21.91
CA LEU D 64 38.76 20.89 -21.17
C LEU D 64 39.41 19.89 -22.11
N CYS D 65 38.62 19.34 -23.03
CA CYS D 65 39.13 18.32 -23.95
C CYS D 65 40.21 18.87 -24.86
N HIS D 66 39.91 19.97 -25.55
CA HIS D 66 40.89 20.64 -26.41
C HIS D 66 42.15 20.97 -25.63
N ALA D 67 42.00 21.39 -24.39
CA ALA D 67 43.14 21.64 -23.51
C ALA D 67 44.07 20.42 -23.46
N HIS D 68 43.49 19.22 -23.38
CA HIS D 68 44.26 17.99 -23.34
C HIS D 68 44.39 17.38 -24.73
N ASN D 69 44.13 18.18 -25.75
CA ASN D 69 44.25 17.72 -27.15
C ASN D 69 43.45 16.45 -27.48
N VAL D 70 42.21 16.40 -27.02
CA VAL D 70 41.30 15.30 -27.33
C VAL D 70 39.95 15.83 -27.82
N PRO D 71 39.43 15.22 -28.89
CA PRO D 71 38.20 15.67 -29.56
C PRO D 71 36.98 15.51 -28.67
N LEU D 72 35.93 16.27 -28.94
CA LEU D 72 34.68 16.13 -28.21
C LEU D 72 33.58 15.70 -29.17
N ILE D 73 32.87 14.62 -28.82
CA ILE D 73 31.79 14.13 -29.66
C ILE D 73 30.45 14.33 -28.97
N ILE D 74 29.42 14.61 -29.76
CA ILE D 74 28.10 14.88 -29.21
C ILE D 74 27.04 13.93 -29.77
N ASN D 75 26.06 13.58 -28.94
CA ASN D 75 25.02 12.66 -29.36
C ASN D 75 23.71 13.01 -28.66
N ASP D 76 22.61 13.07 -29.40
CA ASP D 76 22.54 12.87 -30.83
C ASP D 76 22.08 14.17 -31.46
N ARG D 77 22.32 15.27 -30.75
CA ARG D 77 21.84 16.54 -31.25
C ARG D 77 22.84 17.13 -32.24
N ILE D 78 22.61 16.83 -33.51
CA ILE D 78 23.44 17.33 -34.59
C ILE D 78 23.51 18.85 -34.60
N ASP D 79 22.37 19.49 -34.35
CA ASP D 79 22.33 20.96 -34.26
C ASP D 79 23.26 21.54 -33.18
N VAL D 80 23.17 21.03 -31.95
CA VAL D 80 24.10 21.44 -30.91
C VAL D 80 25.54 21.17 -31.35
N ALA D 81 25.74 20.10 -32.12
CA ALA D 81 27.07 19.76 -32.60
C ALA D 81 27.63 20.86 -33.48
N MET D 82 26.88 21.25 -34.50
CA MET D 82 27.30 22.31 -35.40
C MET D 82 27.44 23.63 -34.67
N ALA D 83 26.48 23.92 -33.81
CA ALA D 83 26.43 25.19 -33.10
C ALA D 83 27.67 25.46 -32.25
N ILE D 84 28.21 24.44 -31.60
CA ILE D 84 29.34 24.66 -30.70
C ILE D 84 30.67 24.26 -31.34
N GLY D 85 30.65 23.88 -32.61
CA GLY D 85 31.87 23.49 -33.28
C GLY D 85 32.48 22.26 -32.66
N ALA D 86 31.67 21.20 -32.57
CA ALA D 86 32.12 19.95 -32.00
C ALA D 86 32.94 19.21 -33.05
N ASP D 87 33.62 18.15 -32.61
CA ASP D 87 34.56 17.46 -33.48
C ASP D 87 33.92 16.24 -34.14
N GLY D 88 32.75 15.87 -33.63
CA GLY D 88 32.03 14.73 -34.19
C GLY D 88 30.71 14.47 -33.48
N ILE D 89 29.88 13.62 -34.07
CA ILE D 89 28.60 13.28 -33.48
C ILE D 89 28.37 11.77 -33.50
N HIS D 90 27.70 11.27 -32.48
CA HIS D 90 27.31 9.87 -32.45
C HIS D 90 25.79 9.76 -32.54
N VAL D 91 25.28 8.86 -33.38
CA VAL D 91 23.84 8.64 -33.47
C VAL D 91 23.54 7.16 -33.39
N GLY D 92 22.33 6.84 -32.97
CA GLY D 92 21.94 5.45 -32.79
C GLY D 92 21.18 4.99 -34.00
N GLN D 93 20.73 3.75 -33.94
CA GLN D 93 20.10 3.09 -35.06
C GLN D 93 18.73 3.71 -35.31
N ASP D 94 18.17 4.28 -34.25
CA ASP D 94 16.83 4.85 -34.32
C ASP D 94 16.87 6.36 -34.32
N ASP D 95 18.03 6.94 -34.62
CA ASP D 95 18.14 8.40 -34.73
C ASP D 95 18.18 8.85 -36.20
N MET D 96 18.54 10.10 -36.44
CA MET D 96 18.55 10.65 -37.81
C MET D 96 19.39 9.82 -38.78
N PRO D 97 18.79 9.44 -39.93
CA PRO D 97 19.48 8.65 -40.97
C PRO D 97 20.85 9.26 -41.35
N ILE D 98 21.85 8.41 -41.62
CA ILE D 98 23.21 8.91 -41.75
C ILE D 98 23.42 9.91 -42.90
N PRO D 99 22.93 9.58 -44.12
CA PRO D 99 23.03 10.52 -45.23
C PRO D 99 22.56 11.94 -44.88
N MET D 100 21.37 12.06 -44.28
CA MET D 100 20.83 13.36 -43.84
C MET D 100 21.81 14.10 -42.93
N ILE D 101 22.47 13.37 -42.06
CA ILE D 101 23.41 13.97 -41.13
C ILE D 101 24.59 14.54 -41.89
N ARG D 102 25.15 13.72 -42.79
CA ARG D 102 26.32 14.09 -43.57
C ARG D 102 26.06 15.37 -44.35
N LYS D 103 24.86 15.46 -44.91
CA LYS D 103 24.46 16.66 -45.65
C LYS D 103 24.48 17.94 -44.81
N LEU D 104 24.17 17.85 -43.53
CA LEU D 104 24.12 19.06 -42.69
C LEU D 104 25.47 19.44 -42.12
N VAL D 105 26.22 18.45 -41.66
CA VAL D 105 27.48 18.71 -40.98
C VAL D 105 28.64 18.84 -41.96
N GLY D 106 28.44 18.36 -43.18
CA GLY D 106 29.47 18.39 -44.21
C GLY D 106 30.69 17.57 -43.82
N PRO D 107 31.48 17.12 -44.80
CA PRO D 107 32.71 16.34 -44.59
C PRO D 107 33.55 16.89 -43.44
N ASP D 108 34.57 16.14 -43.03
CA ASP D 108 35.51 16.60 -42.00
C ASP D 108 35.10 16.19 -40.58
N MET D 109 33.80 16.03 -40.36
CA MET D 109 33.30 15.69 -39.04
C MET D 109 33.10 14.19 -38.86
N VAL D 110 33.55 13.67 -37.72
CA VAL D 110 33.44 12.25 -37.45
C VAL D 110 32.00 11.88 -37.18
N ILE D 111 31.52 10.81 -37.80
CA ILE D 111 30.17 10.33 -37.54
C ILE D 111 30.19 8.91 -36.97
N GLY D 112 29.76 8.78 -35.72
CA GLY D 112 29.68 7.49 -35.07
C GLY D 112 28.29 6.88 -35.14
N TRP D 113 28.22 5.57 -35.29
CA TRP D 113 26.95 4.86 -35.42
C TRP D 113 26.93 3.65 -34.50
N SER D 114 25.84 3.50 -33.73
CA SER D 114 25.66 2.31 -32.90
C SER D 114 25.25 1.10 -33.74
N VAL D 115 26.04 0.03 -33.68
CA VAL D 115 25.81 -1.12 -34.55
C VAL D 115 25.88 -2.38 -33.74
N GLY D 116 24.87 -3.24 -33.88
CA GLY D 116 24.81 -4.47 -33.10
C GLY D 116 24.72 -5.73 -33.94
N PHE D 117 24.52 -5.57 -35.25
CA PHE D 117 24.33 -6.70 -36.14
C PHE D 117 25.07 -6.52 -37.45
N PRO D 118 25.49 -7.62 -38.07
CA PRO D 118 26.16 -7.59 -39.37
C PRO D 118 25.30 -6.94 -40.45
N GLU D 119 23.99 -7.21 -40.42
CA GLU D 119 23.03 -6.59 -41.34
C GLU D 119 23.19 -5.09 -41.43
N GLU D 120 23.52 -4.46 -40.31
CA GLU D 120 23.73 -3.02 -40.25
C GLU D 120 25.12 -2.63 -40.75
N VAL D 121 26.04 -3.58 -40.81
CA VAL D 121 27.36 -3.30 -41.35
C VAL D 121 27.25 -3.26 -42.85
N ASP D 122 26.38 -4.10 -43.41
CA ASP D 122 26.09 -4.10 -44.84
C ASP D 122 25.59 -2.73 -45.29
N GLU D 123 24.60 -2.18 -44.58
CA GLU D 123 24.08 -0.84 -44.87
C GLU D 123 25.17 0.21 -44.79
N LEU D 124 25.95 0.17 -43.71
CA LEU D 124 27.06 1.07 -43.49
C LEU D 124 28.00 1.09 -44.69
N SER D 125 28.09 -0.04 -45.38
CA SER D 125 29.04 -0.26 -46.46
C SER D 125 28.53 0.23 -47.81
N LYS D 126 27.24 -0.01 -48.07
CA LYS D 126 26.56 0.48 -49.27
C LYS D 126 26.59 2.01 -49.34
N MET D 127 27.12 2.64 -48.30
CA MET D 127 27.14 4.09 -48.24
C MET D 127 28.55 4.63 -48.51
N GLY D 128 29.55 3.77 -48.44
CA GLY D 128 30.91 4.18 -48.74
C GLY D 128 31.47 5.14 -47.71
N PRO D 129 32.72 5.59 -47.92
CA PRO D 129 33.48 6.45 -47.01
C PRO D 129 32.88 7.84 -46.79
N ASP D 130 33.54 8.61 -45.92
CA ASP D 130 33.00 9.88 -45.36
C ASP D 130 31.43 9.88 -45.28
N MET D 131 30.89 8.73 -44.86
CA MET D 131 29.53 8.63 -44.28
C MET D 131 29.65 8.17 -42.83
N VAL D 132 29.85 6.88 -42.59
CA VAL D 132 30.11 6.42 -41.23
C VAL D 132 31.58 6.24 -40.94
N ASP D 133 32.10 6.93 -39.94
CA ASP D 133 33.53 6.91 -39.64
C ASP D 133 33.93 5.88 -38.59
N TYR D 134 33.06 5.66 -37.60
CA TYR D 134 33.29 4.62 -36.61
C TYR D 134 31.99 4.06 -36.09
N ILE D 135 32.06 2.93 -35.40
CA ILE D 135 30.86 2.33 -34.84
C ILE D 135 31.10 1.80 -33.44
N GLY D 136 30.07 1.94 -32.61
CA GLY D 136 30.06 1.37 -31.27
C GLY D 136 29.36 0.04 -31.37
N VAL D 137 30.09 -1.06 -31.11
CA VAL D 137 29.56 -2.39 -31.33
C VAL D 137 28.64 -2.84 -30.21
N GLY D 138 27.35 -2.97 -30.59
CA GLY D 138 26.21 -3.48 -29.82
C GLY D 138 26.29 -3.24 -28.33
N THR D 139 25.52 -3.99 -27.56
CA THR D 139 25.78 -3.98 -26.13
C THR D 139 26.42 -5.30 -25.75
N LEU D 140 27.72 -5.26 -25.45
CA LEU D 140 28.51 -6.47 -25.24
C LEU D 140 28.00 -7.32 -24.08
N PHE D 141 27.82 -6.68 -22.94
CA PHE D 141 27.30 -7.34 -21.74
C PHE D 141 26.12 -6.55 -21.15
N PRO D 142 25.33 -7.18 -20.25
CA PRO D 142 24.16 -6.48 -19.70
C PRO D 142 24.56 -5.31 -18.81
N THR D 143 23.70 -4.31 -18.73
CA THR D 143 24.04 -3.09 -18.03
C THR D 143 22.77 -2.31 -17.62
N LEU D 144 22.86 -1.53 -16.54
CA LEU D 144 21.73 -0.71 -16.09
C LEU D 144 21.76 0.73 -16.61
N THR D 145 22.76 1.03 -17.43
CA THR D 145 23.00 2.41 -17.86
C THR D 145 22.08 2.87 -18.99
N LYS D 146 21.81 1.99 -19.95
CA LYS D 146 20.88 2.31 -21.04
C LYS D 146 19.46 1.97 -20.60
N LYS D 147 18.55 2.93 -20.71
CA LYS D 147 17.24 2.86 -20.06
C LYS D 147 16.26 1.82 -20.62
N ASN D 148 16.45 1.38 -21.86
CA ASN D 148 15.54 0.41 -22.49
C ASN D 148 16.27 -0.72 -23.25
N PRO D 149 17.03 -0.33 -24.26
CA PRO D 149 17.73 -1.29 -25.12
C PRO D 149 16.75 -2.03 -26.03
N GLY D 155 27.18 -10.70 -27.12
CA GLY D 155 28.44 -10.95 -26.42
C GLY D 155 29.67 -10.80 -27.31
N THR D 156 30.84 -11.29 -26.89
CA THR D 156 32.01 -11.18 -27.80
C THR D 156 31.77 -11.94 -29.09
N ALA D 157 31.07 -13.07 -28.99
CA ALA D 157 30.72 -13.83 -30.18
C ALA D 157 29.96 -12.92 -31.16
N GLY D 158 29.11 -12.05 -30.60
CA GLY D 158 28.32 -11.14 -31.39
C GLY D 158 29.17 -10.05 -32.03
N ALA D 159 30.14 -9.54 -31.27
CA ALA D 159 31.04 -8.52 -31.81
C ALA D 159 31.86 -9.08 -32.96
N ILE D 160 32.26 -10.35 -32.86
CA ILE D 160 33.06 -10.98 -33.89
C ILE D 160 32.29 -10.99 -35.19
N ARG D 161 31.02 -11.39 -35.12
CA ARG D 161 30.20 -11.41 -36.33
C ARG D 161 30.18 -10.04 -37.04
N VAL D 162 30.30 -8.97 -36.27
CA VAL D 162 30.32 -7.62 -36.81
C VAL D 162 31.66 -7.25 -37.44
N LEU D 163 32.75 -7.52 -36.72
CA LEU D 163 34.09 -7.31 -37.27
C LEU D 163 34.28 -8.14 -38.54
N ASP D 164 33.66 -9.31 -38.60
CA ASP D 164 33.76 -10.16 -39.78
C ASP D 164 33.06 -9.54 -40.97
N ALA D 165 31.92 -8.88 -40.73
CA ALA D 165 31.21 -8.19 -41.80
C ALA D 165 31.95 -6.94 -42.29
N LEU D 166 32.66 -6.28 -41.38
CA LEU D 166 33.50 -5.16 -41.75
C LEU D 166 34.65 -5.57 -42.65
N GLU D 167 34.90 -6.87 -42.73
CA GLU D 167 36.04 -7.38 -43.47
C GLU D 167 35.59 -7.95 -44.81
N ARG D 168 34.49 -8.72 -44.77
CA ARG D 168 33.85 -9.21 -45.95
C ARG D 168 33.43 -8.08 -46.87
N ASN D 169 33.07 -6.94 -46.28
CA ASN D 169 32.66 -5.75 -47.04
C ASN D 169 33.80 -4.78 -47.31
N ASN D 170 34.99 -5.11 -46.82
CA ASN D 170 36.13 -4.21 -46.91
C ASN D 170 35.78 -2.78 -46.61
N ALA D 171 35.25 -2.53 -45.42
CA ALA D 171 34.97 -1.17 -44.98
C ALA D 171 36.21 -0.58 -44.28
N HIS D 172 37.31 -0.50 -45.01
CA HIS D 172 38.60 -0.13 -44.43
C HIS D 172 38.55 1.20 -43.67
N TRP D 173 37.51 1.99 -43.94
CA TRP D 173 37.47 3.37 -43.49
C TRP D 173 36.77 3.56 -42.14
N CYS D 174 36.27 2.48 -41.58
CA CYS D 174 35.40 2.51 -40.41
C CYS D 174 36.06 1.89 -39.18
N ARG D 175 36.33 2.71 -38.17
CA ARG D 175 36.91 2.21 -36.94
C ARG D 175 35.83 1.55 -36.07
N THR D 176 36.22 0.91 -34.98
CA THR D 176 35.29 0.27 -34.07
C THR D 176 35.71 0.43 -32.62
N VAL D 177 34.75 0.72 -31.75
CA VAL D 177 34.97 0.59 -30.31
C VAL D 177 33.93 -0.35 -29.76
N GLY D 178 34.29 -1.11 -28.72
CA GLY D 178 33.35 -1.97 -28.03
C GLY D 178 32.71 -1.25 -26.87
N ILE D 179 31.44 -1.52 -26.60
CA ILE D 179 30.75 -0.78 -25.54
C ILE D 179 29.70 -1.60 -24.81
N GLY D 180 29.56 -1.34 -23.50
CA GLY D 180 28.44 -1.87 -22.75
C GLY D 180 28.78 -2.92 -21.73
N GLY D 181 28.99 -2.50 -20.50
CA GLY D 181 29.20 -3.44 -19.42
C GLY D 181 30.67 -3.78 -19.32
N LEU D 182 31.50 -2.94 -19.90
CA LEU D 182 32.94 -3.13 -19.87
C LEU D 182 33.52 -2.63 -18.54
N HIS D 183 34.23 -3.52 -17.85
CA HIS D 183 34.85 -3.19 -16.57
C HIS D 183 36.17 -3.95 -16.49
N PRO D 184 36.98 -3.68 -15.46
CA PRO D 184 38.26 -4.37 -15.34
C PRO D 184 38.15 -5.91 -15.30
N ASP D 185 36.98 -6.44 -14.93
CA ASP D 185 36.80 -7.87 -14.81
C ASP D 185 36.55 -8.57 -16.14
N ASN D 186 36.56 -7.81 -17.23
CA ASN D 186 36.25 -8.39 -18.54
C ASN D 186 36.82 -7.62 -19.73
N ILE D 187 37.64 -6.63 -19.45
CA ILE D 187 38.20 -5.83 -20.53
C ILE D 187 39.26 -6.59 -21.32
N GLU D 188 40.18 -7.26 -20.63
CA GLU D 188 41.21 -8.03 -21.35
C GLU D 188 40.59 -9.16 -22.16
N ARG D 189 39.63 -9.88 -21.57
CA ARG D 189 38.94 -10.93 -22.32
C ARG D 189 38.27 -10.39 -23.57
N VAL D 190 37.67 -9.19 -23.47
CA VAL D 190 37.02 -8.54 -24.62
C VAL D 190 38.03 -8.19 -25.71
N LEU D 191 39.11 -7.51 -25.33
CA LEU D 191 40.17 -7.17 -26.28
C LEU D 191 40.74 -8.42 -26.92
N TYR D 192 40.82 -9.49 -26.13
CA TYR D 192 41.50 -10.71 -26.53
C TYR D 192 40.73 -11.50 -27.58
N GLN D 193 39.42 -11.63 -27.39
CA GLN D 193 38.65 -12.45 -28.34
C GLN D 193 37.81 -11.70 -29.37
N CYS D 194 37.81 -10.38 -29.31
CA CYS D 194 37.15 -9.58 -30.35
C CYS D 194 38.08 -9.31 -31.51
N VAL D 195 38.21 -10.30 -32.39
CA VAL D 195 39.07 -10.20 -33.56
C VAL D 195 38.38 -10.79 -34.78
N SER D 196 38.67 -10.20 -35.94
CA SER D 196 38.17 -10.69 -37.20
C SER D 196 38.60 -12.15 -37.32
N SER D 197 37.82 -12.95 -38.05
CA SER D 197 38.15 -14.35 -38.24
C SER D 197 39.45 -14.52 -39.02
N ASN D 198 39.75 -13.54 -39.86
CA ASN D 198 40.98 -13.57 -40.63
C ASN D 198 42.16 -12.96 -39.88
N GLY D 199 41.90 -12.53 -38.65
CA GLY D 199 42.94 -12.08 -37.75
C GLY D 199 43.44 -10.69 -38.06
N LYS D 200 42.89 -10.08 -39.11
CA LYS D 200 43.41 -8.79 -39.56
C LYS D 200 42.80 -7.57 -38.85
N ARG D 201 41.68 -7.76 -38.16
CA ARG D 201 41.02 -6.62 -37.52
C ARG D 201 40.57 -6.90 -36.08
N SER D 202 40.81 -5.93 -35.19
CA SER D 202 40.26 -5.97 -33.83
C SER D 202 39.67 -4.62 -33.42
N LEU D 203 39.19 -4.52 -32.17
CA LEU D 203 38.61 -3.27 -31.70
C LEU D 203 39.68 -2.19 -31.66
N ASP D 204 39.32 -0.99 -32.08
CA ASP D 204 40.25 0.12 -32.08
C ASP D 204 40.26 0.81 -30.72
N GLY D 205 39.32 0.43 -29.86
CA GLY D 205 39.25 0.98 -28.53
C GLY D 205 38.08 0.48 -27.69
N ILE D 206 38.03 0.96 -26.46
CA ILE D 206 37.06 0.51 -25.48
C ILE D 206 36.22 1.67 -24.92
N CYS D 207 34.92 1.47 -24.78
CA CYS D 207 34.03 2.51 -24.26
C CYS D 207 33.53 2.23 -22.87
N VAL D 208 33.65 3.21 -21.98
CA VAL D 208 33.08 3.05 -20.65
C VAL D 208 32.22 4.24 -20.29
N VAL D 209 31.20 3.99 -19.47
CA VAL D 209 30.42 5.05 -18.87
C VAL D 209 30.50 4.92 -17.34
N SER D 210 29.81 3.92 -16.80
CA SER D 210 29.72 3.76 -15.37
C SER D 210 31.08 3.52 -14.71
N ASP D 211 32.01 2.90 -15.41
CA ASP D 211 33.26 2.53 -14.75
C ASP D 211 34.09 3.74 -14.33
N ILE D 212 33.95 4.84 -15.05
CA ILE D 212 34.67 6.06 -14.73
C ILE D 212 33.76 7.11 -14.12
N ILE D 213 32.68 7.45 -14.82
CA ILE D 213 31.71 8.44 -14.36
C ILE D 213 31.21 8.21 -12.94
N ALA D 214 30.69 7.00 -12.67
CA ALA D 214 30.06 6.69 -11.40
C ALA D 214 31.06 6.33 -10.30
N SER D 215 32.34 6.52 -10.59
CA SER D 215 33.43 6.13 -9.68
C SER D 215 33.70 7.15 -8.56
N LEU D 216 33.89 6.64 -7.34
CA LEU D 216 34.23 7.51 -6.21
C LEU D 216 35.64 8.08 -6.36
N ASP D 217 36.48 7.37 -7.13
CA ASP D 217 37.81 7.85 -7.45
C ASP D 217 38.10 7.67 -8.94
N ALA D 218 37.64 8.61 -9.75
CA ALA D 218 37.73 8.49 -11.20
C ALA D 218 39.16 8.44 -11.72
N ALA D 219 40.08 9.07 -11.01
CA ALA D 219 41.48 9.09 -11.45
C ALA D 219 42.04 7.67 -11.43
N LYS D 220 41.81 6.97 -10.32
CA LYS D 220 42.31 5.61 -10.14
C LYS D 220 41.66 4.65 -11.13
N SER D 221 40.32 4.69 -11.19
CA SER D 221 39.59 3.80 -12.10
C SER D 221 40.17 3.88 -13.51
N THR D 222 40.45 5.09 -13.96
CA THR D 222 40.95 5.33 -15.31
C THR D 222 42.35 4.78 -15.47
N LYS D 223 43.20 5.01 -14.48
CA LYS D 223 44.57 4.52 -14.53
C LYS D 223 44.57 3.00 -14.71
N ILE D 224 43.61 2.33 -14.08
CA ILE D 224 43.43 0.88 -14.21
C ILE D 224 43.01 0.45 -15.62
N LEU D 225 41.99 1.08 -16.19
CA LEU D 225 41.57 0.76 -17.54
C LEU D 225 42.70 0.98 -18.53
N ARG D 226 43.50 2.02 -18.30
CA ARG D 226 44.62 2.30 -19.17
C ARG D 226 45.62 1.18 -19.12
N GLY D 227 45.96 0.75 -17.91
CA GLY D 227 46.86 -0.39 -17.71
C GLY D 227 46.50 -1.58 -18.56
N LEU D 228 45.23 -1.97 -18.51
CA LEU D 228 44.71 -3.11 -19.29
C LEU D 228 44.77 -2.90 -20.80
N ILE D 229 44.40 -1.72 -21.28
CA ILE D 229 44.32 -1.50 -22.71
C ILE D 229 45.67 -1.53 -23.42
N ASP D 230 46.70 -0.94 -22.83
CA ASP D 230 47.99 -0.87 -23.51
C ASP D 230 49.00 -1.94 -23.05
N LYS D 231 48.49 -2.97 -22.39
CA LYS D 231 49.21 -4.22 -22.16
C LYS D 231 49.01 -5.04 -23.44
N THR D 232 49.63 -6.22 -23.54
CA THR D 232 49.42 -7.05 -24.74
C THR D 232 49.27 -8.54 -24.47
N ASP D 233 49.47 -8.95 -23.23
CA ASP D 233 49.34 -10.35 -22.86
C ASP D 233 48.15 -10.57 -21.96
N TYR D 234 47.34 -11.57 -22.27
CA TYR D 234 46.30 -12.02 -21.37
C TYR D 234 46.61 -13.43 -20.89
N LYS D 235 47.40 -13.55 -19.84
CA LYS D 235 47.72 -14.85 -19.25
C LYS D 235 46.54 -15.32 -18.39
N PHE D 236 45.53 -15.91 -19.05
CA PHE D 236 44.26 -16.22 -18.39
C PHE D 236 44.25 -17.49 -17.56
N VAL D 237 45.34 -18.23 -17.63
CA VAL D 237 45.47 -19.44 -16.84
C VAL D 237 46.94 -19.64 -16.50
N ASN D 238 47.20 -20.14 -15.28
CA ASN D 238 48.57 -20.32 -14.85
C ASN D 238 49.21 -21.59 -15.42
N ILE D 239 49.25 -21.65 -16.75
CA ILE D 239 49.92 -22.69 -17.49
C ILE D 239 50.53 -21.99 -18.70
N GLY D 240 51.52 -22.63 -19.33
CA GLY D 240 52.13 -22.05 -20.50
C GLY D 240 51.16 -22.02 -21.66
N LEU D 241 51.27 -20.98 -22.49
CA LEU D 241 50.41 -20.88 -23.66
C LEU D 241 51.21 -20.88 -24.95
N SER D 242 52.51 -21.12 -24.86
CA SER D 242 53.40 -21.09 -26.01
C SER D 242 52.86 -21.95 -27.15
N THR D 243 53.00 -21.46 -28.38
CA THR D 243 52.60 -22.24 -29.54
C THR D 243 53.60 -23.38 -29.76
N LYS D 244 53.10 -24.61 -29.81
CA LYS D 244 53.95 -25.76 -30.08
C LYS D 244 53.58 -26.37 -31.42
N ASN D 245 54.55 -26.45 -32.31
CA ASN D 245 54.29 -26.98 -33.64
C ASN D 245 54.81 -28.39 -33.81
N SER D 246 55.72 -28.78 -32.93
CA SER D 246 56.25 -30.14 -32.94
C SER D 246 55.27 -31.04 -32.22
N LEU D 247 54.89 -32.15 -32.85
CA LEU D 247 54.00 -33.12 -32.23
C LEU D 247 54.40 -33.40 -30.78
N THR D 248 53.42 -33.79 -29.97
CA THR D 248 53.68 -34.05 -28.56
C THR D 248 54.47 -35.34 -28.43
N THR D 249 55.68 -35.22 -27.89
CA THR D 249 56.55 -36.38 -27.78
C THR D 249 56.12 -37.28 -26.63
N THR D 250 56.49 -38.55 -26.73
CA THR D 250 56.24 -39.52 -25.68
C THR D 250 56.78 -39.09 -24.31
N ASP D 251 57.91 -38.39 -24.33
CA ASP D 251 58.54 -37.95 -23.09
C ASP D 251 57.74 -36.85 -22.43
N GLU D 252 57.06 -36.04 -23.24
CA GLU D 252 56.21 -34.95 -22.73
C GLU D 252 54.93 -35.51 -22.11
N ILE D 253 54.28 -36.44 -22.81
CA ILE D 253 53.09 -37.13 -22.30
C ILE D 253 53.39 -37.77 -20.97
N GLN D 254 54.57 -38.37 -20.89
CA GLN D 254 55.00 -39.02 -19.66
C GLN D 254 55.13 -37.99 -18.53
N SER D 255 55.71 -36.85 -18.84
CA SER D 255 55.87 -35.81 -17.83
C SER D 255 54.51 -35.29 -17.35
N ILE D 256 53.60 -35.03 -18.29
CA ILE D 256 52.25 -34.60 -17.96
C ILE D 256 51.63 -35.53 -16.90
N ILE D 257 51.47 -36.81 -17.26
CA ILE D 257 50.84 -37.79 -16.37
C ILE D 257 51.50 -37.84 -14.98
N SER D 258 52.83 -37.84 -14.95
CA SER D 258 53.53 -37.79 -13.67
C SER D 258 53.07 -36.60 -12.85
N ASN D 259 53.06 -35.42 -13.46
CA ASN D 259 52.70 -34.19 -12.77
C ASN D 259 51.30 -34.22 -12.15
N THR D 260 50.31 -34.62 -12.93
CA THR D 260 48.95 -34.73 -12.41
C THR D 260 48.83 -35.80 -11.31
N LEU D 261 49.50 -36.93 -11.46
CA LEU D 261 49.54 -37.94 -10.37
C LEU D 261 50.14 -37.40 -9.08
N LYS D 262 51.19 -36.60 -9.21
CA LYS D 262 51.89 -36.04 -8.06
C LYS D 262 51.14 -34.83 -7.46
N ALA D 263 50.37 -34.14 -8.30
CA ALA D 263 49.70 -32.92 -7.85
C ALA D 263 48.29 -33.14 -7.31
N ARG D 264 47.73 -34.32 -7.58
CA ARG D 264 46.38 -34.66 -7.11
C ARG D 264 45.42 -33.47 -7.24
N PRO D 265 45.08 -33.11 -8.48
CA PRO D 265 44.25 -31.94 -8.78
C PRO D 265 42.83 -32.10 -8.29
N LEU D 266 42.25 -31.02 -7.75
CA LEU D 266 40.85 -31.02 -7.36
C LEU D 266 39.99 -30.53 -8.52
N VAL D 267 39.15 -31.43 -9.04
CA VAL D 267 38.35 -31.16 -10.23
C VAL D 267 36.91 -31.03 -9.88
N GLN D 268 36.39 -29.81 -9.97
CA GLN D 268 34.99 -29.53 -9.67
C GLN D 268 34.08 -29.79 -10.87
N HIS D 269 33.22 -30.79 -10.76
CA HIS D 269 32.24 -31.09 -11.80
C HIS D 269 30.94 -30.33 -11.58
N ILE D 270 30.50 -29.61 -12.59
CA ILE D 270 29.15 -29.08 -12.59
C ILE D 270 28.44 -29.77 -13.74
N THR D 271 27.57 -30.72 -13.42
CA THR D 271 26.85 -31.46 -14.45
C THR D 271 25.45 -31.87 -13.98
N ASN D 272 24.80 -32.70 -14.78
CA ASN D 272 23.44 -33.16 -14.47
C ASN D 272 23.44 -34.29 -13.44
N LYS D 273 23.59 -35.52 -13.92
CA LYS D 273 23.59 -36.68 -13.03
C LYS D 273 24.25 -37.88 -13.69
N VAL D 274 23.72 -38.31 -14.83
CA VAL D 274 24.25 -39.48 -15.53
C VAL D 274 25.77 -39.44 -15.50
N HIS D 275 26.31 -38.23 -15.64
CA HIS D 275 27.75 -38.01 -15.72
C HIS D 275 28.39 -37.77 -14.36
N GLN D 276 27.59 -37.36 -13.37
CA GLN D 276 28.10 -37.16 -12.02
C GLN D 276 28.94 -38.37 -11.64
N ASN D 277 28.30 -39.54 -11.55
CA ASN D 277 28.99 -40.72 -11.06
C ASN D 277 30.09 -41.20 -12.00
N PHE D 278 29.78 -41.35 -13.29
CA PHE D 278 30.80 -41.84 -14.20
C PHE D 278 32.00 -40.89 -14.32
N GLY D 279 31.74 -39.60 -14.17
CA GLY D 279 32.78 -38.58 -14.25
C GLY D 279 33.70 -38.60 -13.04
N ALA D 280 33.16 -38.91 -11.87
CA ALA D 280 33.96 -38.97 -10.66
C ALA D 280 34.87 -40.19 -10.67
N ASN D 281 34.44 -41.24 -11.37
CA ASN D 281 35.24 -42.45 -11.45
C ASN D 281 36.51 -42.24 -12.28
N VAL D 282 36.33 -41.59 -13.44
CA VAL D 282 37.45 -41.24 -14.29
C VAL D 282 38.42 -40.36 -13.50
N THR D 283 37.90 -39.41 -12.76
CA THR D 283 38.75 -38.51 -12.00
C THR D 283 39.54 -39.29 -10.95
N LEU D 284 38.85 -40.14 -10.19
CA LEU D 284 39.52 -41.02 -9.21
C LEU D 284 40.60 -41.90 -9.83
N ALA D 285 40.29 -42.53 -10.95
CA ALA D 285 41.27 -43.34 -11.65
C ALA D 285 42.55 -42.57 -11.95
N LEU D 286 42.39 -41.32 -12.39
CA LEU D 286 43.55 -40.49 -12.75
C LEU D 286 44.26 -39.90 -11.52
N GLY D 287 43.90 -40.39 -10.34
CA GLY D 287 44.60 -40.03 -9.13
C GLY D 287 44.35 -38.61 -8.69
N SER D 288 43.13 -38.13 -8.88
CA SER D 288 42.75 -36.79 -8.44
C SER D 288 41.34 -36.80 -7.84
N SER D 289 41.01 -35.78 -7.05
CA SER D 289 39.75 -35.79 -6.28
C SER D 289 38.64 -34.95 -6.89
N PRO D 290 37.47 -35.56 -7.08
CA PRO D 290 36.30 -34.90 -7.65
C PRO D 290 35.51 -34.18 -6.58
N ILE D 291 34.88 -33.07 -6.92
CA ILE D 291 33.93 -32.40 -6.05
C ILE D 291 32.74 -31.99 -6.88
N MET D 292 31.54 -32.27 -6.38
CA MET D 292 30.32 -32.04 -7.16
C MET D 292 29.48 -30.88 -6.62
N SER D 293 30.15 -29.86 -6.10
CA SER D 293 29.48 -28.68 -5.56
C SER D 293 28.85 -27.79 -6.63
N GLU D 294 27.58 -27.43 -6.43
CA GLU D 294 26.87 -26.44 -7.25
C GLU D 294 26.36 -25.28 -6.38
N ILE D 295 27.14 -24.92 -5.37
CA ILE D 295 26.72 -23.95 -4.39
C ILE D 295 27.54 -22.67 -4.52
N GLN D 296 26.86 -21.55 -4.73
CA GLN D 296 27.50 -20.25 -4.99
C GLN D 296 28.55 -19.76 -4.00
N SER D 297 28.28 -19.94 -2.71
CA SER D 297 29.17 -19.43 -1.66
C SER D 297 30.51 -20.17 -1.57
N GLU D 298 30.49 -21.48 -1.85
CA GLU D 298 31.67 -22.33 -1.81
C GLU D 298 32.68 -22.00 -2.91
N VAL D 299 32.15 -21.50 -4.02
CA VAL D 299 32.87 -21.40 -5.27
C VAL D 299 34.23 -20.70 -5.21
N ASN D 300 34.32 -19.62 -4.44
CA ASN D 300 35.61 -18.94 -4.32
C ASN D 300 36.63 -19.68 -3.47
N ASP D 301 36.14 -20.43 -2.49
CA ASP D 301 37.00 -21.24 -1.62
C ASP D 301 37.55 -22.46 -2.36
N LEU D 302 36.68 -23.17 -3.08
CA LEU D 302 37.09 -24.27 -3.95
C LEU D 302 38.23 -23.87 -4.90
N ALA D 303 38.03 -22.81 -5.67
CA ALA D 303 39.02 -22.35 -6.63
C ALA D 303 40.35 -21.95 -5.99
N ALA D 304 40.33 -21.65 -4.69
CA ALA D 304 41.55 -21.21 -4.01
C ALA D 304 42.47 -22.36 -3.65
N ILE D 305 41.93 -23.58 -3.69
CA ILE D 305 42.71 -24.78 -3.41
C ILE D 305 43.71 -25.08 -4.52
N PRO D 306 44.92 -25.55 -4.17
CA PRO D 306 45.99 -25.76 -5.15
C PRO D 306 45.56 -26.70 -6.28
N HIS D 307 45.91 -26.32 -7.51
CA HIS D 307 45.63 -27.13 -8.70
C HIS D 307 44.14 -27.46 -8.88
N ALA D 308 43.29 -26.49 -8.59
CA ALA D 308 41.86 -26.66 -8.77
C ALA D 308 41.50 -26.47 -10.25
N THR D 309 40.40 -27.09 -10.67
CA THR D 309 40.01 -27.12 -12.07
C THR D 309 38.49 -27.16 -12.20
N LEU D 310 37.94 -26.47 -13.19
CA LEU D 310 36.50 -26.46 -13.38
C LEU D 310 36.11 -27.21 -14.66
N LEU D 311 35.12 -28.10 -14.56
CA LEU D 311 34.61 -28.84 -15.71
C LEU D 311 33.11 -28.58 -15.86
N LEU D 312 32.70 -27.96 -16.95
CA LEU D 312 31.31 -27.56 -17.11
C LEU D 312 30.53 -28.45 -18.06
N ASN D 313 29.38 -28.93 -17.61
CA ASN D 313 28.37 -29.52 -18.48
C ASN D 313 27.10 -28.65 -18.58
N THR D 314 26.16 -29.07 -19.40
CA THR D 314 25.07 -28.17 -19.73
C THR D 314 23.68 -28.82 -19.67
N GLY D 315 22.64 -28.01 -19.71
CA GLY D 315 21.28 -28.48 -19.48
C GLY D 315 21.20 -28.89 -18.04
N SER D 316 21.96 -28.19 -17.20
CA SER D 316 22.09 -28.51 -15.79
C SER D 316 21.03 -27.78 -14.97
N VAL D 317 20.88 -28.24 -13.73
CA VAL D 317 19.87 -27.71 -12.81
C VAL D 317 20.37 -26.44 -12.11
N ALA D 318 21.63 -26.08 -12.37
CA ALA D 318 22.23 -24.89 -11.76
C ALA D 318 21.88 -23.61 -12.51
N PRO D 319 21.53 -22.55 -11.75
CA PRO D 319 21.12 -21.24 -12.26
C PRO D 319 22.26 -20.52 -12.98
N PRO D 320 21.94 -19.85 -14.10
CA PRO D 320 22.96 -19.04 -14.78
C PRO D 320 23.71 -18.14 -13.81
N GLU D 321 23.03 -17.61 -12.80
CA GLU D 321 23.70 -16.71 -11.85
C GLU D 321 24.89 -17.38 -11.16
N MET D 322 24.84 -18.69 -10.96
CA MET D 322 25.92 -19.41 -10.27
C MET D 322 27.01 -19.89 -11.23
N LEU D 323 26.62 -20.30 -12.43
CA LEU D 323 27.60 -20.62 -13.47
C LEU D 323 28.50 -19.41 -13.73
N LYS D 324 27.87 -18.24 -13.92
CA LYS D 324 28.60 -16.98 -14.03
C LYS D 324 29.54 -16.84 -12.83
N ALA D 325 29.03 -17.09 -11.63
CA ALA D 325 29.82 -16.94 -10.41
C ALA D 325 31.02 -17.86 -10.38
N ALA D 326 30.84 -19.09 -10.83
CA ALA D 326 31.90 -20.12 -10.80
C ALA D 326 32.95 -19.82 -11.84
N ILE D 327 32.51 -19.62 -13.07
CA ILE D 327 33.42 -19.30 -14.15
C ILE D 327 34.31 -18.13 -13.77
N ARG D 328 33.71 -17.05 -13.29
CA ARG D 328 34.49 -15.91 -12.85
C ARG D 328 35.46 -16.30 -11.75
N ALA D 329 34.97 -17.08 -10.78
CA ALA D 329 35.77 -17.47 -9.62
C ALA D 329 37.11 -18.08 -10.03
N TYR D 330 37.06 -18.97 -11.02
CA TYR D 330 38.27 -19.63 -11.52
C TYR D 330 39.16 -18.70 -12.35
N ASN D 331 38.56 -17.85 -13.18
CA ASN D 331 39.34 -16.91 -13.97
C ASN D 331 40.09 -15.88 -13.12
N ASP D 332 39.55 -15.58 -11.94
CA ASP D 332 40.15 -14.63 -11.03
C ASP D 332 41.43 -15.17 -10.42
N VAL D 333 41.50 -16.48 -10.26
CA VAL D 333 42.67 -17.12 -9.71
C VAL D 333 43.52 -17.77 -10.82
N LYS D 334 43.18 -17.45 -12.06
CA LYS D 334 43.89 -17.97 -13.23
C LYS D 334 44.01 -19.50 -13.25
N ARG D 335 42.92 -20.17 -12.91
CA ARG D 335 42.85 -21.62 -12.99
C ARG D 335 42.00 -22.05 -14.19
N PRO D 336 42.21 -23.29 -14.67
CA PRO D 336 41.67 -23.73 -15.96
C PRO D 336 40.19 -24.11 -15.91
N ILE D 337 39.44 -23.76 -16.95
CA ILE D 337 38.07 -24.21 -17.11
C ILE D 337 37.94 -25.06 -18.37
N VAL D 338 37.28 -26.20 -18.26
CA VAL D 338 37.01 -27.04 -19.43
C VAL D 338 35.52 -27.05 -19.72
N PHE D 339 35.16 -26.75 -20.96
CA PHE D 339 33.75 -26.63 -21.32
C PHE D 339 33.32 -27.81 -22.18
N ASP D 340 32.49 -28.67 -21.62
CA ASP D 340 32.04 -29.88 -22.32
C ASP D 340 30.53 -29.92 -22.41
N PRO D 341 29.95 -29.13 -23.33
CA PRO D 341 28.50 -28.99 -23.46
C PRO D 341 27.80 -30.32 -23.68
N VAL D 342 26.81 -30.61 -22.82
CA VAL D 342 25.92 -31.74 -23.04
C VAL D 342 24.81 -31.30 -24.00
N GLY D 343 24.59 -29.99 -24.10
CA GLY D 343 23.71 -29.44 -25.13
C GLY D 343 24.12 -30.07 -26.45
N TYR D 344 24.81 -29.34 -27.31
CA TYR D 344 24.81 -27.89 -27.39
C TYR D 344 24.08 -27.67 -28.71
N SER D 345 23.17 -26.70 -28.74
CA SER D 345 22.34 -26.53 -29.93
C SER D 345 21.44 -27.75 -30.20
N ALA D 346 21.26 -28.59 -29.19
CA ALA D 346 20.37 -29.76 -29.33
C ALA D 346 18.90 -29.32 -29.29
N THR D 347 18.64 -28.28 -28.51
CA THR D 347 17.31 -27.72 -28.36
C THR D 347 17.48 -26.22 -28.28
N GLU D 348 16.43 -25.47 -28.62
CA GLU D 348 16.48 -24.02 -28.60
C GLU D 348 16.96 -23.51 -27.23
N THR D 349 16.43 -24.11 -26.17
CA THR D 349 16.77 -23.69 -24.81
C THR D 349 18.25 -23.89 -24.46
N ARG D 350 18.83 -24.99 -24.96
CA ARG D 350 20.23 -25.30 -24.67
C ARG D 350 21.19 -24.36 -25.39
N LEU D 351 21.03 -24.23 -26.70
CA LEU D 351 21.74 -23.21 -27.47
C LEU D 351 21.81 -21.88 -26.69
N LEU D 352 20.65 -21.36 -26.30
CA LEU D 352 20.57 -20.14 -25.50
C LEU D 352 21.49 -20.13 -24.30
N LEU D 353 21.38 -21.15 -23.44
CA LEU D 353 22.13 -21.18 -22.19
C LEU D 353 23.62 -21.30 -22.46
N ASN D 354 23.97 -22.11 -23.44
CA ASN D 354 25.39 -22.34 -23.75
C ASN D 354 26.07 -21.09 -24.26
N ASN D 355 25.44 -20.41 -25.21
CA ASN D 355 25.98 -19.16 -25.69
C ASN D 355 26.12 -18.13 -24.57
N LYS D 356 25.20 -18.14 -23.62
CA LYS D 356 25.28 -17.23 -22.49
C LYS D 356 26.48 -17.58 -21.61
N LEU D 357 26.76 -18.87 -21.48
CA LEU D 357 27.93 -19.35 -20.72
C LEU D 357 29.22 -18.84 -21.31
N LEU D 358 29.29 -18.84 -22.64
CA LEU D 358 30.51 -18.48 -23.32
C LEU D 358 30.82 -17.01 -23.21
N THR D 359 29.97 -16.26 -22.52
CA THR D 359 30.19 -14.84 -22.34
C THR D 359 30.65 -14.55 -20.91
N PHE D 360 30.67 -15.58 -20.07
CA PHE D 360 30.96 -15.38 -18.66
C PHE D 360 32.45 -15.34 -18.35
N GLY D 361 33.28 -15.87 -19.25
CA GLY D 361 34.72 -15.88 -19.03
C GLY D 361 35.56 -16.56 -20.12
N GLN D 362 36.82 -16.84 -19.81
CA GLN D 362 37.78 -17.44 -20.74
C GLN D 362 37.92 -18.92 -20.44
N PHE D 363 37.65 -19.77 -21.43
CA PHE D 363 37.82 -21.21 -21.25
C PHE D 363 39.20 -21.74 -21.70
N SER D 364 39.77 -22.66 -20.93
CA SER D 364 41.03 -23.28 -21.33
C SER D 364 40.82 -24.32 -22.42
N CYS D 365 39.66 -24.97 -22.41
CA CYS D 365 39.38 -25.97 -23.44
C CYS D 365 37.88 -26.16 -23.68
N ILE D 366 37.53 -26.34 -24.95
CA ILE D 366 36.15 -26.61 -25.36
C ILE D 366 36.12 -27.93 -26.10
N LYS D 367 35.25 -28.84 -25.67
CA LYS D 367 35.21 -30.19 -26.24
C LYS D 367 33.83 -30.55 -26.76
N GLY D 368 33.74 -30.89 -28.04
CA GLY D 368 32.49 -31.31 -28.61
C GLY D 368 32.61 -32.44 -29.62
N ASN D 369 31.48 -33.00 -30.03
CA ASN D 369 31.44 -33.94 -31.12
C ASN D 369 31.13 -33.22 -32.44
N SER D 370 31.20 -33.95 -33.54
CA SER D 370 30.94 -33.37 -34.87
C SER D 370 29.81 -32.31 -34.91
N SER D 371 28.66 -32.61 -34.32
CA SER D 371 27.56 -31.64 -34.31
C SER D 371 27.82 -30.46 -33.38
N GLU D 372 28.11 -30.78 -32.11
CA GLU D 372 28.49 -29.77 -31.14
C GLU D 372 29.51 -28.78 -31.74
N ILE D 373 30.51 -29.30 -32.44
CA ILE D 373 31.58 -28.45 -33.02
C ILE D 373 31.14 -27.63 -34.22
N LEU D 374 30.52 -28.27 -35.21
CA LEU D 374 30.04 -27.53 -36.39
C LEU D 374 29.12 -26.39 -35.97
N GLY D 375 28.26 -26.67 -35.00
CA GLY D 375 27.38 -25.66 -34.44
C GLY D 375 28.14 -24.48 -33.85
N LEU D 376 29.12 -24.78 -33.01
CA LEU D 376 29.95 -23.73 -32.40
C LEU D 376 30.71 -22.91 -33.44
N ALA D 377 31.08 -23.55 -34.54
CA ALA D 377 31.82 -22.89 -35.62
C ALA D 377 30.88 -22.06 -36.49
N GLU D 378 29.58 -22.23 -36.26
CA GLU D 378 28.58 -21.46 -36.97
C GLU D 378 28.63 -21.76 -38.46
N LEU D 379 28.90 -23.02 -38.80
CA LEU D 379 29.00 -23.42 -40.20
C LEU D 379 27.64 -23.51 -40.87
N SER D 394 31.53 -35.11 -43.21
CA SER D 394 32.83 -35.09 -43.89
C SER D 394 34.02 -34.98 -42.93
N ASN D 395 35.22 -34.79 -43.48
CA ASN D 395 36.46 -34.93 -42.69
C ASN D 395 37.42 -33.72 -42.79
N GLU D 396 37.46 -33.08 -43.95
CA GLU D 396 38.28 -31.89 -44.08
C GLU D 396 37.52 -30.77 -43.42
N LEU D 397 36.19 -30.91 -43.41
CA LEU D 397 35.26 -29.94 -42.85
C LEU D 397 35.39 -29.88 -41.34
N LEU D 398 35.41 -31.06 -40.71
CA LEU D 398 35.57 -31.13 -39.26
C LEU D 398 36.85 -30.44 -38.79
N ILE D 399 37.91 -30.58 -39.59
CA ILE D 399 39.14 -29.91 -39.25
C ILE D 399 39.02 -28.38 -39.32
N GLN D 400 38.46 -27.86 -40.41
CA GLN D 400 38.25 -26.42 -40.53
C GLN D 400 37.40 -25.93 -39.36
N ALA D 401 36.28 -26.60 -39.11
CA ALA D 401 35.42 -26.26 -37.99
C ALA D 401 36.19 -26.19 -36.65
N THR D 402 36.92 -27.25 -36.34
CA THR D 402 37.70 -27.30 -35.09
C THR D 402 38.60 -26.08 -34.89
N LYS D 403 39.33 -25.68 -35.94
CA LYS D 403 40.17 -24.49 -35.85
C LYS D 403 39.31 -23.23 -35.64
N ILE D 404 38.27 -23.07 -36.44
CA ILE D 404 37.33 -21.94 -36.29
C ILE D 404 36.93 -21.78 -34.82
N VAL D 405 36.48 -22.86 -34.20
CA VAL D 405 36.08 -22.81 -32.81
C VAL D 405 37.24 -22.43 -31.92
N ALA D 406 38.37 -23.12 -32.10
CA ALA D 406 39.53 -22.86 -31.26
C ALA D 406 39.90 -21.38 -31.34
N PHE D 407 39.89 -20.85 -32.55
CA PHE D 407 40.29 -19.46 -32.74
C PHE D 407 39.24 -18.51 -32.18
N LYS D 408 37.98 -18.78 -32.50
CA LYS D 408 36.87 -17.94 -32.06
C LYS D 408 36.86 -17.66 -30.55
N TYR D 409 36.98 -18.71 -29.74
CA TYR D 409 36.89 -18.61 -28.29
C TYR D 409 38.29 -18.56 -27.64
N LYS D 410 39.29 -18.30 -28.47
CA LYS D 410 40.71 -18.27 -28.07
C LYS D 410 41.05 -19.37 -27.07
N THR D 411 40.86 -20.61 -27.49
CA THR D 411 40.98 -21.74 -26.58
C THR D 411 41.52 -23.00 -27.30
N VAL D 412 41.87 -24.03 -26.53
CA VAL D 412 42.17 -25.31 -27.16
C VAL D 412 40.87 -26.07 -27.37
N ALA D 413 40.58 -26.39 -28.64
CA ALA D 413 39.33 -27.06 -28.97
C ALA D 413 39.53 -28.53 -29.37
N VAL D 414 38.67 -29.40 -28.86
CA VAL D 414 38.74 -30.81 -29.18
C VAL D 414 37.45 -31.23 -29.86
N CYS D 415 37.58 -31.95 -30.97
CA CYS D 415 36.44 -32.47 -31.70
C CYS D 415 36.50 -33.99 -31.77
N THR D 416 35.63 -34.66 -31.03
CA THR D 416 35.67 -36.13 -30.92
C THR D 416 34.94 -36.90 -32.04
N GLY D 417 35.54 -38.02 -32.45
CA GLY D 417 34.99 -38.88 -33.49
C GLY D 417 35.90 -40.08 -33.70
N GLU D 418 35.90 -40.68 -34.89
CA GLU D 418 36.86 -41.75 -35.19
C GLU D 418 38.24 -41.16 -35.02
N PHE D 419 38.48 -40.06 -35.71
CA PHE D 419 39.65 -39.23 -35.44
C PHE D 419 39.23 -38.15 -34.46
N ASP D 420 40.09 -37.89 -33.48
CA ASP D 420 39.89 -36.75 -32.59
C ASP D 420 40.80 -35.63 -33.07
N PHE D 421 40.26 -34.43 -33.27
CA PHE D 421 41.08 -33.32 -33.71
C PHE D 421 41.26 -32.31 -32.60
N ILE D 422 42.49 -31.85 -32.41
CA ILE D 422 42.79 -30.81 -31.42
C ILE D 422 43.43 -29.58 -32.07
N ALA D 423 42.87 -28.40 -31.82
CA ALA D 423 43.41 -27.17 -32.36
C ALA D 423 43.73 -26.17 -31.25
N ASP D 424 44.81 -25.41 -31.40
CA ASP D 424 45.24 -24.43 -30.39
C ASP D 424 45.06 -22.99 -30.85
N GLY D 425 43.99 -22.36 -30.39
CA GLY D 425 43.67 -21.01 -30.79
C GLY D 425 44.04 -19.93 -29.79
N THR D 426 44.84 -20.28 -28.79
CA THR D 426 45.18 -19.29 -27.76
C THR D 426 46.13 -18.19 -28.24
N ILE D 427 46.94 -18.49 -29.26
CA ILE D 427 47.90 -17.52 -29.78
C ILE D 427 48.74 -16.88 -28.68
N GLU D 428 49.23 -17.71 -27.76
CA GLU D 428 50.09 -17.24 -26.67
C GLU D 428 49.45 -16.10 -25.85
N GLY D 429 48.12 -16.02 -25.85
CA GLY D 429 47.41 -15.03 -25.08
C GLY D 429 47.67 -13.60 -25.51
N LYS D 430 47.76 -13.37 -26.81
CA LYS D 430 48.13 -12.06 -27.36
C LYS D 430 46.92 -11.25 -27.81
N TYR D 431 46.87 -9.97 -27.41
CA TYR D 431 45.87 -9.08 -27.95
C TYR D 431 46.47 -7.73 -28.29
N SER D 432 45.77 -7.00 -29.15
CA SER D 432 46.17 -5.64 -29.51
C SER D 432 44.97 -4.85 -30.03
N LEU D 433 45.10 -3.54 -30.09
CA LEU D 433 44.08 -2.68 -30.67
C LEU D 433 44.18 -2.65 -32.21
N SER D 434 43.03 -2.68 -32.88
CA SER D 434 42.95 -2.57 -34.35
C SER D 434 43.67 -3.63 -35.21
N LYS D 435 44.79 -4.17 -34.72
CA LYS D 435 45.77 -4.88 -35.54
C LYS D 435 45.30 -6.09 -36.36
N GLY D 436 44.68 -7.12 -35.79
CA GLY D 436 44.65 -7.46 -34.38
C GLY D 436 45.54 -8.61 -33.94
N THR D 437 45.41 -9.80 -34.49
CA THR D 437 46.43 -10.79 -34.14
C THR D 437 47.59 -10.40 -35.03
N ASN D 438 48.72 -11.07 -34.90
CA ASN D 438 49.77 -10.75 -35.85
C ASN D 438 49.49 -11.44 -37.16
N THR D 440 47.62 -13.80 -37.69
CA THR D 440 47.46 -15.23 -37.50
C THR D 440 45.98 -15.58 -37.63
N SER D 441 45.55 -16.09 -38.78
CA SER D 441 44.12 -16.32 -39.01
C SER D 441 43.62 -17.69 -38.56
N VAL D 442 42.29 -17.87 -38.65
CA VAL D 442 41.68 -19.15 -38.40
C VAL D 442 42.47 -20.29 -39.07
N GLU D 443 42.98 -20.01 -40.26
CA GLU D 443 43.49 -21.07 -41.15
C GLU D 443 44.79 -21.70 -40.68
N ASP D 444 45.60 -20.95 -39.95
CA ASP D 444 46.99 -21.36 -39.75
C ASP D 444 47.44 -21.60 -38.30
N ILE D 445 46.49 -21.78 -37.39
CA ILE D 445 46.82 -22.21 -36.03
C ILE D 445 47.11 -23.71 -36.04
N PRO D 446 47.87 -24.20 -35.05
CA PRO D 446 48.17 -25.62 -34.97
C PRO D 446 46.94 -26.49 -34.76
N CYS D 447 46.85 -27.57 -35.53
CA CYS D 447 45.80 -28.57 -35.35
C CYS D 447 46.32 -29.98 -35.65
N VAL D 448 46.20 -30.86 -34.66
CA VAL D 448 46.67 -32.23 -34.78
C VAL D 448 45.52 -33.23 -34.78
N ALA D 449 45.81 -34.49 -35.09
CA ALA D 449 44.78 -35.53 -35.13
C ALA D 449 45.22 -36.74 -34.35
N VAL D 450 44.26 -37.55 -33.89
CA VAL D 450 44.54 -38.75 -33.09
C VAL D 450 43.65 -39.93 -33.46
N GLU D 451 44.30 -41.08 -33.75
CA GLU D 451 43.65 -42.39 -33.97
C GLU D 451 44.41 -43.61 -33.42
N SER D 467 33.40 -38.68 -20.58
CA SER D 467 34.56 -39.26 -19.91
C SER D 467 35.86 -38.56 -20.29
N LEU D 468 35.97 -38.18 -21.56
CA LEU D 468 37.14 -37.46 -22.05
C LEU D 468 37.27 -36.09 -21.41
N GLY D 469 36.13 -35.45 -21.12
CA GLY D 469 36.11 -34.16 -20.46
C GLY D 469 36.81 -34.20 -19.11
N SER D 470 36.54 -35.22 -18.32
CA SER D 470 37.18 -35.35 -17.03
C SER D 470 38.65 -35.71 -17.19
N THR D 471 38.97 -36.49 -18.23
CA THR D 471 40.37 -36.84 -18.47
C THR D 471 41.16 -35.58 -18.76
N ILE D 472 40.71 -34.81 -19.74
CA ILE D 472 41.34 -33.55 -20.09
C ILE D 472 41.46 -32.63 -18.88
N ALA D 473 40.41 -32.58 -18.06
CA ALA D 473 40.39 -31.72 -16.88
C ALA D 473 41.51 -32.06 -15.89
N CYS D 474 41.84 -33.35 -15.77
CA CYS D 474 42.87 -33.81 -14.84
C CYS D 474 44.28 -33.56 -15.38
N MET D 475 44.48 -33.70 -16.69
CA MET D 475 45.80 -33.48 -17.27
C MET D 475 46.17 -32.01 -17.14
N ILE D 476 45.26 -31.13 -17.52
CA ILE D 476 45.49 -29.68 -17.41
C ILE D 476 45.64 -29.28 -15.95
N GLY D 477 44.87 -29.95 -15.10
CA GLY D 477 44.83 -29.62 -13.69
C GLY D 477 46.18 -29.80 -13.01
N GLY D 478 46.93 -30.79 -13.47
CA GLY D 478 48.21 -31.12 -12.87
C GLY D 478 49.40 -30.27 -13.31
N GLN D 479 49.26 -29.56 -14.42
CA GLN D 479 50.37 -28.78 -14.97
C GLN D 479 50.83 -27.63 -14.06
N PRO D 480 52.16 -27.46 -13.92
CA PRO D 480 52.82 -26.39 -13.16
C PRO D 480 52.98 -25.16 -14.04
N SER D 481 53.37 -24.03 -13.45
CA SER D 481 53.46 -22.78 -14.20
C SER D 481 54.24 -22.90 -15.51
N GLU D 482 55.18 -23.85 -15.57
CA GLU D 482 56.06 -24.01 -16.73
C GLU D 482 55.51 -25.01 -17.73
N GLY D 483 54.30 -25.51 -17.48
CA GLY D 483 53.70 -26.52 -18.33
C GLY D 483 53.29 -25.98 -19.68
N ASN D 484 52.42 -26.71 -20.36
CA ASN D 484 51.88 -26.24 -21.63
C ASN D 484 50.46 -26.75 -21.86
N LEU D 485 49.53 -25.80 -21.98
CA LEU D 485 48.12 -26.13 -22.11
C LEU D 485 47.86 -27.09 -23.25
N PHE D 486 48.44 -26.81 -24.41
CA PHE D 486 48.18 -27.60 -25.60
C PHE D 486 48.65 -29.04 -25.42
N HIS D 487 49.90 -29.23 -24.99
CA HIS D 487 50.40 -30.59 -24.84
C HIS D 487 49.56 -31.39 -23.87
N ALA D 488 49.11 -30.74 -22.81
CA ALA D 488 48.32 -31.43 -21.80
C ALA D 488 47.03 -31.95 -22.41
N VAL D 489 46.32 -31.11 -23.15
CA VAL D 489 45.07 -31.55 -23.77
C VAL D 489 45.34 -32.74 -24.69
N VAL D 490 46.38 -32.64 -25.51
CA VAL D 490 46.69 -33.74 -26.42
C VAL D 490 46.96 -34.99 -25.61
N ALA D 491 47.78 -34.86 -24.59
CA ALA D 491 48.07 -35.98 -23.70
C ALA D 491 46.77 -36.64 -23.26
N GLY D 492 45.84 -35.84 -22.77
CA GLY D 492 44.55 -36.35 -22.33
C GLY D 492 43.82 -37.11 -23.43
N VAL D 493 43.77 -36.55 -24.64
CA VAL D 493 43.04 -37.20 -25.73
C VAL D 493 43.69 -38.52 -26.07
N MET D 494 45.02 -38.54 -26.05
CA MET D 494 45.78 -39.76 -26.30
C MET D 494 45.45 -40.81 -25.25
N LEU D 495 45.69 -40.47 -23.99
CA LEU D 495 45.37 -41.34 -22.88
C LEU D 495 43.97 -41.94 -23.05
N TYR D 496 42.95 -41.10 -23.21
CA TYR D 496 41.58 -41.58 -23.34
C TYR D 496 41.44 -42.56 -24.49
N LYS D 497 41.88 -42.16 -25.67
CA LYS D 497 41.79 -42.98 -26.87
C LYS D 497 42.49 -44.34 -26.67
N ALA D 498 43.65 -44.31 -26.02
CA ALA D 498 44.39 -45.52 -25.66
C ALA D 498 43.60 -46.47 -24.75
N ALA D 499 43.12 -45.97 -23.63
CA ALA D 499 42.26 -46.73 -22.73
C ALA D 499 41.05 -47.32 -23.46
N GLY D 500 40.56 -46.63 -24.48
CA GLY D 500 39.42 -47.09 -25.25
C GLY D 500 39.67 -48.39 -25.98
N LYS D 501 40.75 -48.45 -26.76
CA LYS D 501 41.09 -49.68 -27.48
C LYS D 501 41.20 -50.85 -26.49
N ILE D 502 42.02 -50.68 -25.47
CA ILE D 502 42.17 -51.69 -24.42
C ILE D 502 40.82 -52.18 -23.86
N ALA D 503 39.92 -51.26 -23.55
CA ALA D 503 38.65 -51.65 -22.96
C ALA D 503 37.78 -52.41 -23.96
N SER D 504 37.63 -51.86 -25.15
CA SER D 504 36.83 -52.52 -26.18
C SER D 504 37.28 -53.96 -26.42
N GLU D 505 38.54 -54.26 -26.16
CA GLU D 505 39.04 -55.64 -26.32
C GLU D 505 38.70 -56.54 -25.13
N LYS D 506 38.89 -56.01 -23.92
CA LYS D 506 38.73 -56.79 -22.69
C LYS D 506 37.29 -56.92 -22.17
N CYS D 507 36.31 -56.43 -22.93
CA CYS D 507 34.96 -56.33 -22.39
C CYS D 507 34.00 -57.29 -23.06
N ASN D 508 32.81 -57.46 -22.46
CA ASN D 508 31.78 -58.37 -22.96
C ASN D 508 30.51 -57.65 -23.40
N GLY D 509 30.58 -56.32 -23.48
CA GLY D 509 29.42 -55.49 -23.82
C GLY D 509 29.50 -54.11 -23.18
N SER D 510 28.42 -53.34 -23.30
CA SER D 510 28.41 -51.94 -22.86
C SER D 510 28.75 -51.80 -21.40
N GLY D 511 28.16 -52.66 -20.59
CA GLY D 511 28.35 -52.63 -19.16
C GLY D 511 29.81 -52.73 -18.75
N SER D 512 30.46 -53.84 -19.10
CA SER D 512 31.86 -54.04 -18.71
C SER D 512 32.79 -53.06 -19.43
N PHE D 513 32.39 -52.60 -20.61
CA PHE D 513 33.21 -51.61 -21.31
C PHE D 513 33.48 -50.40 -20.45
N GLN D 514 32.44 -49.93 -19.76
CA GLN D 514 32.53 -48.76 -18.92
C GLN D 514 33.57 -48.99 -17.82
N VAL D 515 33.45 -50.10 -17.12
CA VAL D 515 34.36 -50.37 -16.01
C VAL D 515 35.78 -50.76 -16.46
N GLU D 516 35.91 -51.48 -17.57
CA GLU D 516 37.23 -51.75 -18.15
C GLU D 516 37.96 -50.47 -18.62
N LEU D 517 37.19 -49.46 -19.03
CA LEU D 517 37.75 -48.18 -19.46
C LEU D 517 38.38 -47.49 -18.26
N ILE D 518 37.63 -47.40 -17.17
CA ILE D 518 38.18 -46.81 -15.97
C ILE D 518 39.44 -47.55 -15.55
N ASP D 519 39.38 -48.88 -15.58
CA ASP D 519 40.54 -49.69 -15.22
C ASP D 519 41.76 -49.39 -16.10
N ALA D 520 41.56 -49.35 -17.41
CA ALA D 520 42.63 -49.07 -18.34
C ALA D 520 43.25 -47.71 -18.05
N LEU D 521 42.41 -46.72 -17.76
CA LEU D 521 42.90 -45.39 -17.42
C LEU D 521 43.79 -45.48 -16.20
N TYR D 522 43.40 -46.33 -15.24
CA TYR D 522 44.14 -46.45 -13.99
C TYR D 522 45.49 -47.16 -14.20
N ARG D 523 45.44 -48.29 -14.90
CA ARG D 523 46.66 -49.03 -15.20
C ARG D 523 47.61 -48.22 -16.07
N LEU D 524 47.07 -47.64 -17.14
CA LEU D 524 47.87 -46.87 -18.10
C LEU D 524 48.73 -45.79 -17.45
N THR D 525 48.17 -45.10 -16.46
CA THR D 525 48.84 -43.97 -15.81
C THR D 525 49.72 -44.38 -14.62
N ARG D 526 49.46 -45.55 -14.06
CA ARG D 526 50.33 -46.06 -13.01
C ARG D 526 51.67 -46.61 -13.57
N GLU D 527 51.70 -46.88 -14.87
CA GLU D 527 52.95 -47.15 -15.61
C GLU D 527 53.08 -46.16 -16.80
N ASN D 528 53.80 -45.08 -16.60
CA ASN D 528 54.01 -44.14 -17.70
C ASN D 528 54.86 -44.74 -18.80
N THR D 529 54.24 -45.41 -19.77
CA THR D 529 55.01 -45.93 -20.88
C THR D 529 54.32 -45.67 -22.20
N PRO D 530 54.09 -44.39 -22.50
CA PRO D 530 53.35 -43.98 -23.70
C PRO D 530 53.93 -44.61 -24.98
N VAL D 531 55.21 -45.00 -24.98
CA VAL D 531 55.81 -45.70 -26.12
C VAL D 531 54.96 -46.93 -26.47
N THR D 532 54.35 -47.52 -25.45
CA THR D 532 53.41 -48.63 -25.59
C THR D 532 52.06 -48.35 -26.25
N TRP D 533 51.44 -47.19 -25.98
CA TRP D 533 50.02 -46.95 -26.34
C TRP D 533 49.67 -46.95 -27.82
N ALA D 534 48.52 -47.55 -28.12
CA ALA D 534 48.01 -47.74 -29.49
C ALA D 534 47.88 -46.50 -30.41
N PRO D 535 47.31 -45.39 -29.89
CA PRO D 535 46.87 -44.27 -30.73
C PRO D 535 48.02 -43.55 -31.43
N LYS D 536 47.83 -43.24 -32.70
CA LYS D 536 48.84 -42.59 -33.50
C LYS D 536 48.51 -41.10 -33.69
N LEU D 537 49.51 -40.27 -33.46
CA LEU D 537 49.36 -38.81 -33.46
C LEU D 537 50.01 -38.16 -34.69
N THR D 538 49.18 -37.63 -35.60
CA THR D 538 49.70 -37.02 -36.83
C THR D 538 49.48 -35.52 -36.85
N HIS D 539 49.92 -34.84 -37.91
CA HIS D 539 49.53 -33.46 -38.16
C HIS D 539 48.24 -33.43 -38.97
N THR D 540 47.49 -32.33 -38.89
CA THR D 540 46.25 -32.20 -39.64
C THR D 540 46.48 -31.35 -40.87
N LYS E 2 7.63 27.12 -49.83
CA LYS E 2 8.48 28.01 -49.01
C LYS E 2 7.75 29.34 -48.67
N PHE E 3 7.48 29.56 -47.38
CA PHE E 3 6.84 30.79 -46.92
C PHE E 3 7.87 31.78 -46.40
N SER E 4 7.46 33.04 -46.28
CA SER E 4 8.32 34.07 -45.67
C SER E 4 7.63 34.71 -44.48
N LYS E 5 8.40 35.31 -43.57
CA LYS E 5 7.88 36.03 -42.42
C LYS E 5 6.44 36.53 -42.58
N GLU E 6 6.22 37.30 -43.65
CA GLU E 6 4.97 38.06 -43.80
C GLU E 6 3.83 37.24 -44.37
N GLN E 7 4.09 36.01 -44.78
CA GLN E 7 3.04 35.14 -45.28
C GLN E 7 2.42 34.33 -44.15
N PHE E 8 3.06 34.37 -42.99
CA PHE E 8 2.62 33.59 -41.83
C PHE E 8 1.34 34.16 -41.23
N ASP E 9 0.31 33.32 -41.16
CA ASP E 9 -0.97 33.70 -40.56
C ASP E 9 -1.16 33.04 -39.19
N TYR E 10 -0.98 33.83 -38.12
CA TYR E 10 -0.98 33.28 -36.77
C TYR E 10 -2.37 33.08 -36.15
N SER E 11 -3.43 33.36 -36.92
CA SER E 11 -4.83 33.29 -36.44
C SER E 11 -5.09 32.18 -35.42
N LEU E 12 -5.18 30.96 -35.90
CA LEU E 12 -5.43 29.81 -35.04
C LEU E 12 -4.26 28.86 -35.18
N TYR E 13 -3.43 28.81 -34.14
CA TYR E 13 -2.13 28.16 -34.21
C TYR E 13 -2.19 26.88 -33.40
N LEU E 14 -2.10 25.75 -34.09
CA LEU E 14 -2.23 24.44 -33.45
C LEU E 14 -0.87 23.88 -33.07
N VAL E 15 -0.69 23.64 -31.78
CA VAL E 15 0.52 23.03 -31.24
C VAL E 15 0.20 21.60 -30.83
N THR E 16 0.87 20.62 -31.44
CA THR E 16 0.58 19.21 -31.17
C THR E 16 1.21 18.68 -29.88
N ASP E 17 0.69 17.55 -29.42
CA ASP E 17 1.26 16.84 -28.27
C ASP E 17 0.88 15.37 -28.44
N SER E 18 1.89 14.54 -28.70
CA SER E 18 1.69 13.18 -29.17
C SER E 18 0.98 12.24 -28.18
N GLY E 19 1.33 12.33 -26.91
CA GLY E 19 0.74 11.44 -25.92
C GLY E 19 -0.45 12.06 -25.24
N MET E 20 -1.48 12.37 -26.01
CA MET E 20 -2.65 13.06 -25.49
C MET E 20 -3.82 12.83 -26.44
N ILE E 21 -3.53 12.10 -27.51
CA ILE E 21 -4.52 11.74 -28.50
C ILE E 21 -5.42 10.61 -28.00
N PRO E 22 -6.74 10.78 -28.18
CA PRO E 22 -7.73 9.80 -27.75
C PRO E 22 -7.60 8.51 -28.55
N GLU E 23 -8.02 7.39 -27.97
CA GLU E 23 -7.92 6.09 -28.64
C GLU E 23 -8.65 6.06 -29.97
N GLY E 24 -8.06 5.39 -30.95
CA GLY E 24 -8.68 5.21 -32.25
C GLY E 24 -8.50 6.44 -33.13
N LYS E 25 -7.65 7.35 -32.68
CA LYS E 25 -7.37 8.57 -33.42
C LYS E 25 -5.86 8.76 -33.55
N THR E 26 -5.43 9.30 -34.68
CA THR E 26 -4.00 9.52 -34.93
C THR E 26 -3.66 11.00 -34.92
N LEU E 27 -2.38 11.32 -34.79
CA LEU E 27 -1.95 12.71 -34.87
C LEU E 27 -2.23 13.27 -36.25
N TYR E 28 -2.01 12.46 -37.27
CA TYR E 28 -2.35 12.85 -38.64
C TYR E 28 -3.84 13.20 -38.70
N GLY E 29 -4.65 12.32 -38.12
CA GLY E 29 -6.10 12.48 -38.13
C GLY E 29 -6.58 13.78 -37.51
N GLN E 30 -6.07 14.12 -36.33
CA GLN E 30 -6.42 15.37 -35.66
C GLN E 30 -5.94 16.59 -36.41
N VAL E 31 -4.65 16.63 -36.74
CA VAL E 31 -4.11 17.77 -37.47
C VAL E 31 -4.84 17.96 -38.80
N GLU E 32 -5.32 16.87 -39.40
CA GLU E 32 -6.05 16.98 -40.66
C GLU E 32 -7.35 17.71 -40.44
N ALA E 33 -8.10 17.26 -39.45
CA ALA E 33 -9.40 17.86 -39.11
C ALA E 33 -9.29 19.36 -38.81
N GLY E 34 -8.20 19.75 -38.17
CA GLY E 34 -8.01 21.14 -37.77
C GLY E 34 -7.56 22.04 -38.90
N LEU E 35 -7.03 21.44 -39.97
CA LEU E 35 -6.60 22.18 -41.15
C LEU E 35 -7.80 22.45 -42.04
N GLN E 36 -8.72 21.51 -42.05
CA GLN E 36 -9.92 21.61 -42.86
C GLN E 36 -10.89 22.64 -42.28
N ASN E 37 -10.61 23.13 -41.07
CA ASN E 37 -11.54 24.04 -40.41
C ASN E 37 -10.95 25.30 -39.76
N GLY E 38 -9.68 25.61 -40.03
CA GLY E 38 -9.02 26.73 -39.40
C GLY E 38 -7.52 26.47 -39.36
N VAL E 39 -7.02 26.12 -38.18
CA VAL E 39 -5.58 26.00 -37.99
C VAL E 39 -4.85 26.63 -39.19
N THR E 40 -4.27 27.78 -38.98
CA THR E 40 -3.69 28.56 -40.05
C THR E 40 -2.18 28.46 -39.93
N LEU E 41 -1.76 27.62 -38.99
CA LEU E 41 -0.36 27.42 -38.63
C LEU E 41 -0.27 26.21 -37.71
N VAL E 42 0.85 25.49 -37.76
CA VAL E 42 0.98 24.21 -37.02
C VAL E 42 2.39 23.97 -36.48
N GLN E 43 2.48 23.59 -35.21
CA GLN E 43 3.76 23.26 -34.60
C GLN E 43 3.81 21.81 -34.10
N ILE E 44 4.92 21.13 -34.37
CA ILE E 44 5.09 19.74 -33.94
C ILE E 44 6.13 19.66 -32.84
N ARG E 45 5.86 18.86 -31.82
CA ARG E 45 6.80 18.64 -30.72
C ARG E 45 7.10 17.17 -30.63
N GLU E 46 8.19 16.85 -29.95
CA GLU E 46 8.44 15.49 -29.53
C GLU E 46 9.62 15.49 -28.60
N LYS E 47 9.30 15.62 -27.31
CA LYS E 47 10.28 15.66 -26.24
C LYS E 47 10.64 14.24 -25.78
N ASP E 48 9.80 13.26 -26.12
CA ASP E 48 9.90 11.92 -25.57
C ASP E 48 10.28 10.77 -26.53
N ALA E 49 10.24 11.00 -27.84
CA ALA E 49 10.45 9.91 -28.80
C ALA E 49 11.90 9.68 -29.24
N ASP E 50 12.05 8.72 -30.15
CA ASP E 50 13.33 8.44 -30.80
C ASP E 50 13.44 9.36 -32.01
N THR E 51 14.52 10.14 -32.06
CA THR E 51 14.72 11.20 -33.06
C THR E 51 14.45 10.80 -34.51
N LYS E 52 14.29 9.50 -34.77
CA LYS E 52 14.07 9.03 -36.14
C LYS E 52 12.61 8.92 -36.45
N PHE E 53 11.84 8.41 -35.49
CA PHE E 53 10.40 8.39 -35.62
C PHE E 53 9.88 9.83 -35.73
N PHE E 54 10.52 10.73 -34.98
CA PHE E 54 10.21 12.16 -35.05
C PHE E 54 10.26 12.64 -36.50
N ILE E 55 11.39 12.42 -37.16
CA ILE E 55 11.61 12.90 -38.52
C ILE E 55 10.60 12.33 -39.51
N GLU E 56 10.21 11.09 -39.32
CA GLU E 56 9.26 10.47 -40.22
C GLU E 56 7.88 11.09 -40.06
N GLU E 57 7.51 11.41 -38.82
CA GLU E 57 6.21 12.00 -38.54
C GLU E 57 6.18 13.46 -39.02
N ALA E 58 7.32 14.13 -38.91
CA ALA E 58 7.42 15.53 -39.33
C ALA E 58 7.24 15.67 -40.84
N LEU E 59 7.90 14.81 -41.60
CA LEU E 59 7.73 14.81 -43.05
C LEU E 59 6.29 14.47 -43.42
N GLN E 60 5.77 13.43 -42.80
CA GLN E 60 4.40 12.99 -43.07
C GLN E 60 3.42 14.12 -42.88
N ILE E 61 3.69 14.95 -41.87
CA ILE E 61 2.79 16.05 -41.51
C ILE E 61 3.11 17.35 -42.28
N LYS E 62 4.34 17.50 -42.73
CA LYS E 62 4.67 18.64 -43.57
C LYS E 62 3.92 18.58 -44.90
N GLU E 63 3.82 17.38 -45.49
CA GLU E 63 3.03 17.19 -46.70
C GLU E 63 1.58 17.64 -46.49
N LEU E 64 1.00 17.25 -45.36
CA LEU E 64 -0.37 17.61 -45.04
C LEU E 64 -0.52 19.13 -44.97
N CYS E 65 0.35 19.77 -44.19
CA CYS E 65 0.28 21.22 -44.03
C CYS E 65 0.47 21.95 -45.37
N HIS E 66 1.58 21.67 -46.06
CA HIS E 66 1.85 22.25 -47.36
C HIS E 66 0.66 22.04 -48.31
N ALA E 67 0.06 20.86 -48.24
CA ALA E 67 -1.14 20.55 -49.02
C ALA E 67 -2.24 21.60 -48.79
N HIS E 68 -2.39 22.04 -47.55
CA HIS E 68 -3.38 23.06 -47.19
C HIS E 68 -2.75 24.46 -47.15
N ASN E 69 -1.56 24.59 -47.72
CA ASN E 69 -0.86 25.88 -47.79
C ASN E 69 -0.66 26.52 -46.41
N VAL E 70 -0.22 25.72 -45.45
CA VAL E 70 0.11 26.23 -44.12
C VAL E 70 1.46 25.74 -43.64
N PRO E 71 2.27 26.65 -43.07
CA PRO E 71 3.65 26.34 -42.68
C PRO E 71 3.71 25.31 -41.56
N LEU E 72 4.85 24.63 -41.42
CA LEU E 72 5.07 23.70 -40.33
C LEU E 72 6.24 24.18 -39.47
N ILE E 73 6.01 24.30 -38.17
CA ILE E 73 7.05 24.77 -37.26
C ILE E 73 7.46 23.62 -36.35
N ILE E 74 8.74 23.60 -35.98
CA ILE E 74 9.27 22.52 -35.15
C ILE E 74 9.91 23.05 -33.87
N ASN E 75 9.80 22.29 -32.79
CA ASN E 75 10.37 22.69 -31.51
C ASN E 75 10.83 21.47 -30.76
N ASP E 76 12.05 21.50 -30.20
CA ASP E 76 12.97 22.61 -30.28
C ASP E 76 14.19 22.09 -30.99
N ARG E 77 14.00 21.04 -31.77
CA ARG E 77 15.12 20.43 -32.45
C ARG E 77 15.41 21.16 -33.75
N ILE E 78 16.32 22.13 -33.64
CA ILE E 78 16.75 22.93 -34.78
C ILE E 78 17.32 22.05 -35.87
N ASP E 79 18.10 21.06 -35.50
CA ASP E 79 18.65 20.11 -36.48
C ASP E 79 17.58 19.40 -37.31
N VAL E 80 16.59 18.81 -36.65
CA VAL E 80 15.47 18.20 -37.37
C VAL E 80 14.81 19.24 -38.25
N ALA E 81 14.80 20.49 -37.81
CA ALA E 81 14.16 21.55 -38.55
C ALA E 81 14.83 21.76 -39.89
N MET E 82 16.16 21.93 -39.86
CA MET E 82 16.95 22.11 -41.08
C MET E 82 16.88 20.86 -41.94
N ALA E 83 16.99 19.70 -41.30
CA ALA E 83 17.04 18.44 -42.01
C ALA E 83 15.81 18.18 -42.88
N ILE E 84 14.63 18.54 -42.40
CA ILE E 84 13.42 18.23 -43.16
C ILE E 84 12.88 19.44 -43.91
N GLY E 85 13.63 20.54 -43.90
CA GLY E 85 13.20 21.74 -44.58
C GLY E 85 11.90 22.25 -44.00
N ALA E 86 11.91 22.50 -42.69
CA ALA E 86 10.74 23.04 -42.02
C ALA E 86 10.64 24.55 -42.28
N ASP E 87 9.52 25.13 -41.92
CA ASP E 87 9.28 26.53 -42.23
C ASP E 87 9.63 27.46 -41.07
N GLY E 88 9.88 26.88 -39.91
CA GLY E 88 10.22 27.67 -38.74
C GLY E 88 10.46 26.80 -37.54
N ILE E 89 11.01 27.40 -36.48
CA ILE E 89 11.25 26.67 -35.26
C ILE E 89 10.83 27.48 -34.05
N HIS E 90 10.35 26.79 -33.02
CA HIS E 90 10.02 27.45 -31.77
C HIS E 90 10.93 26.97 -30.67
N VAL E 91 11.44 27.89 -29.88
CA VAL E 91 12.28 27.51 -28.75
C VAL E 91 11.81 28.20 -27.48
N GLY E 92 12.11 27.59 -26.34
CA GLY E 92 11.73 28.14 -25.06
C GLY E 92 12.83 29.00 -24.47
N GLN E 93 12.56 29.53 -23.28
CA GLN E 93 13.48 30.43 -22.62
C GLN E 93 14.74 29.64 -22.19
N ASP E 94 14.57 28.34 -21.97
CA ASP E 94 15.66 27.54 -21.45
C ASP E 94 16.26 26.66 -22.54
N ASP E 95 15.99 26.99 -23.80
CA ASP E 95 16.55 26.23 -24.92
C ASP E 95 17.70 27.01 -25.56
N MET E 96 18.13 26.58 -26.75
CA MET E 96 19.28 27.20 -27.39
C MET E 96 19.14 28.70 -27.62
N PRO E 97 20.16 29.48 -27.20
CA PRO E 97 20.15 30.95 -27.30
C PRO E 97 19.80 31.41 -28.71
N ILE E 98 19.05 32.49 -28.86
CA ILE E 98 18.52 32.84 -30.18
C ILE E 98 19.55 33.17 -31.26
N PRO E 99 20.54 34.03 -30.95
CA PRO E 99 21.64 34.27 -31.89
C PRO E 99 22.24 32.97 -32.47
N MET E 100 22.61 32.01 -31.61
CA MET E 100 23.14 30.71 -32.08
C MET E 100 22.22 30.06 -33.08
N ILE E 101 20.93 30.12 -32.83
CA ILE E 101 19.96 29.49 -33.72
C ILE E 101 19.96 30.15 -35.08
N ARG E 102 19.92 31.48 -35.07
CA ARG E 102 19.90 32.29 -36.30
C ARG E 102 21.11 31.95 -37.16
N LYS E 103 22.26 31.81 -36.52
CA LYS E 103 23.48 31.48 -37.24
C LYS E 103 23.38 30.15 -37.98
N LEU E 104 22.66 29.16 -37.44
CA LEU E 104 22.61 27.84 -38.08
C LEU E 104 21.54 27.75 -39.16
N VAL E 105 20.38 28.33 -38.91
CA VAL E 105 19.27 28.18 -39.82
C VAL E 105 19.27 29.24 -40.90
N GLY E 106 20.06 30.29 -40.68
CA GLY E 106 20.13 31.42 -41.60
C GLY E 106 18.80 32.13 -41.78
N PRO E 107 18.84 33.39 -42.22
CA PRO E 107 17.64 34.21 -42.44
C PRO E 107 16.55 33.43 -43.18
N ASP E 108 15.35 34.01 -43.28
CA ASP E 108 14.23 33.38 -44.02
C ASP E 108 13.35 32.48 -43.16
N MET E 109 13.92 31.89 -42.13
CA MET E 109 13.18 30.96 -41.30
C MET E 109 12.58 31.66 -40.09
N VAL E 110 11.32 31.34 -39.78
CA VAL E 110 10.65 31.94 -38.65
C VAL E 110 11.17 31.42 -37.32
N ILE E 111 11.49 32.31 -36.39
CA ILE E 111 11.94 31.87 -35.08
C ILE E 111 10.98 32.31 -34.00
N GLY E 112 10.31 31.36 -33.36
CA GLY E 112 9.41 31.65 -32.27
C GLY E 112 10.06 31.50 -30.90
N TRP E 113 9.67 32.37 -29.98
CA TRP E 113 10.26 32.37 -28.64
C TRP E 113 9.16 32.43 -27.55
N SER E 114 9.23 31.54 -26.58
CA SER E 114 8.32 31.57 -25.44
C SER E 114 8.67 32.73 -24.51
N VAL E 115 7.70 33.63 -24.28
CA VAL E 115 7.99 34.82 -23.50
C VAL E 115 6.90 35.03 -22.48
N GLY E 116 7.27 35.24 -21.23
CA GLY E 116 6.29 35.42 -20.16
C GLY E 116 6.40 36.71 -19.38
N PHE E 117 7.50 37.45 -19.63
CA PHE E 117 7.77 38.66 -18.88
C PHE E 117 8.29 39.76 -19.79
N PRO E 118 8.05 41.02 -19.40
CA PRO E 118 8.53 42.17 -20.15
C PRO E 118 10.06 42.19 -20.23
N GLU E 119 10.70 41.82 -19.14
CA GLU E 119 12.17 41.71 -19.09
C GLU E 119 12.73 40.94 -20.29
N GLU E 120 12.01 39.91 -20.71
CA GLU E 120 12.41 39.10 -21.86
C GLU E 120 12.07 39.77 -23.17
N VAL E 121 11.17 40.76 -23.15
CA VAL E 121 10.86 41.49 -24.37
C VAL E 121 11.98 42.45 -24.64
N ASP E 122 12.55 43.01 -23.57
CA ASP E 122 13.70 43.90 -23.68
C ASP E 122 14.85 43.20 -24.39
N GLU E 123 15.19 41.98 -23.94
CA GLU E 123 16.24 41.17 -24.57
C GLU E 123 15.96 40.90 -26.04
N LEU E 124 14.74 40.49 -26.33
CA LEU E 124 14.27 40.25 -27.70
C LEU E 124 14.52 41.45 -28.60
N SER E 125 14.47 42.65 -27.99
CA SER E 125 14.58 43.93 -28.70
C SER E 125 16.02 44.34 -28.94
N LYS E 126 16.88 44.10 -27.94
CA LYS E 126 18.34 44.30 -28.01
C LYS E 126 18.98 43.46 -29.09
N MET E 127 18.16 42.70 -29.80
CA MET E 127 18.67 41.79 -30.81
C MET E 127 18.20 42.21 -32.20
N GLY E 128 17.23 43.11 -32.26
CA GLY E 128 16.76 43.62 -33.54
C GLY E 128 16.09 42.56 -34.39
N PRO E 129 15.65 42.95 -35.60
CA PRO E 129 14.91 42.10 -36.55
C PRO E 129 15.67 40.88 -37.07
N ASP E 130 14.97 40.07 -37.88
CA ASP E 130 15.42 38.73 -38.28
C ASP E 130 16.31 38.05 -37.21
N MET E 131 15.97 38.27 -35.93
CA MET E 131 16.30 37.32 -34.87
C MET E 131 14.95 36.70 -34.41
N VAL E 132 14.24 37.31 -33.47
CA VAL E 132 12.96 36.73 -33.05
C VAL E 132 11.81 37.24 -33.89
N ASP E 133 11.07 36.33 -34.52
CA ASP E 133 9.99 36.70 -35.42
C ASP E 133 8.61 36.73 -34.75
N TYR E 134 8.37 35.81 -33.82
CA TYR E 134 7.12 35.85 -33.06
C TYR E 134 7.34 35.33 -31.65
N ILE E 135 6.37 35.57 -30.78
CA ILE E 135 6.46 35.04 -29.44
C ILE E 135 5.15 34.46 -28.94
N GLY E 136 5.25 33.36 -28.19
CA GLY E 136 4.12 32.76 -27.48
C GLY E 136 4.10 33.37 -26.09
N VAL E 137 3.04 34.14 -25.77
CA VAL E 137 2.98 34.86 -24.50
C VAL E 137 2.59 33.97 -23.33
N GLY E 138 3.59 33.80 -22.44
CA GLY E 138 3.53 33.12 -21.14
C GLY E 138 2.56 31.97 -21.05
N THR E 139 2.21 31.58 -19.83
CA THR E 139 1.07 30.68 -19.71
C THR E 139 -0.11 31.47 -19.18
N LEU E 140 -1.08 31.75 -20.05
CA LEU E 140 -2.18 32.64 -19.71
C LEU E 140 -3.01 32.13 -18.52
N PHE E 141 -3.40 30.86 -18.57
CA PHE E 141 -4.19 30.23 -17.53
C PHE E 141 -3.58 28.88 -17.15
N PRO E 142 -3.98 28.30 -16.02
CA PRO E 142 -3.38 27.04 -15.58
C PRO E 142 -3.77 25.88 -16.49
N THR E 143 -2.88 24.89 -16.60
CA THR E 143 -3.09 23.79 -17.54
C THR E 143 -2.29 22.55 -17.13
N LEU E 144 -2.77 21.36 -17.51
CA LEU E 144 -2.08 20.09 -17.21
C LEU E 144 -1.17 19.64 -18.36
N THR E 145 -1.11 20.42 -19.43
CA THR E 145 -0.41 20.00 -20.64
C THR E 145 1.11 20.13 -20.56
N LYS E 146 1.59 21.22 -19.96
CA LYS E 146 3.03 21.41 -19.76
C LYS E 146 3.48 20.75 -18.46
N LYS E 147 4.56 19.97 -18.52
CA LYS E 147 5.00 19.15 -17.39
C LYS E 147 5.52 19.92 -16.16
N ASN E 148 6.06 21.12 -16.38
CA ASN E 148 6.62 21.92 -15.28
C ASN E 148 6.33 23.42 -15.41
N GLY E 155 -1.76 35.99 -16.17
CA GLY E 155 -3.09 36.07 -16.78
C GLY E 155 -3.18 37.07 -17.92
N THR E 156 -4.37 37.56 -18.29
CA THR E 156 -4.42 38.61 -19.33
C THR E 156 -3.72 39.89 -18.90
N ALA E 157 -3.79 40.20 -17.61
CA ALA E 157 -3.06 41.33 -17.08
C ALA E 157 -1.58 41.18 -17.40
N GLY E 158 -1.08 39.95 -17.33
CA GLY E 158 0.33 39.65 -17.56
C GLY E 158 0.71 39.76 -19.02
N ALA E 159 -0.20 39.31 -19.90
CA ALA E 159 0.00 39.42 -21.33
C ALA E 159 0.03 40.91 -21.73
N ILE E 160 -0.80 41.73 -21.12
CA ILE E 160 -0.79 43.16 -21.43
C ILE E 160 0.56 43.79 -21.15
N ARG E 161 1.14 43.49 -19.99
CA ARG E 161 2.47 43.99 -19.66
C ARG E 161 3.52 43.65 -20.74
N VAL E 162 3.32 42.52 -21.43
CA VAL E 162 4.24 42.10 -22.47
C VAL E 162 3.99 42.83 -23.78
N LEU E 163 2.72 42.94 -24.18
CA LEU E 163 2.36 43.75 -25.35
C LEU E 163 2.77 45.21 -25.18
N ASP E 164 2.71 45.71 -23.96
CA ASP E 164 3.16 47.08 -23.67
C ASP E 164 4.66 47.24 -23.86
N ALA E 165 5.44 46.22 -23.52
CA ALA E 165 6.88 46.26 -23.70
C ALA E 165 7.24 46.16 -25.18
N LEU E 166 6.43 45.43 -25.94
CA LEU E 166 6.64 45.34 -27.37
C LEU E 166 6.39 46.68 -28.04
N GLU E 167 5.80 47.62 -27.32
CA GLU E 167 5.44 48.88 -27.92
C GLU E 167 6.40 49.97 -27.48
N ARG E 168 6.67 50.02 -26.19
CA ARG E 168 7.71 50.88 -25.65
C ARG E 168 9.06 50.63 -26.34
N ASN E 169 9.32 49.39 -26.76
CA ASN E 169 10.56 49.06 -27.45
C ASN E 169 10.47 49.13 -28.96
N ASN E 170 9.28 49.48 -29.45
CA ASN E 170 9.01 49.44 -30.88
C ASN E 170 9.58 48.22 -31.60
N ALA E 171 9.17 47.04 -31.18
CA ALA E 171 9.58 45.81 -31.84
C ALA E 171 8.58 45.47 -32.93
N HIS E 172 8.40 46.39 -33.88
CA HIS E 172 7.40 46.27 -34.93
C HIS E 172 7.44 44.94 -35.69
N TRP E 173 8.55 44.22 -35.56
CA TRP E 173 8.83 43.07 -36.43
C TRP E 173 8.39 41.74 -35.82
N CYS E 174 7.86 41.81 -34.61
CA CYS E 174 7.60 40.63 -33.80
C CYS E 174 6.11 40.41 -33.56
N ARG E 175 5.58 39.32 -34.12
CA ARG E 175 4.16 38.98 -33.90
C ARG E 175 3.98 38.33 -32.54
N THR E 176 2.72 38.12 -32.14
CA THR E 176 2.41 37.49 -30.85
C THR E 176 1.24 36.55 -30.95
N VAL E 177 1.35 35.38 -30.33
CA VAL E 177 0.20 34.54 -30.09
C VAL E 177 0.08 34.28 -28.60
N GLY E 178 -1.15 34.09 -28.13
CA GLY E 178 -1.39 33.78 -26.72
C GLY E 178 -1.53 32.28 -26.54
N ILE E 179 -1.06 31.76 -25.42
CA ILE E 179 -1.08 30.32 -25.26
C ILE E 179 -1.25 29.86 -23.82
N GLY E 180 -1.91 28.71 -23.64
CA GLY E 180 -1.99 28.09 -22.34
C GLY E 180 -3.33 28.15 -21.64
N GLY E 181 -4.14 27.11 -21.82
CA GLY E 181 -5.39 27.03 -21.11
C GLY E 181 -6.49 27.73 -21.88
N LEU E 182 -6.25 27.94 -23.17
CA LEU E 182 -7.22 28.62 -23.99
C LEU E 182 -8.31 27.65 -24.45
N HIS E 183 -9.57 27.99 -24.16
CA HIS E 183 -10.71 27.17 -24.56
C HIS E 183 -11.88 28.08 -24.89
N PRO E 184 -12.98 27.51 -25.41
CA PRO E 184 -14.10 28.37 -25.83
C PRO E 184 -14.67 29.22 -24.68
N ASP E 185 -14.40 28.82 -23.45
CA ASP E 185 -14.97 29.52 -22.29
C ASP E 185 -14.17 30.75 -21.88
N ASN E 186 -13.13 31.08 -22.64
CA ASN E 186 -12.26 32.20 -22.29
C ASN E 186 -11.48 32.81 -23.46
N ILE E 187 -11.76 32.32 -24.66
CA ILE E 187 -11.06 32.84 -25.83
C ILE E 187 -11.48 34.27 -26.19
N GLU E 188 -12.78 34.56 -26.20
CA GLU E 188 -13.20 35.91 -26.51
C GLU E 188 -12.72 36.90 -25.47
N ARG E 189 -12.78 36.51 -24.20
CA ARG E 189 -12.28 37.43 -23.16
C ARG E 189 -10.79 37.70 -23.31
N VAL E 190 -10.03 36.67 -23.73
CA VAL E 190 -8.59 36.83 -23.95
C VAL E 190 -8.33 37.82 -25.09
N LEU E 191 -8.95 37.56 -26.25
CA LEU E 191 -8.80 38.44 -27.41
C LEU E 191 -9.23 39.86 -27.06
N TYR E 192 -10.24 39.98 -26.21
CA TYR E 192 -10.87 41.26 -25.90
C TYR E 192 -10.00 42.15 -25.04
N GLN E 193 -9.38 41.59 -24.00
CA GLN E 193 -8.59 42.41 -23.10
C GLN E 193 -7.08 42.37 -23.27
N CYS E 194 -6.57 41.53 -24.16
CA CYS E 194 -5.15 41.50 -24.45
C CYS E 194 -4.80 42.51 -25.52
N VAL E 195 -4.72 43.77 -25.12
CA VAL E 195 -4.37 44.88 -26.03
C VAL E 195 -3.36 45.81 -25.39
N SER E 196 -2.50 46.38 -26.23
CA SER E 196 -1.54 47.35 -25.81
C SER E 196 -2.28 48.48 -25.09
N SER E 197 -1.62 49.13 -24.15
CA SER E 197 -2.25 50.23 -23.42
C SER E 197 -2.56 51.38 -24.36
N ASN E 198 -1.77 51.51 -25.42
CA ASN E 198 -1.99 52.56 -26.38
C ASN E 198 -2.97 52.15 -27.47
N GLY E 199 -3.51 50.94 -27.35
CA GLY E 199 -4.56 50.48 -28.22
C GLY E 199 -4.10 50.07 -29.60
N LYS E 200 -2.80 50.19 -29.86
CA LYS E 200 -2.31 49.95 -31.20
C LYS E 200 -1.95 48.50 -31.49
N ARG E 201 -1.80 47.67 -30.46
CA ARG E 201 -1.38 46.28 -30.68
C ARG E 201 -2.18 45.25 -29.89
N SER E 202 -2.57 44.14 -30.54
CA SER E 202 -3.21 43.03 -29.84
C SER E 202 -2.63 41.69 -30.30
N LEU E 203 -3.13 40.58 -29.77
CA LEU E 203 -2.60 39.27 -30.16
C LEU E 203 -2.85 39.01 -31.64
N ASP E 204 -1.88 38.45 -32.33
CA ASP E 204 -2.02 38.18 -33.73
C ASP E 204 -2.71 36.83 -33.93
N GLY E 205 -2.90 36.11 -32.83
CA GLY E 205 -3.53 34.81 -32.90
C GLY E 205 -3.55 34.04 -31.58
N ILE E 206 -4.18 32.87 -31.63
CA ILE E 206 -4.43 32.08 -30.45
C ILE E 206 -3.88 30.65 -30.58
N CYS E 207 -3.25 30.13 -29.53
CA CYS E 207 -2.66 28.78 -29.58
C CYS E 207 -3.40 27.76 -28.73
N VAL E 208 -3.69 26.61 -29.31
CA VAL E 208 -4.33 25.57 -28.53
C VAL E 208 -3.59 24.27 -28.70
N VAL E 209 -3.66 23.44 -27.67
CA VAL E 209 -3.16 22.07 -27.75
C VAL E 209 -4.30 21.11 -27.42
N SER E 210 -4.60 20.99 -26.14
CA SER E 210 -5.65 20.09 -25.68
C SER E 210 -7.03 20.34 -26.31
N ASP E 211 -7.36 21.59 -26.65
CA ASP E 211 -8.73 21.84 -27.11
C ASP E 211 -9.04 21.16 -28.44
N ILE E 212 -8.03 20.97 -29.28
CA ILE E 212 -8.20 20.31 -30.56
C ILE E 212 -7.62 18.88 -30.54
N ILE E 213 -6.36 18.75 -30.12
CA ILE E 213 -5.70 17.46 -30.09
C ILE E 213 -6.48 16.41 -29.31
N ALA E 214 -6.84 16.75 -28.06
CA ALA E 214 -7.46 15.80 -27.14
C ALA E 214 -8.97 15.66 -27.34
N SER E 215 -9.48 16.22 -28.42
CA SER E 215 -10.91 16.23 -28.71
C SER E 215 -11.42 14.95 -29.38
N LEU E 216 -12.55 14.47 -28.91
CA LEU E 216 -13.20 13.32 -29.54
C LEU E 216 -13.74 13.66 -30.93
N ASP E 217 -14.01 14.95 -31.16
CA ASP E 217 -14.42 15.44 -32.49
C ASP E 217 -13.63 16.71 -32.86
N ALA E 218 -12.42 16.51 -33.36
CA ALA E 218 -11.51 17.64 -33.61
C ALA E 218 -12.06 18.59 -34.66
N ALA E 219 -12.83 18.09 -35.61
CA ALA E 219 -13.37 18.96 -36.66
C ALA E 219 -14.29 20.01 -36.05
N LYS E 220 -15.18 19.56 -35.18
CA LYS E 220 -16.16 20.42 -34.53
C LYS E 220 -15.50 21.43 -33.60
N SER E 221 -14.61 20.93 -32.74
CA SER E 221 -13.89 21.80 -31.81
C SER E 221 -13.20 22.96 -32.54
N THR E 222 -12.61 22.66 -33.68
CA THR E 222 -11.89 23.67 -34.46
C THR E 222 -12.85 24.68 -35.06
N LYS E 223 -13.95 24.18 -35.62
CA LYS E 223 -14.96 25.05 -36.23
C LYS E 223 -15.45 26.08 -35.20
N ILE E 224 -15.52 25.65 -33.94
CA ILE E 224 -15.92 26.52 -32.83
C ILE E 224 -14.89 27.61 -32.53
N LEU E 225 -13.62 27.23 -32.37
CA LEU E 225 -12.56 28.20 -32.14
C LEU E 225 -12.48 29.21 -33.27
N ARG E 226 -12.65 28.74 -34.50
CA ARG E 226 -12.65 29.64 -35.65
C ARG E 226 -13.76 30.67 -35.52
N GLY E 227 -14.97 30.21 -35.21
CA GLY E 227 -16.10 31.09 -35.00
C GLY E 227 -15.77 32.26 -34.08
N LEU E 228 -15.16 31.94 -32.96
CA LEU E 228 -14.78 32.95 -31.95
C LEU E 228 -13.70 33.92 -32.41
N ILE E 229 -12.69 33.41 -33.11
CA ILE E 229 -11.56 34.24 -33.48
C ILE E 229 -11.91 35.31 -34.53
N ASP E 230 -12.71 34.95 -35.54
CA ASP E 230 -12.99 35.90 -36.61
C ASP E 230 -14.35 36.61 -36.47
N LYS E 231 -14.89 36.56 -35.25
CA LYS E 231 -15.97 37.43 -34.82
C LYS E 231 -15.30 38.72 -34.36
N THR E 232 -16.07 39.76 -34.03
CA THR E 232 -15.45 41.01 -33.55
C THR E 232 -16.12 41.64 -32.34
N ASP E 233 -17.27 41.11 -31.93
CA ASP E 233 -18.00 41.64 -30.79
C ASP E 233 -18.00 40.65 -29.64
N TYR E 234 -17.70 41.14 -28.45
CA TYR E 234 -17.86 40.34 -27.25
C TYR E 234 -18.91 40.99 -26.37
N LYS E 235 -20.17 40.67 -26.61
CA LYS E 235 -21.22 41.25 -25.79
C LYS E 235 -21.33 40.42 -24.50
N PHE E 236 -20.56 40.82 -23.50
CA PHE E 236 -20.34 39.98 -22.31
C PHE E 236 -21.40 40.16 -21.25
N VAL E 237 -22.31 41.10 -21.48
CA VAL E 237 -23.41 41.32 -20.58
C VAL E 237 -24.63 41.79 -21.37
N ASN E 238 -25.81 41.32 -21.00
CA ASN E 238 -27.02 41.69 -21.71
C ASN E 238 -27.51 43.08 -21.37
N ILE E 239 -26.63 44.05 -21.61
CA ILE E 239 -26.94 45.45 -21.48
C ILE E 239 -26.22 46.13 -22.64
N GLY E 240 -26.62 47.33 -22.99
CA GLY E 240 -25.98 48.06 -24.06
C GLY E 240 -24.58 48.49 -23.66
N LEU E 241 -23.65 48.46 -24.61
CA LEU E 241 -22.28 48.87 -24.32
C LEU E 241 -21.87 50.10 -25.13
N SER E 242 -22.83 50.70 -25.84
CA SER E 242 -22.57 51.85 -26.70
C SER E 242 -21.79 52.93 -25.95
N THR E 243 -20.83 53.56 -26.64
CA THR E 243 -20.08 54.66 -26.05
C THR E 243 -20.95 55.91 -26.00
N LYS E 244 -21.12 56.47 -24.82
CA LYS E 244 -21.92 57.67 -24.65
C LYS E 244 -20.99 58.82 -24.26
N ASN E 245 -21.01 59.88 -25.04
CA ASN E 245 -20.16 61.04 -24.77
C ASN E 245 -20.93 62.22 -24.17
N SER E 246 -22.25 62.19 -24.33
CA SER E 246 -23.11 63.20 -23.73
C SER E 246 -23.37 62.82 -22.27
N LEU E 247 -23.13 63.77 -21.36
CA LEU E 247 -23.41 63.54 -19.94
C LEU E 247 -24.76 62.90 -19.73
N THR E 248 -24.89 62.19 -18.61
CA THR E 248 -26.10 61.44 -18.36
C THR E 248 -27.19 62.42 -17.98
N THR E 249 -28.24 62.48 -18.78
CA THR E 249 -29.31 63.44 -18.53
C THR E 249 -30.19 63.00 -17.38
N THR E 250 -30.88 63.97 -16.79
CA THR E 250 -31.80 63.72 -15.71
C THR E 250 -32.89 62.71 -16.12
N ASP E 251 -33.32 62.78 -17.38
CA ASP E 251 -34.37 61.90 -17.86
C ASP E 251 -33.91 60.47 -17.94
N GLU E 252 -32.62 60.28 -18.21
CA GLU E 252 -32.02 58.96 -18.29
C GLU E 252 -31.90 58.34 -16.89
N ILE E 253 -31.38 59.11 -15.93
CA ILE E 253 -31.28 58.68 -14.56
C ILE E 253 -32.64 58.25 -14.06
N GLN E 254 -33.65 59.00 -14.46
CA GLN E 254 -35.01 58.73 -14.01
C GLN E 254 -35.48 57.41 -14.58
N SER E 255 -35.12 57.14 -15.83
CA SER E 255 -35.50 55.90 -16.47
C SER E 255 -34.82 54.70 -15.80
N ILE E 256 -33.53 54.83 -15.55
CA ILE E 256 -32.76 53.78 -14.85
C ILE E 256 -33.50 53.37 -13.57
N ILE E 257 -33.65 54.31 -12.63
CA ILE E 257 -34.27 54.05 -11.34
C ILE E 257 -35.63 53.36 -11.48
N SER E 258 -36.45 53.86 -12.39
CA SER E 258 -37.75 53.24 -12.65
C SER E 258 -37.58 51.76 -13.01
N ASN E 259 -36.67 51.49 -13.94
CA ASN E 259 -36.44 50.13 -14.41
C ASN E 259 -36.04 49.17 -13.30
N THR E 260 -35.08 49.56 -12.49
CA THR E 260 -34.65 48.70 -11.39
C THR E 260 -35.76 48.51 -10.36
N LEU E 261 -36.51 49.56 -10.03
CA LEU E 261 -37.67 49.41 -9.13
C LEU E 261 -38.70 48.44 -9.66
N LYS E 262 -38.93 48.48 -10.97
CA LYS E 262 -39.93 47.63 -11.62
C LYS E 262 -39.42 46.19 -11.84
N ALA E 263 -38.11 46.03 -11.95
CA ALA E 263 -37.53 44.73 -12.24
C ALA E 263 -37.11 43.93 -11.00
N ARG E 264 -37.07 44.59 -9.85
CA ARG E 264 -36.71 43.93 -8.60
C ARG E 264 -35.56 42.92 -8.81
N PRO E 265 -34.36 43.44 -9.09
CA PRO E 265 -33.19 42.61 -9.39
C PRO E 265 -32.73 41.78 -8.21
N LEU E 266 -32.32 40.55 -8.45
CA LEU E 266 -31.73 39.70 -7.41
C LEU E 266 -30.22 39.91 -7.39
N VAL E 267 -29.71 40.48 -6.30
CA VAL E 267 -28.29 40.81 -6.20
C VAL E 267 -27.59 39.88 -5.22
N GLN E 268 -26.72 39.03 -5.74
CA GLN E 268 -25.99 38.08 -4.92
C GLN E 268 -24.74 38.72 -4.33
N HIS E 269 -24.69 38.86 -3.01
CA HIS E 269 -23.50 39.37 -2.33
C HIS E 269 -22.56 38.26 -1.92
N ILE E 270 -21.30 38.34 -2.34
CA ILE E 270 -20.26 37.49 -1.78
C ILE E 270 -19.31 38.42 -1.04
N THR E 271 -19.42 38.45 0.29
CA THR E 271 -18.73 39.49 1.06
C THR E 271 -18.37 39.06 2.50
N ASN E 272 -17.73 39.98 3.23
CA ASN E 272 -17.26 39.74 4.59
C ASN E 272 -18.32 39.34 5.59
N LYS E 273 -18.57 40.24 6.53
CA LYS E 273 -19.58 40.04 7.56
C LYS E 273 -19.99 41.41 8.11
N VAL E 274 -19.10 42.39 7.92
CA VAL E 274 -19.40 43.77 8.25
C VAL E 274 -20.33 44.33 7.19
N HIS E 275 -20.08 43.92 5.95
CA HIS E 275 -20.80 44.44 4.79
C HIS E 275 -22.03 43.60 4.45
N GLN E 276 -22.06 42.36 4.92
CA GLN E 276 -23.22 41.50 4.71
C GLN E 276 -24.47 42.30 5.04
N ASN E 277 -24.63 42.66 6.31
CA ASN E 277 -25.85 43.31 6.78
C ASN E 277 -26.07 44.69 6.17
N PHE E 278 -25.05 45.55 6.22
CA PHE E 278 -25.22 46.89 5.68
C PHE E 278 -25.48 46.90 4.17
N GLY E 279 -24.92 45.90 3.47
CA GLY E 279 -25.12 45.82 2.03
C GLY E 279 -26.50 45.34 1.64
N ALA E 280 -27.09 44.48 2.46
CA ALA E 280 -28.43 43.98 2.19
C ALA E 280 -29.47 45.06 2.43
N ASN E 281 -29.17 45.98 3.34
CA ASN E 281 -30.06 47.11 3.62
C ASN E 281 -30.17 48.06 2.42
N VAL E 282 -29.02 48.43 1.87
CA VAL E 282 -28.99 49.27 0.69
C VAL E 282 -29.76 48.59 -0.43
N THR E 283 -29.57 47.29 -0.57
CA THR E 283 -30.24 46.57 -1.65
C THR E 283 -31.75 46.63 -1.44
N LEU E 284 -32.19 46.34 -0.21
CA LEU E 284 -33.62 46.41 0.12
C LEU E 284 -34.19 47.77 -0.16
N ALA E 285 -33.48 48.82 0.27
CA ALA E 285 -33.94 50.18 0.05
C ALA E 285 -34.19 50.45 -1.43
N LEU E 286 -33.30 49.97 -2.29
CA LEU E 286 -33.44 50.21 -3.74
C LEU E 286 -34.47 49.29 -4.38
N GLY E 287 -35.29 48.64 -3.55
CA GLY E 287 -36.37 47.83 -4.07
C GLY E 287 -35.95 46.57 -4.80
N SER E 288 -34.90 45.91 -4.32
CA SER E 288 -34.44 44.65 -4.89
C SER E 288 -34.00 43.69 -3.81
N SER E 289 -33.94 42.39 -4.13
CA SER E 289 -33.70 41.36 -3.11
C SER E 289 -32.26 40.84 -3.06
N PRO E 290 -31.66 40.88 -1.87
CA PRO E 290 -30.29 40.41 -1.66
C PRO E 290 -30.27 38.91 -1.40
N ILE E 291 -29.22 38.23 -1.83
CA ILE E 291 -28.99 36.85 -1.45
C ILE E 291 -27.53 36.71 -1.07
N MET E 292 -27.25 36.02 0.04
CA MET E 292 -25.89 35.95 0.57
C MET E 292 -25.30 34.56 0.46
N SER E 293 -25.64 33.86 -0.62
CA SER E 293 -25.14 32.52 -0.90
C SER E 293 -23.66 32.46 -1.30
N GLU E 294 -22.91 31.59 -0.64
CA GLU E 294 -21.52 31.32 -1.00
C GLU E 294 -21.34 29.83 -1.28
N ILE E 295 -22.38 29.21 -1.84
CA ILE E 295 -22.43 27.77 -2.06
C ILE E 295 -22.31 27.43 -3.55
N GLN E 296 -21.31 26.62 -3.90
CA GLN E 296 -21.00 26.31 -5.29
C GLN E 296 -22.13 25.76 -6.14
N SER E 297 -22.94 24.86 -5.58
CA SER E 297 -23.99 24.18 -6.34
C SER E 297 -25.17 25.11 -6.71
N GLU E 298 -25.44 26.08 -5.84
CA GLU E 298 -26.54 27.01 -6.05
C GLU E 298 -26.25 27.96 -7.18
N VAL E 299 -24.97 28.22 -7.41
CA VAL E 299 -24.51 29.33 -8.23
C VAL E 299 -25.10 29.42 -9.65
N ASN E 300 -25.27 28.28 -10.32
CA ASN E 300 -25.86 28.32 -11.65
C ASN E 300 -27.35 28.61 -11.66
N ASP E 301 -28.04 28.16 -10.61
CA ASP E 301 -29.48 28.37 -10.45
C ASP E 301 -29.77 29.82 -10.14
N LEU E 302 -29.03 30.39 -9.18
CA LEU E 302 -29.12 31.82 -8.85
C LEU E 302 -29.02 32.71 -10.08
N ALA E 303 -27.95 32.52 -10.86
CA ALA E 303 -27.70 33.33 -12.06
C ALA E 303 -28.77 33.17 -13.16
N ALA E 304 -29.54 32.10 -13.08
CA ALA E 304 -30.56 31.84 -14.09
C ALA E 304 -31.84 32.66 -13.85
N ILE E 305 -31.98 33.18 -12.63
CA ILE E 305 -33.13 34.00 -12.25
C ILE E 305 -33.07 35.36 -12.94
N PRO E 306 -34.23 35.87 -13.37
CA PRO E 306 -34.28 37.11 -14.17
C PRO E 306 -33.62 38.28 -13.45
N HIS E 307 -32.83 39.05 -14.19
CA HIS E 307 -32.17 40.25 -13.66
C HIS E 307 -31.28 39.98 -12.45
N ALA E 308 -30.57 38.86 -12.49
CA ALA E 308 -29.63 38.53 -11.43
C ALA E 308 -28.34 39.32 -11.60
N THR E 309 -27.64 39.56 -10.49
CA THR E 309 -26.44 40.37 -10.49
C THR E 309 -25.45 39.90 -9.44
N LEU E 310 -24.16 39.94 -9.76
CA LEU E 310 -23.14 39.48 -8.82
C LEU E 310 -22.32 40.64 -8.29
N LEU E 311 -22.16 40.71 -6.97
CA LEU E 311 -21.35 41.73 -6.32
C LEU E 311 -20.22 41.06 -5.51
N LEU E 312 -18.98 41.30 -5.91
CA LEU E 312 -17.85 40.63 -5.26
C LEU E 312 -17.07 41.50 -4.28
N ASN E 313 -16.89 41.01 -3.06
CA ASN E 313 -15.92 41.55 -2.12
C ASN E 313 -14.75 40.57 -1.86
N THR E 314 -13.76 41.01 -1.10
CA THR E 314 -12.50 40.27 -1.05
C THR E 314 -11.97 40.08 0.37
N GLY E 315 -10.97 39.22 0.51
CA GLY E 315 -10.49 38.81 1.82
C GLY E 315 -11.62 38.02 2.46
N SER E 316 -12.37 37.33 1.60
CA SER E 316 -13.55 36.58 2.04
C SER E 316 -13.18 35.15 2.41
N VAL E 317 -14.13 34.49 3.08
CA VAL E 317 -13.95 33.14 3.58
C VAL E 317 -14.22 32.09 2.49
N ALA E 318 -14.67 32.55 1.33
CA ALA E 318 -14.98 31.67 0.21
C ALA E 318 -13.73 31.28 -0.60
N PRO E 319 -13.63 29.99 -0.94
CA PRO E 319 -12.50 29.41 -1.68
C PRO E 319 -12.41 29.95 -3.12
N PRO E 320 -11.19 30.20 -3.59
CA PRO E 320 -11.02 30.59 -4.99
C PRO E 320 -11.80 29.66 -5.94
N GLU E 321 -11.86 28.37 -5.65
CA GLU E 321 -12.55 27.45 -6.56
C GLU E 321 -14.02 27.86 -6.78
N MET E 322 -14.65 28.48 -5.77
CA MET E 322 -16.07 28.84 -5.86
C MET E 322 -16.26 30.22 -6.48
N LEU E 323 -15.36 31.15 -6.16
CA LEU E 323 -15.39 32.45 -6.81
C LEU E 323 -15.27 32.25 -8.32
N LYS E 324 -14.28 31.47 -8.74
CA LYS E 324 -14.14 31.08 -10.15
C LYS E 324 -15.47 30.55 -10.65
N ALA E 325 -16.07 29.65 -9.88
CA ALA E 325 -17.35 29.04 -10.27
C ALA E 325 -18.48 30.06 -10.45
N ALA E 326 -18.55 31.03 -9.53
CA ALA E 326 -19.60 32.05 -9.54
C ALA E 326 -19.41 33.02 -10.70
N ILE E 327 -18.22 33.59 -10.79
CA ILE E 327 -17.90 34.51 -11.87
C ILE E 327 -18.23 33.89 -13.23
N ARG E 328 -17.78 32.67 -13.46
CA ARG E 328 -18.11 31.99 -14.70
C ARG E 328 -19.62 31.83 -14.86
N ALA E 329 -20.28 31.40 -13.80
CA ALA E 329 -21.71 31.17 -13.85
C ALA E 329 -22.50 32.37 -14.42
N TYR E 330 -22.15 33.57 -13.99
CA TYR E 330 -22.80 34.79 -14.46
C TYR E 330 -22.40 35.21 -15.87
N ASN E 331 -21.13 35.05 -16.22
CA ASN E 331 -20.67 35.35 -17.58
C ASN E 331 -21.29 34.45 -18.64
N ASP E 332 -21.63 33.22 -18.25
CA ASP E 332 -22.27 32.26 -19.14
C ASP E 332 -23.69 32.67 -19.51
N VAL E 333 -24.37 33.34 -18.59
CA VAL E 333 -25.72 33.81 -18.84
C VAL E 333 -25.72 35.31 -19.20
N LYS E 334 -24.54 35.85 -19.45
CA LYS E 334 -24.36 37.26 -19.80
C LYS E 334 -25.02 38.22 -18.83
N ARG E 335 -24.86 37.95 -17.54
CA ARG E 335 -25.33 38.84 -16.48
C ARG E 335 -24.16 39.63 -15.87
N PRO E 336 -24.44 40.79 -15.24
CA PRO E 336 -23.41 41.73 -14.81
C PRO E 336 -22.70 41.33 -13.51
N ILE E 337 -21.38 41.49 -13.46
CA ILE E 337 -20.63 41.35 -12.22
C ILE E 337 -20.02 42.68 -11.79
N VAL E 338 -20.15 43.02 -10.51
CA VAL E 338 -19.52 44.21 -9.98
C VAL E 338 -18.42 43.81 -9.01
N PHE E 339 -17.23 44.36 -9.21
CA PHE E 339 -16.07 43.98 -8.41
C PHE E 339 -15.70 45.10 -7.47
N ASP E 340 -15.94 44.89 -6.18
CA ASP E 340 -15.66 45.89 -5.16
C ASP E 340 -14.67 45.37 -4.12
N PRO E 341 -13.37 45.32 -4.47
CA PRO E 341 -12.35 44.77 -3.59
C PRO E 341 -12.33 45.44 -2.21
N VAL E 342 -12.42 44.62 -1.17
CA VAL E 342 -12.16 45.08 0.19
C VAL E 342 -10.68 45.04 0.47
N GLY E 343 -9.93 44.25 -0.32
CA GLY E 343 -8.47 44.28 -0.30
C GLY E 343 -8.03 45.73 -0.43
N TYR E 344 -7.58 46.17 -1.60
CA TYR E 344 -6.95 45.34 -2.62
C TYR E 344 -5.51 45.82 -2.57
N SER E 345 -4.54 44.91 -2.62
CA SER E 345 -3.16 45.30 -2.38
C SER E 345 -2.92 45.89 -0.98
N ALA E 346 -3.85 45.62 -0.05
CA ALA E 346 -3.69 46.06 1.34
C ALA E 346 -2.68 45.16 2.09
N THR E 347 -2.60 43.90 1.67
CA THR E 347 -1.67 42.94 2.21
C THR E 347 -1.22 42.04 1.07
N GLU E 348 -0.06 41.40 1.22
CA GLU E 348 0.48 40.56 0.16
C GLU E 348 -0.55 39.49 -0.25
N THR E 349 -1.21 38.91 0.75
CA THR E 349 -2.20 37.86 0.49
C THR E 349 -3.42 38.33 -0.32
N ARG E 350 -3.85 39.56 -0.05
CA ARG E 350 -5.01 40.11 -0.75
C ARG E 350 -4.72 40.42 -2.21
N LEU E 351 -3.65 41.16 -2.45
CA LEU E 351 -3.16 41.39 -3.80
C LEU E 351 -3.22 40.10 -4.62
N LEU E 352 -2.59 39.05 -4.10
CA LEU E 352 -2.61 37.73 -4.72
C LEU E 352 -4.00 37.24 -5.12
N LEU E 353 -4.92 37.21 -4.16
CA LEU E 353 -6.25 36.68 -4.41
C LEU E 353 -7.02 37.53 -5.41
N ASN E 354 -6.88 38.85 -5.29
CA ASN E 354 -7.62 39.74 -6.17
C ASN E 354 -7.19 39.60 -7.61
N ASN E 355 -5.89 39.59 -7.83
CA ASN E 355 -5.38 39.44 -9.18
C ASN E 355 -5.82 38.13 -9.78
N LYS E 356 -5.94 37.10 -8.95
CA LYS E 356 -6.40 35.80 -9.41
C LYS E 356 -7.88 35.86 -9.79
N LEU E 357 -8.63 36.67 -9.05
CA LEU E 357 -10.04 36.89 -9.36
C LEU E 357 -10.23 37.53 -10.72
N LEU E 358 -9.37 38.49 -11.04
CA LEU E 358 -9.50 39.23 -12.28
C LEU E 358 -9.17 38.40 -13.51
N THR E 359 -8.85 37.13 -13.31
CA THR E 359 -8.53 36.25 -14.42
C THR E 359 -9.69 35.28 -14.66
N PHE E 360 -10.67 35.30 -13.78
CA PHE E 360 -11.74 34.32 -13.82
C PHE E 360 -12.85 34.67 -14.81
N GLY E 361 -12.95 35.95 -15.17
CA GLY E 361 -14.00 36.39 -16.07
C GLY E 361 -14.03 37.88 -16.37
N GLN E 362 -15.11 38.34 -17.02
CA GLN E 362 -15.25 39.73 -17.45
C GLN E 362 -16.13 40.46 -16.48
N PHE E 363 -15.62 41.54 -15.89
CA PHE E 363 -16.43 42.35 -14.96
C PHE E 363 -17.16 43.54 -15.60
N SER E 364 -18.41 43.76 -15.22
CA SER E 364 -19.16 44.91 -15.73
C SER E 364 -18.70 46.20 -15.09
N CYS E 365 -18.27 46.14 -13.84
CA CYS E 365 -17.77 47.32 -13.16
C CYS E 365 -16.78 47.01 -12.04
N ILE E 366 -15.74 47.84 -11.92
CA ILE E 366 -14.74 47.70 -10.88
C ILE E 366 -14.71 49.00 -10.09
N LYS E 367 -14.85 48.90 -8.76
CA LYS E 367 -14.97 50.08 -7.89
C LYS E 367 -13.93 50.11 -6.79
N GLY E 368 -13.13 51.17 -6.75
CA GLY E 368 -12.14 51.32 -5.71
C GLY E 368 -11.95 52.75 -5.24
N ASN E 369 -11.22 52.92 -4.14
CA ASN E 369 -10.81 54.23 -3.68
C ASN E 369 -9.43 54.59 -4.23
N SER E 370 -9.00 55.82 -3.99
CA SER E 370 -7.71 56.31 -4.49
C SER E 370 -6.58 55.24 -4.48
N SER E 371 -6.40 54.53 -3.36
CA SER E 371 -5.35 53.51 -3.28
C SER E 371 -5.69 52.27 -4.09
N GLU E 372 -6.85 51.69 -3.80
CA GLU E 372 -7.34 50.57 -4.58
C GLU E 372 -7.14 50.82 -6.09
N ILE E 373 -7.49 52.02 -6.55
CA ILE E 373 -7.41 52.35 -7.98
C ILE E 373 -6.00 52.52 -8.49
N LEU E 374 -5.19 53.34 -7.83
CA LEU E 374 -3.81 53.51 -8.26
C LEU E 374 -3.09 52.16 -8.34
N GLY E 375 -3.33 51.31 -7.35
CA GLY E 375 -2.79 49.97 -7.35
C GLY E 375 -3.18 49.16 -8.56
N LEU E 376 -4.47 49.13 -8.87
CA LEU E 376 -4.98 48.44 -10.06
C LEU E 376 -4.41 48.98 -11.37
N ALA E 377 -4.16 50.30 -11.41
CA ALA E 377 -3.57 50.93 -12.58
C ALA E 377 -2.08 50.64 -12.69
N GLU E 378 -1.51 50.06 -11.64
CA GLU E 378 -0.09 49.71 -11.61
C GLU E 378 0.77 50.95 -11.74
N LEU E 379 0.34 52.04 -11.10
CA LEU E 379 1.08 53.30 -11.17
C LEU E 379 2.34 53.27 -10.29
N SER E 394 -2.55 63.71 -5.76
CA SER E 394 -3.04 64.57 -6.83
C SER E 394 -4.53 64.35 -7.12
N ASN E 395 -5.07 65.07 -8.10
CA ASN E 395 -6.47 64.91 -8.52
C ASN E 395 -6.58 64.63 -10.02
N GLU E 396 -5.51 64.92 -10.76
CA GLU E 396 -5.46 64.65 -12.19
C GLU E 396 -4.95 63.24 -12.39
N LEU E 397 -4.00 62.88 -11.53
CA LEU E 397 -3.45 61.54 -11.48
C LEU E 397 -4.58 60.52 -11.31
N LEU E 398 -5.48 60.77 -10.35
CA LEU E 398 -6.60 59.86 -10.12
C LEU E 398 -7.40 59.65 -11.40
N ILE E 399 -7.56 60.70 -12.19
CA ILE E 399 -8.29 60.57 -13.43
C ILE E 399 -7.56 59.67 -14.43
N GLN E 400 -6.26 59.87 -14.60
CA GLN E 400 -5.49 59.05 -15.51
C GLN E 400 -5.60 57.59 -15.06
N ALA E 401 -5.39 57.36 -13.76
CA ALA E 401 -5.46 56.04 -13.18
C ALA E 401 -6.81 55.37 -13.48
N THR E 402 -7.90 56.07 -13.16
CA THR E 402 -9.24 55.53 -13.41
C THR E 402 -9.47 55.06 -14.86
N LYS E 403 -9.00 55.83 -15.83
CA LYS E 403 -9.10 55.40 -17.22
C LYS E 403 -8.23 54.14 -17.45
N ILE E 404 -6.99 54.19 -16.99
CA ILE E 404 -6.08 53.06 -17.12
C ILE E 404 -6.76 51.79 -16.69
N VAL E 405 -7.38 51.81 -15.51
CA VAL E 405 -8.04 50.63 -14.99
C VAL E 405 -9.21 50.25 -15.87
N ALA E 406 -10.04 51.24 -16.22
CA ALA E 406 -11.23 50.98 -17.01
C ALA E 406 -10.85 50.33 -18.32
N PHE E 407 -9.78 50.82 -18.93
CA PHE E 407 -9.33 50.29 -20.22
C PHE E 407 -8.68 48.90 -20.05
N LYS E 408 -7.84 48.77 -19.05
CA LYS E 408 -7.12 47.52 -18.79
C LYS E 408 -8.04 46.33 -18.69
N TYR E 409 -9.11 46.46 -17.89
CA TYR E 409 -10.00 45.34 -17.61
C TYR E 409 -11.28 45.41 -18.43
N LYS E 410 -11.20 46.22 -19.48
CA LYS E 410 -12.32 46.49 -20.39
C LYS E 410 -13.66 46.59 -19.64
N THR E 411 -13.75 47.56 -18.74
CA THR E 411 -14.89 47.66 -17.84
C THR E 411 -15.22 49.09 -17.46
N VAL E 412 -16.35 49.32 -16.82
CA VAL E 412 -16.62 50.64 -16.28
C VAL E 412 -16.00 50.75 -14.89
N ALA E 413 -15.08 51.69 -14.73
CA ALA E 413 -14.34 51.81 -13.47
C ALA E 413 -14.75 53.04 -12.67
N VAL E 414 -14.93 52.85 -11.37
CA VAL E 414 -15.33 53.92 -10.50
C VAL E 414 -14.25 54.15 -9.45
N CYS E 415 -13.87 55.41 -9.25
CA CYS E 415 -12.88 55.76 -8.24
C CYS E 415 -13.45 56.73 -7.23
N THR E 416 -13.69 56.27 -6.02
CA THR E 416 -14.38 57.07 -5.02
C THR E 416 -13.49 58.01 -4.21
N GLY E 417 -14.03 59.19 -3.92
CA GLY E 417 -13.34 60.21 -3.13
C GLY E 417 -14.17 61.46 -2.93
N GLU E 418 -13.51 62.58 -2.66
CA GLU E 418 -14.12 63.88 -2.72
C GLU E 418 -14.97 63.94 -3.99
N PHE E 419 -14.28 63.86 -5.14
CA PHE E 419 -14.90 63.66 -6.45
C PHE E 419 -14.90 62.15 -6.73
N ASP E 420 -15.99 61.65 -7.30
CA ASP E 420 -16.02 60.27 -7.80
C ASP E 420 -15.82 60.34 -9.30
N PHE E 421 -14.89 59.55 -9.83
CA PHE E 421 -14.63 59.55 -11.26
C PHE E 421 -15.11 58.24 -11.88
N ILE E 422 -15.79 58.33 -13.02
CA ILE E 422 -16.25 57.15 -13.72
C ILE E 422 -15.70 57.12 -15.14
N ALA E 423 -15.07 56.01 -15.53
CA ALA E 423 -14.54 55.87 -16.88
C ALA E 423 -15.10 54.63 -17.56
N ASP E 424 -15.35 54.73 -18.88
CA ASP E 424 -15.92 53.61 -19.64
C ASP E 424 -14.92 53.01 -20.62
N GLY E 425 -14.33 51.88 -20.24
CA GLY E 425 -13.33 51.24 -21.06
C GLY E 425 -13.82 50.05 -21.86
N THR E 426 -15.12 49.85 -21.95
CA THR E 426 -15.65 48.69 -22.67
C THR E 426 -15.46 48.77 -24.19
N ILE E 427 -15.38 49.97 -24.74
CA ILE E 427 -15.21 50.13 -26.18
C ILE E 427 -16.24 49.32 -26.97
N GLU E 428 -17.49 49.37 -26.55
CA GLU E 428 -18.56 48.69 -27.27
C GLU E 428 -18.31 47.19 -27.45
N GLY E 429 -17.46 46.61 -26.61
CA GLY E 429 -17.15 45.18 -26.64
C GLY E 429 -16.44 44.72 -27.90
N LYS E 430 -15.53 45.55 -28.39
CA LYS E 430 -14.86 45.31 -29.67
C LYS E 430 -13.49 44.65 -29.50
N TYR E 431 -13.24 43.59 -30.26
CA TYR E 431 -11.90 43.01 -30.34
C TYR E 431 -11.49 42.65 -31.76
N SER E 432 -10.17 42.58 -31.97
CA SER E 432 -9.62 42.18 -33.26
C SER E 432 -8.23 41.56 -33.08
N LEU E 433 -7.76 40.88 -34.10
CA LEU E 433 -6.39 40.38 -34.07
C LEU E 433 -5.39 41.48 -34.49
N SER E 434 -4.26 41.55 -33.82
CA SER E 434 -3.14 42.46 -34.14
C SER E 434 -3.39 43.96 -34.08
N LYS E 435 -4.61 44.39 -34.39
CA LYS E 435 -4.92 45.79 -34.73
C LYS E 435 -4.56 46.89 -33.73
N GLY E 436 -4.98 46.84 -32.46
CA GLY E 436 -6.12 46.13 -31.92
C GLY E 436 -7.32 47.06 -31.80
N THR E 437 -7.06 48.40 -31.74
CA THR E 437 -8.08 49.51 -31.82
C THR E 437 -7.94 50.72 -32.92
N THR E 440 -8.12 53.26 -30.18
CA THR E 440 -8.69 53.95 -29.05
C THR E 440 -7.84 53.64 -27.82
N SER E 441 -7.01 54.58 -27.40
CA SER E 441 -6.09 54.30 -26.29
C SER E 441 -6.65 54.59 -24.90
N VAL E 442 -5.83 54.30 -23.90
CA VAL E 442 -6.18 54.61 -22.52
C VAL E 442 -6.61 56.07 -22.39
N GLU E 443 -5.98 56.94 -23.17
CA GLU E 443 -6.11 58.38 -22.98
C GLU E 443 -7.47 58.96 -23.35
N ASP E 444 -8.17 58.33 -24.29
CA ASP E 444 -9.33 58.99 -24.90
C ASP E 444 -10.68 58.27 -24.75
N ILE E 445 -10.81 57.40 -23.76
CA ILE E 445 -12.13 56.84 -23.43
C ILE E 445 -12.86 57.86 -22.59
N PRO E 446 -14.21 57.82 -22.60
CA PRO E 446 -15.03 58.72 -21.78
C PRO E 446 -14.75 58.59 -20.28
N CYS E 447 -14.61 59.73 -19.61
CA CYS E 447 -14.49 59.76 -18.16
C CYS E 447 -15.15 61.01 -17.58
N VAL E 448 -16.12 60.80 -16.70
CA VAL E 448 -16.86 61.89 -16.06
C VAL E 448 -16.57 61.98 -14.57
N ALA E 449 -17.03 63.06 -13.95
CA ALA E 449 -16.80 63.30 -12.52
C ALA E 449 -18.09 63.65 -11.82
N VAL E 450 -18.13 63.39 -10.52
CA VAL E 450 -19.31 63.68 -9.70
C VAL E 450 -18.95 64.32 -8.37
N SER E 467 -21.15 50.48 0.45
CA SER E 467 -22.54 50.84 0.16
C SER E 467 -22.79 51.21 -1.30
N LEU E 468 -21.81 51.90 -1.90
CA LEU E 468 -21.89 52.28 -3.31
C LEU E 468 -21.87 51.05 -4.23
N GLY E 469 -21.14 50.02 -3.83
CA GLY E 469 -21.08 48.78 -4.58
C GLY E 469 -22.47 48.17 -4.80
N SER E 470 -23.24 48.09 -3.74
CA SER E 470 -24.58 47.53 -3.81
C SER E 470 -25.50 48.44 -4.62
N THR E 471 -25.32 49.76 -4.49
CA THR E 471 -26.12 50.74 -5.25
C THR E 471 -25.90 50.54 -6.74
N ILE E 472 -24.64 50.60 -7.17
CA ILE E 472 -24.29 50.33 -8.55
C ILE E 472 -24.82 48.97 -9.01
N ALA E 473 -24.75 47.96 -8.13
CA ALA E 473 -25.19 46.62 -8.50
C ALA E 473 -26.68 46.59 -8.84
N CYS E 474 -27.46 47.39 -8.12
CA CYS E 474 -28.91 47.42 -8.34
C CYS E 474 -29.32 48.20 -9.58
N MET E 475 -28.57 49.28 -9.88
CA MET E 475 -28.88 50.08 -11.06
C MET E 475 -28.61 49.28 -12.33
N ILE E 476 -27.46 48.62 -12.39
CA ILE E 476 -27.09 47.78 -13.52
C ILE E 476 -28.03 46.59 -13.62
N GLY E 477 -28.39 46.06 -12.46
CA GLY E 477 -29.24 44.88 -12.41
C GLY E 477 -30.58 45.08 -13.10
N GLY E 478 -31.12 46.29 -12.98
CA GLY E 478 -32.44 46.61 -13.49
C GLY E 478 -32.56 46.89 -14.98
N GLN E 479 -31.42 47.16 -15.63
CA GLN E 479 -31.40 47.53 -17.05
C GLN E 479 -31.82 46.40 -17.99
N PRO E 480 -32.65 46.74 -18.99
CA PRO E 480 -33.15 45.83 -20.02
C PRO E 480 -32.15 45.77 -21.16
N SER E 481 -32.35 44.85 -22.10
CA SER E 481 -31.41 44.66 -23.20
C SER E 481 -31.02 45.95 -23.92
N GLU E 482 -31.92 46.94 -23.91
CA GLU E 482 -31.71 48.19 -24.63
C GLU E 482 -31.09 49.27 -23.76
N GLY E 483 -30.75 48.92 -22.53
CA GLY E 483 -30.21 49.86 -21.57
C GLY E 483 -28.82 50.33 -21.94
N ASN E 484 -28.10 50.87 -20.96
CA ASN E 484 -26.71 51.26 -21.18
C ASN E 484 -25.88 51.15 -19.90
N LEU E 485 -24.86 50.30 -19.96
CA LEU E 485 -24.04 50.01 -18.80
C LEU E 485 -23.48 51.27 -18.17
N PHE E 486 -22.89 52.12 -18.99
CA PHE E 486 -22.26 53.34 -18.50
C PHE E 486 -23.24 54.29 -17.77
N HIS E 487 -24.35 54.61 -18.41
CA HIS E 487 -25.32 55.49 -17.77
C HIS E 487 -25.76 54.92 -16.43
N ALA E 488 -25.95 53.61 -16.38
CA ALA E 488 -26.46 53.00 -15.16
C ALA E 488 -25.47 53.20 -14.01
N VAL E 489 -24.19 52.99 -14.29
CA VAL E 489 -23.18 53.16 -13.25
C VAL E 489 -23.18 54.61 -12.77
N VAL E 490 -23.20 55.55 -13.70
CA VAL E 490 -23.22 56.96 -13.33
C VAL E 490 -24.45 57.26 -12.49
N ALA E 491 -25.61 56.80 -12.95
CA ALA E 491 -26.85 56.95 -12.17
C ALA E 491 -26.61 56.51 -10.73
N GLY E 492 -26.04 55.31 -10.56
CA GLY E 492 -25.76 54.78 -9.24
C GLY E 492 -24.87 55.70 -8.42
N VAL E 493 -23.77 56.17 -9.01
CA VAL E 493 -22.86 57.04 -8.27
C VAL E 493 -23.56 58.34 -7.88
N MET E 494 -24.39 58.85 -8.78
CA MET E 494 -25.14 60.06 -8.50
C MET E 494 -26.06 59.82 -7.31
N LEU E 495 -26.91 58.81 -7.44
CA LEU E 495 -27.85 58.45 -6.40
C LEU E 495 -27.15 58.36 -5.05
N TYR E 496 -26.08 57.58 -4.97
CA TYR E 496 -25.37 57.40 -3.72
C TYR E 496 -24.87 58.73 -3.17
N LYS E 497 -24.13 59.47 -3.99
CA LYS E 497 -23.60 60.78 -3.57
C LYS E 497 -24.72 61.72 -3.08
N ALA E 498 -25.85 61.72 -3.78
CA ALA E 498 -27.04 62.47 -3.37
C ALA E 498 -27.55 62.11 -1.98
N ALA E 499 -27.83 60.83 -1.78
CA ALA E 499 -28.25 60.33 -0.47
C ALA E 499 -27.24 60.69 0.64
N GLY E 500 -25.96 60.77 0.28
CA GLY E 500 -24.93 61.13 1.23
C GLY E 500 -25.10 62.51 1.81
N LYS E 501 -25.25 63.53 0.96
CA LYS E 501 -25.43 64.90 1.43
C LYS E 501 -26.63 64.96 2.36
N ILE E 502 -27.76 64.44 1.90
CA ILE E 502 -28.99 64.41 2.71
C ILE E 502 -28.78 63.81 4.11
N ALA E 503 -28.12 62.65 4.15
CA ALA E 503 -27.89 61.97 5.42
C ALA E 503 -26.99 62.78 6.33
N SER E 504 -25.86 63.25 5.79
CA SER E 504 -24.90 64.00 6.59
C SER E 504 -25.57 65.19 7.27
N GLU E 505 -26.64 65.68 6.66
CA GLU E 505 -27.36 66.81 7.23
C GLU E 505 -28.35 66.40 8.32
N LYS E 506 -29.10 65.32 8.07
CA LYS E 506 -30.15 64.88 9.00
C LYS E 506 -29.68 64.00 10.17
N CYS E 507 -28.37 63.84 10.35
CA CYS E 507 -27.88 62.87 11.33
C CYS E 507 -27.22 63.54 12.53
N ASN E 508 -26.99 62.73 13.57
CA ASN E 508 -26.37 63.20 14.80
C ASN E 508 -25.02 62.56 15.08
N GLY E 509 -24.49 61.83 14.09
CA GLY E 509 -23.22 61.14 14.23
C GLY E 509 -23.14 59.91 13.33
N SER E 510 -22.08 59.11 13.49
CA SER E 510 -21.81 57.96 12.63
C SER E 510 -22.97 57.00 12.61
N GLY E 511 -23.51 56.73 13.80
CA GLY E 511 -24.63 55.82 13.97
C GLY E 511 -25.83 56.15 13.09
N SER E 512 -26.46 57.28 13.36
CA SER E 512 -27.63 57.69 12.59
C SER E 512 -27.30 57.98 11.12
N PHE E 513 -26.08 58.39 10.83
CA PHE E 513 -25.70 58.64 9.44
C PHE E 513 -26.00 57.42 8.60
N GLN E 514 -25.63 56.25 9.11
CA GLN E 514 -25.77 54.99 8.39
C GLN E 514 -27.24 54.76 8.05
N VAL E 515 -28.11 54.86 9.04
CA VAL E 515 -29.53 54.63 8.81
C VAL E 515 -30.23 55.75 8.03
N GLU E 516 -29.80 56.99 8.20
CA GLU E 516 -30.35 58.08 7.39
C GLU E 516 -29.96 57.95 5.91
N LEU E 517 -28.81 57.32 5.65
CA LEU E 517 -28.36 57.10 4.28
C LEU E 517 -29.27 56.11 3.59
N ILE E 518 -29.54 55.00 4.27
CA ILE E 518 -30.47 54.02 3.73
C ILE E 518 -31.83 54.66 3.47
N ASP E 519 -32.31 55.45 4.44
CA ASP E 519 -33.58 56.16 4.27
C ASP E 519 -33.60 57.08 3.05
N ALA E 520 -32.56 57.91 2.91
CA ALA E 520 -32.45 58.81 1.79
C ALA E 520 -32.47 58.04 0.46
N LEU E 521 -31.76 56.91 0.41
CA LEU E 521 -31.76 56.08 -0.79
C LEU E 521 -33.18 55.64 -1.08
N TYR E 522 -33.92 55.30 -0.04
CA TYR E 522 -35.28 54.82 -0.22
C TYR E 522 -36.20 55.93 -0.70
N ARG E 523 -36.17 57.07 -0.01
CA ARG E 523 -37.02 58.21 -0.37
C ARG E 523 -36.68 58.72 -1.77
N LEU E 524 -35.38 58.89 -2.03
CA LEU E 524 -34.91 59.44 -3.30
C LEU E 524 -35.45 58.69 -4.52
N THR E 525 -35.51 57.36 -4.41
CA THR E 525 -35.90 56.53 -5.56
C THR E 525 -37.38 56.29 -5.64
N ARG E 526 -38.10 56.49 -4.53
CA ARG E 526 -39.56 56.41 -4.54
C ARG E 526 -40.19 57.65 -5.20
N GLU E 527 -39.42 58.74 -5.28
CA GLU E 527 -39.78 59.89 -6.09
C GLU E 527 -38.67 60.20 -7.09
N ASN E 528 -38.81 59.73 -8.32
CA ASN E 528 -37.81 60.01 -9.34
C ASN E 528 -37.77 61.47 -9.74
N THR E 529 -37.01 62.29 -9.03
CA THR E 529 -36.93 63.69 -9.42
C THR E 529 -35.49 64.17 -9.40
N PRO E 530 -34.65 63.52 -10.20
CA PRO E 530 -33.21 63.81 -10.20
C PRO E 530 -32.93 65.30 -10.41
N VAL E 531 -33.85 66.04 -11.07
CA VAL E 531 -33.70 67.50 -11.19
C VAL E 531 -33.44 68.14 -9.81
N THR E 532 -34.01 67.53 -8.77
CA THR E 532 -33.80 67.92 -7.38
C THR E 532 -32.40 67.67 -6.78
N TRP E 533 -31.74 66.56 -7.13
CA TRP E 533 -30.55 66.10 -6.39
C TRP E 533 -29.32 67.01 -6.43
N ALA E 534 -28.67 67.12 -5.28
CA ALA E 534 -27.49 67.97 -5.08
C ALA E 534 -26.28 67.80 -6.03
N PRO E 535 -25.85 66.55 -6.32
CA PRO E 535 -24.54 66.29 -6.97
C PRO E 535 -24.44 66.79 -8.41
N LYS E 536 -23.31 67.40 -8.72
CA LYS E 536 -23.09 68.00 -10.04
C LYS E 536 -22.26 67.05 -10.88
N LEU E 537 -22.68 66.88 -12.13
CA LEU E 537 -22.02 65.96 -13.04
C LEU E 537 -21.30 66.70 -14.17
N THR E 538 -19.97 66.67 -14.17
CA THR E 538 -19.18 67.37 -15.19
C THR E 538 -18.41 66.39 -16.09
N HIS E 539 -17.69 66.92 -17.08
CA HIS E 539 -16.74 66.10 -17.84
C HIS E 539 -15.38 66.13 -17.16
N THR E 540 -14.56 65.12 -17.40
CA THR E 540 -13.23 65.06 -16.78
C THR E 540 -12.20 65.52 -17.78
N LYS F 2 31.07 17.64 45.51
CA LYS F 2 29.85 17.32 46.23
C LYS F 2 29.05 18.58 46.61
N PHE F 3 27.86 18.72 46.02
CA PHE F 3 26.98 19.86 46.30
C PHE F 3 25.93 19.50 47.34
N SER F 4 25.30 20.52 47.91
CA SER F 4 24.18 20.29 48.84
C SER F 4 22.93 21.04 48.36
N LYS F 5 21.76 20.58 48.81
CA LYS F 5 20.50 21.23 48.49
C LYS F 5 20.63 22.71 48.09
N GLU F 6 21.24 23.50 48.98
CA GLU F 6 21.20 24.97 48.87
C GLU F 6 22.24 25.55 47.91
N GLN F 7 23.13 24.70 47.41
CA GLN F 7 24.11 25.16 46.43
C GLN F 7 23.59 25.00 45.00
N PHE F 8 22.43 24.37 44.89
CA PHE F 8 21.81 24.09 43.60
C PHE F 8 21.20 25.36 42.98
N ASP F 9 21.69 25.70 41.79
CA ASP F 9 21.20 26.85 41.03
C ASP F 9 20.34 26.38 39.86
N TYR F 10 19.02 26.47 40.04
CA TYR F 10 18.07 26.00 39.02
C TYR F 10 17.83 26.93 37.81
N SER F 11 18.52 28.08 37.79
CA SER F 11 18.35 29.10 36.74
C SER F 11 18.00 28.52 35.37
N LEU F 12 19.01 28.02 34.67
CA LEU F 12 18.81 27.45 33.35
C LEU F 12 19.19 25.99 33.42
N TYR F 13 18.19 25.13 33.40
CA TYR F 13 18.34 23.70 33.70
C TYR F 13 18.24 22.90 32.40
N LEU F 14 19.36 22.35 31.96
CA LEU F 14 19.43 21.61 30.71
C LEU F 14 19.14 20.12 30.91
N VAL F 15 18.09 19.63 30.25
CA VAL F 15 17.76 18.22 30.28
C VAL F 15 18.10 17.61 28.93
N THR F 16 18.99 16.63 28.91
CA THR F 16 19.41 16.04 27.64
C THR F 16 18.41 15.06 27.03
N ASP F 17 18.62 14.75 25.75
CA ASP F 17 17.88 13.71 25.06
C ASP F 17 18.75 13.21 23.92
N SER F 18 19.23 11.97 24.05
CA SER F 18 20.30 11.44 23.21
C SER F 18 19.97 11.35 21.71
N GLY F 19 18.75 10.89 21.40
CA GLY F 19 18.36 10.71 20.00
C GLY F 19 17.64 11.92 19.44
N MET F 20 18.33 13.06 19.43
CA MET F 20 17.73 14.31 18.99
C MET F 20 18.83 15.29 18.62
N ILE F 21 20.06 14.80 18.74
CA ILE F 21 21.25 15.58 18.39
C ILE F 21 21.45 15.61 16.87
N PRO F 22 21.73 16.80 16.33
CA PRO F 22 21.93 16.99 14.89
C PRO F 22 23.20 16.29 14.43
N GLU F 23 23.27 15.94 13.16
CA GLU F 23 24.44 15.23 12.64
C GLU F 23 25.72 16.02 12.83
N GLY F 24 26.81 15.32 13.09
CA GLY F 24 28.12 15.93 13.25
C GLY F 24 28.30 16.61 14.59
N LYS F 25 27.36 16.35 15.50
CA LYS F 25 27.42 16.91 16.84
C LYS F 25 27.22 15.82 17.88
N THR F 26 27.89 15.96 19.02
CA THR F 26 27.81 14.96 20.07
C THR F 26 27.09 15.50 21.29
N LEU F 27 26.62 14.61 22.16
CA LEU F 27 26.00 15.05 23.41
C LEU F 27 27.00 15.82 24.26
N TYR F 28 28.24 15.33 24.29
CA TYR F 28 29.31 16.04 24.98
C TYR F 28 29.42 17.45 24.41
N GLY F 29 29.43 17.53 23.08
CA GLY F 29 29.55 18.81 22.38
C GLY F 29 28.49 19.83 22.77
N GLN F 30 27.23 19.41 22.75
CA GLN F 30 26.12 20.28 23.09
C GLN F 30 26.18 20.69 24.55
N VAL F 31 26.28 19.70 25.44
CA VAL F 31 26.30 20.03 26.87
C VAL F 31 27.48 20.94 27.22
N GLU F 32 28.58 20.83 26.47
CA GLU F 32 29.72 21.69 26.70
C GLU F 32 29.35 23.13 26.37
N ALA F 33 28.84 23.33 25.15
CA ALA F 33 28.44 24.64 24.69
C ALA F 33 27.47 25.33 25.66
N GLY F 34 26.60 24.56 26.28
CA GLY F 34 25.58 25.13 27.15
C GLY F 34 26.08 25.46 28.54
N LEU F 35 27.21 24.86 28.89
CA LEU F 35 27.81 25.11 30.19
C LEU F 35 28.65 26.36 30.13
N GLN F 36 29.25 26.59 28.97
CA GLN F 36 30.07 27.79 28.74
C GLN F 36 29.22 29.07 28.62
N ASN F 37 27.90 28.93 28.58
CA ASN F 37 27.02 30.08 28.37
C ASN F 37 25.80 30.19 29.30
N GLY F 38 25.71 29.35 30.33
CA GLY F 38 24.55 29.30 31.24
C GLY F 38 24.41 27.96 31.98
N VAL F 39 23.27 27.29 31.86
CA VAL F 39 23.14 25.88 32.29
C VAL F 39 23.00 25.54 33.81
N LEU F 41 22.76 23.86 36.14
CA LEU F 41 22.30 22.48 36.37
C LEU F 41 22.03 21.67 35.10
N VAL F 42 22.29 20.36 35.16
CA VAL F 42 22.19 19.43 34.01
C VAL F 42 21.62 18.05 34.39
N GLN F 43 20.69 17.54 33.58
CA GLN F 43 20.10 16.22 33.81
C GLN F 43 20.31 15.31 32.60
N ILE F 44 20.70 14.07 32.86
CA ILE F 44 20.95 13.08 31.82
C ILE F 44 19.86 12.00 31.84
N ARG F 45 19.38 11.62 30.65
CA ARG F 45 18.39 10.54 30.52
C ARG F 45 18.89 9.42 29.62
N ALA F 49 19.23 3.09 25.25
CA ALA F 49 20.25 2.10 24.90
C ALA F 49 20.55 1.15 26.07
N ASP F 50 21.83 0.76 26.20
CA ASP F 50 22.26 -0.26 27.16
C ASP F 50 22.77 0.35 28.46
N THR F 51 22.36 -0.23 29.59
CA THR F 51 22.71 0.35 30.90
C THR F 51 24.22 0.57 31.13
N LYS F 52 25.05 -0.03 30.28
CA LYS F 52 26.50 0.11 30.45
C LYS F 52 27.04 1.31 29.70
N PHE F 53 26.56 1.51 28.48
CA PHE F 53 26.88 2.70 27.71
C PHE F 53 26.38 3.95 28.45
N PHE F 54 25.21 3.82 29.08
CA PHE F 54 24.66 4.87 29.93
C PHE F 54 25.70 5.33 30.94
N ILE F 55 26.21 4.38 31.74
CA ILE F 55 27.14 4.69 32.81
C ILE F 55 28.42 5.36 32.30
N GLU F 56 28.91 4.94 31.14
CA GLU F 56 30.13 5.52 30.58
C GLU F 56 29.90 6.97 30.16
N GLU F 57 28.71 7.24 29.62
CA GLU F 57 28.36 8.58 29.18
C GLU F 57 28.10 9.49 30.38
N ALA F 58 27.54 8.92 31.44
CA ALA F 58 27.26 9.68 32.65
C ALA F 58 28.56 10.17 33.32
N LEU F 59 29.52 9.27 33.45
CA LEU F 59 30.82 9.65 34.01
C LEU F 59 31.50 10.70 33.13
N GLN F 60 31.56 10.41 31.83
CA GLN F 60 32.16 11.32 30.88
C GLN F 60 31.58 12.72 31.05
N ILE F 61 30.28 12.80 31.34
CA ILE F 61 29.59 14.08 31.42
C ILE F 61 29.64 14.68 32.81
N LYS F 62 29.80 13.83 33.83
CA LYS F 62 29.96 14.36 35.18
C LYS F 62 31.27 15.14 35.32
N GLU F 63 32.32 14.64 34.69
CA GLU F 63 33.60 15.37 34.66
C GLU F 63 33.43 16.76 34.07
N LEU F 64 32.73 16.84 32.94
CA LEU F 64 32.45 18.10 32.29
C LEU F 64 31.69 19.07 33.23
N CYS F 65 30.61 18.58 33.82
CA CYS F 65 29.80 19.41 34.72
C CYS F 65 30.59 19.90 35.94
N HIS F 66 31.21 18.95 36.64
CA HIS F 66 32.05 19.25 37.80
C HIS F 66 33.16 20.25 37.43
N ALA F 67 33.75 20.05 36.24
CA ALA F 67 34.71 21.01 35.71
C ALA F 67 34.15 22.45 35.73
N HIS F 68 32.89 22.62 35.36
CA HIS F 68 32.24 23.92 35.36
C HIS F 68 31.47 24.18 36.66
N ASN F 69 31.76 23.37 37.68
CA ASN F 69 31.13 23.53 38.99
C ASN F 69 29.61 23.51 38.95
N VAL F 70 29.07 22.56 38.19
CA VAL F 70 27.62 22.36 38.10
C VAL F 70 27.24 20.89 38.33
N PRO F 71 26.21 20.66 39.16
CA PRO F 71 25.78 19.32 39.55
C PRO F 71 25.26 18.53 38.35
N LEU F 72 25.30 17.20 38.44
CA LEU F 72 24.72 16.35 37.41
C LEU F 72 23.58 15.54 38.02
N ILE F 73 22.41 15.59 37.38
CA ILE F 73 21.25 14.84 37.85
C ILE F 73 20.92 13.71 36.89
N ILE F 74 20.42 12.60 37.43
CA ILE F 74 20.12 11.43 36.63
C ILE F 74 18.66 11.01 36.78
N ASN F 75 18.07 10.51 35.71
CA ASN F 75 16.69 10.06 35.73
C ASN F 75 16.50 8.89 34.77
N ASP F 76 15.80 7.83 35.20
CA ASP F 76 15.27 7.69 36.54
C ASP F 76 15.96 6.48 37.20
N ARG F 77 17.14 6.15 36.70
CA ARG F 77 17.85 5.02 37.23
C ARG F 77 18.62 5.40 38.50
N ILE F 78 17.95 5.19 39.64
CA ILE F 78 18.50 5.47 40.93
C ILE F 78 19.81 4.71 41.15
N ASP F 79 19.83 3.45 40.72
CA ASP F 79 21.03 2.65 40.83
C ASP F 79 22.23 3.27 40.11
N VAL F 80 22.05 3.66 38.84
CA VAL F 80 23.12 4.34 38.12
C VAL F 80 23.53 5.61 38.87
N ALA F 81 22.56 6.24 39.51
CA ALA F 81 22.83 7.45 40.26
C ALA F 81 23.83 7.19 41.38
N MET F 82 23.51 6.23 42.25
CA MET F 82 24.40 5.84 43.35
C MET F 82 25.75 5.34 42.83
N ALA F 83 25.71 4.52 41.79
CA ALA F 83 26.90 3.91 41.25
C ALA F 83 27.95 4.90 40.77
N ILE F 84 27.54 6.00 40.15
CA ILE F 84 28.51 6.94 39.61
C ILE F 84 28.68 8.18 40.50
N GLY F 85 28.03 8.17 41.67
CA GLY F 85 28.16 9.28 42.60
C GLY F 85 27.62 10.54 41.95
N ALA F 86 26.36 10.47 41.55
CA ALA F 86 25.66 11.60 40.96
C ALA F 86 25.19 12.53 42.06
N ASP F 87 24.79 13.75 41.67
CA ASP F 87 24.48 14.79 42.65
C ASP F 87 22.99 14.83 42.97
N GLY F 88 22.22 14.12 42.16
CA GLY F 88 20.79 14.04 42.38
C GLY F 88 20.08 13.23 41.32
N ILE F 89 18.83 12.89 41.61
CA ILE F 89 18.03 12.12 40.68
C ILE F 89 16.64 12.73 40.44
N HIS F 90 16.18 12.62 39.20
CA HIS F 90 14.81 13.05 38.89
C HIS F 90 13.93 11.84 38.58
N VAL F 91 12.73 11.81 39.15
CA VAL F 91 11.79 10.74 38.85
C VAL F 91 10.42 11.30 38.50
N GLY F 92 9.66 10.54 37.73
CA GLY F 92 8.35 10.97 37.31
C GLY F 92 7.29 10.45 38.26
N GLN F 93 6.05 10.71 37.91
CA GLN F 93 4.91 10.39 38.75
C GLN F 93 4.65 8.89 38.69
N ASP F 94 5.11 8.26 37.63
CA ASP F 94 4.90 6.83 37.45
C ASP F 94 6.18 6.04 37.69
N ASP F 95 7.16 6.66 38.32
CA ASP F 95 8.40 5.97 38.63
C ASP F 95 8.43 5.55 40.11
N MET F 96 9.60 5.14 40.60
CA MET F 96 9.72 4.65 41.98
C MET F 96 9.21 5.67 43.01
N PRO F 97 8.28 5.24 43.89
CA PRO F 97 7.73 6.09 44.96
C PRO F 97 8.84 6.80 45.74
N ILE F 98 8.56 8.01 46.20
CA ILE F 98 9.65 8.86 46.71
C ILE F 98 10.34 8.36 47.99
N PRO F 99 9.53 8.00 49.00
CA PRO F 99 10.09 7.38 50.21
C PRO F 99 11.11 6.26 49.92
N MET F 100 10.72 5.28 49.08
CA MET F 100 11.63 4.22 48.67
C MET F 100 12.97 4.76 48.16
N ILE F 101 12.90 5.86 47.42
CA ILE F 101 14.11 6.41 46.82
C ILE F 101 15.03 6.98 47.89
N ARG F 102 14.42 7.74 48.80
CA ARG F 102 15.12 8.40 49.90
C ARG F 102 15.87 7.36 50.74
N LYS F 103 15.20 6.25 51.01
CA LYS F 103 15.80 5.16 51.76
C LYS F 103 17.08 4.60 51.12
N LEU F 104 17.15 4.59 49.78
CA LEU F 104 18.31 3.99 49.11
C LEU F 104 19.46 4.97 48.93
N VAL F 105 19.13 6.21 48.58
CA VAL F 105 20.16 7.19 48.26
C VAL F 105 20.64 7.95 49.51
N GLY F 106 19.82 7.88 50.56
CA GLY F 106 20.11 8.58 51.80
C GLY F 106 20.15 10.08 51.63
N PRO F 107 19.94 10.84 52.71
CA PRO F 107 19.94 12.30 52.68
C PRO F 107 21.11 12.87 51.87
N ASP F 108 21.12 14.19 51.66
CA ASP F 108 22.22 14.86 50.95
C ASP F 108 22.01 14.93 49.43
N MET F 109 21.28 13.95 48.89
CA MET F 109 21.07 13.90 47.44
C MET F 109 19.76 14.59 47.06
N VAL F 110 19.83 15.37 45.98
CA VAL F 110 18.67 16.11 45.50
C VAL F 110 17.68 15.16 44.83
N ILE F 111 16.40 15.26 45.21
CA ILE F 111 15.38 14.45 44.57
C ILE F 111 14.36 15.30 43.84
N GLY F 112 14.35 15.21 42.51
CA GLY F 112 13.40 15.94 41.68
C GLY F 112 12.17 15.13 41.32
N TRP F 113 11.00 15.77 41.32
CA TRP F 113 9.74 15.11 41.03
C TRP F 113 8.93 15.86 39.96
N SER F 114 8.47 15.14 38.93
CA SER F 114 7.58 15.72 37.93
C SER F 114 6.18 15.92 38.52
N VAL F 115 5.71 17.16 38.50
CA VAL F 115 4.42 17.48 39.12
C VAL F 115 3.61 18.35 38.19
N GLY F 116 2.35 18.00 37.99
CA GLY F 116 1.50 18.75 37.07
C GLY F 116 0.19 19.19 37.67
N PHE F 117 -0.10 18.74 38.88
CA PHE F 117 -1.36 19.08 39.54
C PHE F 117 -1.12 19.40 41.00
N PRO F 118 -1.97 20.24 41.58
CA PRO F 118 -1.93 20.61 43.00
C PRO F 118 -2.07 19.38 43.91
N GLU F 119 -2.97 18.47 43.54
CA GLU F 119 -3.17 17.21 44.26
C GLU F 119 -1.84 16.53 44.58
N GLU F 120 -0.91 16.62 43.65
CA GLU F 120 0.39 16.01 43.82
C GLU F 120 1.30 16.86 44.69
N VAL F 121 0.95 18.12 44.86
CA VAL F 121 1.72 18.99 45.73
C VAL F 121 1.37 18.67 47.17
N ASP F 122 0.09 18.37 47.40
CA ASP F 122 -0.40 17.89 48.69
C ASP F 122 0.38 16.68 49.18
N GLU F 123 0.50 15.66 48.32
CA GLU F 123 1.27 14.46 48.64
C GLU F 123 2.72 14.80 48.97
N LEU F 124 3.31 15.65 48.12
CA LEU F 124 4.70 16.09 48.29
C LEU F 124 4.92 16.71 49.67
N SER F 125 3.85 17.30 50.21
CA SER F 125 3.88 18.04 51.46
C SER F 125 3.70 17.21 52.73
N LYS F 126 2.70 16.32 52.74
CA LYS F 126 2.55 15.38 53.85
C LYS F 126 3.75 14.43 53.97
N MET F 127 4.82 14.64 53.19
CA MET F 127 6.06 13.86 53.27
C MET F 127 7.19 14.69 53.92
N GLY F 128 6.97 16.00 54.04
CA GLY F 128 7.93 16.89 54.67
C GLY F 128 9.28 16.94 53.95
N PRO F 129 10.23 17.71 54.51
CA PRO F 129 11.55 17.99 53.94
C PRO F 129 12.46 16.76 53.77
N ASP F 130 13.65 17.01 53.20
CA ASP F 130 14.56 15.96 52.71
C ASP F 130 13.81 14.68 52.24
N MET F 131 12.67 14.89 51.59
CA MET F 131 12.04 13.89 50.71
C MET F 131 12.10 14.46 49.27
N VAL F 132 11.15 15.33 48.90
CA VAL F 132 11.22 16.01 47.58
C VAL F 132 11.90 17.38 47.65
N ASP F 133 12.98 17.55 46.90
CA ASP F 133 13.75 18.79 46.95
C ASP F 133 13.29 19.85 45.93
N TYR F 134 12.98 19.40 44.72
CA TYR F 134 12.47 20.31 43.68
C TYR F 134 11.47 19.60 42.79
N ILE F 135 10.71 20.37 42.03
CA ILE F 135 9.74 19.79 41.09
C ILE F 135 9.76 20.46 39.72
N GLY F 136 9.59 19.65 38.68
CA GLY F 136 9.43 20.14 37.33
C GLY F 136 7.92 20.25 37.09
N VAL F 137 7.45 21.48 36.88
CA VAL F 137 6.01 21.72 36.79
C VAL F 137 5.42 21.36 35.42
N GLY F 138 4.56 20.34 35.46
CA GLY F 138 3.75 19.82 34.36
C GLY F 138 4.36 19.94 32.99
N THR F 139 3.55 19.80 31.96
CA THR F 139 4.05 20.19 30.65
C THR F 139 3.38 21.50 30.26
N LEU F 140 4.15 22.58 30.30
CA LEU F 140 3.58 23.92 30.15
C LEU F 140 2.89 24.13 28.80
N PHE F 141 3.58 23.76 27.73
CA PHE F 141 3.08 23.88 26.38
C PHE F 141 3.29 22.57 25.61
N PRO F 142 2.61 22.39 24.47
CA PRO F 142 2.72 21.12 23.75
C PRO F 142 4.11 20.93 23.15
N THR F 143 4.52 19.68 23.01
CA THR F 143 5.88 19.36 22.56
C THR F 143 5.98 17.96 21.98
N LEU F 144 6.91 17.75 21.05
CA LEU F 144 7.16 16.43 20.42
C LEU F 144 8.25 15.62 21.13
N THR F 145 8.81 16.18 22.19
CA THR F 145 9.97 15.57 22.85
C THR F 145 9.61 14.39 23.76
N LYS F 146 8.50 14.50 24.49
CA LYS F 146 8.04 13.41 25.36
C LYS F 146 7.12 12.45 24.60
N GLY F 155 -1.12 24.91 31.09
CA GLY F 155 -0.47 26.16 30.67
C GLY F 155 0.09 26.94 31.85
N THR F 156 0.41 28.23 31.70
CA THR F 156 0.85 29.00 32.86
C THR F 156 -0.23 29.09 33.95
N ALA F 157 -1.49 29.15 33.53
CA ALA F 157 -2.59 29.08 34.49
C ALA F 157 -2.45 27.83 35.34
N GLY F 158 -2.02 26.73 34.72
CA GLY F 158 -1.87 25.47 35.42
C GLY F 158 -0.71 25.48 36.38
N ALA F 159 0.39 26.11 35.97
CA ALA F 159 1.57 26.23 36.82
C ALA F 159 1.25 27.05 38.06
N ILE F 160 0.45 28.09 37.88
CA ILE F 160 0.06 28.93 39.00
C ILE F 160 -0.67 28.11 40.07
N ARG F 161 -1.64 27.30 39.65
CA ARG F 161 -2.36 26.47 40.61
C ARG F 161 -1.40 25.62 41.46
N VAL F 162 -0.26 25.26 40.88
CA VAL F 162 0.73 24.43 41.56
C VAL F 162 1.57 25.25 42.53
N LEU F 163 2.06 26.40 42.07
CA LEU F 163 2.78 27.33 42.96
C LEU F 163 1.89 27.79 44.12
N ASP F 164 0.59 27.90 43.87
CA ASP F 164 -0.34 28.25 44.93
C ASP F 164 -0.46 27.16 45.99
N ALA F 165 -0.42 25.90 45.56
CA ALA F 165 -0.48 24.79 46.51
C ALA F 165 0.82 24.68 47.32
N LEU F 166 1.95 25.00 46.67
CA LEU F 166 3.23 25.05 47.38
C LEU F 166 3.24 26.10 48.48
N GLU F 167 2.24 26.97 48.47
CA GLU F 167 2.21 28.09 49.41
C GLU F 167 1.17 27.85 50.49
N ARG F 168 -0.02 27.43 50.07
CA ARG F 168 -1.04 26.99 51.01
C ARG F 168 -0.51 25.87 51.92
N ASN F 169 0.41 25.03 51.40
CA ASN F 169 1.00 23.93 52.18
C ASN F 169 2.32 24.31 52.87
N ASN F 170 2.75 25.54 52.65
CA ASN F 170 4.05 26.00 53.13
C ASN F 170 5.18 24.99 52.91
N ALA F 171 5.38 24.59 51.67
CA ALA F 171 6.47 23.69 51.36
C ALA F 171 7.74 24.46 51.07
N HIS F 172 8.16 25.28 52.04
CA HIS F 172 9.30 26.17 51.88
C HIS F 172 10.57 25.49 51.33
N TRP F 173 10.63 24.16 51.40
CA TRP F 173 11.88 23.44 51.15
C TRP F 173 12.02 22.94 49.71
N CYS F 174 10.99 23.23 48.92
CA CYS F 174 10.84 22.65 47.58
C CYS F 174 10.99 23.72 46.50
N ARG F 175 12.05 23.64 45.71
CA ARG F 175 12.22 24.53 44.56
C ARG F 175 11.32 24.11 43.38
N THR F 176 11.26 24.94 42.34
CA THR F 176 10.46 24.63 41.17
C THR F 176 11.17 25.09 39.90
N VAL F 177 11.16 24.26 38.87
CA VAL F 177 11.49 24.71 37.53
C VAL F 177 10.29 24.44 36.61
N GLY F 178 10.13 25.28 35.59
CA GLY F 178 9.09 25.06 34.60
C GLY F 178 9.67 24.31 33.42
N ILE F 179 8.85 23.45 32.81
CA ILE F 179 9.37 22.62 31.72
C ILE F 179 8.33 22.32 30.65
N GLY F 180 8.81 22.22 29.40
CA GLY F 180 7.99 21.70 28.32
C GLY F 180 7.52 22.70 27.29
N GLY F 181 8.27 22.79 26.20
CA GLY F 181 7.87 23.65 25.10
C GLY F 181 8.34 25.06 25.34
N LEU F 182 9.32 25.20 26.23
CA LEU F 182 9.90 26.51 26.51
C LEU F 182 10.91 26.91 25.45
N HIS F 183 10.69 28.07 24.84
CA HIS F 183 11.58 28.60 23.81
C HIS F 183 11.64 30.12 23.95
N PRO F 184 12.51 30.78 23.17
CA PRO F 184 12.62 32.24 23.31
C PRO F 184 11.30 32.99 23.05
N ASP F 185 10.37 32.36 22.33
CA ASP F 185 9.10 33.01 21.99
C ASP F 185 8.07 33.01 23.13
N ASN F 186 8.44 32.48 24.29
CA ASN F 186 7.47 32.33 25.37
C ASN F 186 8.11 32.25 26.75
N ILE F 187 9.42 32.39 26.81
CA ILE F 187 10.12 32.25 28.09
C ILE F 187 9.84 33.44 29.02
N GLU F 188 9.94 34.66 28.51
CA GLU F 188 9.63 35.80 29.35
C GLU F 188 8.17 35.80 29.82
N ARG F 189 7.24 35.46 28.94
CA ARG F 189 5.85 35.39 29.35
C ARG F 189 5.65 34.35 30.45
N VAL F 190 6.39 33.24 30.37
CA VAL F 190 6.30 32.17 31.39
C VAL F 190 6.82 32.69 32.73
N LEU F 191 8.02 33.28 32.71
CA LEU F 191 8.63 33.83 33.92
C LEU F 191 7.74 34.88 34.53
N TYR F 192 7.09 35.65 33.67
CA TYR F 192 6.30 36.81 34.05
C TYR F 192 5.00 36.46 34.76
N GLN F 193 4.25 35.48 34.25
CA GLN F 193 2.96 35.17 34.87
C GLN F 193 2.91 33.93 35.78
N CYS F 194 4.02 33.20 35.84
CA CYS F 194 4.12 32.06 36.76
C CYS F 194 4.55 32.51 38.16
N VAL F 195 3.59 33.02 38.93
CA VAL F 195 3.83 33.52 40.28
C VAL F 195 2.71 33.12 41.20
N SER F 196 3.06 32.89 42.46
CA SER F 196 2.08 32.59 43.48
C SER F 196 1.04 33.70 43.51
N SER F 197 -0.19 33.38 43.89
CA SER F 197 -1.24 34.39 43.96
C SER F 197 -0.90 35.44 45.01
N ASN F 198 -0.17 35.04 46.03
CA ASN F 198 0.23 35.97 47.08
C ASN F 198 1.51 36.72 46.71
N GLY F 199 2.03 36.45 45.51
CA GLY F 199 3.17 37.17 44.99
C GLY F 199 4.51 36.80 45.61
N LYS F 200 4.48 35.90 46.59
CA LYS F 200 5.70 35.52 47.29
C LYS F 200 6.58 34.48 46.60
N ARG F 201 6.01 33.71 45.67
CA ARG F 201 6.79 32.64 45.02
C ARG F 201 6.70 32.63 43.50
N SER F 202 7.83 32.45 42.82
CA SER F 202 7.84 32.20 41.38
C SER F 202 8.79 31.05 40.99
N LEU F 203 8.90 30.77 39.69
CA LEU F 203 9.77 29.67 39.24
C LEU F 203 11.22 29.96 39.60
N ASP F 204 11.92 28.96 40.11
CA ASP F 204 13.33 29.14 40.46
C ASP F 204 14.23 28.94 39.24
N GLY F 205 13.62 28.55 38.12
CA GLY F 205 14.38 28.36 36.90
C GLY F 205 13.58 27.74 35.77
N ILE F 206 14.26 27.53 34.64
CA ILE F 206 13.62 27.13 33.41
C ILE F 206 14.31 25.92 32.79
N CYS F 207 13.52 24.95 32.32
CA CYS F 207 14.06 23.73 31.72
C CYS F 207 13.90 23.65 30.23
N VAL F 208 14.99 23.35 29.55
CA VAL F 208 14.90 23.15 28.11
C VAL F 208 15.56 21.84 27.69
N VAL F 209 15.04 21.26 26.61
CA VAL F 209 15.65 20.13 25.99
C VAL F 209 15.96 20.50 24.54
N SER F 210 14.92 20.51 23.70
CA SER F 210 15.08 20.73 22.27
C SER F 210 15.70 22.08 21.94
N ASP F 211 15.48 23.09 22.77
CA ASP F 211 15.98 24.42 22.40
C ASP F 211 17.50 24.51 22.35
N ILE F 212 18.18 23.69 23.15
CA ILE F 212 19.64 23.68 23.16
C ILE F 212 20.19 22.43 22.50
N ILE F 213 19.72 21.27 22.94
CA ILE F 213 20.17 19.99 22.41
C ILE F 213 20.07 19.91 20.89
N ALA F 214 18.87 20.16 20.37
CA ALA F 214 18.62 19.98 18.93
C ALA F 214 19.09 21.17 18.09
N SER F 215 19.85 22.08 18.71
CA SER F 215 20.29 23.31 18.04
C SER F 215 21.53 23.13 17.17
N LEU F 216 21.50 23.71 15.96
CA LEU F 216 22.68 23.70 15.09
C LEU F 216 23.81 24.55 15.64
N ASP F 217 23.45 25.50 16.51
CA ASP F 217 24.45 26.32 17.22
C ASP F 217 24.07 26.43 18.68
N ALA F 218 24.44 25.42 19.46
CA ALA F 218 24.03 25.37 20.86
C ALA F 218 24.59 26.51 21.73
N ALA F 219 25.75 27.04 21.36
CA ALA F 219 26.34 28.13 22.12
C ALA F 219 25.44 29.36 22.07
N LYS F 220 25.05 29.73 20.85
CA LYS F 220 24.20 30.89 20.61
C LYS F 220 22.83 30.74 21.27
N SER F 221 22.18 29.59 21.03
CA SER F 221 20.87 29.33 21.60
C SER F 221 20.88 29.56 23.10
N THR F 222 21.96 29.11 23.74
CA THR F 222 22.05 29.19 25.19
C THR F 222 22.25 30.63 25.63
N LYS F 223 23.12 31.33 24.91
CA LYS F 223 23.38 32.74 25.23
C LYS F 223 22.07 33.52 25.23
N ILE F 224 21.19 33.19 24.28
CA ILE F 224 19.86 33.81 24.18
C ILE F 224 18.96 33.52 25.38
N LEU F 225 18.86 32.25 25.76
CA LEU F 225 18.05 31.86 26.92
C LEU F 225 18.56 32.52 28.18
N ARG F 226 19.87 32.68 28.26
CA ARG F 226 20.45 33.35 29.41
C ARG F 226 20.02 34.80 29.46
N GLY F 227 20.13 35.49 28.33
CA GLY F 227 19.69 36.87 28.23
C GLY F 227 18.31 37.07 28.81
N LEU F 228 17.37 36.22 28.40
CA LEU F 228 15.98 36.32 28.85
C LEU F 228 15.81 36.08 30.35
N ILE F 229 16.50 35.08 30.88
CA ILE F 229 16.27 34.67 32.27
C ILE F 229 16.74 35.70 33.29
N ASP F 230 17.90 36.30 33.05
CA ASP F 230 18.45 37.24 34.03
C ASP F 230 18.18 38.73 33.69
N LYS F 231 17.23 38.95 32.79
CA LYS F 231 16.61 40.25 32.59
C LYS F 231 15.52 40.36 33.66
N THR F 232 14.86 41.50 33.78
CA THR F 232 13.77 41.63 34.77
C THR F 232 12.51 42.36 34.28
N ASP F 233 12.58 42.92 33.08
CA ASP F 233 11.44 43.62 32.48
C ASP F 233 10.88 42.87 31.27
N TYR F 234 9.55 42.69 31.27
CA TYR F 234 8.88 42.19 30.09
C TYR F 234 7.98 43.29 29.56
N LYS F 235 8.53 44.16 28.71
CA LYS F 235 7.73 45.21 28.05
C LYS F 235 6.93 44.62 26.89
N PHE F 236 5.77 44.03 27.18
CA PHE F 236 5.09 43.20 26.19
C PHE F 236 4.23 44.00 25.21
N VAL F 237 4.12 45.31 25.47
CA VAL F 237 3.37 46.18 24.59
C VAL F 237 4.04 47.54 24.60
N ASN F 238 4.09 48.19 23.44
CA ASN F 238 4.71 49.51 23.33
C ASN F 238 3.83 50.66 23.87
N ILE F 239 3.50 50.54 25.15
CA ILE F 239 2.76 51.55 25.89
C ILE F 239 3.34 51.51 27.30
N GLY F 240 3.17 52.59 28.06
CA GLY F 240 3.67 52.64 29.42
C GLY F 240 2.92 51.66 30.30
N LEU F 241 3.65 51.03 31.22
CA LEU F 241 3.03 50.09 32.15
C LEU F 241 3.12 50.57 33.61
N SER F 242 3.57 51.81 33.80
CA SER F 242 3.73 52.39 35.14
C SER F 242 2.48 52.28 36.00
N THR F 243 2.67 51.94 37.27
CA THR F 243 1.55 51.83 38.18
C THR F 243 1.07 53.22 38.53
N LYS F 244 -0.21 53.46 38.28
CA LYS F 244 -0.80 54.75 38.59
C LYS F 244 -1.80 54.60 39.72
N ASN F 245 -1.59 55.33 40.81
CA ASN F 245 -2.47 55.22 41.97
C ASN F 245 -3.43 56.39 42.09
N SER F 246 -3.10 57.47 41.38
CA SER F 246 -3.97 58.65 41.32
C SER F 246 -5.04 58.42 40.26
N LEU F 247 -6.31 58.60 40.64
CA LEU F 247 -7.41 58.47 39.69
C LEU F 247 -7.10 59.16 38.38
N THR F 248 -7.74 58.69 37.32
CA THR F 248 -7.44 59.23 35.99
C THR F 248 -8.08 60.60 35.87
N THR F 249 -7.26 61.62 35.67
CA THR F 249 -7.76 62.97 35.63
C THR F 249 -8.44 63.27 34.31
N THR F 250 -9.36 64.23 34.34
CA THR F 250 -10.02 64.71 33.14
C THR F 250 -9.04 65.09 32.04
N ASP F 251 -7.92 65.71 32.42
CA ASP F 251 -6.94 66.15 31.44
C ASP F 251 -6.27 64.97 30.74
N GLU F 252 -6.14 63.85 31.46
CA GLU F 252 -5.55 62.64 30.92
C GLU F 252 -6.49 61.95 29.93
N ILE F 253 -7.74 61.78 30.34
CA ILE F 253 -8.78 61.27 29.44
C ILE F 253 -8.85 62.07 28.15
N GLN F 254 -8.74 63.39 28.27
CA GLN F 254 -8.78 64.27 27.12
C GLN F 254 -7.60 63.99 26.20
N SER F 255 -6.42 63.80 26.79
CA SER F 255 -5.24 63.52 25.99
C SER F 255 -5.39 62.19 25.25
N ILE F 256 -5.88 61.17 25.96
CA ILE F 256 -6.09 59.85 25.37
C ILE F 256 -6.90 59.98 24.07
N ILE F 257 -8.13 60.50 24.22
CA ILE F 257 -9.06 60.64 23.10
C ILE F 257 -8.45 61.41 21.93
N SER F 258 -7.76 62.50 22.23
CA SER F 258 -7.04 63.24 21.19
C SER F 258 -6.10 62.32 20.42
N ASN F 259 -5.27 61.59 21.17
CA ASN F 259 -4.26 60.72 20.57
C ASN F 259 -4.82 59.68 19.63
N THR F 260 -5.88 59.00 20.06
CA THR F 260 -6.52 58.00 19.21
C THR F 260 -7.20 58.61 17.98
N LEU F 261 -7.83 59.77 18.14
CA LEU F 261 -8.40 60.46 16.98
C LEU F 261 -7.34 60.85 15.93
N LYS F 262 -6.17 61.27 16.42
CA LYS F 262 -5.08 61.72 15.57
C LYS F 262 -4.31 60.53 14.98
N ALA F 263 -4.32 59.40 15.68
CA ALA F 263 -3.53 58.26 15.26
C ALA F 263 -4.30 57.26 14.36
N ARG F 264 -5.62 57.40 14.31
CA ARG F 264 -6.48 56.53 13.49
C ARG F 264 -6.01 55.07 13.53
N PRO F 265 -6.18 54.42 14.69
CA PRO F 265 -5.68 53.07 14.91
C PRO F 265 -6.40 52.05 14.06
N LEU F 266 -5.67 51.06 13.56
CA LEU F 266 -6.27 49.94 12.84
C LEU F 266 -6.59 48.81 13.81
N VAL F 267 -7.88 48.52 13.99
CA VAL F 267 -8.33 47.56 14.98
C VAL F 267 -8.86 46.30 14.28
N GLN F 268 -8.13 45.21 14.43
CA GLN F 268 -8.52 43.94 13.81
C GLN F 268 -9.48 43.16 14.70
N HIS F 269 -10.72 43.01 14.24
CA HIS F 269 -11.73 42.23 14.96
C HIS F 269 -11.70 40.78 14.53
N ILE F 270 -11.57 39.87 15.48
CA ILE F 270 -11.81 38.46 15.22
C ILE F 270 -13.01 38.08 16.06
N THR F 271 -14.17 37.96 15.41
CA THR F 271 -15.42 37.84 16.16
C THR F 271 -16.53 37.08 15.42
N ASN F 272 -17.68 36.95 16.07
CA ASN F 272 -18.84 36.22 15.56
C ASN F 272 -19.38 36.71 14.24
N LYS F 273 -20.58 37.27 14.30
CA LYS F 273 -21.26 37.81 13.13
C LYS F 273 -22.31 38.82 13.59
N VAL F 274 -22.73 38.66 14.84
CA VAL F 274 -23.61 39.63 15.49
C VAL F 274 -22.80 40.86 15.84
N HIS F 275 -21.55 40.62 16.24
CA HIS F 275 -20.67 41.69 16.72
C HIS F 275 -19.80 42.28 15.61
N GLN F 276 -19.64 41.55 14.52
CA GLN F 276 -18.91 42.06 13.37
C GLN F 276 -19.39 43.47 13.05
N ASN F 277 -20.65 43.59 12.64
CA ASN F 277 -21.18 44.87 12.20
C ASN F 277 -21.24 45.91 13.31
N PHE F 278 -21.84 45.56 14.44
CA PHE F 278 -21.96 46.53 15.53
C PHE F 278 -20.59 46.99 16.07
N GLY F 279 -19.61 46.10 16.03
CA GLY F 279 -18.28 46.42 16.50
C GLY F 279 -17.53 47.36 15.55
N ALA F 280 -17.79 47.22 14.25
CA ALA F 280 -17.15 48.07 13.26
C ALA F 280 -17.67 49.49 13.33
N ASN F 281 -18.94 49.63 13.74
CA ASN F 281 -19.57 50.93 13.89
C ASN F 281 -18.98 51.74 15.05
N VAL F 282 -18.80 51.06 16.19
CA VAL F 282 -18.14 51.67 17.32
C VAL F 282 -16.75 52.13 16.92
N THR F 283 -16.03 51.27 16.21
CA THR F 283 -14.68 51.60 15.80
C THR F 283 -14.69 52.82 14.89
N LEU F 284 -15.56 52.82 13.90
CA LEU F 284 -15.70 53.97 13.01
C LEU F 284 -16.01 55.27 13.76
N ALA F 285 -16.97 55.22 14.66
CA ALA F 285 -17.33 56.38 15.44
C ALA F 285 -16.13 56.97 16.18
N LEU F 286 -15.27 56.11 16.72
CA LEU F 286 -14.10 56.58 17.46
C LEU F 286 -12.96 56.98 16.53
N GLY F 287 -13.27 57.14 15.24
CA GLY F 287 -12.31 57.68 14.31
C GLY F 287 -11.13 56.77 14.01
N SER F 288 -11.39 55.48 13.95
CA SER F 288 -10.37 54.49 13.59
C SER F 288 -10.94 53.41 12.67
N SER F 289 -10.07 52.70 11.96
CA SER F 289 -10.51 51.77 10.92
C SER F 289 -10.53 50.32 11.36
N PRO F 290 -11.68 49.65 11.18
CA PRO F 290 -11.84 48.24 11.52
C PRO F 290 -11.39 47.34 10.37
N ILE F 291 -10.83 46.19 10.69
CA ILE F 291 -10.56 45.15 9.71
C ILE F 291 -11.04 43.80 10.25
N MET F 292 -11.75 43.03 9.43
CA MET F 292 -12.37 41.79 9.90
C MET F 292 -11.71 40.56 9.33
N SER F 293 -10.39 40.63 9.15
CA SER F 293 -9.62 39.52 8.62
C SER F 293 -9.45 38.36 9.61
N GLU F 294 -9.74 37.15 9.14
CA GLU F 294 -9.47 35.91 9.89
C GLU F 294 -8.55 34.99 9.08
N ILE F 295 -7.63 35.58 8.33
CA ILE F 295 -6.79 34.84 7.41
C ILE F 295 -5.35 34.79 7.91
N GLN F 296 -4.81 33.58 8.03
CA GLN F 296 -3.48 33.37 8.63
C GLN F 296 -2.31 34.12 8.01
N SER F 297 -2.28 34.20 6.69
CA SER F 297 -1.16 34.80 5.97
C SER F 297 -1.07 36.32 6.12
N GLU F 298 -2.24 36.96 6.25
CA GLU F 298 -2.35 38.42 6.38
C GLU F 298 -1.84 38.92 7.71
N VAL F 299 -1.97 38.06 8.71
CA VAL F 299 -1.81 38.43 10.11
C VAL F 299 -0.52 39.17 10.48
N ASN F 300 0.61 38.77 9.90
CA ASN F 300 1.87 39.48 10.18
C ASN F 300 1.97 40.86 9.53
N ASP F 301 1.31 40.99 8.38
CA ASP F 301 1.29 42.27 7.64
C ASP F 301 0.40 43.28 8.35
N LEU F 302 -0.81 42.84 8.72
CA LEU F 302 -1.73 43.65 9.51
C LEU F 302 -1.07 44.26 10.75
N ALA F 303 -0.45 43.41 11.57
CA ALA F 303 0.18 43.86 12.81
C ALA F 303 1.36 44.82 12.58
N ALA F 304 1.89 44.85 11.36
CA ALA F 304 3.05 45.69 11.07
C ALA F 304 2.65 47.14 10.79
N ILE F 305 1.36 47.35 10.54
CA ILE F 305 0.80 48.67 10.30
C ILE F 305 0.78 49.49 11.58
N PRO F 306 1.07 50.80 11.48
CA PRO F 306 1.17 51.68 12.66
C PRO F 306 -0.08 51.69 13.52
N HIS F 307 0.12 51.61 14.83
CA HIS F 307 -0.98 51.63 15.80
C HIS F 307 -2.05 50.54 15.56
N ALA F 308 -1.59 49.34 15.22
CA ALA F 308 -2.48 48.21 15.03
C ALA F 308 -2.85 47.58 16.37
N THR F 309 -4.03 46.97 16.44
CA THR F 309 -4.58 46.47 17.68
C THR F 309 -5.43 45.23 17.43
N LEU F 310 -5.36 44.26 18.34
CA LEU F 310 -6.13 43.04 18.15
C LEU F 310 -7.26 42.92 19.16
N LEU F 311 -8.46 42.62 18.68
CA LEU F 311 -9.60 42.42 19.57
C LEU F 311 -10.13 41.00 19.37
N LEU F 312 -10.07 40.18 20.41
CA LEU F 312 -10.51 38.79 20.31
C LEU F 312 -11.88 38.49 20.91
N ASN F 313 -12.76 37.86 20.12
CA ASN F 313 -13.98 37.23 20.62
C ASN F 313 -13.92 35.70 20.49
N THR F 314 -14.94 35.02 21.00
CA THR F 314 -14.81 33.58 21.17
C THR F 314 -16.03 32.80 20.69
N GLY F 315 -15.90 31.48 20.60
CA GLY F 315 -16.91 30.64 19.98
C GLY F 315 -16.96 31.02 18.53
N SER F 316 -15.79 31.38 18.00
CA SER F 316 -15.66 31.87 16.63
C SER F 316 -15.38 30.72 15.68
N VAL F 317 -15.54 31.00 14.39
CA VAL F 317 -15.39 30.03 13.32
C VAL F 317 -13.92 29.83 12.96
N ALA F 318 -13.05 30.65 13.56
CA ALA F 318 -11.63 30.58 13.27
C ALA F 318 -10.91 29.47 14.06
N PRO F 319 -10.03 28.72 13.36
CA PRO F 319 -9.26 27.61 13.94
C PRO F 319 -8.28 28.07 15.01
N PRO F 320 -8.15 27.29 16.10
CA PRO F 320 -7.12 27.59 17.10
C PRO F 320 -5.74 27.87 16.48
N GLU F 321 -5.39 27.15 15.41
CA GLU F 321 -4.08 27.35 14.78
C GLU F 321 -3.86 28.80 14.33
N MET F 322 -4.93 29.50 13.95
CA MET F 322 -4.80 30.88 13.44
C MET F 322 -4.88 31.89 14.57
N LEU F 323 -5.72 31.64 15.58
CA LEU F 323 -5.75 32.51 16.75
C LEU F 323 -4.36 32.55 17.36
N LYS F 324 -3.77 31.36 17.57
CA LYS F 324 -2.38 31.28 18.04
C LYS F 324 -1.50 32.15 17.15
N ALA F 325 -1.67 32.00 15.83
CA ALA F 325 -0.85 32.74 14.85
C ALA F 325 -0.99 34.24 15.00
N ALA F 326 -2.22 34.70 15.23
CA ALA F 326 -2.53 36.12 15.32
C ALA F 326 -2.00 36.70 16.63
N ILE F 327 -2.33 36.04 17.73
CA ILE F 327 -1.90 36.50 19.05
C ILE F 327 -0.38 36.64 19.06
N ARG F 328 0.31 35.63 18.58
CA ARG F 328 1.76 35.72 18.50
C ARG F 328 2.20 36.89 17.61
N ALA F 329 1.58 37.01 16.43
CA ALA F 329 1.92 38.08 15.50
C ALA F 329 1.97 39.46 16.14
N TYR F 330 0.96 39.79 16.96
CA TYR F 330 0.89 41.06 17.67
C TYR F 330 1.90 41.20 18.81
N ASN F 331 2.10 40.13 19.58
CA ASN F 331 3.10 40.15 20.66
C ASN F 331 4.54 40.30 20.17
N ASP F 332 4.80 39.84 18.95
CA ASP F 332 6.12 39.95 18.33
C ASP F 332 6.47 41.40 18.00
N VAL F 333 5.44 42.20 17.69
CA VAL F 333 5.63 43.61 17.35
C VAL F 333 5.25 44.51 18.53
N LYS F 334 5.03 43.90 19.68
CA LYS F 334 4.68 44.60 20.91
C LYS F 334 3.46 45.52 20.76
N ARG F 335 2.44 45.02 20.09
CA ARG F 335 1.17 45.74 19.96
C ARG F 335 0.12 45.10 20.86
N PRO F 336 -0.92 45.86 21.23
CA PRO F 336 -1.88 45.46 22.26
C PRO F 336 -2.91 44.44 21.79
N ILE F 337 -3.24 43.49 22.65
CA ILE F 337 -4.36 42.59 22.41
C ILE F 337 -5.44 42.78 23.48
N VAL F 338 -6.69 42.86 23.06
CA VAL F 338 -7.80 42.90 24.00
C VAL F 338 -8.64 41.62 23.90
N PHE F 339 -8.86 40.98 25.04
CA PHE F 339 -9.56 39.71 25.05
C PHE F 339 -10.96 39.88 25.62
N ASP F 340 -11.96 39.73 24.77
CA ASP F 340 -13.35 39.92 25.16
C ASP F 340 -14.14 38.66 24.85
N PRO F 341 -13.99 37.63 25.69
CA PRO F 341 -14.66 36.35 25.48
C PRO F 341 -16.17 36.46 25.36
N VAL F 342 -16.71 35.93 24.26
CA VAL F 342 -18.15 35.76 24.11
C VAL F 342 -18.57 34.47 24.79
N GLY F 343 -17.62 33.56 25.01
CA GLY F 343 -17.86 32.39 25.83
C GLY F 343 -18.48 32.84 27.13
N TYR F 344 -17.73 32.91 28.23
CA TYR F 344 -16.54 32.12 28.50
C TYR F 344 -17.04 31.22 29.61
N SER F 345 -16.70 29.94 29.56
CA SER F 345 -17.28 28.98 30.49
C SER F 345 -18.81 28.88 30.37
N ALA F 346 -19.37 29.33 29.26
CA ALA F 346 -20.81 29.23 29.02
C ALA F 346 -21.20 27.81 28.65
N THR F 347 -20.25 27.10 28.03
CA THR F 347 -20.41 25.71 27.62
C THR F 347 -19.06 25.05 27.77
N GLU F 348 -19.06 23.72 27.91
CA GLU F 348 -17.82 22.97 28.11
C GLU F 348 -16.82 23.26 26.99
N THR F 349 -17.31 23.29 25.76
CA THR F 349 -16.44 23.54 24.60
C THR F 349 -15.80 24.93 24.62
N ARG F 350 -16.54 25.94 25.09
CA ARG F 350 -16.06 27.33 25.12
C ARG F 350 -14.98 27.53 26.17
N LEU F 351 -15.26 27.12 27.40
CA LEU F 351 -14.24 27.06 28.44
C LEU F 351 -12.91 26.50 27.89
N LEU F 352 -12.97 25.31 27.29
CA LEU F 352 -11.81 24.70 26.65
C LEU F 352 -11.04 25.62 25.72
N LEU F 353 -11.71 26.16 24.71
CA LEU F 353 -11.06 27.00 23.71
C LEU F 353 -10.48 28.27 24.33
N ASN F 354 -11.22 28.87 25.26
CA ASN F 354 -10.78 30.11 25.88
C ASN F 354 -9.51 29.93 26.70
N ASN F 355 -9.49 28.89 27.52
CA ASN F 355 -8.30 28.62 28.31
C ASN F 355 -7.10 28.37 27.42
N LYS F 356 -7.34 27.74 26.28
CA LYS F 356 -6.28 27.46 25.31
C LYS F 356 -5.77 28.77 24.71
N LEU F 357 -6.68 29.71 24.48
CA LEU F 357 -6.30 31.03 23.97
C LEU F 357 -5.36 31.75 24.93
N LEU F 358 -5.67 31.65 26.23
CA LEU F 358 -4.90 32.37 27.25
C LEU F 358 -3.48 31.82 27.41
N THR F 359 -3.14 30.81 26.62
CA THR F 359 -1.80 30.25 26.68
C THR F 359 -0.98 30.68 25.47
N PHE F 360 -1.63 31.38 24.53
CA PHE F 360 -0.99 31.71 23.25
C PHE F 360 -0.12 32.97 23.33
N GLY F 361 -0.34 33.81 24.34
CA GLY F 361 0.42 35.04 24.47
C GLY F 361 0.00 35.95 25.62
N GLN F 362 0.51 37.18 25.62
CA GLN F 362 0.24 38.17 26.67
C GLN F 362 -0.86 39.14 26.25
N PHE F 363 -1.94 39.22 27.01
CA PHE F 363 -3.01 40.16 26.70
C PHE F 363 -2.85 41.53 27.41
N SER F 364 -3.15 42.61 26.70
CA SER F 364 -3.12 43.94 27.30
C SER F 364 -4.36 44.18 28.16
N CYS F 365 -5.47 43.56 27.78
CA CYS F 365 -6.69 43.73 28.58
C CYS F 365 -7.66 42.55 28.41
N ILE F 366 -8.33 42.21 29.51
CA ILE F 366 -9.32 41.14 29.53
C ILE F 366 -10.61 41.75 30.06
N LYS F 367 -11.71 41.53 29.32
CA LYS F 367 -12.98 42.15 29.66
C LYS F 367 -14.10 41.11 29.79
N GLY F 368 -14.71 41.04 30.95
CA GLY F 368 -15.83 40.14 31.14
C GLY F 368 -16.92 40.69 32.03
N ASN F 369 -18.06 39.99 32.08
CA ASN F 369 -19.15 40.35 32.97
C ASN F 369 -19.04 39.53 34.25
N SER F 370 -19.88 39.83 35.23
CA SER F 370 -19.85 39.14 36.52
C SER F 370 -19.53 37.62 36.41
N SER F 371 -20.22 36.92 35.52
CA SER F 371 -19.96 35.49 35.35
C SER F 371 -18.62 35.23 34.68
N GLU F 372 -18.43 35.79 33.50
CA GLU F 372 -17.16 35.68 32.78
C GLU F 372 -15.99 35.92 33.75
N ILE F 373 -16.10 36.91 34.61
CA ILE F 373 -15.01 37.26 35.52
C ILE F 373 -14.83 36.28 36.67
N LEU F 374 -15.92 35.96 37.37
CA LEU F 374 -15.83 35.02 38.49
C LEU F 374 -15.24 33.71 38.01
N GLY F 375 -15.68 33.26 36.85
CA GLY F 375 -15.13 32.07 36.22
C GLY F 375 -13.62 32.15 36.01
N LEU F 376 -13.15 33.25 35.41
CA LEU F 376 -11.73 33.44 35.15
C LEU F 376 -10.91 33.45 36.44
N ALA F 377 -11.51 33.97 37.51
CA ALA F 377 -10.85 34.08 38.79
C ALA F 377 -10.84 32.74 39.50
N GLU F 378 -11.59 31.79 38.94
CA GLU F 378 -11.66 30.43 39.48
C GLU F 378 -12.25 30.44 40.88
N LEU F 379 -13.23 31.30 41.11
CA LEU F 379 -13.86 31.41 42.42
C LEU F 379 -14.78 30.22 42.71
N SER F 394 -22.88 39.46 44.37
CA SER F 394 -22.32 40.35 45.41
C SER F 394 -21.57 41.51 44.77
N ASN F 395 -20.68 42.16 45.53
CA ASN F 395 -20.02 43.39 45.04
C ASN F 395 -18.59 43.61 45.54
N GLU F 396 -18.28 43.11 46.73
CA GLU F 396 -16.90 43.12 47.22
C GLU F 396 -16.30 41.92 46.54
N LEU F 397 -17.16 40.94 46.31
CA LEU F 397 -16.75 39.70 45.67
C LEU F 397 -16.25 40.01 44.25
N LEU F 398 -17.07 40.72 43.49
CA LEU F 398 -16.70 41.12 42.13
C LEU F 398 -15.38 41.88 42.12
N ILE F 399 -15.15 42.70 43.14
CA ILE F 399 -13.89 43.44 43.19
C ILE F 399 -12.70 42.52 43.43
N GLN F 400 -12.85 41.60 44.38
CA GLN F 400 -11.78 40.65 44.65
C GLN F 400 -11.49 39.83 43.39
N ALA F 401 -12.56 39.32 42.77
CA ALA F 401 -12.43 38.56 41.54
C ALA F 401 -11.66 39.34 40.47
N THR F 402 -12.09 40.56 40.18
CA THR F 402 -11.44 41.41 39.18
C THR F 402 -9.93 41.57 39.38
N LYS F 403 -9.50 41.80 40.61
CA LYS F 403 -8.06 41.86 40.88
C LYS F 403 -7.40 40.50 40.62
N ILE F 404 -8.01 39.42 41.14
CA ILE F 404 -7.49 38.07 40.92
C ILE F 404 -7.20 37.84 39.44
N VAL F 405 -8.17 38.18 38.59
CA VAL F 405 -8.00 38.00 37.16
C VAL F 405 -6.90 38.88 36.63
N ALA F 406 -6.92 40.15 37.01
CA ALA F 406 -5.93 41.10 36.53
C ALA F 406 -4.54 40.65 36.88
N PHE F 407 -4.39 40.13 38.10
CA PHE F 407 -3.08 39.67 38.56
C PHE F 407 -2.67 38.36 37.91
N LYS F 408 -3.60 37.40 37.86
CA LYS F 408 -3.35 36.08 37.29
C LYS F 408 -2.75 36.16 35.88
N TYR F 409 -3.38 36.94 34.99
CA TYR F 409 -2.99 37.00 33.58
C TYR F 409 -2.11 38.21 33.31
N LYS F 410 -1.55 38.78 34.39
CA LYS F 410 -0.73 40.00 34.34
C LYS F 410 -1.25 41.01 33.33
N THR F 411 -2.47 41.49 33.53
CA THR F 411 -3.14 42.33 32.54
C THR F 411 -4.06 43.37 33.20
N VAL F 412 -4.57 44.32 32.42
CA VAL F 412 -5.63 45.18 32.92
C VAL F 412 -6.99 44.49 32.72
N ALA F 413 -7.71 44.24 33.81
CA ALA F 413 -8.97 43.51 33.74
C ALA F 413 -10.17 44.39 33.98
N VAL F 414 -11.20 44.21 33.16
CA VAL F 414 -12.41 45.00 33.29
C VAL F 414 -13.56 44.06 33.61
N CYS F 415 -14.37 44.43 34.60
CA CYS F 415 -15.57 43.67 34.95
C CYS F 415 -16.82 44.53 34.82
N THR F 416 -17.63 44.27 33.82
CA THR F 416 -18.80 45.10 33.52
C THR F 416 -20.09 44.77 34.31
N GLY F 417 -20.79 45.83 34.73
CA GLY F 417 -22.04 45.69 35.47
C GLY F 417 -22.64 47.06 35.74
N GLU F 418 -23.46 47.17 36.79
CA GLU F 418 -23.94 48.48 37.23
C GLU F 418 -22.70 49.34 37.46
N PHE F 419 -21.81 48.85 38.31
CA PHE F 419 -20.48 49.41 38.44
C PHE F 419 -19.55 48.63 37.51
N ASP F 420 -18.67 49.34 36.81
CA ASP F 420 -17.60 48.68 36.08
C ASP F 420 -16.33 48.77 36.93
N PHE F 421 -15.66 47.65 37.13
CA PHE F 421 -14.42 47.65 37.91
C PHE F 421 -13.21 47.41 37.03
N ILE F 422 -12.17 48.19 37.23
CA ILE F 422 -10.94 48.05 36.47
C ILE F 422 -9.77 47.83 37.41
N ALA F 423 -8.98 46.79 37.17
CA ALA F 423 -7.82 46.48 38.01
C ALA F 423 -6.58 46.37 37.14
N ASP F 424 -5.45 46.85 37.65
CA ASP F 424 -4.18 46.81 36.90
C ASP F 424 -3.17 45.78 37.49
N GLY F 425 -3.08 44.62 36.87
CA GLY F 425 -2.20 43.58 37.37
C GLY F 425 -0.89 43.47 36.63
N THR F 426 -0.52 44.48 35.84
CA THR F 426 0.71 44.35 35.05
C THR F 426 1.99 44.48 35.88
N ILE F 427 1.90 45.15 37.02
CA ILE F 427 3.06 45.33 37.88
C ILE F 427 4.28 45.82 37.10
N GLU F 428 4.07 46.82 36.24
CA GLU F 428 5.17 47.40 35.48
C GLU F 428 5.98 46.39 34.67
N GLY F 429 5.36 45.25 34.37
CA GLY F 429 6.01 44.22 33.57
C GLY F 429 7.26 43.64 34.22
N LYS F 430 7.16 43.40 35.53
CA LYS F 430 8.30 42.93 36.31
C LYS F 430 8.26 41.41 36.55
N TYR F 431 9.40 40.74 36.33
CA TYR F 431 9.51 39.34 36.70
C TYR F 431 10.87 39.04 37.33
N SER F 432 10.90 37.95 38.09
CA SER F 432 12.14 37.49 38.73
C SER F 432 12.07 36.00 39.04
N LEU F 433 13.23 35.39 39.28
CA LEU F 433 13.26 34.00 39.71
C LEU F 433 12.95 33.86 41.20
N SER F 434 12.15 32.85 41.56
CA SER F 434 11.87 32.50 42.97
C SER F 434 11.17 33.54 43.85
N LYS F 435 11.44 34.82 43.59
CA LYS F 435 11.10 35.92 44.51
C LYS F 435 9.66 36.07 45.05
N GLY F 436 8.61 36.19 44.22
CA GLY F 436 8.66 36.54 42.82
C GLY F 436 8.38 38.01 42.52
N THR F 437 7.42 38.65 43.15
CA THR F 437 7.35 40.07 42.88
C THR F 437 8.04 40.76 44.05
N THR F 440 4.10 41.96 45.86
CA THR F 440 2.87 42.64 45.47
C THR F 440 1.80 41.59 45.16
N SER F 441 0.88 41.36 46.09
CA SER F 441 -0.06 40.25 45.94
C SER F 441 -1.33 40.62 45.18
N VAL F 442 -2.18 39.63 44.96
CA VAL F 442 -3.49 39.85 44.37
C VAL F 442 -4.21 41.01 45.08
N GLU F 443 -4.00 41.11 46.39
CA GLU F 443 -4.83 41.98 47.23
C GLU F 443 -4.58 43.48 47.03
N ASP F 444 -3.37 43.85 46.63
CA ASP F 444 -2.95 45.25 46.70
C ASP F 444 -2.52 45.92 45.38
N ILE F 445 -2.98 45.38 44.25
CA ILE F 445 -2.86 46.10 42.97
C ILE F 445 -3.98 47.14 42.86
N PRO F 446 -3.76 48.20 42.07
CA PRO F 446 -4.78 49.23 41.88
C PRO F 446 -6.07 48.70 41.27
N CYS F 447 -7.20 49.11 41.84
CA CYS F 447 -8.49 48.79 41.28
C CYS F 447 -9.48 49.95 41.50
N VAL F 448 -10.04 50.46 40.41
CA VAL F 448 -10.97 51.57 40.47
C VAL F 448 -12.37 51.16 40.04
N ALA F 449 -13.35 52.03 40.26
CA ALA F 449 -14.74 51.76 39.88
C ALA F 449 -15.36 52.90 39.08
N VAL F 450 -16.39 52.59 38.31
CA VAL F 450 -17.03 53.58 37.47
C VAL F 450 -18.53 53.35 37.51
N GLU F 451 -19.28 54.30 38.07
CA GLU F 451 -20.74 54.18 38.09
C GLU F 451 -21.46 55.37 37.47
N ALA F 452 -22.76 55.23 37.23
CA ALA F 452 -23.53 56.30 36.59
C ALA F 452 -25.02 56.20 36.92
N GLY F 453 -25.46 55.01 37.30
CA GLY F 453 -26.87 54.74 37.54
C GLY F 453 -27.31 53.53 36.72
N PRO F 454 -28.50 52.98 37.05
CA PRO F 454 -29.08 51.83 36.34
C PRO F 454 -29.34 52.09 34.83
N ILE F 455 -29.03 51.09 33.99
CA ILE F 455 -29.13 51.21 32.53
C ILE F 455 -29.82 50.00 31.88
N GLY F 465 -21.46 45.98 26.07
CA GLY F 465 -21.08 44.61 25.81
C GLY F 465 -19.87 44.55 24.89
N CYS F 466 -20.03 43.86 23.76
CA CYS F 466 -18.96 43.77 22.77
C CYS F 466 -18.70 45.16 22.21
N SER F 467 -19.53 46.12 22.62
CA SER F 467 -19.30 47.49 22.25
C SER F 467 -18.15 48.09 23.06
N LEU F 468 -18.11 47.79 24.36
CA LEU F 468 -17.03 48.28 25.21
C LEU F 468 -15.67 47.72 24.80
N GLY F 469 -15.66 46.49 24.30
CA GLY F 469 -14.43 45.87 23.83
C GLY F 469 -13.76 46.67 22.73
N SER F 470 -14.56 47.10 21.77
CA SER F 470 -14.04 47.88 20.66
C SER F 470 -13.62 49.28 21.13
N THR F 471 -14.38 49.85 22.06
CA THR F 471 -14.03 51.15 22.63
C THR F 471 -12.66 51.11 23.28
N ILE F 472 -12.47 50.15 24.17
CA ILE F 472 -11.20 49.96 24.85
C ILE F 472 -10.10 49.73 23.84
N ALA F 473 -10.42 49.00 22.77
CA ALA F 473 -9.41 48.65 21.77
C ALA F 473 -8.87 49.88 21.06
N CYS F 474 -9.75 50.86 20.85
CA CYS F 474 -9.40 52.10 20.17
C CYS F 474 -8.62 53.06 21.06
N MET F 475 -8.97 53.12 22.35
CA MET F 475 -8.24 54.00 23.26
C MET F 475 -6.80 53.53 23.44
N ILE F 476 -6.61 52.24 23.69
CA ILE F 476 -5.27 51.66 23.81
C ILE F 476 -4.51 51.76 22.48
N GLY F 477 -5.24 51.58 21.39
CA GLY F 477 -4.64 51.61 20.07
C GLY F 477 -3.95 52.93 19.76
N GLY F 478 -4.54 54.02 20.24
CA GLY F 478 -4.03 55.35 19.97
C GLY F 478 -2.81 55.80 20.77
N GLN F 479 -2.56 55.17 21.91
CA GLN F 479 -1.47 55.58 22.79
C GLN F 479 -0.06 55.43 22.20
N PRO F 480 0.78 56.47 22.40
CA PRO F 480 2.18 56.53 21.97
C PRO F 480 3.07 55.87 23.00
N SER F 481 4.34 55.68 22.69
CA SER F 481 5.26 54.98 23.58
C SER F 481 5.21 55.51 25.04
N GLU F 482 4.89 56.78 25.19
CA GLU F 482 4.94 57.42 26.51
C GLU F 482 3.59 57.36 27.21
N GLY F 483 2.63 56.67 26.60
CA GLY F 483 1.28 56.61 27.14
C GLY F 483 1.19 55.81 28.42
N ASN F 484 -0.02 55.39 28.74
CA ASN F 484 -0.21 54.51 29.88
C ASN F 484 -1.39 53.57 29.69
N LEU F 485 -1.10 52.27 29.70
CA LEU F 485 -2.10 51.26 29.44
C LEU F 485 -3.31 51.40 30.34
N PHE F 486 -3.06 51.54 31.64
CA PHE F 486 -4.14 51.61 32.61
C PHE F 486 -5.07 52.80 32.36
N HIS F 487 -4.52 53.99 32.25
CA HIS F 487 -5.36 55.17 32.05
C HIS F 487 -6.21 55.02 30.81
N ALA F 488 -5.64 54.44 29.77
CA ALA F 488 -6.35 54.31 28.51
C ALA F 488 -7.59 53.44 28.69
N VAL F 489 -7.42 52.31 29.36
CA VAL F 489 -8.55 51.42 29.58
C VAL F 489 -9.63 52.16 30.35
N VAL F 490 -9.25 52.83 31.43
CA VAL F 490 -10.22 53.56 32.23
C VAL F 490 -10.91 54.58 31.34
N ALA F 491 -10.14 55.31 30.56
CA ALA F 491 -10.69 56.31 29.65
C ALA F 491 -11.80 55.66 28.81
N GLY F 492 -11.48 54.49 28.27
CA GLY F 492 -12.42 53.74 27.46
C GLY F 492 -13.69 53.39 28.20
N VAL F 493 -13.56 52.85 29.41
CA VAL F 493 -14.72 52.50 30.21
C VAL F 493 -15.59 53.74 30.52
N MET F 494 -14.94 54.86 30.85
CA MET F 494 -15.62 56.11 31.13
C MET F 494 -16.41 56.51 29.90
N LEU F 495 -15.71 56.64 28.78
CA LEU F 495 -16.32 57.06 27.53
C LEU F 495 -17.56 56.23 27.26
N TYR F 496 -17.41 54.91 27.31
CA TYR F 496 -18.53 54.02 26.99
C TYR F 496 -19.70 54.26 27.93
N LYS F 497 -19.43 54.25 29.23
CA LYS F 497 -20.45 54.45 30.24
C LYS F 497 -21.17 55.78 30.04
N ALA F 498 -20.40 56.82 29.74
CA ALA F 498 -20.95 58.15 29.43
C ALA F 498 -21.92 58.12 28.24
N ALA F 499 -21.47 57.55 27.12
CA ALA F 499 -22.29 57.40 25.92
C ALA F 499 -23.58 56.63 26.23
N GLY F 500 -23.49 55.68 27.15
CA GLY F 500 -24.66 54.90 27.57
C GLY F 500 -25.79 55.72 28.19
N LYS F 501 -25.48 56.58 29.18
CA LYS F 501 -26.52 57.40 29.80
C LYS F 501 -27.19 58.26 28.73
N ILE F 502 -26.37 58.95 27.94
CA ILE F 502 -26.88 59.83 26.89
C ILE F 502 -27.85 59.09 25.96
N ALA F 503 -27.47 57.88 25.56
CA ALA F 503 -28.27 57.13 24.61
C ALA F 503 -29.58 56.67 25.26
N SER F 504 -29.49 56.12 26.45
CA SER F 504 -30.68 55.65 27.14
C SER F 504 -31.73 56.75 27.27
N GLU F 505 -31.27 58.00 27.31
CA GLU F 505 -32.20 59.13 27.41
C GLU F 505 -32.81 59.49 26.07
N LYS F 506 -31.99 59.52 25.02
CA LYS F 506 -32.42 60.00 23.71
C LYS F 506 -33.14 58.97 22.84
N CYS F 507 -33.40 57.78 23.39
CA CYS F 507 -33.90 56.67 22.57
C CYS F 507 -35.34 56.27 22.86
N ASN F 508 -35.92 55.46 21.98
CA ASN F 508 -37.32 55.08 22.07
C ASN F 508 -37.47 53.59 22.26
N GLY F 509 -36.35 52.90 22.52
CA GLY F 509 -36.31 51.45 22.65
C GLY F 509 -34.95 50.85 22.27
N SER F 510 -34.87 49.51 22.22
CA SER F 510 -33.61 48.80 21.96
C SER F 510 -32.99 49.22 20.64
N GLY F 511 -33.82 49.30 19.61
CA GLY F 511 -33.38 49.67 18.28
C GLY F 511 -32.60 50.97 18.26
N SER F 512 -33.29 52.06 18.60
CA SER F 512 -32.66 53.36 18.55
C SER F 512 -31.54 53.48 19.58
N PHE F 513 -31.62 52.68 20.65
CA PHE F 513 -30.59 52.76 21.67
C PHE F 513 -29.23 52.46 21.08
N GLN F 514 -29.21 51.48 20.20
CA GLN F 514 -27.98 51.04 19.60
C GLN F 514 -27.38 52.18 18.77
N VAL F 515 -28.20 52.78 17.91
CA VAL F 515 -27.67 53.81 17.04
C VAL F 515 -27.36 55.11 17.80
N GLU F 516 -28.17 55.44 18.82
CA GLU F 516 -27.92 56.63 19.63
C GLU F 516 -26.62 56.50 20.43
N LEU F 517 -26.24 55.27 20.75
CA LEU F 517 -25.00 54.98 21.47
C LEU F 517 -23.79 55.27 20.58
N ILE F 518 -23.84 54.77 19.35
CA ILE F 518 -22.79 55.08 18.40
C ILE F 518 -22.66 56.58 18.22
N ASP F 519 -23.80 57.26 18.06
CA ASP F 519 -23.83 58.71 17.89
C ASP F 519 -23.19 59.45 19.07
N ALA F 520 -23.57 59.06 20.28
CA ALA F 520 -23.01 59.67 21.48
C ALA F 520 -21.48 59.47 21.55
N LEU F 521 -21.02 58.28 21.17
CA LEU F 521 -19.60 58.01 21.13
C LEU F 521 -18.91 58.95 20.15
N TYR F 522 -19.56 59.18 19.03
CA TYR F 522 -19.03 60.09 18.02
C TYR F 522 -18.99 61.54 18.48
N ARG F 523 -20.13 62.05 18.96
CA ARG F 523 -20.22 63.42 19.46
C ARG F 523 -19.30 63.67 20.65
N LEU F 524 -19.36 62.77 21.64
CA LEU F 524 -18.52 62.88 22.84
C LEU F 524 -17.03 63.07 22.55
N THR F 525 -16.50 62.36 21.54
CA THR F 525 -15.07 62.39 21.25
C THR F 525 -14.67 63.52 20.29
N ARG F 526 -15.64 64.03 19.56
CA ARG F 526 -15.39 65.18 18.68
C ARG F 526 -15.29 66.50 19.47
N GLU F 527 -15.82 66.48 20.69
CA GLU F 527 -15.58 67.55 21.66
C GLU F 527 -14.99 66.98 22.95
N ASN F 528 -13.68 67.00 23.10
CA ASN F 528 -13.07 66.49 24.32
C ASN F 528 -13.39 67.35 25.52
N THR F 529 -14.50 67.06 26.20
CA THR F 529 -14.83 67.83 27.38
C THR F 529 -15.27 66.93 28.51
N PRO F 530 -14.38 66.01 28.91
CA PRO F 530 -14.71 65.03 29.95
C PRO F 530 -15.23 65.66 31.23
N VAL F 531 -14.87 66.91 31.53
CA VAL F 531 -15.43 67.60 32.68
C VAL F 531 -16.97 67.51 32.64
N THR F 532 -17.52 67.46 31.42
CA THR F 532 -18.96 67.32 31.16
C THR F 532 -19.58 65.96 31.52
N TRP F 533 -18.86 64.87 31.25
CA TRP F 533 -19.45 63.52 31.27
C TRP F 533 -20.01 63.03 32.62
N ALA F 534 -21.16 62.35 32.53
CA ALA F 534 -21.90 61.85 33.69
C ALA F 534 -21.16 60.93 34.70
N PRO F 535 -20.40 59.93 34.20
CA PRO F 535 -19.87 58.83 35.05
C PRO F 535 -18.85 59.25 36.11
N LYS F 536 -19.02 58.67 37.31
CA LYS F 536 -18.26 59.02 38.51
C LYS F 536 -17.17 57.99 38.80
N LEU F 537 -15.92 58.46 38.84
CA LEU F 537 -14.77 57.56 39.00
C LEU F 537 -14.19 57.57 40.42
N THR F 538 -14.38 56.48 41.17
CA THR F 538 -13.94 56.40 42.56
C THR F 538 -12.81 55.37 42.71
N HIS F 539 -12.28 55.24 43.93
CA HIS F 539 -11.36 54.15 44.24
C HIS F 539 -12.17 52.95 44.72
N THR F 540 -11.61 51.75 44.60
CA THR F 540 -12.32 50.55 45.02
C THR F 540 -11.81 50.09 46.38
#